data_6UFQ
#
_entry.id   6UFQ
#
_cell.length_a   109.141
_cell.length_b   91.573
_cell.length_c   178.409
_cell.angle_alpha   90.000
_cell.angle_beta   91.530
_cell.angle_gamma   90.000
#
_symmetry.space_group_name_H-M   'P 1 21 1'
#
loop_
_entity.id
_entity.type
_entity.pdbx_description
1 polymer 'Glycine Oxidase GoxA'
2 non-polymer 'MAGNESIUM ION'
3 non-polymer GLYCINE
4 water water
#
_entity_poly.entity_id   1
_entity_poly.type   'polypeptide(L)'
_entity_poly.pdbx_seq_one_letter_code
;MSNCQYKIYPPLGIARVGNGPAIKPLSLSTPEVPWAHLYDTNVQYLVTQQELEQLLEEAFGGNVINEISQIKTKLDERKA
EKFKQEEIETITGLLGLSHLVPQQQLSRSLDNLELKSTKDSDDIVQQIKGALLKVLSDHYLHAVKKQAQNFYIYKCDEQG
NPVEKLKLTDGDKVTWRVEVANKKSFWYDYNNALDLSLHTQGSGNLSKNVSKHRLAPAMTAKRRNPNVITNSLRKQLVIS
SQGSVSSDNNTQVPLRGKFPANEPDTNNRLSDLLNLQERHNVLQGSIECDNEGVLRFYAGNGISQALSPSSLNTDFADNS
NWFDDICDGRVTAVVELKNGDTFEIQDEQSSAWVATTPPDYAPQIEPIVTMYDMVSGAALKEQDLDNLTTQFSDVFPILY
RLYRMQWVNQADFTDNAVNTQIRELNSELGFAQLLDNSASAKSLREGIFNQFRNPLFDQDIDVDDPGQSSNEWVSNSRII
PSKDETNIAAKPATSSLKLPFYPNDGIDYPGSPVQWFAIPPFMYQHLQNWAAGDFSVTQVEKESANTIEELGLFYSEQFK
NSPNSALLCARGALDALYGGGFHPGVELTWPMRHNLIYSQNDYVSSVTPEINLLGLREFRLKQDLQGLNSPNMYQDFGHV
IAVDNVTASIDPNSDAAWLWRSTPGDLTKWMGIPWQSNAASCQAVYTPEDFPIPSW(TRQ)AANLPVHVLPLARYNKFKD
SQSADLPEINGMTHSIAQGMSEETFEHLRLEQFSQRLDWLHTADLGFVGYHAEGGYTNGLIQMVSQWKNMAMVMARPVEN
PGSSGIPNVVYVAYSQADKD
;
_entity_poly.pdbx_strand_id   A,B,C,D
#
loop_
_chem_comp.id
_chem_comp.type
_chem_comp.name
_chem_comp.formula
MG non-polymer 'MAGNESIUM ION' 'Mg 2'
#
# COMPACT_ATOMS: atom_id res chain seq x y z
N CYS A 4 17.17 -39.75 43.59
CA CYS A 4 17.44 -38.59 42.75
C CYS A 4 18.87 -38.09 42.93
N GLN A 5 19.83 -38.68 42.23
CA GLN A 5 21.23 -38.47 42.59
C GLN A 5 22.00 -37.58 41.64
N TYR A 6 21.62 -37.47 40.37
CA TYR A 6 22.21 -36.51 39.45
C TYR A 6 21.11 -35.65 38.87
N LYS A 7 21.37 -34.35 38.73
CA LYS A 7 20.48 -33.44 38.03
C LYS A 7 21.25 -32.61 37.00
N ILE A 8 20.51 -31.95 36.12
CA ILE A 8 21.06 -31.05 35.11
C ILE A 8 20.75 -29.61 35.51
N TYR A 9 21.73 -28.73 35.42
CA TYR A 9 21.47 -27.30 35.55
C TYR A 9 22.05 -26.58 34.34
N PRO A 10 21.38 -25.54 33.86
CA PRO A 10 20.14 -25.03 34.45
C PRO A 10 18.91 -25.84 34.06
N PRO A 11 17.83 -25.69 34.82
CA PRO A 11 16.59 -26.39 34.41
C PRO A 11 16.03 -25.89 33.08
N LEU A 12 16.15 -24.60 32.78
CA LEU A 12 15.74 -24.00 31.51
C LEU A 12 16.93 -23.24 30.91
N GLY A 13 17.61 -23.84 29.94
CA GLY A 13 18.75 -23.20 29.31
C GLY A 13 18.31 -22.32 28.15
N ILE A 14 19.02 -21.20 27.98
CA ILE A 14 18.74 -20.21 26.94
C ILE A 14 19.95 -20.12 26.02
N ALA A 15 19.70 -20.19 24.72
CA ALA A 15 20.72 -19.91 23.72
C ALA A 15 20.09 -18.95 22.74
N ARG A 16 20.90 -18.02 22.24
CA ARG A 16 20.39 -16.96 21.39
C ARG A 16 21.04 -17.09 20.01
N VAL A 17 20.28 -16.74 18.99
CA VAL A 17 20.77 -16.88 17.64
C VAL A 17 21.80 -15.82 17.35
N GLY A 18 22.69 -16.12 16.43
CA GLY A 18 23.68 -15.16 16.01
C GLY A 18 24.38 -15.71 14.78
N ASN A 19 24.80 -14.81 13.89
CA ASN A 19 25.51 -15.22 12.68
C ASN A 19 27.01 -15.37 12.91
N GLY A 20 27.50 -15.07 14.10
CA GLY A 20 28.83 -15.47 14.48
C GLY A 20 28.94 -16.98 14.53
N PRO A 21 30.16 -17.48 14.37
CA PRO A 21 30.38 -18.93 14.33
C PRO A 21 30.14 -19.61 15.66
N ALA A 22 30.00 -20.94 15.60
CA ALA A 22 29.71 -21.77 16.79
C ALA A 22 31.00 -22.34 17.39
N ILE A 23 31.96 -21.48 17.71
CA ILE A 23 33.18 -21.90 18.39
C ILE A 23 33.37 -21.05 19.63
N LYS A 24 34.00 -21.64 20.67
CA LYS A 24 34.14 -20.96 21.97
C LYS A 24 34.77 -19.58 21.88
N PRO A 25 35.95 -19.40 21.28
CA PRO A 25 36.57 -18.06 21.30
C PRO A 25 35.71 -16.97 20.68
N LEU A 26 34.81 -17.30 19.75
CA LEU A 26 34.09 -16.26 19.02
C LEU A 26 32.62 -16.20 19.42
N SER A 27 32.26 -16.85 20.52
CA SER A 27 30.88 -16.88 21.00
C SER A 27 30.84 -16.46 22.46
N LEU A 28 29.62 -16.32 22.97
CA LEU A 28 29.37 -15.91 24.34
C LEU A 28 28.66 -17.04 25.08
N SER A 29 28.59 -16.87 26.40
CA SER A 29 28.00 -17.87 27.28
C SER A 29 26.84 -17.23 28.00
N THR A 30 25.72 -17.95 28.12
CA THR A 30 24.61 -17.45 28.90
C THR A 30 25.08 -17.23 30.34
N PRO A 31 24.71 -16.12 30.98
CA PRO A 31 25.24 -15.84 32.31
C PRO A 31 24.93 -16.96 33.30
N GLU A 32 25.93 -17.28 34.13
CA GLU A 32 25.78 -18.29 35.17
C GLU A 32 25.74 -17.68 36.55
N VAL A 33 26.09 -16.41 36.68
CA VAL A 33 26.07 -15.67 37.94
C VAL A 33 25.43 -14.32 37.64
N PRO A 34 24.28 -14.00 38.21
CA PRO A 34 23.62 -12.72 37.90
C PRO A 34 24.52 -11.53 38.20
N TRP A 35 24.31 -10.43 37.46
CA TRP A 35 25.00 -9.14 37.60
C TRP A 35 26.51 -9.26 37.54
N ALA A 36 27.02 -10.22 36.76
CA ALA A 36 28.46 -10.48 36.86
C ALA A 36 29.31 -9.48 36.08
N HIS A 37 28.76 -8.81 35.07
CA HIS A 37 29.61 -8.00 34.21
C HIS A 37 28.93 -6.70 33.81
N LEU A 38 28.09 -6.14 34.69
CA LEU A 38 27.30 -4.97 34.33
C LEU A 38 28.17 -3.81 33.84
N TYR A 39 29.37 -3.67 34.40
CA TYR A 39 30.23 -2.53 34.08
C TYR A 39 31.50 -2.93 33.33
N ASP A 40 31.55 -4.16 32.83
CA ASP A 40 32.79 -4.65 32.23
C ASP A 40 32.95 -3.98 30.86
N THR A 41 33.86 -3.01 30.78
CA THR A 41 34.11 -2.25 29.56
C THR A 41 35.00 -2.99 28.55
N ASN A 42 35.27 -4.28 28.72
CA ASN A 42 36.01 -5.04 27.71
C ASN A 42 35.15 -6.01 26.93
N VAL A 43 33.83 -6.00 27.15
CA VAL A 43 32.96 -6.93 26.45
C VAL A 43 33.12 -6.74 24.94
N GLN A 44 33.08 -7.84 24.20
CA GLN A 44 33.03 -7.83 22.74
C GLN A 44 31.90 -8.77 22.34
N TYR A 45 30.76 -8.19 21.98
CA TYR A 45 29.60 -8.98 21.61
C TYR A 45 29.49 -9.18 20.11
N LEU A 46 30.21 -8.37 19.35
CA LEU A 46 30.33 -8.51 17.91
C LEU A 46 31.71 -9.06 17.61
N VAL A 47 31.78 -10.02 16.70
CA VAL A 47 33.06 -10.59 16.28
C VAL A 47 34.03 -9.48 15.85
N THR A 48 35.20 -9.43 16.46
CA THR A 48 36.13 -8.34 16.19
C THR A 48 37.21 -8.77 15.20
N GLN A 49 37.78 -7.75 14.52
CA GLN A 49 38.94 -7.93 13.66
C GLN A 49 40.07 -8.65 14.39
N GLN A 50 40.42 -8.15 15.56
CA GLN A 50 41.40 -8.82 16.41
C GLN A 50 41.06 -10.29 16.58
N GLU A 51 39.81 -10.60 16.90
CA GLU A 51 39.45 -11.98 17.15
C GLU A 51 39.68 -12.85 15.92
N LEU A 52 39.33 -12.34 14.74
CA LEU A 52 39.51 -13.11 13.53
C LEU A 52 40.99 -13.29 13.21
N GLU A 53 41.80 -12.23 13.35
CA GLU A 53 43.25 -12.33 13.17
C GLU A 53 43.84 -13.41 14.08
N GLN A 54 43.45 -13.36 15.36
CA GLN A 54 43.92 -14.36 16.32
C GLN A 54 43.59 -15.77 15.86
N LEU A 55 42.34 -16.01 15.43
CA LEU A 55 41.94 -17.35 15.04
C LEU A 55 42.65 -17.80 13.77
N LEU A 56 43.06 -16.87 12.90
CA LEU A 56 43.87 -17.22 11.75
C LEU A 56 45.25 -17.71 12.18
N GLU A 57 45.93 -16.97 13.07
CA GLU A 57 47.30 -17.31 13.41
C GLU A 57 47.39 -18.70 13.99
N GLU A 58 46.56 -19.01 14.99
CA GLU A 58 46.66 -20.35 15.55
C GLU A 58 46.25 -21.40 14.53
N ALA A 59 45.57 -21.01 13.44
CA ALA A 59 45.29 -21.90 12.33
C ALA A 59 46.53 -22.19 11.47
N PHE A 60 47.55 -21.32 11.53
CA PHE A 60 48.87 -21.62 10.98
C PHE A 60 49.81 -22.19 12.02
N GLY A 61 49.28 -22.88 13.03
CA GLY A 61 50.09 -23.59 14.02
C GLY A 61 50.05 -25.09 13.83
N GLY A 62 51.18 -25.68 13.42
CA GLY A 62 52.40 -24.92 13.18
C GLY A 62 53.20 -25.30 11.95
N ASN A 63 53.11 -26.57 11.59
CA ASN A 63 53.74 -27.08 10.38
C ASN A 63 53.06 -26.57 9.13
N VAL A 64 52.84 -25.26 9.08
CA VAL A 64 52.07 -24.63 8.01
C VAL A 64 52.95 -23.69 7.19
N ILE A 65 53.61 -22.74 7.86
CA ILE A 65 54.69 -21.96 7.27
C ILE A 65 55.68 -22.86 6.52
N ASN A 66 55.84 -24.11 6.98
CA ASN A 66 56.84 -25.01 6.41
C ASN A 66 56.34 -25.68 5.14
N GLU A 67 55.21 -26.37 5.22
CA GLU A 67 54.64 -26.92 4.00
C GLU A 67 54.42 -25.86 2.92
N ILE A 68 54.43 -24.58 3.28
CA ILE A 68 54.26 -23.52 2.29
C ILE A 68 55.59 -23.15 1.65
N SER A 69 56.63 -22.89 2.46
CA SER A 69 57.96 -22.72 1.90
C SER A 69 58.35 -23.93 1.06
N GLN A 70 58.09 -25.13 1.59
CA GLN A 70 58.36 -26.35 0.85
C GLN A 70 57.58 -26.38 -0.47
N ILE A 71 56.24 -26.26 -0.39
CA ILE A 71 55.43 -26.30 -1.60
C ILE A 71 55.88 -25.25 -2.61
N LYS A 72 56.46 -24.13 -2.13
CA LYS A 72 56.86 -23.06 -3.04
C LYS A 72 58.23 -23.30 -3.68
N THR A 73 59.14 -24.01 -3.01
CA THR A 73 60.31 -24.47 -3.73
C THR A 73 59.92 -25.55 -4.73
N LYS A 74 59.15 -26.54 -4.29
CA LYS A 74 58.53 -27.48 -5.22
C LYS A 74 57.69 -26.76 -6.25
N LEU A 75 57.35 -25.50 -5.99
CA LEU A 75 56.55 -24.72 -6.92
C LEU A 75 57.41 -24.24 -8.08
N ASP A 76 58.46 -23.48 -7.80
CA ASP A 76 59.17 -22.75 -8.85
C ASP A 76 60.06 -23.66 -9.71
N GLU A 77 60.44 -24.86 -9.24
CA GLU A 77 61.00 -25.84 -10.17
C GLU A 77 59.96 -26.14 -11.24
N ARG A 78 59.62 -25.11 -12.02
CA ARG A 78 58.39 -25.04 -12.81
C ARG A 78 58.16 -23.56 -13.13
N LYS A 79 58.46 -22.71 -12.14
CA LYS A 79 58.28 -21.27 -12.22
C LYS A 79 56.82 -20.89 -12.46
N ALA A 80 56.07 -20.73 -11.37
CA ALA A 80 54.67 -20.34 -11.38
C ALA A 80 54.53 -18.87 -10.97
N GLU A 81 53.34 -18.27 -11.15
CA GLU A 81 52.05 -18.79 -11.68
C GLU A 81 51.02 -18.85 -10.55
N LYS A 82 50.45 -20.04 -10.34
CA LYS A 82 49.39 -20.23 -9.36
C LYS A 82 49.65 -21.47 -8.51
N PHE A 83 48.58 -22.17 -8.12
CA PHE A 83 48.74 -23.37 -7.32
C PHE A 83 48.28 -24.61 -8.08
N LYS A 84 47.37 -25.38 -7.49
CA LYS A 84 46.91 -26.62 -8.11
C LYS A 84 45.98 -27.35 -7.15
N GLN A 85 44.83 -27.81 -7.64
CA GLN A 85 43.79 -28.38 -6.81
C GLN A 85 44.37 -29.16 -5.63
N GLU A 86 45.08 -30.25 -5.91
CA GLU A 86 45.67 -31.06 -4.83
C GLU A 86 46.62 -30.24 -3.97
N GLU A 87 47.21 -29.17 -4.54
CA GLU A 87 48.09 -28.28 -3.78
C GLU A 87 47.31 -27.38 -2.83
N ILE A 88 46.30 -26.70 -3.36
CA ILE A 88 45.41 -25.92 -2.49
C ILE A 88 44.68 -26.85 -1.53
N GLU A 89 44.17 -27.98 -2.04
CA GLU A 89 43.54 -29.06 -1.26
C GLU A 89 44.51 -29.57 -0.18
N THR A 90 45.68 -28.95 -0.09
CA THR A 90 46.78 -29.32 0.80
C THR A 90 46.93 -28.34 1.96
N ILE A 91 46.97 -27.05 1.63
CA ILE A 91 47.00 -25.97 2.61
C ILE A 91 45.68 -25.93 3.37
N THR A 92 44.60 -25.65 2.64
CA THR A 92 43.29 -26.01 3.12
C THR A 92 43.31 -27.44 3.63
N GLY A 93 42.81 -27.60 4.84
CA GLY A 93 42.85 -28.86 5.55
C GLY A 93 44.15 -29.12 6.28
N LEU A 94 45.09 -28.15 6.26
CA LEU A 94 46.06 -27.97 7.35
C LEU A 94 45.74 -26.77 8.19
N LEU A 95 44.90 -25.88 7.67
CA LEU A 95 44.22 -24.89 8.50
C LEU A 95 42.84 -25.45 8.72
N GLY A 96 42.60 -25.94 9.93
CA GLY A 96 41.29 -26.43 10.28
C GLY A 96 40.26 -25.32 10.20
N LEU A 97 39.76 -25.05 8.99
CA LEU A 97 38.83 -23.95 8.79
C LEU A 97 37.58 -24.29 7.98
N SER A 98 37.44 -25.52 7.49
CA SER A 98 36.26 -25.86 6.71
C SER A 98 34.99 -25.84 7.55
N HIS A 99 35.13 -26.03 8.86
CA HIS A 99 34.03 -25.78 9.79
C HIS A 99 33.44 -24.38 9.57
N LEU A 100 34.31 -23.37 9.57
CA LEU A 100 33.88 -21.97 9.56
C LEU A 100 33.41 -21.51 8.19
N VAL A 101 34.12 -21.93 7.14
CA VAL A 101 33.84 -21.45 5.79
C VAL A 101 33.92 -22.62 4.82
N PRO A 102 33.10 -22.59 3.77
CA PRO A 102 33.05 -23.73 2.86
C PRO A 102 34.38 -23.94 2.16
N GLN A 103 34.89 -25.17 2.26
CA GLN A 103 36.06 -25.61 1.51
C GLN A 103 36.08 -24.94 0.15
N GLN A 104 34.98 -25.03 -0.58
CA GLN A 104 34.95 -24.48 -1.93
C GLN A 104 35.37 -23.01 -1.96
N GLN A 105 35.18 -22.26 -0.87
CA GLN A 105 35.45 -20.83 -0.91
C GLN A 105 36.87 -20.47 -0.48
N LEU A 106 37.48 -21.28 0.39
CA LEU A 106 38.91 -21.13 0.64
C LEU A 106 39.71 -21.41 -0.62
N SER A 107 39.46 -22.55 -1.26
CA SER A 107 40.15 -22.89 -2.51
C SER A 107 40.05 -21.76 -3.52
N ARG A 108 38.83 -21.36 -3.86
CA ARG A 108 38.68 -20.30 -4.85
C ARG A 108 39.30 -18.97 -4.40
N SER A 109 39.71 -18.86 -3.14
CA SER A 109 40.38 -17.66 -2.64
C SER A 109 41.88 -17.68 -2.94
N LEU A 110 42.49 -18.86 -2.90
CA LEU A 110 43.87 -19.07 -3.27
C LEU A 110 44.02 -19.35 -4.76
N ASP A 111 43.10 -20.14 -5.32
CA ASP A 111 43.09 -20.47 -6.74
C ASP A 111 43.51 -19.30 -7.63
N ASN A 112 43.04 -18.10 -7.33
CA ASN A 112 43.32 -16.94 -8.16
C ASN A 112 44.21 -15.94 -7.44
N LEU A 113 45.19 -16.44 -6.70
CA LEU A 113 46.24 -15.61 -6.15
C LEU A 113 47.39 -15.54 -7.15
N GLU A 114 48.24 -14.55 -6.97
CA GLU A 114 49.38 -14.33 -7.84
C GLU A 114 50.65 -14.42 -7.01
N LEU A 115 51.61 -15.19 -7.51
CA LEU A 115 52.82 -15.48 -6.74
C LEU A 115 54.01 -15.51 -7.67
N LYS A 116 55.16 -15.11 -7.15
CA LYS A 116 56.44 -15.29 -7.86
C LYS A 116 57.59 -15.00 -6.89
N SER A 121 59.48 -16.12 -0.03
CA SER A 121 59.20 -17.28 0.82
C SER A 121 58.14 -16.91 1.86
N ASP A 122 58.51 -17.00 3.14
CA ASP A 122 57.70 -16.49 4.25
C ASP A 122 57.06 -15.15 3.88
N ASP A 123 56.18 -15.15 2.88
CA ASP A 123 55.89 -13.92 2.16
C ASP A 123 54.82 -14.16 1.08
N ILE A 124 54.78 -15.38 0.54
CA ILE A 124 53.54 -15.82 -0.06
C ILE A 124 52.60 -16.27 1.04
N VAL A 125 53.14 -16.50 2.24
CA VAL A 125 52.32 -16.72 3.42
C VAL A 125 51.39 -15.53 3.66
N GLN A 126 51.93 -14.31 3.55
CA GLN A 126 51.11 -13.12 3.85
C GLN A 126 50.01 -12.92 2.80
N GLN A 127 50.28 -13.26 1.55
CA GLN A 127 49.25 -13.18 0.52
C GLN A 127 48.17 -14.23 0.75
N ILE A 128 48.55 -15.40 1.27
CA ILE A 128 47.62 -16.45 1.69
C ILE A 128 46.91 -16.03 2.98
N LYS A 129 47.66 -15.90 4.06
CA LYS A 129 47.12 -15.39 5.33
C LYS A 129 46.17 -14.22 5.10
N GLY A 130 46.46 -13.40 4.10
CA GLY A 130 45.64 -12.22 3.88
C GLY A 130 44.37 -12.50 3.11
N ALA A 131 44.48 -13.38 2.11
CA ALA A 131 43.28 -13.72 1.34
C ALA A 131 42.34 -14.59 2.16
N LEU A 132 42.89 -15.42 3.05
CA LEU A 132 42.04 -16.16 3.98
C LEU A 132 41.45 -15.24 5.02
N LEU A 133 42.15 -14.15 5.39
CA LEU A 133 41.58 -13.22 6.34
C LEU A 133 40.31 -12.58 5.80
N LYS A 134 40.33 -12.14 4.56
CA LYS A 134 39.18 -11.34 4.16
C LYS A 134 37.97 -12.22 3.81
N VAL A 135 38.14 -13.52 3.55
CA VAL A 135 36.96 -14.39 3.45
C VAL A 135 36.39 -14.65 4.85
N LEU A 136 37.27 -14.99 5.81
CA LEU A 136 36.82 -15.04 7.21
C LEU A 136 36.15 -13.74 7.61
N SER A 137 36.77 -12.61 7.28
CA SER A 137 36.20 -11.31 7.60
C SER A 137 34.87 -11.08 6.86
N ASP A 138 34.82 -11.41 5.57
CA ASP A 138 33.59 -11.21 4.81
C ASP A 138 32.43 -11.93 5.47
N HIS A 139 32.71 -13.09 6.05
CA HIS A 139 31.67 -13.89 6.71
C HIS A 139 31.34 -13.35 8.10
N TYR A 140 32.35 -13.15 8.94
CA TYR A 140 32.12 -12.96 10.37
C TYR A 140 32.53 -11.61 10.94
N LEU A 141 33.13 -10.70 10.17
CA LEU A 141 33.51 -9.44 10.79
C LEU A 141 32.26 -8.69 11.22
N HIS A 142 32.22 -8.25 12.49
CA HIS A 142 31.08 -7.52 13.06
C HIS A 142 29.89 -8.43 13.35
N ALA A 143 30.03 -9.74 13.18
CA ALA A 143 28.89 -10.63 13.33
C ALA A 143 28.42 -10.68 14.78
N VAL A 144 27.10 -10.80 14.95
CA VAL A 144 26.49 -11.00 16.26
C VAL A 144 26.95 -12.32 16.85
N LYS A 145 27.79 -12.26 17.89
CA LYS A 145 28.25 -13.49 18.52
C LYS A 145 27.06 -14.28 19.04
N LYS A 146 27.15 -15.60 18.92
CA LYS A 146 26.14 -16.50 19.48
C LYS A 146 26.30 -16.58 20.99
N GLN A 147 25.18 -16.59 21.70
CA GLN A 147 25.21 -16.82 23.13
C GLN A 147 24.80 -18.27 23.35
N ALA A 148 25.79 -19.10 23.69
CA ALA A 148 25.59 -20.51 23.95
C ALA A 148 25.17 -20.72 25.42
N GLN A 149 24.44 -21.80 25.65
CA GLN A 149 24.11 -22.21 27.01
C GLN A 149 24.97 -23.44 27.35
N ASN A 150 25.71 -23.35 28.46
CA ASN A 150 26.42 -24.49 29.03
C ASN A 150 25.48 -25.21 29.96
N PHE A 151 25.44 -26.53 29.85
CA PHE A 151 24.60 -27.36 30.69
C PHE A 151 25.50 -28.26 31.52
N TYR A 152 25.18 -28.38 32.81
CA TYR A 152 26.04 -29.01 33.80
C TYR A 152 25.30 -30.11 34.54
N ILE A 153 25.97 -31.22 34.78
CA ILE A 153 25.47 -32.24 35.70
C ILE A 153 26.01 -31.96 37.10
N TYR A 154 25.11 -31.92 38.08
CA TYR A 154 25.47 -31.82 39.48
C TYR A 154 25.15 -33.11 40.20
N LYS A 155 26.05 -33.54 41.08
CA LYS A 155 25.75 -34.60 42.04
C LYS A 155 24.89 -34.03 43.16
N CYS A 156 23.92 -34.81 43.62
CA CYS A 156 22.97 -34.40 44.65
C CYS A 156 23.07 -35.31 45.86
N ASP A 157 22.54 -34.85 46.99
CA ASP A 157 22.24 -35.74 48.11
C ASP A 157 20.75 -36.15 48.06
N ASN A 161 19.20 -32.63 45.64
CA ASN A 161 19.66 -31.38 46.23
C ASN A 161 21.17 -31.14 46.00
N PRO A 162 21.49 -30.19 45.12
CA PRO A 162 22.80 -30.19 44.44
C PRO A 162 23.99 -29.83 45.32
N VAL A 163 25.06 -30.63 45.18
CA VAL A 163 26.33 -30.45 45.88
C VAL A 163 27.44 -30.71 44.88
N GLU A 164 28.08 -29.68 44.35
CA GLU A 164 29.25 -29.94 43.49
C GLU A 164 28.91 -30.47 42.09
N LYS A 165 29.58 -29.94 41.06
CA LYS A 165 29.50 -30.48 39.70
C LYS A 165 29.98 -31.92 39.64
N LEU A 166 29.45 -32.67 38.69
CA LEU A 166 29.97 -34.00 38.44
C LEU A 166 31.44 -33.92 38.00
N LYS A 167 32.30 -34.72 38.62
CA LYS A 167 33.70 -34.84 38.21
C LYS A 167 33.94 -36.22 37.62
N LEU A 168 34.34 -36.28 36.36
CA LEU A 168 34.57 -37.55 35.68
C LEU A 168 35.99 -38.03 35.97
N THR A 169 36.11 -39.28 36.42
CA THR A 169 37.36 -40.01 36.50
C THR A 169 37.47 -40.94 35.29
N ASP A 170 38.64 -41.56 35.14
CA ASP A 170 39.05 -41.99 33.80
C ASP A 170 38.01 -42.89 33.13
N GLY A 171 37.46 -43.85 33.87
CA GLY A 171 36.52 -44.77 33.24
C GLY A 171 35.09 -44.28 33.11
N ASP A 172 34.79 -43.06 33.55
CA ASP A 172 33.44 -42.52 33.51
C ASP A 172 33.19 -41.78 32.21
N LYS A 173 31.94 -41.82 31.76
CA LYS A 173 31.52 -41.00 30.66
C LYS A 173 30.14 -40.44 30.97
N VAL A 174 29.76 -39.42 30.23
CA VAL A 174 28.42 -38.86 30.31
C VAL A 174 27.93 -38.58 28.91
N THR A 175 26.72 -39.04 28.61
CA THR A 175 26.10 -38.93 27.31
C THR A 175 24.95 -37.94 27.43
N TRP A 176 24.98 -36.89 26.62
CA TRP A 176 23.86 -35.96 26.54
C TRP A 176 22.99 -36.36 25.35
N ARG A 177 21.70 -36.06 25.48
CA ARG A 177 20.81 -36.15 24.33
C ARG A 177 19.85 -34.98 24.36
N VAL A 178 19.58 -34.45 23.17
CA VAL A 178 18.82 -33.23 23.03
C VAL A 178 17.87 -33.41 21.86
N GLU A 179 16.61 -33.05 22.05
CA GLU A 179 15.62 -33.13 21.00
C GLU A 179 14.80 -31.85 21.01
N VAL A 180 14.68 -31.21 19.85
CA VAL A 180 14.07 -29.89 19.77
C VAL A 180 13.12 -29.83 18.59
N ALA A 181 12.29 -28.79 18.59
CA ALA A 181 11.27 -28.64 17.57
C ALA A 181 10.91 -27.16 17.50
N ASN A 182 10.36 -26.78 16.35
CA ASN A 182 9.72 -25.48 16.16
C ASN A 182 8.30 -25.75 15.71
N LYS A 183 7.33 -25.17 16.41
CA LYS A 183 5.92 -25.33 16.06
C LYS A 183 5.24 -24.01 15.75
N LYS A 184 6.00 -22.94 15.55
CA LYS A 184 5.43 -21.63 15.29
C LYS A 184 4.47 -21.67 14.10
N SER A 185 4.86 -22.33 13.00
CA SER A 185 4.03 -22.34 11.81
C SER A 185 2.84 -23.29 11.92
N PHE A 186 2.84 -24.18 12.91
CA PHE A 186 1.78 -25.15 13.17
C PHE A 186 0.71 -24.57 14.07
N TRP A 187 1.10 -23.63 14.95
CA TRP A 187 0.28 -23.18 16.07
C TRP A 187 -0.71 -22.11 15.63
N TYR A 188 -1.29 -21.41 16.60
CA TYR A 188 -2.33 -20.41 16.40
C TYR A 188 -1.73 -19.01 16.31
N ASP A 189 -2.55 -18.10 15.81
CA ASP A 189 -2.18 -16.69 15.84
C ASP A 189 -1.97 -16.24 17.27
N TYR A 190 -1.04 -15.31 17.46
CA TYR A 190 -0.96 -14.55 18.70
C TYR A 190 -1.76 -13.27 18.52
N ASN A 191 -2.81 -13.12 19.30
CA ASN A 191 -3.57 -11.87 19.34
C ASN A 191 -3.40 -11.14 20.66
N ASN A 192 -3.68 -11.80 21.79
CA ASN A 192 -3.19 -11.35 23.08
C ASN A 192 -3.03 -12.58 23.98
N ALA A 193 -2.74 -12.33 25.25
CA ALA A 193 -2.46 -13.40 26.21
C ALA A 193 -3.75 -14.03 26.68
N LEU A 194 -3.89 -15.35 26.48
CA LEU A 194 -5.12 -16.04 26.84
C LEU A 194 -5.43 -15.95 28.33
N ASP A 195 -4.40 -15.91 29.18
CA ASP A 195 -4.71 -15.84 30.61
C ASP A 195 -5.29 -14.49 31.04
N LEU A 196 -5.44 -13.52 30.13
CA LEU A 196 -6.08 -12.25 30.51
C LEU A 196 -7.56 -12.41 30.85
N SER A 197 -8.22 -13.45 30.38
CA SER A 197 -9.59 -13.76 30.77
C SER A 197 -9.67 -15.03 31.60
N LEU A 198 -8.55 -15.50 32.13
CA LEU A 198 -8.49 -16.77 32.86
C LEU A 198 -8.80 -16.54 34.33
N HIS A 199 -9.85 -17.19 34.83
CA HIS A 199 -10.21 -17.00 36.24
C HIS A 199 -9.11 -17.50 37.14
N THR A 200 -8.73 -16.66 38.11
CA THR A 200 -7.64 -17.04 38.99
C THR A 200 -7.95 -16.55 40.40
N GLN A 201 -7.24 -17.12 41.36
CA GLN A 201 -7.20 -16.51 42.68
C GLN A 201 -6.25 -15.33 42.74
N GLY A 202 -5.52 -15.05 41.67
CA GLY A 202 -4.42 -14.10 41.67
C GLY A 202 -3.10 -14.77 42.02
N SER A 203 -2.03 -14.27 41.42
CA SER A 203 -0.71 -14.83 41.64
C SER A 203 0.23 -13.69 41.97
N GLY A 204 1.51 -14.03 42.19
CA GLY A 204 2.53 -13.01 42.30
C GLY A 204 2.76 -12.28 40.99
N ASN A 205 2.30 -12.86 39.88
CA ASN A 205 2.58 -12.32 38.56
C ASN A 205 1.43 -11.52 37.99
N LEU A 206 0.20 -11.89 38.35
CA LEU A 206 -0.97 -11.38 37.65
C LEU A 206 -2.11 -11.28 38.64
N SER A 207 -2.70 -10.10 38.77
CA SER A 207 -3.78 -9.90 39.70
C SER A 207 -5.06 -10.47 39.15
N LYS A 208 -5.88 -11.01 40.04
CA LYS A 208 -7.17 -11.53 39.62
C LYS A 208 -8.08 -10.44 39.08
N ASN A 209 -7.76 -9.17 39.31
CA ASN A 209 -8.62 -8.10 38.80
C ASN A 209 -8.71 -8.12 37.27
N VAL A 210 -7.62 -8.50 36.60
CA VAL A 210 -7.57 -8.37 35.15
C VAL A 210 -8.69 -9.17 34.50
N SER A 211 -8.82 -10.44 34.91
CA SER A 211 -9.93 -11.26 34.47
C SER A 211 -11.23 -10.88 35.16
N LYS A 212 -11.19 -10.62 36.47
CA LYS A 212 -12.44 -10.42 37.20
C LYS A 212 -13.21 -9.23 36.66
N HIS A 213 -12.51 -8.13 36.38
CA HIS A 213 -13.18 -6.93 35.89
C HIS A 213 -12.97 -6.71 34.39
N ARG A 214 -12.63 -7.77 33.67
CA ARG A 214 -12.66 -7.81 32.20
C ARG A 214 -11.89 -6.64 31.60
N LEU A 215 -10.67 -6.43 32.12
CA LEU A 215 -9.89 -5.26 31.73
C LEU A 215 -9.19 -5.43 30.38
N ALA A 216 -8.94 -6.67 29.95
CA ALA A 216 -8.24 -6.94 28.68
C ALA A 216 -8.64 -8.32 28.22
N PRO A 217 -9.88 -8.49 27.76
CA PRO A 217 -10.39 -9.82 27.41
C PRO A 217 -9.47 -10.56 26.46
N ALA A 218 -9.19 -11.82 26.79
CA ALA A 218 -8.51 -12.69 25.83
C ALA A 218 -9.34 -12.81 24.56
N MET A 219 -8.70 -12.72 23.39
CA MET A 219 -9.39 -12.94 22.12
C MET A 219 -9.20 -14.37 21.64
N THR A 220 -10.21 -14.86 20.93
CA THR A 220 -10.04 -16.09 20.15
C THR A 220 -8.91 -15.94 19.13
N ALA A 221 -8.24 -17.06 18.82
CA ALA A 221 -7.14 -17.03 17.87
C ALA A 221 -7.28 -18.15 16.84
N LYS A 222 -7.27 -17.79 15.54
CA LYS A 222 -7.40 -18.76 14.47
C LYS A 222 -6.05 -19.42 14.20
N ARG A 223 -5.98 -20.23 13.15
CA ARG A 223 -4.78 -20.98 12.83
C ARG A 223 -3.80 -20.21 11.94
N ARG A 224 -2.51 -20.40 12.20
CA ARG A 224 -1.49 -20.00 11.24
C ARG A 224 -1.44 -21.03 10.13
N ASN A 225 -1.10 -20.57 8.92
CA ASN A 225 -1.11 -21.41 7.73
C ASN A 225 -2.43 -22.20 7.68
N PRO A 226 -3.57 -21.51 7.67
CA PRO A 226 -4.87 -22.20 7.72
C PRO A 226 -5.23 -23.02 6.47
N ASN A 227 -4.48 -22.97 5.39
CA ASN A 227 -4.87 -23.74 4.22
C ASN A 227 -4.28 -25.15 4.24
N VAL A 228 -3.52 -25.51 5.26
CA VAL A 228 -3.10 -26.89 5.49
C VAL A 228 -4.07 -27.53 6.48
N ILE A 229 -4.81 -28.56 6.03
CA ILE A 229 -5.90 -29.15 6.78
C ILE A 229 -5.64 -30.64 7.03
N THR A 230 -6.34 -31.17 8.04
CA THR A 230 -6.12 -32.46 8.70
C THR A 230 -4.82 -32.45 9.49
N ASN A 231 -4.84 -33.13 10.63
CA ASN A 231 -3.69 -33.12 11.51
C ASN A 231 -2.47 -33.72 10.84
N SER A 232 -2.67 -34.82 10.12
CA SER A 232 -1.57 -35.49 9.43
C SER A 232 -0.77 -34.51 8.57
N LEU A 233 -1.46 -33.70 7.76
CA LEU A 233 -0.71 -32.82 6.85
C LEU A 233 -0.07 -31.65 7.58
N ARG A 234 -0.62 -31.25 8.72
CA ARG A 234 -0.06 -30.11 9.42
C ARG A 234 1.25 -30.44 10.11
N LYS A 235 1.51 -31.73 10.35
CA LYS A 235 2.81 -32.13 10.87
C LYS A 235 3.96 -31.61 9.98
N GLN A 236 3.71 -31.43 8.68
CA GLN A 236 4.75 -30.89 7.80
C GLN A 236 5.19 -29.48 8.24
N LEU A 237 4.38 -28.82 9.07
CA LEU A 237 4.70 -27.46 9.50
C LEU A 237 5.61 -27.45 10.71
N VAL A 238 5.95 -28.61 11.27
CA VAL A 238 6.74 -28.69 12.48
C VAL A 238 8.14 -29.15 12.09
N ILE A 239 9.14 -28.35 12.46
CA ILE A 239 10.55 -28.68 12.24
C ILE A 239 11.10 -29.28 13.52
N SER A 240 11.84 -30.37 13.40
CA SER A 240 12.39 -30.98 14.60
C SER A 240 13.68 -31.70 14.25
N SER A 241 14.50 -31.91 15.26
CA SER A 241 15.82 -32.52 15.10
C SER A 241 16.31 -32.92 16.48
N GLN A 242 17.40 -33.70 16.51
CA GLN A 242 17.91 -34.26 17.74
C GLN A 242 19.33 -34.75 17.52
N GLY A 243 20.06 -34.90 18.63
CA GLY A 243 21.44 -35.32 18.54
C GLY A 243 21.96 -35.80 19.87
N SER A 244 23.12 -36.45 19.82
CA SER A 244 23.77 -36.94 21.03
C SER A 244 25.24 -36.61 20.98
N VAL A 245 25.77 -36.31 22.17
CA VAL A 245 27.19 -36.07 22.38
C VAL A 245 27.57 -36.70 23.71
N SER A 246 28.82 -37.16 23.79
CA SER A 246 29.32 -37.78 25.02
C SER A 246 30.67 -37.17 25.35
N SER A 247 31.06 -37.31 26.62
CA SER A 247 32.33 -36.74 27.08
C SER A 247 33.55 -37.40 26.43
N ASP A 248 33.35 -38.45 25.62
CA ASP A 248 34.45 -39.15 24.99
C ASP A 248 35.01 -38.44 23.76
N ASN A 249 34.22 -37.60 23.09
CA ASN A 249 34.51 -37.16 21.73
C ASN A 249 34.78 -35.67 21.65
N ASN A 250 33.76 -34.82 21.76
CA ASN A 250 33.83 -33.34 21.71
C ASN A 250 33.73 -32.80 20.27
N THR A 251 33.65 -33.66 19.26
CA THR A 251 33.15 -33.26 17.96
C THR A 251 31.73 -32.70 18.08
N GLN A 252 31.48 -31.56 17.44
CA GLN A 252 30.18 -30.91 17.52
C GLN A 252 29.18 -31.59 16.59
N VAL A 253 27.91 -31.59 16.99
CA VAL A 253 26.85 -32.24 16.24
C VAL A 253 25.86 -31.15 15.83
N PRO A 254 25.35 -31.16 14.60
CA PRO A 254 24.25 -30.26 14.26
C PRO A 254 22.88 -30.84 14.59
N LEU A 255 21.97 -29.93 14.99
CA LEU A 255 20.54 -30.20 15.10
C LEU A 255 19.88 -29.56 13.89
N ARG A 256 19.50 -30.38 12.92
CA ARG A 256 19.18 -29.94 11.58
C ARG A 256 17.90 -30.61 11.13
N GLY A 257 16.86 -29.81 10.91
CA GLY A 257 15.60 -30.28 10.39
C GLY A 257 15.29 -29.71 9.02
N LYS A 258 14.02 -29.80 8.66
CA LYS A 258 13.58 -29.56 7.31
C LYS A 258 12.23 -28.86 7.34
N PHE A 259 11.99 -28.04 6.36
CA PHE A 259 10.70 -27.39 6.26
C PHE A 259 10.33 -27.23 4.79
N PRO A 260 9.16 -27.70 4.36
CA PRO A 260 8.23 -28.47 5.22
C PRO A 260 8.82 -29.82 5.59
N ALA A 261 8.27 -30.45 6.64
CA ALA A 261 8.85 -31.68 7.19
C ALA A 261 8.66 -32.85 6.23
N ASN A 262 9.58 -33.82 6.33
CA ASN A 262 9.72 -34.94 5.37
C ASN A 262 8.42 -35.68 5.08
N GLU A 278 11.08 -26.94 -3.14
CA GLU A 278 10.57 -27.39 -1.84
C GLU A 278 11.69 -27.89 -0.92
N ARG A 279 11.41 -27.92 0.38
CA ARG A 279 12.28 -28.50 1.41
C ARG A 279 13.58 -27.75 1.64
N HIS A 280 13.60 -26.91 2.68
CA HIS A 280 14.78 -26.21 3.18
C HIS A 280 15.35 -26.91 4.40
N ASN A 281 16.67 -26.84 4.54
CA ASN A 281 17.37 -27.31 5.71
C ASN A 281 17.44 -26.20 6.75
N VAL A 282 17.00 -26.52 7.97
CA VAL A 282 16.94 -25.55 9.04
C VAL A 282 17.88 -26.01 10.15
N LEU A 283 18.93 -25.23 10.40
CA LEU A 283 19.87 -25.51 11.51
C LEU A 283 19.25 -24.93 12.78
N GLN A 284 18.81 -25.81 13.67
CA GLN A 284 18.15 -25.36 14.88
C GLN A 284 19.13 -25.16 16.02
N GLY A 285 20.29 -25.80 15.95
CA GLY A 285 21.33 -25.59 16.92
C GLY A 285 22.47 -26.56 16.70
N SER A 286 23.45 -26.48 17.61
CA SER A 286 24.64 -27.32 17.57
C SER A 286 24.98 -27.67 19.01
N ILE A 287 25.36 -28.93 19.26
CA ILE A 287 25.75 -29.38 20.59
C ILE A 287 27.17 -29.94 20.57
N GLU A 288 27.92 -29.59 21.63
CA GLU A 288 29.28 -30.05 21.91
C GLU A 288 29.32 -30.54 23.34
N CYS A 289 30.17 -31.53 23.61
CA CYS A 289 30.47 -31.94 24.99
C CYS A 289 31.98 -32.05 25.19
N ASP A 290 32.48 -31.40 26.23
CA ASP A 290 33.89 -31.54 26.56
C ASP A 290 34.10 -32.77 27.46
N ASN A 291 35.39 -33.06 27.72
CA ASN A 291 35.80 -34.26 28.44
C ASN A 291 35.42 -34.21 29.92
N GLU A 292 35.21 -33.03 30.49
CA GLU A 292 34.73 -32.92 31.86
C GLU A 292 33.26 -33.26 31.99
N GLY A 293 32.53 -33.33 30.88
CA GLY A 293 31.15 -33.75 30.88
C GLY A 293 30.11 -32.66 30.71
N VAL A 294 30.52 -31.42 30.41
CA VAL A 294 29.54 -30.34 30.27
C VAL A 294 29.18 -30.20 28.81
N LEU A 295 27.91 -29.90 28.56
CA LEU A 295 27.35 -29.77 27.24
C LEU A 295 27.21 -28.29 26.89
N ARG A 296 27.67 -27.91 25.70
CA ARG A 296 27.50 -26.56 25.17
C ARG A 296 26.51 -26.61 23.99
N PHE A 297 25.49 -25.76 24.03
CA PHE A 297 24.42 -25.71 23.02
C PHE A 297 24.40 -24.35 22.35
N TYR A 298 24.63 -24.32 21.03
CA TYR A 298 24.52 -23.10 20.22
C TYR A 298 23.20 -23.05 19.49
N ALA A 299 22.60 -21.86 19.43
CA ALA A 299 21.37 -21.69 18.66
C ALA A 299 21.71 -21.59 17.17
N GLY A 300 20.70 -21.29 16.35
CA GLY A 300 20.88 -21.25 14.91
C GLY A 300 21.60 -20.00 14.45
N ASN A 301 21.56 -19.76 13.13
CA ASN A 301 22.25 -18.62 12.55
C ASN A 301 21.33 -17.42 12.37
N GLY A 302 20.10 -17.48 12.83
CA GLY A 302 19.17 -16.39 12.63
C GLY A 302 18.53 -16.36 11.27
N ILE A 303 18.38 -17.50 10.62
CA ILE A 303 17.89 -17.52 9.24
C ILE A 303 16.39 -17.80 9.26
N SER A 304 15.60 -16.83 8.74
CA SER A 304 14.15 -16.92 8.60
C SER A 304 13.76 -16.66 7.15
N GLN A 305 12.81 -17.41 6.64
CA GLN A 305 12.59 -17.44 5.20
C GLN A 305 11.16 -17.87 4.92
N ALA A 306 10.60 -17.36 3.83
CA ALA A 306 9.32 -17.86 3.33
C ALA A 306 9.53 -18.92 2.25
N LEU A 307 8.53 -19.78 2.08
CA LEU A 307 8.62 -20.76 1.00
C LEU A 307 8.56 -20.07 -0.36
N SER A 308 7.91 -18.91 -0.44
CA SER A 308 7.89 -18.19 -1.70
C SER A 308 8.39 -16.76 -1.48
N PRO A 309 9.33 -16.28 -2.29
CA PRO A 309 9.88 -14.94 -2.05
C PRO A 309 8.83 -13.86 -1.99
N SER A 310 7.73 -14.03 -2.69
CA SER A 310 6.70 -13.01 -2.69
C SER A 310 5.96 -12.90 -1.36
N SER A 311 6.13 -13.87 -0.44
CA SER A 311 5.35 -13.91 0.81
C SER A 311 6.05 -13.03 1.84
N LEU A 312 5.53 -11.83 2.06
CA LEU A 312 6.17 -10.88 2.97
C LEU A 312 5.61 -11.00 4.39
N ASN A 313 6.49 -10.87 5.37
CA ASN A 313 6.14 -10.95 6.79
C ASN A 313 5.66 -9.57 7.28
N THR A 314 4.51 -9.15 6.78
CA THR A 314 3.94 -7.84 7.12
C THR A 314 3.04 -7.91 8.33
N ASP A 315 3.29 -8.79 9.28
CA ASP A 315 2.48 -8.83 10.49
C ASP A 315 3.43 -9.08 11.65
N PHE A 316 3.16 -8.40 12.76
CA PHE A 316 4.05 -8.51 13.91
C PHE A 316 4.22 -9.93 14.41
N ALA A 317 3.23 -10.80 14.19
CA ALA A 317 3.33 -12.12 14.82
C ALA A 317 2.92 -13.29 13.94
N ASP A 318 1.93 -13.17 13.07
CA ASP A 318 1.35 -14.34 12.38
C ASP A 318 1.51 -14.20 10.86
N ASN A 319 2.61 -14.73 10.35
CA ASN A 319 2.85 -14.72 8.92
C ASN A 319 2.80 -16.14 8.39
N SER A 320 1.89 -16.39 7.46
CA SER A 320 1.80 -17.70 6.85
C SER A 320 2.92 -17.87 5.82
N ASN A 321 3.32 -19.12 5.59
CA ASN A 321 4.34 -19.47 4.62
C ASN A 321 5.76 -19.20 5.12
N TRP A 322 5.95 -18.98 6.43
CA TRP A 322 7.26 -18.63 6.96
C TRP A 322 7.72 -19.69 7.96
N PHE A 323 9.03 -19.93 7.98
CA PHE A 323 9.63 -20.68 9.07
C PHE A 323 10.78 -19.85 9.64
N ASP A 324 11.11 -20.08 10.92
CA ASP A 324 12.39 -19.61 11.42
C ASP A 324 13.13 -20.74 12.15
N ASP A 325 14.37 -20.44 12.53
CA ASP A 325 15.25 -21.42 13.16
C ASP A 325 15.25 -21.32 14.68
N ILE A 326 14.25 -20.65 15.25
CA ILE A 326 14.05 -20.74 16.69
C ILE A 326 13.71 -22.18 17.04
N CYS A 327 13.98 -22.58 18.28
CA CYS A 327 13.62 -23.93 18.69
C CYS A 327 13.65 -24.04 20.21
N ASP A 328 13.02 -25.11 20.71
CA ASP A 328 13.07 -25.42 22.13
C ASP A 328 12.76 -26.88 22.30
N GLY A 329 13.32 -27.47 23.36
CA GLY A 329 13.17 -28.89 23.55
C GLY A 329 13.89 -29.42 24.76
N ARG A 330 14.04 -30.75 24.75
CA ARG A 330 14.29 -31.56 25.94
C ARG A 330 15.78 -31.94 26.04
N VAL A 331 16.38 -31.66 27.19
CA VAL A 331 17.79 -31.94 27.46
C VAL A 331 17.87 -33.04 28.50
N THR A 332 18.51 -34.16 28.16
CA THR A 332 18.66 -35.29 29.08
C THR A 332 20.09 -35.82 28.96
N ALA A 333 20.41 -36.81 29.79
CA ALA A 333 21.76 -37.32 29.88
C ALA A 333 21.72 -38.67 30.56
N VAL A 334 22.82 -39.41 30.44
CA VAL A 334 23.01 -40.65 31.18
C VAL A 334 24.44 -40.68 31.65
N VAL A 335 24.64 -40.88 32.96
CA VAL A 335 25.97 -40.99 33.56
C VAL A 335 26.34 -42.46 33.70
N GLU A 336 27.54 -42.82 33.23
CA GLU A 336 27.99 -44.22 33.23
C GLU A 336 29.37 -44.31 33.87
N LEU A 337 29.43 -44.93 35.05
CA LEU A 337 30.65 -45.01 35.82
C LEU A 337 31.47 -46.25 35.44
N LYS A 338 32.77 -46.20 35.73
CA LYS A 338 33.66 -47.28 35.35
C LYS A 338 33.19 -48.64 35.87
N ASN A 339 32.83 -48.70 37.17
CA ASN A 339 32.37 -49.94 37.78
C ASN A 339 31.16 -50.52 37.07
N GLY A 340 30.41 -49.69 36.37
CA GLY A 340 29.28 -50.14 35.60
C GLY A 340 27.95 -49.69 36.12
N ASP A 341 27.94 -48.79 37.10
CA ASP A 341 26.68 -48.20 37.51
C ASP A 341 26.24 -47.23 36.44
N THR A 342 24.95 -47.20 36.18
CA THR A 342 24.39 -46.26 35.22
C THR A 342 23.28 -45.47 35.88
N PHE A 343 23.16 -44.22 35.48
CA PHE A 343 22.22 -43.27 36.06
C PHE A 343 21.56 -42.52 34.90
N GLU A 344 20.25 -42.70 34.75
CA GLU A 344 19.53 -42.04 33.70
C GLU A 344 18.91 -40.76 34.24
N ILE A 345 19.30 -39.63 33.66
CA ILE A 345 18.72 -38.34 34.01
C ILE A 345 17.64 -38.07 32.97
N GLN A 346 16.43 -38.55 33.24
CA GLN A 346 15.32 -38.40 32.31
C GLN A 346 14.04 -37.90 32.97
N ASP A 347 13.82 -38.19 34.25
CA ASP A 347 12.57 -37.77 34.87
C ASP A 347 12.49 -36.25 34.90
N GLU A 348 11.31 -35.72 35.23
CA GLU A 348 11.15 -34.28 35.08
C GLU A 348 11.78 -33.49 36.22
N GLN A 349 12.06 -34.10 37.37
CA GLN A 349 12.80 -33.43 38.45
C GLN A 349 14.30 -33.33 38.17
N SER A 350 14.81 -34.11 37.23
CA SER A 350 16.24 -34.15 36.95
C SER A 350 16.62 -33.59 35.60
N SER A 351 15.68 -33.60 34.66
CA SER A 351 15.92 -33.18 33.29
C SER A 351 15.98 -31.66 33.21
N ALA A 352 16.37 -31.17 32.03
CA ALA A 352 16.30 -29.76 31.77
C ALA A 352 15.67 -29.54 30.40
N TRP A 353 15.51 -28.25 30.07
CA TRP A 353 14.92 -27.77 28.85
C TRP A 353 15.87 -26.74 28.26
N VAL A 354 15.78 -26.55 26.95
CA VAL A 354 16.56 -25.50 26.27
C VAL A 354 15.62 -24.79 25.32
N ALA A 355 15.70 -23.47 25.30
CA ALA A 355 15.00 -22.67 24.31
C ALA A 355 16.00 -21.72 23.65
N THR A 356 15.79 -21.44 22.35
CA THR A 356 16.58 -20.43 21.65
C THR A 356 15.70 -19.19 21.41
N THR A 357 16.36 -18.04 21.28
CA THR A 357 15.65 -16.77 21.35
C THR A 357 16.33 -15.77 20.43
N PRO A 358 15.68 -14.63 20.18
CA PRO A 358 16.34 -13.52 19.50
C PRO A 358 17.61 -13.12 20.24
N PRO A 359 18.46 -12.31 19.62
CA PRO A 359 19.65 -11.86 20.33
C PRO A 359 19.28 -10.84 21.39
N ASP A 360 20.16 -10.72 22.38
CA ASP A 360 20.12 -9.67 23.38
C ASP A 360 21.05 -8.56 22.88
N TYR A 361 20.50 -7.44 22.42
CA TYR A 361 21.32 -6.36 21.89
C TYR A 361 21.79 -5.38 22.96
N ALA A 362 21.45 -5.59 24.24
CA ALA A 362 22.10 -4.89 25.35
C ALA A 362 22.23 -5.87 26.51
N PRO A 363 23.25 -6.74 26.47
CA PRO A 363 23.36 -7.80 27.47
C PRO A 363 23.59 -7.31 28.89
N GLN A 364 24.09 -6.07 29.06
CA GLN A 364 24.35 -5.50 30.37
C GLN A 364 23.19 -4.67 30.90
N ILE A 365 22.12 -4.56 30.14
CA ILE A 365 20.94 -3.83 30.58
C ILE A 365 19.85 -4.87 30.85
N GLU A 366 19.53 -5.08 32.09
CA GLU A 366 18.60 -6.10 32.53
C GLU A 366 17.16 -5.60 32.39
N PRO A 367 16.26 -6.40 31.85
CA PRO A 367 14.83 -6.03 31.89
C PRO A 367 14.39 -5.75 33.32
N ILE A 368 13.42 -4.83 33.45
CA ILE A 368 13.01 -4.37 34.79
C ILE A 368 12.39 -5.52 35.59
N VAL A 369 11.48 -6.26 34.97
CA VAL A 369 10.98 -7.52 35.49
C VAL A 369 11.47 -8.62 34.54
N THR A 370 12.01 -9.70 35.09
CA THR A 370 12.69 -10.71 34.30
C THR A 370 11.93 -12.04 34.33
N MET A 371 12.31 -12.95 33.43
CA MET A 371 11.63 -14.25 33.41
C MET A 371 11.87 -14.99 34.71
N TYR A 372 13.06 -14.84 35.30
CA TYR A 372 13.28 -15.39 36.62
C TYR A 372 12.28 -14.83 37.62
N ASP A 373 12.05 -13.52 37.61
CA ASP A 373 10.98 -12.96 38.44
C ASP A 373 9.62 -13.60 38.15
N MET A 374 9.37 -14.00 36.90
CA MET A 374 8.11 -14.67 36.61
C MET A 374 8.03 -16.02 37.32
N VAL A 375 9.13 -16.75 37.38
CA VAL A 375 9.20 -18.01 38.11
C VAL A 375 8.96 -17.77 39.59
N SER A 376 9.59 -16.73 40.14
CA SER A 376 9.39 -16.44 41.55
C SER A 376 7.93 -16.13 41.81
N GLY A 377 7.36 -15.22 41.02
CA GLY A 377 5.98 -14.83 41.25
C GLY A 377 4.99 -15.95 41.02
N ALA A 378 5.32 -16.90 40.15
CA ALA A 378 4.35 -17.92 39.79
C ALA A 378 3.93 -18.80 40.97
N ALA A 379 4.73 -18.86 42.04
CA ALA A 379 4.47 -19.77 43.15
C ALA A 379 3.76 -19.11 44.32
N LEU A 380 3.50 -17.79 44.28
CA LEU A 380 2.79 -17.07 45.33
C LEU A 380 1.32 -16.86 44.96
N LYS A 381 0.45 -16.98 45.97
CA LYS A 381 -0.95 -16.62 45.82
C LYS A 381 -1.17 -15.16 46.21
N GLU A 382 -1.88 -14.41 45.35
CA GLU A 382 -2.02 -12.97 45.59
C GLU A 382 -2.57 -12.67 46.98
N GLN A 383 -3.41 -13.56 47.52
CA GLN A 383 -4.05 -13.29 48.81
C GLN A 383 -3.02 -13.15 49.93
N ASP A 384 -1.91 -13.89 49.86
CA ASP A 384 -0.89 -13.97 50.90
C ASP A 384 0.31 -13.05 50.67
N LEU A 385 0.20 -12.07 49.77
CA LEU A 385 1.36 -11.22 49.52
C LEU A 385 1.67 -10.34 50.73
N ASP A 386 0.67 -9.97 51.50
CA ASP A 386 0.91 -9.13 52.68
C ASP A 386 1.62 -9.88 53.81
N ASN A 387 1.77 -11.20 53.71
CA ASN A 387 2.63 -11.92 54.64
C ASN A 387 4.06 -12.07 54.13
N LEU A 388 4.41 -11.33 53.08
CA LEU A 388 5.74 -11.34 52.50
C LEU A 388 6.68 -10.47 53.30
N THR A 389 7.88 -10.96 53.55
CA THR A 389 8.90 -10.15 54.20
C THR A 389 9.83 -9.52 53.15
N THR A 390 10.29 -8.32 53.44
CA THR A 390 11.00 -7.49 52.47
C THR A 390 12.31 -7.01 53.08
N GLN A 391 13.42 -7.29 52.41
CA GLN A 391 14.66 -6.55 52.62
C GLN A 391 14.80 -5.51 51.54
N PHE A 392 15.79 -4.63 51.71
CA PHE A 392 16.03 -3.63 50.66
C PHE A 392 16.57 -4.27 49.39
N SER A 393 17.30 -5.37 49.50
CA SER A 393 17.72 -6.02 48.27
C SER A 393 16.55 -6.60 47.48
N ASP A 394 15.36 -6.71 48.07
CA ASP A 394 14.21 -7.13 47.28
C ASP A 394 13.65 -5.99 46.44
N VAL A 395 14.05 -4.76 46.73
CA VAL A 395 13.52 -3.59 46.07
C VAL A 395 14.54 -2.95 45.15
N PHE A 396 15.82 -3.16 45.38
CA PHE A 396 16.87 -2.47 44.66
C PHE A 396 16.91 -2.86 43.19
N PRO A 397 16.62 -4.12 42.83
CA PRO A 397 16.61 -4.45 41.39
C PRO A 397 15.67 -3.58 40.57
N ILE A 398 14.49 -3.27 41.11
CA ILE A 398 13.56 -2.38 40.40
C ILE A 398 14.15 -0.99 40.26
N LEU A 399 14.77 -0.48 41.32
CA LEU A 399 15.31 0.87 41.22
C LEU A 399 16.50 0.92 40.25
N TYR A 400 17.41 -0.07 40.37
CA TYR A 400 18.63 -0.14 39.59
C TYR A 400 18.32 -0.43 38.12
N ARG A 401 17.47 -1.42 37.86
CA ARG A 401 17.12 -1.72 36.48
C ARG A 401 16.45 -0.53 35.82
N LEU A 402 15.49 0.10 36.50
CA LEU A 402 14.87 1.29 35.92
C LEU A 402 15.91 2.36 35.63
N TYR A 403 16.87 2.56 36.55
CA TYR A 403 17.90 3.56 36.35
C TYR A 403 18.71 3.25 35.09
N ARG A 404 18.97 1.97 34.84
CA ARG A 404 19.81 1.65 33.71
C ARG A 404 19.06 1.62 32.39
N MET A 405 17.73 1.78 32.40
CA MET A 405 17.04 1.84 31.12
C MET A 405 17.42 3.08 30.33
N GLN A 406 18.08 4.05 30.98
CA GLN A 406 18.44 5.29 30.30
C GLN A 406 19.34 5.04 29.10
N TRP A 407 20.10 3.96 29.09
CA TRP A 407 21.00 3.70 27.97
C TRP A 407 20.30 3.13 26.74
N VAL A 408 18.99 2.90 26.78
CA VAL A 408 18.30 2.23 25.66
C VAL A 408 16.92 2.83 25.49
N ASN A 409 16.59 3.87 26.24
CA ASN A 409 15.23 4.38 26.16
C ASN A 409 15.21 5.87 26.49
N GLN A 410 14.83 6.71 25.53
CA GLN A 410 14.84 8.15 25.80
C GLN A 410 14.05 8.50 27.06
N ALA A 411 12.84 7.96 27.20
CA ALA A 411 11.99 8.32 28.32
C ALA A 411 12.70 8.13 29.66
N ASP A 412 13.48 7.04 29.82
CA ASP A 412 14.19 6.77 31.07
C ASP A 412 15.50 7.52 31.19
N PHE A 413 15.84 8.35 30.21
CA PHE A 413 17.00 9.23 30.32
C PHE A 413 16.61 10.67 30.55
N THR A 414 15.53 11.16 29.94
CA THR A 414 15.15 12.55 30.06
C THR A 414 13.73 12.78 30.54
N ASP A 415 12.92 11.74 30.80
CA ASP A 415 11.50 11.96 31.10
C ASP A 415 11.02 11.19 32.34
N ASN A 416 11.92 10.73 33.20
CA ASN A 416 11.59 9.82 34.28
C ASN A 416 11.94 10.45 35.62
N ALA A 417 10.93 10.98 36.33
CA ALA A 417 11.19 11.71 37.59
C ALA A 417 11.86 10.85 38.66
N VAL A 418 11.78 9.52 38.59
CA VAL A 418 12.47 8.70 39.59
C VAL A 418 13.96 8.57 39.27
N ASN A 419 14.30 8.45 37.98
CA ASN A 419 15.73 8.38 37.64
C ASN A 419 16.41 9.71 37.91
N THR A 420 15.68 10.82 37.79
CA THR A 420 16.29 12.10 38.10
C THR A 420 16.48 12.24 39.61
N GLN A 421 15.52 11.78 40.40
CA GLN A 421 15.71 11.85 41.84
C GLN A 421 16.88 10.96 42.27
N ILE A 422 17.09 9.84 41.59
CA ILE A 422 18.25 9.01 41.93
C ILE A 422 19.55 9.73 41.59
N ARG A 423 19.58 10.44 40.45
CA ARG A 423 20.76 11.23 40.09
C ARG A 423 20.96 12.39 41.05
N GLU A 424 19.87 12.93 41.60
CA GLU A 424 19.96 13.94 42.64
C GLU A 424 20.68 13.38 43.86
N LEU A 425 20.18 12.24 44.38
CA LEU A 425 20.80 11.63 45.54
C LEU A 425 22.27 11.33 45.29
N ASN A 426 22.57 10.67 44.16
CA ASN A 426 23.95 10.32 43.86
C ASN A 426 24.85 11.54 43.83
N SER A 427 24.29 12.72 43.51
CA SER A 427 25.12 13.90 43.33
C SER A 427 25.54 14.48 44.67
N GLU A 428 24.96 13.99 45.75
CA GLU A 428 25.36 14.36 47.11
C GLU A 428 25.74 13.13 47.92
N LEU A 429 26.11 12.03 47.26
CA LEU A 429 26.39 10.75 47.92
C LEU A 429 25.34 10.42 48.98
N GLY A 430 24.08 10.78 48.69
CA GLY A 430 22.96 10.57 49.59
C GLY A 430 22.11 9.35 49.32
N PHE A 431 22.57 8.44 48.46
CA PHE A 431 21.66 7.37 48.06
C PHE A 431 21.25 6.50 49.23
N ALA A 432 22.10 6.38 50.25
CA ALA A 432 21.76 5.49 51.34
C ALA A 432 20.54 5.96 52.11
N GLN A 433 20.12 7.21 51.94
CA GLN A 433 18.84 7.63 52.48
C GLN A 433 17.72 6.65 52.13
N LEU A 434 17.72 6.12 50.90
CA LEU A 434 16.64 5.20 50.51
C LEU A 434 16.61 3.94 51.38
N LEU A 435 17.75 3.51 51.92
CA LEU A 435 17.79 2.31 52.77
C LEU A 435 17.39 2.59 54.21
N ASP A 436 16.94 3.81 54.52
CA ASP A 436 16.47 4.23 55.83
C ASP A 436 15.03 3.78 56.05
N ASN A 437 14.81 2.89 57.01
CA ASN A 437 13.44 2.42 57.26
C ASN A 437 12.74 3.19 58.37
N SER A 438 13.42 4.13 59.02
CA SER A 438 12.80 4.92 60.08
C SER A 438 11.83 5.95 59.47
N ALA A 439 11.08 6.61 60.36
CA ALA A 439 10.02 7.48 59.88
C ALA A 439 10.54 8.80 59.33
N SER A 440 11.81 9.14 59.57
CA SER A 440 12.32 10.39 59.01
C SER A 440 12.57 10.30 57.51
N ALA A 441 12.49 9.10 56.93
CA ALA A 441 12.67 8.93 55.49
C ALA A 441 11.41 8.44 54.79
N LYS A 442 10.30 8.29 55.53
CA LYS A 442 9.09 7.74 54.94
C LYS A 442 8.53 8.65 53.84
N SER A 443 8.58 9.97 54.03
CA SER A 443 8.20 10.87 52.94
C SER A 443 9.04 10.58 51.69
N LEU A 444 10.37 10.49 51.87
CA LEU A 444 11.29 10.13 50.81
C LEU A 444 10.86 8.87 50.09
N ARG A 445 10.61 7.80 50.84
CA ARG A 445 10.28 6.51 50.22
C ARG A 445 8.92 6.55 49.52
N GLU A 446 7.93 7.22 50.12
CA GLU A 446 6.59 7.21 49.55
C GLU A 446 6.53 8.01 48.25
N GLY A 447 7.24 9.14 48.19
CA GLY A 447 7.30 9.89 46.95
C GLY A 447 7.74 9.06 45.76
N ILE A 448 8.67 8.13 45.98
CA ILE A 448 9.15 7.32 44.87
C ILE A 448 8.20 6.17 44.61
N PHE A 449 7.71 5.54 45.67
CA PHE A 449 6.76 4.46 45.51
C PHE A 449 5.46 4.94 44.86
N ASN A 450 4.98 6.13 45.23
CA ASN A 450 3.70 6.56 44.67
C ASN A 450 3.72 6.81 43.17
N GLN A 451 4.89 6.83 42.52
CA GLN A 451 4.95 7.03 41.08
C GLN A 451 4.78 5.74 40.29
N PHE A 452 4.68 4.59 40.95
CA PHE A 452 4.61 3.32 40.24
C PHE A 452 3.19 2.87 40.03
N ARG A 453 2.96 2.26 38.87
CA ARG A 453 1.67 1.64 38.56
C ARG A 453 1.43 0.46 39.48
N ASN A 454 0.24 0.39 40.00
CA ASN A 454 -0.17 -0.72 40.85
C ASN A 454 -0.72 -1.85 39.97
N PRO A 455 -0.17 -3.06 40.06
CA PRO A 455 -0.66 -4.18 39.25
C PRO A 455 -2.01 -4.75 39.71
N LEU A 456 -2.69 -4.11 40.66
CA LEU A 456 -4.12 -4.31 40.81
C LEU A 456 -4.88 -3.63 39.68
N PHE A 457 -4.29 -2.64 39.03
CA PHE A 457 -4.92 -1.95 37.93
C PHE A 457 -6.25 -1.35 38.34
N ASP A 458 -6.38 -1.02 39.62
CA ASP A 458 -7.53 -0.31 40.14
C ASP A 458 -7.25 1.13 40.54
N GLN A 459 -6.01 1.60 40.45
CA GLN A 459 -5.81 3.04 40.62
C GLN A 459 -6.12 3.79 39.33
N ASP A 460 -6.36 5.09 39.47
CA ASP A 460 -6.55 6.01 38.34
C ASP A 460 -7.55 5.46 37.33
N ILE A 461 -8.74 5.13 37.82
CA ILE A 461 -9.83 4.65 37.01
C ILE A 461 -11.14 5.19 37.54
N ASP A 462 -12.09 5.37 36.63
CA ASP A 462 -13.47 5.67 36.94
C ASP A 462 -14.31 4.49 36.47
N VAL A 463 -15.12 3.93 37.37
CA VAL A 463 -15.97 2.79 37.03
C VAL A 463 -17.13 3.30 36.16
N ASP A 464 -17.11 2.92 34.87
CA ASP A 464 -18.17 3.26 33.92
C ASP A 464 -19.33 2.29 34.07
N ASP A 465 -20.55 2.84 34.02
CA ASP A 465 -21.78 2.06 34.04
C ASP A 465 -21.77 0.92 35.07
N PRO A 466 -21.70 1.23 36.36
CA PRO A 466 -21.63 0.15 37.37
C PRO A 466 -22.90 -0.68 37.39
N GLY A 467 -22.74 -2.00 37.40
CA GLY A 467 -23.84 -2.93 37.44
C GLY A 467 -24.30 -3.45 36.09
N GLN A 468 -24.20 -2.63 35.04
CA GLN A 468 -24.59 -3.06 33.70
C GLN A 468 -23.52 -3.95 33.08
N SER A 469 -23.94 -4.72 32.07
CA SER A 469 -22.98 -5.48 31.26
C SER A 469 -21.95 -4.57 30.58
N SER A 470 -22.30 -3.29 30.40
CA SER A 470 -21.45 -2.17 30.06
C SER A 470 -20.44 -1.81 31.17
N ASN A 471 -20.43 -2.54 32.28
CA ASN A 471 -19.48 -2.26 33.35
C ASN A 471 -18.06 -2.28 32.81
N GLU A 472 -17.25 -1.32 33.25
CA GLU A 472 -15.92 -1.15 32.70
C GLU A 472 -15.09 -0.22 33.58
N TRP A 473 -13.85 -0.63 33.87
CA TRP A 473 -12.84 0.22 34.51
C TRP A 473 -12.13 1.06 33.43
N VAL A 474 -12.42 2.36 33.38
CA VAL A 474 -11.87 3.25 32.36
C VAL A 474 -10.74 4.08 32.96
N SER A 475 -9.52 3.87 32.48
CA SER A 475 -8.39 4.66 32.93
C SER A 475 -8.64 6.17 32.74
N ASN A 476 -8.37 6.97 33.77
CA ASN A 476 -8.39 8.42 33.65
C ASN A 476 -6.99 9.00 33.49
N SER A 477 -6.00 8.14 33.29
CA SER A 477 -4.66 8.52 32.91
C SER A 477 -4.54 8.56 31.38
N ARG A 478 -3.31 8.58 30.87
CA ARG A 478 -3.06 8.66 29.45
C ARG A 478 -3.28 7.30 28.82
N ILE A 479 -4.11 7.27 27.78
CA ILE A 479 -4.35 6.03 27.05
C ILE A 479 -3.38 5.96 25.88
N ILE A 480 -3.28 4.76 25.31
CA ILE A 480 -2.51 4.52 24.10
C ILE A 480 -3.50 4.24 22.97
N PRO A 481 -3.71 5.18 22.07
CA PRO A 481 -4.77 5.01 21.08
C PRO A 481 -4.45 3.91 20.11
N SER A 482 -5.52 3.38 19.54
CA SER A 482 -5.41 2.50 18.39
C SER A 482 -5.04 3.33 17.15
N LYS A 483 -4.43 2.67 16.16
CA LYS A 483 -4.18 3.39 14.93
C LYS A 483 -5.47 3.78 14.25
N ASP A 484 -6.59 3.11 14.57
CA ASP A 484 -7.90 3.35 13.94
C ASP A 484 -8.55 4.58 14.56
N GLU A 485 -8.21 5.77 14.02
CA GLU A 485 -8.50 7.03 14.67
C GLU A 485 -9.95 7.46 14.45
N THR A 486 -10.46 8.22 15.40
CA THR A 486 -11.81 8.76 15.33
C THR A 486 -11.68 10.24 15.61
N ASN A 487 -12.13 11.07 14.65
CA ASN A 487 -11.97 12.52 14.83
C ASN A 487 -13.05 13.05 15.78
N ILE A 488 -12.98 12.54 17.01
CA ILE A 488 -13.69 13.07 18.16
C ILE A 488 -12.66 13.33 19.26
N ALA A 489 -12.81 14.47 19.94
CA ALA A 489 -11.85 14.91 20.96
C ALA A 489 -11.66 13.85 22.03
N ALA A 490 -10.41 13.61 22.43
CA ALA A 490 -10.12 12.64 23.47
C ALA A 490 -10.54 13.17 24.84
N LYS A 491 -10.93 12.25 25.72
CA LYS A 491 -11.24 12.65 27.09
C LYS A 491 -9.96 13.08 27.80
N PRO A 492 -9.95 14.26 28.43
CA PRO A 492 -8.74 14.72 29.13
C PRO A 492 -8.30 13.79 30.25
N ALA A 493 -6.99 13.59 30.37
CA ALA A 493 -6.46 12.82 31.49
C ALA A 493 -6.40 13.68 32.75
N THR A 494 -6.93 13.13 33.85
CA THR A 494 -6.91 13.84 35.14
C THR A 494 -5.83 13.33 36.08
N SER A 495 -5.40 12.10 35.91
CA SER A 495 -4.40 11.47 36.75
C SER A 495 -3.08 11.38 36.00
N SER A 496 -1.99 11.26 36.74
CA SER A 496 -0.70 11.27 36.06
C SER A 496 -0.31 9.85 35.63
N LEU A 497 0.55 9.81 34.61
CA LEU A 497 1.01 8.54 34.06
C LEU A 497 2.01 7.90 35.02
N LYS A 498 1.67 6.72 35.50
CA LYS A 498 2.55 5.98 36.40
C LYS A 498 3.63 5.24 35.61
N LEU A 499 4.72 4.94 36.27
CA LEU A 499 5.90 4.23 35.79
C LEU A 499 5.76 2.72 36.00
N PRO A 500 6.42 1.93 35.14
CA PRO A 500 7.25 2.44 34.05
C PRO A 500 6.44 2.76 32.80
N PHE A 501 7.02 3.53 31.89
CA PHE A 501 6.24 3.98 30.76
C PHE A 501 6.30 2.97 29.61
N TYR A 502 5.96 1.70 29.88
CA TYR A 502 6.02 0.69 28.84
C TYR A 502 4.65 0.07 28.57
N PRO A 503 4.30 -0.21 27.30
CA PRO A 503 3.03 -0.87 26.99
C PRO A 503 2.96 -2.24 27.62
N ASN A 504 1.75 -2.78 27.68
CA ASN A 504 1.49 -4.00 28.42
C ASN A 504 0.56 -4.92 27.62
N ASP A 505 0.27 -6.09 28.20
CA ASP A 505 -0.57 -7.10 27.56
C ASP A 505 -1.92 -6.57 27.12
N GLY A 506 -2.39 -5.46 27.67
CA GLY A 506 -3.74 -5.01 27.35
C GLY A 506 -3.77 -3.90 26.34
N ILE A 507 -2.66 -3.71 25.62
CA ILE A 507 -2.51 -2.57 24.73
C ILE A 507 -3.66 -2.46 23.73
N ASP A 508 -4.19 -3.59 23.26
CA ASP A 508 -5.22 -3.56 22.21
C ASP A 508 -6.49 -2.80 22.62
N TYR A 509 -6.64 -2.42 23.90
CA TYR A 509 -7.88 -1.83 24.41
C TYR A 509 -7.66 -0.42 24.94
N PRO A 510 -7.74 0.59 24.10
CA PRO A 510 -7.62 1.97 24.61
C PRO A 510 -8.61 2.19 25.77
N GLY A 511 -8.10 2.76 26.85
CA GLY A 511 -8.83 2.99 28.06
C GLY A 511 -8.58 1.97 29.14
N SER A 512 -8.19 0.77 28.77
CA SER A 512 -7.92 -0.25 29.76
C SER A 512 -6.71 0.13 30.60
N PRO A 513 -6.76 -0.06 31.92
CA PRO A 513 -5.56 0.19 32.74
C PRO A 513 -4.40 -0.73 32.40
N VAL A 514 -4.67 -1.83 31.71
CA VAL A 514 -3.66 -2.86 31.48
C VAL A 514 -2.93 -2.57 30.18
N GLN A 515 -3.26 -1.44 29.55
CA GLN A 515 -2.48 -0.94 28.42
C GLN A 515 -1.05 -0.62 28.82
N TRP A 516 -0.85 -0.28 30.10
CA TRP A 516 0.44 0.13 30.61
C TRP A 516 1.01 -0.92 31.56
N PHE A 517 2.33 -1.10 31.49
CA PHE A 517 3.00 -2.14 32.26
C PHE A 517 3.08 -1.78 33.74
N ALA A 518 2.83 -2.77 34.57
CA ALA A 518 3.03 -2.63 36.00
C ALA A 518 3.95 -3.76 36.47
N ILE A 519 4.89 -3.46 37.37
CA ILE A 519 5.68 -4.55 37.93
C ILE A 519 4.72 -5.54 38.61
N PRO A 520 5.08 -6.81 38.73
CA PRO A 520 4.08 -7.83 39.13
C PRO A 520 3.70 -7.71 40.61
N PRO A 521 2.55 -8.25 41.00
CA PRO A 521 2.04 -7.99 42.36
C PRO A 521 3.06 -8.23 43.48
N PHE A 522 3.78 -9.36 43.47
CA PHE A 522 4.77 -9.60 44.52
C PHE A 522 5.87 -8.54 44.48
N MET A 523 6.33 -8.13 43.30
CA MET A 523 7.38 -7.13 43.33
C MET A 523 6.86 -5.75 43.71
N TYR A 524 5.59 -5.45 43.44
CA TYR A 524 5.01 -4.20 43.94
C TYR A 524 4.76 -4.28 45.44
N GLN A 525 4.46 -5.48 45.96
CA GLN A 525 4.36 -5.70 47.40
C GLN A 525 5.66 -5.35 48.12
N HIS A 526 6.80 -5.85 47.63
CA HIS A 526 8.10 -5.43 48.17
C HIS A 526 8.20 -3.91 48.16
N LEU A 527 7.80 -3.28 47.06
CA LEU A 527 7.87 -1.84 46.96
C LEU A 527 6.93 -1.15 47.94
N GLN A 528 5.76 -1.76 48.18
CA GLN A 528 4.82 -1.24 49.18
C GLN A 528 5.39 -1.33 50.60
N ASN A 529 6.04 -2.45 50.91
CA ASN A 529 6.62 -2.60 52.23
C ASN A 529 7.76 -1.62 52.40
N TRP A 530 8.54 -1.43 51.36
CA TRP A 530 9.61 -0.46 51.41
C TRP A 530 9.06 0.91 51.77
N ALA A 531 8.02 1.35 51.07
CA ALA A 531 7.45 2.66 51.36
C ALA A 531 7.01 2.75 52.81
N ALA A 532 6.30 1.72 53.29
CA ALA A 532 5.78 1.73 54.65
C ALA A 532 6.88 1.93 55.68
N GLY A 533 8.09 1.49 55.38
CA GLY A 533 9.13 1.32 56.37
C GLY A 533 9.23 -0.09 56.88
N ASP A 534 8.51 -1.03 56.27
CA ASP A 534 8.41 -2.43 56.65
C ASP A 534 9.55 -3.28 56.09
N PHE A 535 10.81 -2.85 56.16
CA PHE A 535 11.88 -3.63 55.53
C PHE A 535 13.13 -3.59 56.39
N SER A 536 13.95 -4.60 56.23
CA SER A 536 15.25 -4.68 56.87
C SER A 536 16.37 -4.48 55.86
N VAL A 537 17.55 -4.15 56.37
CA VAL A 537 18.72 -3.91 55.56
C VAL A 537 19.92 -3.93 56.49
N THR A 538 21.03 -4.49 56.02
CA THR A 538 22.18 -4.56 56.90
C THR A 538 22.97 -3.26 56.84
N GLN A 539 23.67 -2.99 57.94
CA GLN A 539 24.55 -1.84 58.00
C GLN A 539 25.59 -1.90 56.89
N VAL A 540 26.12 -3.09 56.61
CA VAL A 540 27.19 -3.16 55.64
C VAL A 540 26.68 -2.80 54.25
N GLU A 541 25.38 -2.99 53.99
CA GLU A 541 24.79 -2.48 52.76
C GLU A 541 24.74 -0.96 52.78
N LYS A 542 24.39 -0.38 53.94
CA LYS A 542 24.31 1.06 54.04
C LYS A 542 25.66 1.72 53.71
N GLU A 543 26.76 1.11 54.14
CA GLU A 543 28.08 1.72 53.99
C GLU A 543 28.66 1.55 52.60
N SER A 544 28.06 0.70 51.76
CA SER A 544 28.39 0.61 50.35
C SER A 544 27.35 1.28 49.46
N ALA A 545 26.53 2.18 50.02
CA ALA A 545 25.35 2.66 49.32
C ALA A 545 25.36 4.17 49.10
N ASN A 546 26.54 4.77 49.00
CA ASN A 546 26.58 6.21 48.86
C ASN A 546 26.13 6.65 47.48
N THR A 547 26.33 5.82 46.46
CA THR A 547 25.65 5.97 45.18
C THR A 547 25.07 4.62 44.76
N ILE A 548 24.09 4.68 43.85
CA ILE A 548 23.41 3.47 43.38
C ILE A 548 24.39 2.54 42.67
N GLU A 549 25.45 3.09 42.08
CA GLU A 549 26.44 2.25 41.42
C GLU A 549 27.32 1.54 42.44
N GLU A 550 27.69 2.25 43.50
CA GLU A 550 28.39 1.59 44.60
C GLU A 550 27.60 0.40 45.12
N LEU A 551 26.28 0.58 45.36
CA LEU A 551 25.49 -0.48 45.96
C LEU A 551 25.27 -1.65 45.00
N GLY A 552 25.09 -1.35 43.70
CA GLY A 552 24.95 -2.43 42.74
C GLY A 552 26.26 -3.17 42.55
N LEU A 553 27.36 -2.46 42.66
CA LEU A 553 28.66 -3.10 42.57
C LEU A 553 28.85 -4.09 43.71
N PHE A 554 28.40 -3.70 44.91
CA PHE A 554 28.49 -4.58 46.08
C PHE A 554 27.54 -5.78 45.95
N TYR A 555 26.26 -5.52 45.65
CA TYR A 555 25.33 -6.62 45.41
C TYR A 555 25.85 -7.58 44.35
N SER A 556 26.67 -7.09 43.42
CA SER A 556 27.21 -7.95 42.38
C SER A 556 28.31 -8.86 42.91
N GLU A 557 29.10 -8.38 43.87
CA GLU A 557 30.06 -9.26 44.56
C GLU A 557 29.34 -10.32 45.39
N GLN A 558 28.19 -9.99 45.99
CA GLN A 558 27.47 -10.99 46.76
C GLN A 558 27.03 -12.15 45.88
N PHE A 559 26.63 -11.86 44.63
CA PHE A 559 26.34 -12.93 43.67
C PHE A 559 27.59 -13.74 43.36
N LYS A 560 28.72 -13.05 43.17
CA LYS A 560 29.95 -13.76 42.85
C LYS A 560 30.28 -14.80 43.92
N ASN A 561 30.31 -14.39 45.18
CA ASN A 561 30.78 -15.27 46.23
C ASN A 561 29.69 -16.19 46.78
N SER A 562 28.47 -16.09 46.28
CA SER A 562 27.43 -16.99 46.75
C SER A 562 27.86 -18.43 46.49
N PRO A 563 27.71 -19.34 47.46
CA PRO A 563 28.25 -20.68 47.28
C PRO A 563 27.47 -21.57 46.32
N ASN A 564 26.19 -21.29 46.04
CA ASN A 564 25.34 -22.27 45.34
C ASN A 564 25.35 -21.98 43.84
N SER A 565 26.35 -22.54 43.15
CA SER A 565 26.51 -22.24 41.74
C SER A 565 25.39 -22.84 40.91
N ALA A 566 24.88 -24.01 41.30
CA ALA A 566 23.85 -24.64 40.48
C ALA A 566 22.58 -23.80 40.48
N LEU A 567 22.17 -23.30 41.65
CA LEU A 567 20.96 -22.48 41.66
C LEU A 567 21.21 -21.09 41.08
N LEU A 568 22.45 -20.59 41.17
CA LEU A 568 22.79 -19.32 40.53
C LEU A 568 22.77 -19.45 39.02
N CYS A 569 23.18 -20.59 38.48
CA CYS A 569 23.15 -20.67 37.03
C CYS A 569 21.74 -20.91 36.53
N ALA A 570 20.88 -21.53 37.32
CA ALA A 570 19.46 -21.57 36.97
C ALA A 570 18.86 -20.18 36.98
N ARG A 571 19.28 -19.34 37.92
CA ARG A 571 18.77 -17.97 37.93
C ARG A 571 19.39 -17.12 36.83
N GLY A 572 20.68 -17.27 36.55
CA GLY A 572 21.32 -16.44 35.55
C GLY A 572 20.79 -16.69 34.14
N ALA A 573 20.48 -17.95 33.83
CA ALA A 573 19.87 -18.27 32.55
C ALA A 573 18.61 -17.46 32.26
N LEU A 574 17.89 -17.03 33.30
CA LEU A 574 16.59 -16.38 33.09
C LEU A 574 16.56 -14.92 33.51
N ASP A 575 17.60 -14.42 34.16
CA ASP A 575 17.47 -13.07 34.66
C ASP A 575 17.71 -12.02 33.57
N ALA A 576 18.10 -12.44 32.37
CA ALA A 576 18.28 -11.52 31.24
C ALA A 576 17.13 -11.60 30.24
N LEU A 577 16.18 -12.51 30.46
CA LEU A 577 14.96 -12.61 29.68
C LEU A 577 13.85 -11.73 30.24
N TYR A 578 13.02 -11.18 29.35
CA TYR A 578 11.95 -10.28 29.74
C TYR A 578 10.80 -11.03 30.39
N GLY A 579 10.09 -10.35 31.28
CA GLY A 579 8.97 -10.94 32.00
C GLY A 579 7.74 -10.05 31.97
N GLY A 580 7.52 -9.41 30.82
CA GLY A 580 6.38 -8.53 30.58
C GLY A 580 6.86 -7.23 29.93
N GLY A 581 5.98 -6.62 29.13
CA GLY A 581 4.70 -7.18 28.75
C GLY A 581 4.83 -8.42 27.90
N PHE A 582 3.68 -8.98 27.51
CA PHE A 582 3.60 -10.30 26.88
C PHE A 582 2.68 -10.22 25.67
N HIS A 583 3.13 -9.56 24.60
CA HIS A 583 2.25 -9.39 23.47
C HIS A 583 2.93 -9.70 22.14
N PRO A 584 3.61 -10.85 22.01
CA PRO A 584 3.75 -11.92 23.02
C PRO A 584 4.97 -11.78 23.93
N GLY A 585 5.87 -10.90 23.56
CA GLY A 585 7.13 -10.75 24.25
C GLY A 585 8.29 -11.02 23.32
N VAL A 586 9.45 -11.26 23.92
CA VAL A 586 10.72 -11.32 23.19
C VAL A 586 11.23 -12.76 23.08
N GLU A 587 11.46 -13.41 24.22
CA GLU A 587 11.99 -14.77 24.22
C GLU A 587 10.93 -15.84 24.54
N LEU A 588 10.25 -15.74 25.66
CA LEU A 588 9.14 -16.61 26.01
C LEU A 588 7.93 -15.74 26.32
N THR A 589 6.78 -16.36 26.53
CA THR A 589 5.58 -15.56 26.77
C THR A 589 4.81 -16.09 27.97
N TRP A 590 3.50 -15.84 27.98
CA TRP A 590 2.72 -15.81 29.21
C TRP A 590 2.58 -17.15 29.94
N PRO A 591 2.62 -18.31 29.28
CA PRO A 591 2.51 -19.57 30.05
C PRO A 591 3.61 -19.70 31.09
N MET A 592 4.72 -18.97 30.91
CA MET A 592 5.80 -19.04 31.88
C MET A 592 5.44 -18.41 33.23
N ARG A 593 4.34 -17.70 33.35
CA ARG A 593 3.96 -17.08 34.61
C ARG A 593 2.95 -17.86 35.44
N HIS A 594 2.70 -19.05 35.04
CA HIS A 594 1.74 -19.89 35.74
C HIS A 594 2.47 -21.07 36.37
N ASN A 595 2.14 -21.34 37.64
CA ASN A 595 2.77 -22.48 38.30
C ASN A 595 2.47 -23.79 37.56
N LEU A 596 1.38 -23.83 36.79
CA LEU A 596 1.02 -25.03 36.07
C LEU A 596 2.13 -25.53 35.14
N ILE A 597 2.96 -24.63 34.59
CA ILE A 597 3.95 -25.07 33.61
C ILE A 597 5.19 -25.67 34.26
N TYR A 598 5.27 -25.69 35.59
CA TYR A 598 6.40 -26.28 36.29
C TYR A 598 5.99 -27.59 36.95
N SER A 599 6.89 -28.56 36.96
CA SER A 599 6.72 -29.72 37.80
C SER A 599 7.20 -29.47 39.23
N GLN A 600 7.90 -28.36 39.46
CA GLN A 600 8.57 -28.05 40.72
C GLN A 600 8.97 -26.57 40.74
N ASN A 601 8.69 -25.90 41.85
CA ASN A 601 8.95 -24.48 41.96
C ASN A 601 9.03 -24.05 43.43
N ASP A 602 10.17 -24.27 44.10
CA ASP A 602 10.30 -23.98 45.54
C ASP A 602 11.42 -23.00 45.85
N TYR A 603 11.16 -22.11 46.80
CA TYR A 603 12.21 -21.28 47.35
C TYR A 603 13.21 -22.15 48.11
N VAL A 604 14.51 -21.81 48.04
CA VAL A 604 15.45 -22.53 48.89
C VAL A 604 16.29 -21.63 49.77
N SER A 605 16.51 -20.36 49.38
CA SER A 605 17.39 -19.58 50.26
C SER A 605 17.62 -18.18 49.72
N SER A 606 18.11 -17.31 50.61
CA SER A 606 18.63 -16.01 50.19
C SER A 606 19.89 -16.23 49.34
N VAL A 607 20.27 -15.20 48.59
CA VAL A 607 21.52 -15.31 47.84
C VAL A 607 22.68 -15.39 48.82
N THR A 608 22.59 -14.65 49.90
CA THR A 608 23.50 -14.51 51.02
C THR A 608 22.74 -14.82 52.29
N PRO A 609 23.39 -15.34 53.33
CA PRO A 609 22.64 -15.55 54.57
C PRO A 609 21.99 -14.28 55.06
N GLU A 610 22.60 -13.12 54.82
CA GLU A 610 21.99 -11.90 55.30
C GLU A 610 21.27 -11.11 54.22
N ILE A 611 21.41 -11.48 52.94
CA ILE A 611 20.96 -10.62 51.86
C ILE A 611 20.17 -11.46 50.85
N ASN A 612 18.91 -11.06 50.61
CA ASN A 612 18.05 -11.91 49.80
C ASN A 612 18.26 -11.72 48.32
N LEU A 613 18.16 -10.47 47.84
CA LEU A 613 18.28 -10.15 46.41
C LEU A 613 17.29 -10.95 45.57
N LEU A 614 16.14 -11.33 46.16
CA LEU A 614 14.98 -11.95 45.53
C LEU A 614 15.05 -13.47 45.54
N GLY A 615 16.11 -14.06 46.05
CA GLY A 615 16.10 -15.47 46.41
C GLY A 615 16.73 -16.36 45.37
N LEU A 616 16.96 -17.60 45.79
CA LEU A 616 17.33 -18.69 44.90
C LEU A 616 16.28 -19.78 44.97
N ARG A 617 15.79 -20.21 43.80
CA ARG A 617 14.74 -21.21 43.70
C ARG A 617 15.27 -22.43 42.95
N GLU A 618 14.68 -23.57 43.25
CA GLU A 618 14.79 -24.76 42.44
C GLU A 618 13.46 -24.94 41.71
N PHE A 619 13.50 -24.99 40.40
CA PHE A 619 12.28 -25.10 39.62
C PHE A 619 12.56 -26.02 38.45
N ARG A 620 11.50 -26.59 37.92
CA ARG A 620 11.63 -27.47 36.77
C ARG A 620 10.33 -27.44 35.99
N LEU A 621 10.47 -27.63 34.68
CA LEU A 621 9.35 -27.62 33.76
C LEU A 621 8.60 -28.94 33.82
N LYS A 622 7.28 -28.88 33.77
CA LYS A 622 6.52 -30.08 33.45
C LYS A 622 6.89 -30.51 32.04
N GLN A 623 7.44 -31.71 31.89
CA GLN A 623 7.86 -32.19 30.58
C GLN A 623 7.09 -33.45 30.20
N ASP A 624 6.78 -33.56 28.91
CA ASP A 624 6.32 -34.81 28.36
C ASP A 624 7.51 -35.76 28.26
N LEU A 625 7.51 -36.82 29.08
CA LEU A 625 8.67 -37.71 29.12
C LEU A 625 8.92 -38.43 27.81
N GLN A 626 7.96 -38.39 26.89
CA GLN A 626 8.11 -39.03 25.59
C GLN A 626 8.65 -38.10 24.50
N GLY A 627 8.86 -36.82 24.80
CA GLY A 627 9.55 -35.92 23.89
C GLY A 627 8.93 -35.85 22.51
N LEU A 628 9.77 -35.93 21.47
CA LEU A 628 9.25 -35.85 20.12
C LEU A 628 8.25 -36.96 19.83
N ASN A 629 8.22 -38.00 20.64
CA ASN A 629 7.36 -39.15 20.39
C ASN A 629 6.04 -39.10 21.14
N SER A 630 5.69 -37.98 21.74
CA SER A 630 4.48 -37.97 22.55
C SER A 630 3.25 -37.99 21.65
N PRO A 631 2.19 -38.68 22.07
CA PRO A 631 0.91 -38.58 21.34
C PRO A 631 0.37 -37.18 21.28
N ASN A 632 0.90 -36.24 22.07
CA ASN A 632 0.48 -34.86 21.98
C ASN A 632 1.54 -33.99 21.32
N MET A 633 2.52 -34.60 20.67
CA MET A 633 3.50 -33.79 19.98
C MET A 633 2.83 -32.87 18.96
N TYR A 634 1.65 -33.23 18.44
CA TYR A 634 1.00 -32.49 17.38
C TYR A 634 -0.43 -32.06 17.71
N GLN A 635 -0.73 -31.79 18.99
CA GLN A 635 -2.11 -31.51 19.40
C GLN A 635 -2.47 -30.06 19.16
N ASP A 636 -3.76 -29.80 18.96
CA ASP A 636 -4.30 -28.44 18.93
C ASP A 636 -5.73 -28.50 19.47
N PHE A 637 -6.53 -27.47 19.18
CA PHE A 637 -7.90 -27.32 19.66
C PHE A 637 -8.93 -27.09 18.53
N GLY A 638 -8.64 -27.59 17.32
CA GLY A 638 -9.52 -27.29 16.19
C GLY A 638 -9.21 -25.94 15.54
N HIS A 639 -10.25 -25.30 15.00
CA HIS A 639 -10.08 -24.08 14.21
C HIS A 639 -9.69 -22.85 15.02
N VAL A 640 -9.93 -22.84 16.34
CA VAL A 640 -9.49 -21.74 17.19
C VAL A 640 -8.92 -22.26 18.48
N ILE A 641 -8.19 -21.40 19.15
CA ILE A 641 -7.84 -21.57 20.55
C ILE A 641 -8.48 -20.41 21.29
N ALA A 642 -8.91 -20.67 22.52
CA ALA A 642 -9.59 -19.64 23.29
C ALA A 642 -9.23 -19.82 24.76
N VAL A 643 -9.74 -18.93 25.60
CA VAL A 643 -9.41 -19.08 27.01
C VAL A 643 -10.12 -20.32 27.57
N ASP A 644 -11.24 -20.72 26.98
CA ASP A 644 -11.93 -21.93 27.43
C ASP A 644 -11.02 -23.15 27.37
N ASN A 645 -10.15 -23.22 26.36
CA ASN A 645 -9.25 -24.36 26.32
C ASN A 645 -8.20 -24.26 27.41
N VAL A 646 -7.86 -23.04 27.81
CA VAL A 646 -6.93 -22.88 28.93
C VAL A 646 -7.64 -23.23 30.23
N THR A 647 -8.86 -22.70 30.41
CA THR A 647 -9.65 -23.05 31.59
C THR A 647 -9.81 -24.57 31.72
N ALA A 648 -9.94 -25.27 30.60
CA ALA A 648 -10.05 -26.72 30.69
C ALA A 648 -8.70 -27.36 30.93
N SER A 649 -7.61 -26.67 30.60
CA SER A 649 -6.29 -27.21 30.86
C SER A 649 -6.04 -27.39 32.35
N ILE A 650 -6.68 -26.58 33.21
CA ILE A 650 -6.38 -26.66 34.64
C ILE A 650 -6.53 -28.07 35.15
N ASP A 651 -7.56 -28.79 34.67
CA ASP A 651 -7.82 -30.19 35.05
C ASP A 651 -6.83 -31.13 34.37
N PRO A 652 -5.99 -31.86 35.12
CA PRO A 652 -4.94 -32.65 34.48
C PRO A 652 -5.42 -33.95 33.83
N ASN A 653 -6.72 -34.26 33.86
CA ASN A 653 -7.24 -35.40 33.12
C ASN A 653 -8.01 -34.97 31.88
N SER A 654 -8.32 -33.68 31.80
CA SER A 654 -8.78 -32.99 30.61
C SER A 654 -8.12 -33.53 29.34
N ASP A 655 -8.81 -33.45 28.21
CA ASP A 655 -8.09 -33.58 26.95
C ASP A 655 -7.38 -32.28 26.57
N ALA A 656 -7.36 -31.27 27.45
CA ALA A 656 -6.60 -30.06 27.17
C ALA A 656 -5.34 -29.96 28.02
N ALA A 657 -5.15 -30.86 29.00
CA ALA A 657 -4.10 -30.68 30.00
C ALA A 657 -2.70 -30.76 29.40
N TRP A 658 -2.58 -31.28 28.18
CA TRP A 658 -1.28 -31.41 27.55
C TRP A 658 -0.62 -30.05 27.29
N LEU A 659 -1.41 -28.98 27.27
CA LEU A 659 -0.88 -27.62 27.10
C LEU A 659 0.25 -27.33 28.08
N TRP A 660 0.19 -27.87 29.29
CA TRP A 660 1.19 -27.59 30.30
C TRP A 660 2.29 -28.64 30.35
N ARG A 661 2.17 -29.72 29.59
CA ARG A 661 3.17 -30.79 29.65
C ARG A 661 4.04 -30.64 28.40
N SER A 662 5.05 -29.79 28.49
CA SER A 662 5.77 -29.35 27.28
C SER A 662 6.39 -30.50 26.54
N THR A 663 6.01 -30.66 25.28
CA THR A 663 6.81 -31.41 24.32
C THR A 663 7.69 -30.44 23.54
N PRO A 664 8.75 -30.94 22.91
CA PRO A 664 9.70 -30.06 22.24
C PRO A 664 8.98 -29.13 21.29
N GLY A 665 9.34 -27.85 21.32
CA GLY A 665 8.72 -26.79 20.55
C GLY A 665 7.54 -26.09 21.21
N ASP A 666 7.21 -26.40 22.46
CA ASP A 666 6.02 -25.81 23.06
C ASP A 666 6.28 -24.46 23.73
N LEU A 667 7.51 -24.16 24.14
CA LEU A 667 7.62 -22.83 24.75
C LEU A 667 7.67 -21.74 23.70
N THR A 668 8.34 -21.97 22.56
CA THR A 668 8.49 -20.88 21.58
C THR A 668 7.38 -20.83 20.52
N LYS A 669 6.55 -21.87 20.41
CA LYS A 669 5.50 -21.88 19.38
C LYS A 669 4.60 -20.66 19.46
N TRP A 670 4.42 -20.10 20.66
CA TRP A 670 3.53 -18.94 20.79
C TRP A 670 4.07 -17.70 20.08
N MET A 671 5.39 -17.60 19.93
CA MET A 671 6.00 -16.32 19.58
C MET A 671 5.81 -16.00 18.09
N GLY A 672 6.19 -14.78 17.72
CA GLY A 672 5.95 -14.30 16.37
C GLY A 672 6.76 -15.09 15.36
N ILE A 673 6.15 -15.35 14.21
CA ILE A 673 6.77 -16.07 13.11
C ILE A 673 6.84 -15.13 11.91
N PRO A 674 8.03 -14.81 11.40
CA PRO A 674 9.34 -15.09 11.97
C PRO A 674 9.60 -14.12 13.15
N TRP A 675 10.66 -14.33 13.88
CA TRP A 675 10.85 -13.51 15.07
C TRP A 675 11.32 -12.09 14.69
N GLN A 676 11.98 -11.94 13.54
CA GLN A 676 12.38 -10.61 13.09
C GLN A 676 11.17 -9.68 13.00
N SER A 677 10.00 -10.20 12.63
CA SER A 677 8.79 -9.39 12.61
C SER A 677 8.43 -8.92 14.02
N ASN A 678 8.56 -9.80 14.96
CA ASN A 678 8.22 -9.52 16.29
C ASN A 678 9.19 -8.55 16.88
N ALA A 679 10.45 -8.63 16.52
CA ALA A 679 11.47 -7.72 17.01
C ALA A 679 11.31 -6.33 16.41
N ALA A 680 10.90 -6.24 15.14
CA ALA A 680 10.73 -4.93 14.52
C ALA A 680 9.50 -4.21 15.06
N SER A 681 8.54 -4.97 15.61
CA SER A 681 7.38 -4.40 16.28
C SER A 681 7.67 -4.06 17.74
N CYS A 682 8.78 -4.53 18.28
CA CYS A 682 9.15 -4.35 19.68
C CYS A 682 9.88 -3.03 19.86
N GLN A 683 9.15 -1.94 19.66
CA GLN A 683 9.83 -0.65 19.67
C GLN A 683 8.99 0.42 20.36
N ALA A 684 8.97 1.64 19.83
CA ALA A 684 8.13 2.68 20.40
C ALA A 684 6.68 2.53 19.92
N VAL A 685 5.74 2.79 20.83
CA VAL A 685 4.32 3.00 20.53
C VAL A 685 4.05 4.47 20.82
N TYR A 686 3.97 5.30 19.78
CA TYR A 686 3.79 6.72 19.98
C TYR A 686 2.35 7.06 20.37
N THR A 687 2.21 8.05 21.24
CA THR A 687 0.96 8.61 21.70
C THR A 687 0.83 10.05 21.19
N PRO A 688 -0.40 10.59 21.15
CA PRO A 688 -0.57 11.98 20.65
C PRO A 688 0.33 12.98 21.36
N GLU A 689 0.64 12.75 22.63
CA GLU A 689 1.63 13.53 23.36
C GLU A 689 3.02 12.97 23.09
N ASP A 690 3.93 13.82 22.64
CA ASP A 690 5.24 13.30 22.27
C ASP A 690 5.92 12.61 23.44
N PHE A 691 5.75 13.12 24.66
CA PHE A 691 6.61 12.67 25.74
C PHE A 691 5.79 12.25 26.94
N PRO A 692 6.19 11.18 27.64
CA PRO A 692 7.32 10.30 27.31
C PRO A 692 6.97 9.29 26.20
N ILE A 693 7.95 8.70 25.55
CA ILE A 693 7.71 7.78 24.44
C ILE A 693 7.61 6.36 24.98
N PRO A 694 6.46 5.69 24.89
CA PRO A 694 6.37 4.32 25.40
C PRO A 694 7.16 3.38 24.53
N SER A 695 7.85 2.43 25.16
CA SER A 695 8.62 1.46 24.42
C SER A 695 8.40 0.09 25.06
N TRP A 696 8.37 -0.95 24.23
CA TRP A 696 8.01 -2.31 24.70
C TRP A 696 9.03 -2.97 25.64
N TRQ A 697 10.23 -3.19 25.12
CA TRQ A 697 11.16 -4.13 25.67
C TRQ A 697 12.65 -3.65 25.49
O TRQ A 697 13.53 -4.50 25.14
CB TRQ A 697 11.00 -5.51 25.01
CG TRQ A 697 9.67 -6.13 25.16
CD1 TRQ A 697 9.00 -6.35 26.39
NE1 TRQ A 697 7.79 -6.93 26.17
CE2 TRQ A 697 7.64 -7.12 24.82
CZ2 TRQ A 697 6.51 -7.71 24.16
CH2 TRQ A 697 6.64 -7.78 22.66
CZ3 TRQ A 697 7.85 -7.26 22.02
CE3 TRQ A 697 8.86 -6.72 22.73
CD2 TRQ A 697 8.79 -6.62 24.15
O6 TRQ A 697 5.71 -8.29 22.04
O7 TRQ A 697 5.51 -8.14 24.73
N ALA A 698 12.90 -2.37 25.76
CA ALA A 698 14.15 -1.71 25.37
C ALA A 698 15.43 -2.26 26.02
N ALA A 699 15.30 -3.01 27.12
CA ALA A 699 16.49 -3.62 27.69
C ALA A 699 17.12 -4.62 26.73
N ASN A 700 16.30 -5.34 25.95
CA ASN A 700 16.82 -6.35 25.04
C ASN A 700 16.70 -5.98 23.57
N LEU A 701 15.67 -5.22 23.19
CA LEU A 701 15.54 -4.61 21.87
C LEU A 701 15.48 -3.10 22.12
N PRO A 702 16.63 -2.42 22.09
CA PRO A 702 16.67 -1.00 22.49
C PRO A 702 15.80 -0.16 21.58
N VAL A 703 15.50 1.06 22.02
CA VAL A 703 14.70 1.96 21.23
C VAL A 703 15.45 3.26 20.93
N HIS A 704 16.16 3.80 21.92
CA HIS A 704 17.00 4.98 21.73
C HIS A 704 18.35 4.68 22.35
N VAL A 705 19.41 4.71 21.53
CA VAL A 705 20.73 4.23 21.90
C VAL A 705 21.75 5.34 21.72
N LEU A 706 22.88 5.18 22.42
CA LEU A 706 24.03 6.08 22.34
C LEU A 706 25.03 5.50 21.35
N PRO A 707 25.10 6.03 20.13
CA PRO A 707 25.86 5.36 19.06
C PRO A 707 27.35 5.65 19.16
N LEU A 708 28.12 4.77 18.54
CA LEU A 708 29.57 4.91 18.57
C LEU A 708 29.99 6.29 18.08
N ALA A 709 29.31 6.80 17.05
CA ALA A 709 29.65 8.11 16.50
C ALA A 709 29.69 9.18 17.59
N ARG A 710 28.71 9.17 18.51
CA ARG A 710 28.73 10.09 19.66
C ARG A 710 29.85 9.76 20.64
N TYR A 711 29.97 8.48 21.01
CA TYR A 711 31.03 8.10 21.93
C TYR A 711 32.36 8.69 21.50
N ASN A 712 32.64 8.66 20.20
CA ASN A 712 33.91 9.19 19.73
C ASN A 712 33.96 10.73 19.76
N LYS A 713 32.89 11.39 20.15
CA LYS A 713 32.94 12.83 20.35
C LYS A 713 32.79 13.25 21.82
N PHE A 714 32.63 12.31 22.77
CA PHE A 714 32.78 12.67 24.17
C PHE A 714 33.80 11.83 24.93
N LYS A 715 34.37 10.78 24.35
CA LYS A 715 35.23 9.90 25.14
C LYS A 715 36.49 10.60 25.65
N ASP A 716 36.93 11.66 24.99
CA ASP A 716 38.26 12.24 25.18
C ASP A 716 38.22 13.47 26.09
N SER A 717 39.23 13.61 26.92
CA SER A 717 39.39 14.87 27.64
C SER A 717 40.20 15.86 26.80
N GLN A 718 40.18 17.12 27.23
CA GLN A 718 40.85 18.17 26.48
C GLN A 718 42.36 17.99 26.45
N SER A 719 42.89 17.15 27.32
CA SER A 719 44.32 16.91 27.41
C SER A 719 44.74 15.62 26.72
N ALA A 720 43.82 14.93 26.07
CA ALA A 720 44.13 13.61 25.53
C ALA A 720 45.17 13.75 24.42
N ASP A 721 46.08 12.81 24.39
CA ASP A 721 47.05 12.80 23.37
C ASP A 721 46.68 12.14 22.07
N LEU A 722 45.97 12.86 21.24
CA LEU A 722 45.47 12.34 19.98
C LEU A 722 45.44 13.54 19.04
N PRO A 723 45.82 13.37 17.77
CA PRO A 723 45.72 14.50 16.83
C PRO A 723 44.29 14.98 16.63
N GLU A 724 43.30 14.11 16.88
CA GLU A 724 41.88 14.45 16.79
C GLU A 724 41.23 14.09 18.12
N ILE A 725 40.57 15.07 18.72
CA ILE A 725 40.02 14.92 20.06
C ILE A 725 38.50 15.14 19.98
N ASN A 726 37.72 14.09 20.25
CA ASN A 726 36.26 14.21 20.24
C ASN A 726 35.76 14.78 18.92
N GLY A 727 36.35 14.35 17.81
CA GLY A 727 35.92 14.82 16.51
C GLY A 727 36.45 16.16 16.05
N MET A 728 37.11 16.94 16.90
CA MET A 728 37.71 18.21 16.53
C MET A 728 39.20 18.02 16.27
N THR A 729 39.77 18.88 15.42
CA THR A 729 41.23 18.91 15.35
C THR A 729 41.81 19.25 16.72
N HIS A 730 43.01 18.73 16.98
CA HIS A 730 43.67 18.95 18.25
C HIS A 730 43.82 20.45 18.54
N SER A 731 44.21 21.23 17.54
CA SER A 731 44.23 22.68 17.66
C SER A 731 42.90 23.23 18.18
N ILE A 732 41.82 23.00 17.42
CA ILE A 732 40.52 23.57 17.80
C ILE A 732 40.14 23.13 19.21
N ALA A 733 40.49 21.89 19.58
CA ALA A 733 40.00 21.33 20.83
C ALA A 733 40.64 22.01 22.03
N GLN A 734 41.94 22.29 21.93
CA GLN A 734 42.64 22.95 23.01
C GLN A 734 42.52 24.46 22.97
N GLY A 735 42.01 25.01 21.87
CA GLY A 735 41.80 26.43 21.81
C GLY A 735 40.54 26.92 22.50
N MET A 736 39.56 26.04 22.69
CA MET A 736 38.37 26.48 23.39
C MET A 736 38.56 26.38 24.89
N SER A 737 37.73 27.11 25.64
CA SER A 737 37.79 27.03 27.09
C SER A 737 37.52 25.62 27.56
N GLU A 738 37.99 25.32 28.77
CA GLU A 738 37.63 24.06 29.38
C GLU A 738 36.11 23.94 29.57
N GLU A 739 35.44 25.04 29.91
CA GLU A 739 34.00 24.99 30.13
C GLU A 739 33.29 24.56 28.86
N THR A 740 33.63 25.20 27.75
CA THR A 740 32.97 24.91 26.49
C THR A 740 33.30 23.50 26.01
N PHE A 741 34.53 23.04 26.22
CA PHE A 741 34.90 21.69 25.82
C PHE A 741 34.06 20.67 26.55
N GLU A 742 33.91 20.83 27.87
CA GLU A 742 33.07 19.89 28.61
C GLU A 742 31.65 19.95 28.09
N HIS A 743 31.12 21.15 27.81
CA HIS A 743 29.75 21.25 27.33
C HIS A 743 29.58 20.45 26.04
N LEU A 744 30.52 20.60 25.10
CA LEU A 744 30.39 19.88 23.83
C LEU A 744 30.37 18.37 24.05
N ARG A 745 31.06 17.88 25.09
CA ARG A 745 30.92 16.48 25.47
C ARG A 745 29.47 16.15 25.81
N LEU A 746 28.91 16.84 26.81
CA LEU A 746 27.57 16.52 27.30
C LEU A 746 26.52 16.51 26.17
N GLU A 747 26.48 17.58 25.36
CA GLU A 747 25.56 17.61 24.23
C GLU A 747 25.70 16.37 23.38
N GLN A 748 26.94 15.90 23.20
CA GLN A 748 27.19 14.75 22.35
C GLN A 748 26.76 13.45 23.03
N PHE A 749 27.01 13.33 24.33
CA PHE A 749 26.50 12.23 25.14
C PHE A 749 24.98 12.16 25.09
N SER A 750 24.32 13.28 24.81
CA SER A 750 22.87 13.41 24.85
C SER A 750 22.20 13.06 23.53
N GLN A 751 22.95 12.96 22.42
CA GLN A 751 22.37 12.58 21.13
C GLN A 751 22.05 11.10 21.17
N ARG A 752 20.78 10.75 21.38
CA ARG A 752 20.37 9.35 21.35
C ARG A 752 19.64 9.06 20.04
N LEU A 753 19.97 7.93 19.43
CA LEU A 753 19.52 7.57 18.10
C LEU A 753 18.47 6.47 18.17
N ASP A 754 17.39 6.64 17.38
CA ASP A 754 16.44 5.56 17.16
C ASP A 754 17.18 4.29 16.83
N TRP A 755 17.02 3.28 17.68
CA TRP A 755 17.66 1.99 17.41
C TRP A 755 17.34 1.48 16.00
N LEU A 756 16.13 1.73 15.51
CA LEU A 756 15.70 1.22 14.20
C LEU A 756 16.51 1.82 13.07
N HIS A 757 17.14 2.98 13.30
CA HIS A 757 17.94 3.64 12.29
C HIS A 757 19.40 3.24 12.33
N THR A 758 19.74 2.19 13.06
CA THR A 758 21.15 1.81 13.16
C THR A 758 21.52 0.82 12.06
N ALA A 759 20.57 0.50 11.19
CA ALA A 759 20.79 -0.16 9.90
C ALA A 759 19.69 0.31 8.96
N ASP A 760 19.69 -0.23 7.73
CA ASP A 760 18.71 0.17 6.73
C ASP A 760 17.49 -0.73 6.92
N LEU A 761 16.49 -0.21 7.63
CA LEU A 761 15.24 -0.90 7.82
C LEU A 761 14.13 -0.33 6.94
N GLY A 762 14.49 0.15 5.75
CA GLY A 762 13.54 0.64 4.77
C GLY A 762 13.36 2.14 4.67
N PHE A 763 14.17 2.94 5.36
CA PHE A 763 14.05 4.41 5.39
C PHE A 763 15.22 5.12 4.71
N VAL A 764 16.15 4.39 4.18
CA VAL A 764 17.35 4.94 3.57
C VAL A 764 17.07 5.30 2.11
N GLY A 765 17.63 6.43 1.66
CA GLY A 765 17.57 6.78 0.26
C GLY A 765 16.41 7.74 -0.06
N TYR A 766 16.52 8.38 -1.19
CA TYR A 766 15.59 9.36 -1.61
C TYR A 766 14.15 8.83 -1.85
N HIS A 767 13.19 9.42 -1.20
CA HIS A 767 11.83 8.95 -1.24
C HIS A 767 11.64 7.55 -0.70
N ALA A 768 12.45 7.10 0.24
CA ALA A 768 12.24 5.81 0.88
C ALA A 768 11.00 5.86 1.78
N GLU A 769 10.17 4.83 1.69
CA GLU A 769 8.94 4.83 2.48
C GLU A 769 9.21 4.75 3.97
N GLY A 770 10.19 3.95 4.39
CA GLY A 770 10.30 3.71 5.80
C GLY A 770 9.00 3.12 6.34
N GLY A 771 8.66 3.51 7.58
CA GLY A 771 7.41 3.05 8.15
C GLY A 771 7.48 1.70 8.83
N TYR A 772 6.35 1.33 9.42
CA TYR A 772 6.30 0.17 10.32
C TYR A 772 6.55 -1.12 9.55
N THR A 773 5.73 -1.38 8.51
CA THR A 773 5.81 -2.62 7.74
C THR A 773 7.19 -2.83 7.15
N ASN A 774 7.74 -1.77 6.53
CA ASN A 774 9.06 -1.95 5.92
C ASN A 774 10.08 -2.35 6.97
N GLY A 775 9.97 -1.80 8.18
CA GLY A 775 10.78 -2.31 9.29
C GLY A 775 10.60 -3.79 9.55
N LEU A 776 9.36 -4.26 9.58
CA LEU A 776 9.14 -5.71 9.72
C LEU A 776 9.81 -6.48 8.58
N ILE A 777 9.69 -5.97 7.35
CA ILE A 777 10.19 -6.73 6.21
C ILE A 777 11.71 -6.71 6.17
N GLN A 778 12.31 -5.57 6.46
CA GLN A 778 13.76 -5.50 6.35
C GLN A 778 14.47 -6.18 7.51
N MET A 779 13.82 -6.29 8.68
CA MET A 779 14.48 -6.89 9.83
C MET A 779 14.87 -8.35 9.57
N VAL A 780 14.19 -9.05 8.67
CA VAL A 780 14.61 -10.43 8.41
C VAL A 780 16.09 -10.47 7.97
N SER A 781 16.55 -9.45 7.26
CA SER A 781 17.93 -9.45 6.78
C SER A 781 18.84 -8.59 7.63
N GLN A 782 18.30 -7.60 8.34
CA GLN A 782 19.08 -6.58 9.01
C GLN A 782 19.25 -6.79 10.51
N TRP A 783 18.56 -7.78 11.10
CA TRP A 783 18.72 -8.01 12.54
C TRP A 783 20.19 -8.20 12.88
N LYS A 784 20.97 -8.76 11.96
CA LYS A 784 22.37 -9.04 12.24
C LYS A 784 23.25 -7.80 12.09
N ASN A 785 22.69 -6.68 11.62
CA ASN A 785 23.41 -5.42 11.54
C ASN A 785 22.92 -4.39 12.54
N MET A 786 21.89 -4.71 13.32
CA MET A 786 21.41 -3.75 14.31
C MET A 786 22.52 -3.45 15.32
N ALA A 787 22.48 -2.25 15.88
CA ALA A 787 23.48 -1.84 16.88
C ALA A 787 23.41 -2.70 18.11
N MET A 788 24.57 -3.16 18.56
CA MET A 788 24.74 -3.90 19.79
C MET A 788 25.28 -2.96 20.88
N VAL A 789 24.79 -3.08 22.11
CA VAL A 789 25.17 -2.17 23.18
C VAL A 789 26.27 -2.81 24.05
N MET A 790 27.33 -2.03 24.32
CA MET A 790 28.50 -2.54 25.04
C MET A 790 28.97 -1.49 26.05
N ALA A 791 29.39 -1.91 27.24
CA ALA A 791 29.97 -0.94 28.16
C ALA A 791 31.29 -0.42 27.59
N ARG A 792 31.52 0.87 27.75
CA ARG A 792 32.78 1.44 27.28
C ARG A 792 33.23 2.51 28.25
N PRO A 793 34.53 2.73 28.37
CA PRO A 793 35.04 3.62 29.41
C PRO A 793 35.16 5.06 28.93
N VAL A 794 35.00 5.95 29.89
CA VAL A 794 35.44 7.32 29.73
C VAL A 794 36.49 7.52 30.83
N GLU A 795 37.76 7.56 30.44
CA GLU A 795 38.81 7.55 31.46
C GLU A 795 38.86 8.85 32.23
N ASN A 796 38.52 9.97 31.60
CA ASN A 796 38.66 11.30 32.19
C ASN A 796 37.40 12.12 31.96
N PRO A 797 36.31 11.79 32.67
CA PRO A 797 35.07 12.58 32.53
C PRO A 797 35.23 14.04 32.90
N GLY A 798 36.14 14.39 33.81
CA GLY A 798 36.26 15.78 34.24
C GLY A 798 35.03 16.24 34.99
N SER A 799 34.64 17.49 34.75
CA SER A 799 33.39 18.02 35.27
C SER A 799 32.25 17.93 34.24
N SER A 800 32.42 17.11 33.22
CA SER A 800 31.47 17.02 32.12
C SER A 800 30.13 16.43 32.52
N GLY A 801 30.02 15.75 33.66
CA GLY A 801 28.80 15.04 33.98
C GLY A 801 28.63 13.69 33.30
N ILE A 802 29.58 13.29 32.47
CA ILE A 802 29.50 11.98 31.83
C ILE A 802 30.12 10.97 32.77
N PRO A 803 29.44 9.85 33.05
CA PRO A 803 29.94 8.86 34.02
C PRO A 803 31.12 8.07 33.47
N ASN A 804 31.79 7.36 34.38
CA ASN A 804 33.03 6.66 34.01
C ASN A 804 32.77 5.47 33.09
N VAL A 805 31.62 4.81 33.20
CA VAL A 805 31.20 3.77 32.27
C VAL A 805 29.98 4.29 31.52
N VAL A 806 30.00 4.16 30.19
CA VAL A 806 28.84 4.45 29.36
C VAL A 806 28.54 3.20 28.53
N TYR A 807 27.37 3.19 27.90
CA TYR A 807 26.88 2.00 27.20
C TYR A 807 26.61 2.39 25.76
N VAL A 808 27.46 1.90 24.85
CA VAL A 808 27.57 2.41 23.49
C VAL A 808 27.01 1.38 22.53
N ALA A 809 26.18 1.83 21.60
CA ALA A 809 25.58 0.97 20.60
C ALA A 809 26.48 0.94 19.36
N TYR A 810 26.94 -0.23 18.95
CA TYR A 810 27.82 -0.37 17.81
C TYR A 810 27.03 -0.93 16.62
N SER A 811 27.29 -0.39 15.45
CA SER A 811 26.73 -0.82 14.18
C SER A 811 27.53 -0.12 13.08
N GLN A 812 27.48 -0.68 11.86
CA GLN A 812 28.21 -0.08 10.76
C GLN A 812 27.70 1.31 10.42
N ALA A 813 26.37 1.52 10.42
CA ALA A 813 25.80 2.84 10.19
C ALA A 813 26.07 3.81 11.33
N ASP A 814 26.46 3.25 12.48
CA ASP A 814 26.46 3.96 13.76
C ASP A 814 27.62 4.93 13.93
N LYS A 815 28.71 4.75 13.18
CA LYS A 815 29.91 5.55 13.43
C LYS A 815 30.27 6.54 12.33
N CYS B 4 8.46 58.46 -15.21
CA CYS B 4 8.98 57.56 -14.17
C CYS B 4 8.86 58.14 -12.74
N GLN B 5 7.64 58.35 -12.24
CA GLN B 5 7.47 59.13 -11.01
C GLN B 5 6.94 58.34 -9.81
N TYR B 6 6.08 57.34 -9.99
CA TYR B 6 5.69 56.50 -8.85
C TYR B 6 5.90 55.04 -9.18
N LYS B 7 6.39 54.26 -8.21
CA LYS B 7 6.59 52.81 -8.31
C LYS B 7 6.08 52.14 -7.04
N ILE B 8 5.76 50.85 -7.16
CA ILE B 8 5.31 50.04 -6.04
C ILE B 8 6.48 49.21 -5.51
N TYR B 9 6.67 49.20 -4.18
CA TYR B 9 7.60 48.29 -3.52
C TYR B 9 6.86 47.46 -2.49
N PRO B 10 7.27 46.20 -2.27
CA PRO B 10 8.38 45.56 -2.97
C PRO B 10 8.02 45.14 -4.39
N PRO B 11 9.01 44.82 -5.22
CA PRO B 11 8.71 44.38 -6.60
C PRO B 11 8.12 42.97 -6.65
N LEU B 12 8.57 42.04 -5.80
CA LEU B 12 7.88 40.78 -5.54
C LEU B 12 7.55 40.70 -4.05
N GLY B 13 6.28 40.96 -3.71
CA GLY B 13 5.79 40.74 -2.37
C GLY B 13 5.49 39.27 -2.11
N ILE B 14 5.68 38.84 -0.86
CA ILE B 14 5.46 37.47 -0.41
C ILE B 14 4.49 37.48 0.76
N ALA B 15 3.47 36.64 0.69
CA ALA B 15 2.53 36.43 1.78
C ALA B 15 2.34 34.94 1.96
N ARG B 16 2.32 34.48 3.19
CA ARG B 16 2.27 33.06 3.52
C ARG B 16 0.92 32.67 4.10
N VAL B 17 0.44 31.47 3.74
CA VAL B 17 -0.84 30.98 4.22
C VAL B 17 -0.78 30.70 5.72
N GLY B 18 -1.92 30.85 6.37
CA GLY B 18 -2.04 30.52 7.77
C GLY B 18 -3.50 30.45 8.13
N ASN B 19 -3.88 29.61 9.09
CA ASN B 19 -5.28 29.55 9.47
C ASN B 19 -5.65 30.66 10.45
N GLY B 20 -4.67 31.45 10.87
CA GLY B 20 -4.93 32.66 11.60
C GLY B 20 -5.84 33.58 10.81
N PRO B 21 -6.44 34.55 11.50
CA PRO B 21 -7.38 35.46 10.83
C PRO B 21 -6.68 36.61 10.12
N ALA B 22 -7.32 37.08 9.04
CA ALA B 22 -6.78 38.19 8.25
C ALA B 22 -7.18 39.52 8.90
N ILE B 23 -6.62 39.78 10.08
CA ILE B 23 -6.75 41.08 10.70
C ILE B 23 -5.36 41.51 11.15
N LYS B 24 -5.17 42.83 11.24
CA LYS B 24 -3.86 43.37 11.60
C LYS B 24 -3.36 42.86 12.94
N PRO B 25 -4.13 42.90 14.03
CA PRO B 25 -3.56 42.58 15.34
C PRO B 25 -3.10 41.13 15.49
N LEU B 26 -3.71 40.19 14.78
CA LEU B 26 -3.38 38.78 14.93
C LEU B 26 -2.64 38.23 13.71
N SER B 27 -1.91 39.09 12.99
CA SER B 27 -1.19 38.66 11.81
C SER B 27 0.22 39.24 11.83
N LEU B 28 1.11 38.61 11.07
CA LEU B 28 2.48 39.09 10.98
C LEU B 28 2.72 39.70 9.61
N SER B 29 3.82 40.42 9.50
CA SER B 29 4.14 41.15 8.29
C SER B 29 5.44 40.62 7.71
N THR B 30 5.46 40.47 6.39
CA THR B 30 6.68 40.12 5.70
C THR B 30 7.77 41.16 6.03
N PRO B 31 8.95 40.74 6.48
CA PRO B 31 9.98 41.72 6.86
C PRO B 31 10.14 42.81 5.82
N GLU B 32 10.38 44.04 6.30
CA GLU B 32 10.75 45.16 5.46
C GLU B 32 12.18 45.59 5.72
N VAL B 33 12.86 44.93 6.64
CA VAL B 33 14.24 45.26 7.01
C VAL B 33 14.91 43.93 7.31
N PRO B 34 15.96 43.57 6.60
CA PRO B 34 16.66 42.32 6.90
C PRO B 34 17.17 42.26 8.33
N TRP B 35 17.04 41.07 8.94
CA TRP B 35 17.66 40.73 10.23
C TRP B 35 17.08 41.54 11.38
N ALA B 36 15.83 41.98 11.23
CA ALA B 36 15.29 42.96 12.19
C ALA B 36 14.92 42.34 13.53
N HIS B 37 14.63 41.03 13.59
CA HIS B 37 14.03 40.48 14.80
C HIS B 37 14.60 39.10 15.15
N LEU B 38 15.85 38.85 14.75
CA LEU B 38 16.45 37.54 14.91
C LEU B 38 16.51 37.08 16.35
N TYR B 39 16.71 38.00 17.30
CA TYR B 39 16.82 37.61 18.71
C TYR B 39 15.62 38.03 19.53
N ASP B 40 14.55 38.48 18.88
CA ASP B 40 13.36 39.00 19.57
C ASP B 40 12.62 37.87 20.29
N THR B 41 12.67 37.87 21.62
CA THR B 41 12.10 36.80 22.42
C THR B 41 10.62 36.98 22.73
N ASN B 42 9.96 37.99 22.15
CA ASN B 42 8.54 38.19 22.40
C ASN B 42 7.67 37.84 21.20
N VAL B 43 8.29 37.48 20.07
CA VAL B 43 7.55 37.05 18.89
C VAL B 43 6.52 36.01 19.26
N GLN B 44 5.35 36.13 18.65
CA GLN B 44 4.31 35.12 18.76
C GLN B 44 3.84 34.79 17.36
N TYR B 45 4.35 33.70 16.77
CA TYR B 45 3.92 33.34 15.43
C TYR B 45 2.66 32.49 15.44
N LEU B 46 2.20 32.05 16.61
CA LEU B 46 0.94 31.36 16.78
C LEU B 46 -0.02 32.25 17.58
N VAL B 47 -1.30 32.21 17.21
CA VAL B 47 -2.31 33.06 17.87
C VAL B 47 -2.44 32.67 19.34
N THR B 48 -2.12 33.62 20.24
CA THR B 48 -2.08 33.34 21.67
C THR B 48 -3.40 33.65 22.35
N GLN B 49 -3.60 33.05 23.52
CA GLN B 49 -4.78 33.37 24.32
C GLN B 49 -4.91 34.87 24.52
N GLN B 50 -3.85 35.50 25.03
CA GLN B 50 -3.93 36.90 25.38
C GLN B 50 -4.25 37.76 24.16
N GLU B 51 -3.80 37.35 22.97
CA GLU B 51 -4.16 38.11 21.76
C GLU B 51 -5.65 38.05 21.50
N LEU B 52 -6.30 36.95 21.82
CA LEU B 52 -7.72 36.77 21.58
C LEU B 52 -8.56 37.50 22.62
N GLU B 53 -8.16 37.47 23.89
CA GLU B 53 -8.82 38.28 24.89
C GLU B 53 -8.70 39.77 24.56
N GLN B 54 -7.50 40.20 24.19
CA GLN B 54 -7.28 41.60 23.85
C GLN B 54 -8.06 42.02 22.61
N LEU B 55 -8.42 41.06 21.74
CA LEU B 55 -9.31 41.37 20.63
C LEU B 55 -10.75 41.53 21.12
N LEU B 56 -11.18 40.70 22.07
CA LEU B 56 -12.47 40.91 22.72
C LEU B 56 -12.50 42.25 23.47
N GLU B 57 -11.47 42.51 24.28
CA GLU B 57 -11.43 43.74 25.06
C GLU B 57 -11.66 44.98 24.21
N GLU B 58 -11.21 44.97 22.95
CA GLU B 58 -11.35 46.14 22.10
C GLU B 58 -12.66 46.20 21.32
N ALA B 59 -13.31 45.06 21.08
CA ALA B 59 -14.65 45.09 20.52
C ALA B 59 -15.72 45.41 21.56
N PHE B 60 -15.42 45.20 22.85
CA PHE B 60 -16.35 45.60 23.90
C PHE B 60 -16.21 47.08 24.22
N GLY B 61 -15.00 47.52 24.53
CA GLY B 61 -14.73 48.91 24.83
C GLY B 61 -15.15 49.83 23.70
N GLY B 62 -16.13 50.69 23.96
CA GLY B 62 -16.77 50.72 25.27
C GLY B 62 -18.25 51.01 25.12
N ASN B 63 -18.60 51.62 23.98
CA ASN B 63 -19.99 51.92 23.69
C ASN B 63 -20.89 50.69 23.76
N VAL B 64 -20.31 49.51 23.73
CA VAL B 64 -21.09 48.28 23.86
C VAL B 64 -21.43 47.99 25.33
N ILE B 65 -20.59 48.41 26.27
CA ILE B 65 -20.99 48.37 27.69
C ILE B 65 -22.30 49.12 27.86
N ASN B 66 -22.46 50.22 27.13
CA ASN B 66 -23.66 51.03 27.16
C ASN B 66 -24.82 50.34 26.44
N GLU B 67 -24.61 50.00 25.16
CA GLU B 67 -25.68 49.36 24.41
C GLU B 67 -26.11 48.05 25.05
N ILE B 68 -25.30 47.52 25.97
CA ILE B 68 -25.53 46.25 26.66
C ILE B 68 -26.30 46.51 27.95
N SER B 69 -25.98 47.63 28.58
CA SER B 69 -26.85 48.21 29.60
C SER B 69 -28.32 47.87 29.37
N GLN B 70 -28.82 48.15 28.16
CA GLN B 70 -30.26 48.08 27.94
C GLN B 70 -30.72 46.64 27.88
N ILE B 71 -30.11 45.83 27.03
CA ILE B 71 -30.58 44.46 26.83
C ILE B 71 -30.54 43.69 28.14
N LYS B 72 -29.75 44.16 29.11
CA LYS B 72 -29.89 43.62 30.46
C LYS B 72 -30.90 44.47 31.21
N THR B 73 -31.88 44.97 30.46
CA THR B 73 -33.14 45.43 31.02
C THR B 73 -34.31 44.58 30.54
N LYS B 74 -34.45 44.37 29.23
CA LYS B 74 -35.67 43.75 28.70
C LYS B 74 -35.65 42.23 28.73
N LEU B 75 -34.74 41.65 29.53
CA LEU B 75 -34.92 40.32 30.09
C LEU B 75 -35.10 40.33 31.60
N ASP B 76 -34.69 41.41 32.27
CA ASP B 76 -35.25 41.73 33.58
C ASP B 76 -36.76 41.75 33.49
N GLU B 77 -37.28 42.50 32.52
CA GLU B 77 -38.70 42.67 32.24
C GLU B 77 -39.16 41.72 31.12
N ARG B 78 -38.82 40.45 31.29
CA ARG B 78 -39.16 39.38 30.35
C ARG B 78 -38.97 38.05 31.05
N LYS B 79 -38.00 38.01 31.97
CA LYS B 79 -37.62 36.80 32.70
C LYS B 79 -37.01 35.80 31.73
N ALA B 80 -35.68 35.75 31.70
CA ALA B 80 -34.99 34.80 30.86
C ALA B 80 -33.56 34.60 31.32
N GLU B 81 -33.03 33.36 31.29
CA GLU B 81 -33.64 32.08 30.78
C GLU B 81 -32.90 31.72 29.47
N LYS B 82 -32.55 32.77 28.75
CA LYS B 82 -32.19 32.69 27.34
C LYS B 82 -32.37 34.08 26.76
N PHE B 83 -31.92 34.26 25.53
CA PHE B 83 -32.10 35.57 24.90
C PHE B 83 -33.29 35.53 23.97
N LYS B 84 -33.02 35.52 22.66
CA LYS B 84 -34.04 36.00 21.74
C LYS B 84 -33.43 36.32 20.39
N GLN B 85 -33.09 35.31 19.57
CA GLN B 85 -32.75 35.45 18.16
C GLN B 85 -32.14 36.82 17.83
N GLU B 86 -32.82 37.88 18.30
CA GLU B 86 -32.72 39.27 17.86
C GLU B 86 -31.81 40.12 18.74
N GLU B 87 -31.86 40.00 20.07
CA GLU B 87 -30.87 40.73 20.86
C GLU B 87 -29.50 40.09 20.76
N ILE B 88 -29.46 38.75 20.59
CA ILE B 88 -28.28 38.09 20.06
C ILE B 88 -27.81 38.82 18.81
N GLU B 89 -28.76 39.13 17.92
CA GLU B 89 -28.45 39.91 16.73
C GLU B 89 -27.73 41.22 17.05
N THR B 90 -28.17 41.93 18.09
CA THR B 90 -27.69 43.26 18.42
C THR B 90 -26.40 43.28 19.25
N ILE B 91 -25.80 42.12 19.47
CA ILE B 91 -24.46 42.01 20.02
C ILE B 91 -23.59 41.39 18.93
N THR B 92 -24.00 40.21 18.45
CA THR B 92 -23.38 39.59 17.29
C THR B 92 -23.25 40.63 16.18
N GLY B 93 -22.28 41.53 16.32
CA GLY B 93 -22.07 42.55 15.32
C GLY B 93 -21.69 43.90 15.87
N LEU B 94 -22.00 44.15 17.15
CA LEU B 94 -21.57 45.39 17.78
C LEU B 94 -20.07 45.32 18.04
N LEU B 95 -19.59 44.10 18.16
CA LEU B 95 -18.20 43.68 18.03
C LEU B 95 -18.10 42.94 16.70
N GLY B 96 -17.93 43.66 15.59
CA GLY B 96 -17.90 42.98 14.31
C GLY B 96 -17.07 41.71 14.34
N LEU B 97 -17.70 40.56 14.61
CA LEU B 97 -17.01 39.28 14.59
C LEU B 97 -17.54 38.34 13.52
N SER B 98 -18.61 38.72 12.81
CA SER B 98 -19.10 37.85 11.75
C SER B 98 -18.05 37.62 10.68
N HIS B 99 -17.05 38.50 10.58
CA HIS B 99 -15.97 38.32 9.64
C HIS B 99 -14.87 37.39 10.16
N LEU B 100 -14.83 37.15 11.48
CA LEU B 100 -13.89 36.22 12.09
C LEU B 100 -14.47 34.82 12.29
N VAL B 101 -15.71 34.70 12.73
CA VAL B 101 -16.34 33.39 12.90
C VAL B 101 -17.77 33.45 12.38
N PRO B 102 -18.30 32.36 11.84
CA PRO B 102 -19.66 32.39 11.28
C PRO B 102 -20.67 32.93 12.27
N GLN B 103 -21.60 33.75 11.77
CA GLN B 103 -22.67 34.29 12.59
C GLN B 103 -23.54 33.20 13.22
N GLN B 104 -23.52 31.99 12.67
CA GLN B 104 -24.36 30.92 13.20
C GLN B 104 -23.86 30.46 14.56
N GLN B 105 -22.58 30.13 14.66
CA GLN B 105 -22.00 29.69 15.92
C GLN B 105 -21.80 30.85 16.90
N LEU B 106 -21.69 32.08 16.41
CA LEU B 106 -21.78 33.24 17.29
C LEU B 106 -23.19 33.38 17.83
N SER B 107 -24.19 33.20 16.96
CA SER B 107 -25.58 33.17 17.41
C SER B 107 -25.81 32.04 18.40
N ARG B 108 -25.35 30.82 18.06
CA ARG B 108 -25.55 29.67 18.94
C ARG B 108 -24.79 29.83 20.24
N SER B 109 -23.61 30.45 20.19
CA SER B 109 -22.85 30.72 21.41
C SER B 109 -23.74 31.34 22.48
N LEU B 110 -24.52 32.36 22.10
CA LEU B 110 -25.43 33.04 23.01
C LEU B 110 -26.83 32.45 23.00
N ASP B 111 -26.96 31.16 22.74
CA ASP B 111 -28.21 30.43 22.91
C ASP B 111 -28.11 29.36 23.99
N ASN B 112 -27.01 28.60 24.00
CA ASN B 112 -26.68 27.74 25.14
C ASN B 112 -26.46 28.55 26.42
N LEU B 113 -26.46 29.89 26.32
CA LEU B 113 -26.34 30.74 27.49
C LEU B 113 -27.52 30.54 28.42
N GLU B 114 -27.26 30.71 29.72
CA GLU B 114 -28.28 30.58 30.78
C GLU B 114 -28.06 31.68 31.80
N LEU B 115 -29.16 32.24 32.31
CA LEU B 115 -29.07 33.36 33.25
C LEU B 115 -30.27 33.48 34.18
N SER B 121 -26.29 42.69 36.94
CA SER B 121 -25.54 43.02 35.73
C SER B 121 -24.15 43.53 36.12
N ASP B 122 -23.29 43.75 35.10
CA ASP B 122 -21.83 43.79 35.25
C ASP B 122 -21.33 42.37 34.95
N ASP B 123 -22.09 41.40 35.49
CA ASP B 123 -21.93 39.99 35.18
C ASP B 123 -22.26 39.70 33.71
N ILE B 124 -23.31 40.33 33.20
CA ILE B 124 -23.74 40.14 31.81
C ILE B 124 -22.55 40.18 30.85
N VAL B 125 -21.74 41.23 30.94
CA VAL B 125 -20.66 41.44 29.97
C VAL B 125 -19.69 40.27 29.98
N GLN B 126 -19.33 39.81 31.18
CA GLN B 126 -18.48 38.63 31.31
C GLN B 126 -19.09 37.41 30.64
N GLN B 127 -20.36 37.13 30.92
CA GLN B 127 -20.89 35.88 30.42
C GLN B 127 -20.94 35.85 28.90
N ILE B 128 -20.87 37.01 28.25
CA ILE B 128 -20.67 37.06 26.80
C ILE B 128 -19.18 36.96 26.47
N LYS B 129 -18.38 37.81 27.12
CA LYS B 129 -16.92 37.75 27.13
C LYS B 129 -16.49 36.45 27.80
N GLY B 130 -16.66 35.35 27.09
CA GLY B 130 -16.37 34.06 27.69
C GLY B 130 -17.13 32.97 26.95
N ALA B 131 -18.37 33.28 26.58
CA ALA B 131 -19.01 32.50 25.54
C ALA B 131 -18.30 32.75 24.21
N LEU B 132 -18.09 34.03 23.88
CA LEU B 132 -17.45 34.34 22.61
C LEU B 132 -15.97 33.99 22.63
N LEU B 133 -15.32 34.20 23.77
CA LEU B 133 -13.92 33.82 23.85
C LEU B 133 -13.72 32.37 23.46
N LYS B 134 -14.68 31.49 23.78
CA LYS B 134 -14.49 30.08 23.49
C LYS B 134 -14.69 29.76 22.03
N VAL B 135 -15.67 30.39 21.36
CA VAL B 135 -15.79 30.11 19.93
C VAL B 135 -14.60 30.68 19.17
N LEU B 136 -14.03 31.79 19.64
CA LEU B 136 -12.81 32.31 19.03
C LEU B 136 -11.65 31.36 19.27
N SER B 137 -11.43 30.99 20.54
CA SER B 137 -10.39 30.04 20.90
C SER B 137 -10.52 28.76 20.08
N ASP B 138 -11.73 28.21 20.01
CA ASP B 138 -11.91 26.94 19.29
C ASP B 138 -11.55 27.07 17.82
N HIS B 139 -11.67 28.28 17.26
CA HIS B 139 -11.34 28.52 15.86
C HIS B 139 -9.89 28.92 15.67
N TYR B 140 -9.32 29.72 16.57
CA TYR B 140 -8.06 30.38 16.29
C TYR B 140 -6.94 30.13 17.29
N LEU B 141 -7.22 29.58 18.47
CA LEU B 141 -6.15 29.40 19.44
C LEU B 141 -5.08 28.47 18.87
N HIS B 142 -3.83 28.95 18.87
CA HIS B 142 -2.69 28.19 18.37
C HIS B 142 -2.70 28.07 16.85
N ALA B 143 -3.44 28.93 16.17
CA ALA B 143 -3.45 28.95 14.72
C ALA B 143 -2.16 29.56 14.16
N VAL B 144 -1.73 29.08 13.00
CA VAL B 144 -0.56 29.66 12.34
C VAL B 144 -0.94 31.05 11.83
N LYS B 145 -0.33 32.09 12.40
CA LYS B 145 -0.65 33.44 11.96
C LYS B 145 -0.32 33.61 10.48
N LYS B 146 -1.22 34.26 9.77
CA LYS B 146 -0.94 34.67 8.39
C LYS B 146 0.15 35.72 8.36
N GLN B 147 1.03 35.60 7.36
CA GLN B 147 2.07 36.60 7.10
C GLN B 147 1.62 37.45 5.92
N ALA B 148 1.11 38.65 6.21
CA ALA B 148 0.64 39.57 5.19
C ALA B 148 1.78 40.43 4.64
N GLN B 149 1.74 40.69 3.33
CA GLN B 149 2.69 41.58 2.65
C GLN B 149 2.09 42.98 2.54
N ASN B 150 2.89 43.99 2.91
CA ASN B 150 2.49 45.38 2.76
C ASN B 150 3.07 45.93 1.46
N PHE B 151 2.22 46.51 0.63
CA PHE B 151 2.71 47.16 -0.57
C PHE B 151 2.69 48.67 -0.39
N TYR B 152 3.66 49.33 -0.99
CA TYR B 152 3.85 50.75 -0.81
C TYR B 152 4.04 51.41 -2.15
N ILE B 153 3.46 52.60 -2.32
CA ILE B 153 3.76 53.44 -3.46
C ILE B 153 4.84 54.42 -3.05
N TYR B 154 5.92 54.48 -3.83
CA TYR B 154 7.04 55.38 -3.58
C TYR B 154 7.12 56.41 -4.72
N LYS B 155 7.31 57.67 -4.35
CA LYS B 155 7.51 58.72 -5.36
C LYS B 155 8.96 58.75 -5.80
N CYS B 156 9.18 58.84 -7.10
CA CYS B 156 10.52 58.70 -7.64
C CYS B 156 11.01 60.01 -8.23
N ASP B 157 12.27 60.00 -8.67
CA ASP B 157 12.83 61.05 -9.51
C ASP B 157 13.15 60.47 -10.91
N ASN B 161 13.68 55.66 -9.49
CA ASN B 161 14.66 55.87 -8.41
C ASN B 161 14.02 56.55 -7.21
N PRO B 162 13.76 55.76 -6.16
CA PRO B 162 12.78 56.13 -5.14
C PRO B 162 13.33 56.91 -3.95
N VAL B 163 12.53 57.91 -3.56
CA VAL B 163 12.72 58.72 -2.37
C VAL B 163 11.34 58.90 -1.77
N GLU B 164 11.16 58.53 -0.51
CA GLU B 164 9.91 58.92 0.16
C GLU B 164 8.72 58.04 -0.23
N LYS B 165 7.99 57.50 0.75
CA LYS B 165 6.73 56.89 0.43
C LYS B 165 5.73 57.96 0.00
N LEU B 166 4.71 57.54 -0.74
CA LEU B 166 3.66 58.47 -1.11
C LEU B 166 2.93 58.94 0.14
N LYS B 167 2.77 60.25 0.26
CA LYS B 167 1.93 60.83 1.30
C LYS B 167 0.68 61.37 0.65
N LEU B 168 -0.48 60.98 1.17
CA LEU B 168 -1.74 61.41 0.61
C LEU B 168 -2.17 62.75 1.21
N THR B 169 -2.70 63.62 0.37
CA THR B 169 -3.29 64.89 0.78
C THR B 169 -4.81 64.81 0.69
N ASP B 170 -5.47 65.85 1.19
CA ASP B 170 -6.92 65.83 1.42
C ASP B 170 -7.69 65.12 0.32
N GLY B 171 -7.66 65.66 -0.89
CA GLY B 171 -8.42 65.10 -2.01
C GLY B 171 -7.72 64.04 -2.86
N ASP B 172 -6.62 63.46 -2.38
CA ASP B 172 -5.87 62.45 -3.10
C ASP B 172 -6.39 61.04 -2.81
N LYS B 173 -6.18 60.13 -3.76
CA LYS B 173 -6.55 58.75 -3.56
C LYS B 173 -5.65 57.84 -4.40
N VAL B 174 -5.48 56.62 -3.93
CA VAL B 174 -4.82 55.56 -4.67
C VAL B 174 -5.77 54.38 -4.75
N THR B 175 -5.81 53.72 -5.91
CA THR B 175 -6.57 52.51 -6.10
C THR B 175 -5.65 51.39 -6.56
N TRP B 176 -5.70 50.27 -5.84
CA TRP B 176 -4.85 49.12 -6.10
C TRP B 176 -5.63 48.07 -6.86
N ARG B 177 -5.00 47.46 -7.85
CA ARG B 177 -5.59 46.31 -8.51
C ARG B 177 -4.66 45.11 -8.37
N VAL B 178 -5.24 43.98 -8.01
CA VAL B 178 -4.53 42.73 -7.80
C VAL B 178 -5.25 41.65 -8.59
N GLU B 179 -4.50 40.91 -9.42
CA GLU B 179 -5.07 39.80 -10.14
C GLU B 179 -4.12 38.62 -9.99
N VAL B 180 -4.64 37.53 -9.43
CA VAL B 180 -3.83 36.37 -9.08
C VAL B 180 -4.46 35.15 -9.71
N ALA B 181 -3.62 34.14 -9.94
CA ALA B 181 -4.10 32.86 -10.44
C ALA B 181 -3.26 31.75 -9.84
N ASN B 182 -3.73 30.52 -10.07
CA ASN B 182 -3.04 29.32 -9.64
C ASN B 182 -3.16 28.34 -10.79
N LYS B 183 -2.04 27.83 -11.27
CA LYS B 183 -2.03 27.02 -12.47
C LYS B 183 -1.42 25.66 -12.21
N LYS B 184 -1.15 25.33 -10.95
CA LYS B 184 -0.50 24.06 -10.63
C LYS B 184 -1.23 22.87 -11.26
N SER B 185 -2.56 22.81 -11.10
CA SER B 185 -3.36 21.72 -11.63
C SER B 185 -3.34 21.71 -13.16
N PHE B 186 -2.97 22.82 -13.77
CA PHE B 186 -2.94 22.98 -15.21
C PHE B 186 -1.61 22.61 -15.80
N TRP B 187 -0.56 22.65 -15.00
CA TRP B 187 0.82 22.71 -15.45
C TRP B 187 1.41 21.29 -15.45
N TYR B 188 2.73 21.21 -15.62
CA TYR B 188 3.40 19.92 -15.79
C TYR B 188 3.87 19.35 -14.45
N ASP B 189 4.10 18.05 -14.47
CA ASP B 189 4.92 17.40 -13.46
C ASP B 189 6.20 18.18 -13.22
N TYR B 190 6.59 18.29 -11.95
CA TYR B 190 7.94 18.69 -11.57
C TYR B 190 8.74 17.43 -11.28
N ASN B 191 9.72 17.14 -12.14
CA ASN B 191 10.62 16.01 -11.92
C ASN B 191 12.02 16.47 -11.52
N ASN B 192 12.60 17.43 -12.24
CA ASN B 192 13.76 18.17 -11.76
C ASN B 192 13.77 19.50 -12.50
N ALA B 193 14.80 20.30 -12.25
CA ALA B 193 14.87 21.64 -12.80
C ALA B 193 15.28 21.60 -14.28
N LEU B 194 14.40 22.10 -15.15
CA LEU B 194 14.63 22.10 -16.60
C LEU B 194 15.92 22.83 -16.99
N ASP B 195 16.35 23.83 -16.22
CA ASP B 195 17.57 24.54 -16.59
C ASP B 195 18.85 23.74 -16.29
N LEU B 196 18.76 22.61 -15.57
CA LEU B 196 19.93 21.77 -15.34
C LEU B 196 20.59 21.29 -16.63
N SER B 197 19.87 21.27 -17.74
CA SER B 197 20.45 20.91 -19.03
C SER B 197 20.47 22.07 -20.02
N LEU B 198 20.23 23.29 -19.56
CA LEU B 198 20.18 24.44 -20.43
C LEU B 198 21.60 24.94 -20.72
N HIS B 199 21.96 25.02 -22.00
CA HIS B 199 23.28 25.52 -22.38
C HIS B 199 23.41 26.99 -21.98
N THR B 200 24.56 27.36 -21.45
CA THR B 200 24.70 28.64 -20.79
C THR B 200 26.18 29.01 -20.72
N GLN B 201 26.45 30.31 -20.57
CA GLN B 201 27.78 30.76 -20.22
C GLN B 201 28.04 30.65 -18.72
N GLY B 202 27.02 30.43 -17.91
CA GLY B 202 27.19 30.32 -16.48
C GLY B 202 26.89 31.62 -15.76
N SER B 203 26.19 31.56 -14.64
CA SER B 203 25.86 32.79 -13.93
C SER B 203 26.47 32.75 -12.53
N GLY B 204 26.07 33.72 -11.71
CA GLY B 204 26.41 33.65 -10.30
C GLY B 204 25.63 32.63 -9.52
N ASN B 205 24.62 32.02 -10.14
CA ASN B 205 23.77 31.06 -9.48
C ASN B 205 24.01 29.63 -9.90
N LEU B 206 24.49 29.41 -11.14
CA LEU B 206 24.64 28.06 -11.69
C LEU B 206 25.84 28.02 -12.63
N SER B 207 26.82 27.19 -12.32
CA SER B 207 27.99 27.05 -13.16
C SER B 207 27.61 26.31 -14.45
N LYS B 208 28.31 26.59 -15.51
CA LYS B 208 28.05 25.94 -16.74
C LYS B 208 28.51 24.52 -16.78
N ASN B 209 29.19 24.09 -15.74
CA ASN B 209 29.62 22.71 -15.65
C ASN B 209 28.47 21.73 -15.52
N VAL B 210 27.31 22.17 -15.01
CA VAL B 210 26.21 21.24 -14.79
C VAL B 210 25.57 20.83 -16.12
N SER B 211 25.28 21.81 -16.98
CA SER B 211 24.85 21.45 -18.34
C SER B 211 25.99 20.82 -19.12
N LYS B 212 27.16 21.45 -19.10
CA LYS B 212 28.23 21.05 -20.00
C LYS B 212 28.63 19.60 -19.80
N HIS B 213 28.76 19.16 -18.56
CA HIS B 213 29.17 17.80 -18.28
C HIS B 213 28.04 16.87 -17.91
N ARG B 214 26.79 17.28 -18.15
CA ARG B 214 25.61 16.43 -17.96
C ARG B 214 25.52 15.91 -16.52
N LEU B 215 25.79 16.80 -15.56
CA LEU B 215 25.91 16.45 -14.15
C LEU B 215 24.56 16.01 -13.55
N ALA B 216 23.44 16.57 -14.04
CA ALA B 216 22.11 16.14 -13.62
C ALA B 216 21.13 16.51 -14.73
N PRO B 217 20.99 15.66 -15.75
CA PRO B 217 20.23 16.03 -16.95
C PRO B 217 18.78 16.32 -16.64
N ALA B 218 18.25 17.39 -17.23
CA ALA B 218 16.83 17.68 -17.07
C ALA B 218 15.98 16.54 -17.59
N MET B 219 14.87 16.28 -16.91
CA MET B 219 13.95 15.22 -17.30
C MET B 219 12.77 15.83 -18.06
N THR B 220 12.21 15.04 -18.97
CA THR B 220 10.93 15.44 -19.55
C THR B 220 9.86 15.40 -18.45
N ALA B 221 8.76 16.10 -18.68
CA ALA B 221 7.70 16.16 -17.69
C ALA B 221 6.37 16.14 -18.44
N LYS B 222 5.49 15.23 -18.01
CA LYS B 222 4.15 15.14 -18.57
C LYS B 222 3.18 16.06 -17.82
N ARG B 223 1.96 16.16 -18.37
CA ARG B 223 0.95 17.05 -17.82
C ARG B 223 0.41 16.51 -16.49
N ARG B 224 0.15 17.42 -15.56
CA ARG B 224 -0.72 17.09 -14.44
C ARG B 224 -2.14 16.96 -14.96
N ASN B 225 -2.93 16.13 -14.29
CA ASN B 225 -4.33 15.90 -14.65
C ASN B 225 -4.46 15.62 -16.15
N PRO B 226 -3.81 14.57 -16.64
CA PRO B 226 -3.73 14.36 -18.10
C PRO B 226 -5.04 13.95 -18.75
N ASN B 227 -6.06 13.51 -18.00
CA ASN B 227 -7.31 13.11 -18.63
C ASN B 227 -8.18 14.28 -19.09
N VAL B 228 -7.86 15.50 -18.67
CA VAL B 228 -8.52 16.72 -19.16
C VAL B 228 -7.81 17.14 -20.43
N ILE B 229 -8.50 17.03 -21.57
CA ILE B 229 -7.88 17.23 -22.88
C ILE B 229 -8.45 18.47 -23.59
N THR B 230 -7.64 19.00 -24.50
CA THR B 230 -7.85 20.28 -25.21
C THR B 230 -7.64 21.46 -24.26
N ASN B 231 -7.11 22.55 -24.83
CA ASN B 231 -6.73 23.71 -24.01
C ASN B 231 -7.96 24.37 -23.41
N SER B 232 -9.04 24.50 -24.18
CA SER B 232 -10.25 25.13 -23.67
C SER B 232 -10.75 24.43 -22.40
N LEU B 233 -10.79 23.09 -22.40
CA LEU B 233 -11.29 22.42 -21.21
C LEU B 233 -10.27 22.43 -20.08
N ARG B 234 -8.97 22.49 -20.42
CA ARG B 234 -7.95 22.63 -19.40
C ARG B 234 -7.97 23.99 -18.73
N LYS B 235 -8.65 24.97 -19.32
CA LYS B 235 -8.86 26.24 -18.61
C LYS B 235 -9.61 26.02 -17.30
N GLN B 236 -10.41 24.94 -17.22
CA GLN B 236 -11.14 24.65 -15.99
C GLN B 236 -10.22 24.40 -14.80
N LEU B 237 -8.95 24.10 -15.03
CA LEU B 237 -8.00 23.76 -13.97
C LEU B 237 -7.32 24.98 -13.35
N VAL B 238 -7.44 26.15 -13.96
CA VAL B 238 -6.81 27.36 -13.46
C VAL B 238 -7.78 28.07 -12.52
N ILE B 239 -7.31 28.39 -11.31
CA ILE B 239 -8.08 29.16 -10.34
C ILE B 239 -7.60 30.60 -10.39
N SER B 240 -8.49 31.55 -10.65
CA SER B 240 -8.09 32.94 -10.68
C SER B 240 -9.18 33.81 -10.08
N SER B 241 -8.76 34.98 -9.60
CA SER B 241 -9.65 35.96 -8.99
C SER B 241 -8.93 37.30 -9.05
N GLN B 242 -9.69 38.37 -8.86
CA GLN B 242 -9.11 39.70 -8.81
C GLN B 242 -9.96 40.58 -7.92
N GLY B 243 -9.47 41.79 -7.67
CA GLY B 243 -10.19 42.72 -6.82
C GLY B 243 -9.42 44.03 -6.70
N SER B 244 -10.14 45.05 -6.25
CA SER B 244 -9.56 46.37 -6.03
C SER B 244 -9.85 46.86 -4.62
N VAL B 245 -9.00 47.78 -4.17
CA VAL B 245 -9.21 48.57 -2.96
C VAL B 245 -8.68 49.97 -3.23
N SER B 246 -9.12 50.91 -2.39
CA SER B 246 -8.61 52.28 -2.44
C SER B 246 -8.43 52.84 -1.04
N SER B 247 -7.66 53.94 -0.98
CA SER B 247 -7.47 54.68 0.26
C SER B 247 -8.76 55.31 0.79
N ASP B 248 -9.86 55.25 0.04
CA ASP B 248 -11.10 55.83 0.53
C ASP B 248 -11.86 54.88 1.44
N ASN B 249 -11.81 53.57 1.17
CA ASN B 249 -12.63 52.66 1.96
C ASN B 249 -11.82 52.00 3.06
N ASN B 250 -11.15 50.89 2.73
CA ASN B 250 -10.31 50.14 3.67
C ASN B 250 -11.02 48.87 4.13
N THR B 251 -12.27 48.68 3.73
CA THR B 251 -12.89 47.37 3.89
C THR B 251 -12.09 46.33 3.10
N GLN B 252 -11.86 45.18 3.73
CA GLN B 252 -11.12 44.12 3.08
C GLN B 252 -11.98 43.43 2.02
N VAL B 253 -11.37 43.15 0.87
CA VAL B 253 -12.01 42.51 -0.27
C VAL B 253 -11.38 41.14 -0.46
N PRO B 254 -12.15 40.05 -0.50
CA PRO B 254 -11.57 38.73 -0.71
C PRO B 254 -11.27 38.48 -2.19
N LEU B 255 -10.13 37.82 -2.45
CA LEU B 255 -9.77 37.33 -3.79
C LEU B 255 -10.16 35.85 -3.87
N ARG B 256 -11.29 35.58 -4.50
CA ARG B 256 -12.01 34.33 -4.31
C ARG B 256 -12.39 33.76 -5.67
N GLY B 257 -11.94 32.54 -5.95
CA GLY B 257 -12.23 31.90 -7.22
C GLY B 257 -12.88 30.54 -7.02
N LYS B 258 -12.89 29.73 -8.08
CA LYS B 258 -13.59 28.46 -8.07
C LYS B 258 -12.72 27.40 -8.73
N PHE B 259 -12.91 26.14 -8.28
CA PHE B 259 -12.26 24.97 -8.88
C PHE B 259 -13.21 23.79 -8.96
N PRO B 260 -13.45 23.24 -10.15
CA PRO B 260 -12.90 23.75 -11.42
C PRO B 260 -13.51 25.10 -11.81
N ALA B 261 -12.77 25.90 -12.59
CA ALA B 261 -13.20 27.27 -12.83
C ALA B 261 -14.46 27.31 -13.68
N ASN B 262 -15.18 28.43 -13.55
CA ASN B 262 -16.59 28.58 -13.94
C ASN B 262 -16.95 28.27 -15.41
N GLU B 278 -20.71 19.77 -7.10
CA GLU B 278 -19.60 20.25 -7.92
C GLU B 278 -19.01 21.58 -7.43
N ARG B 279 -17.77 21.85 -7.81
CA ARG B 279 -17.17 23.18 -7.76
C ARG B 279 -17.00 23.77 -6.37
N HIS B 280 -15.77 24.13 -6.03
CA HIS B 280 -15.41 24.62 -4.70
C HIS B 280 -14.96 26.06 -4.76
N ASN B 281 -15.29 26.82 -3.73
CA ASN B 281 -14.78 28.17 -3.59
C ASN B 281 -13.38 28.12 -2.99
N VAL B 282 -12.48 28.93 -3.53
CA VAL B 282 -11.08 28.93 -3.13
C VAL B 282 -10.69 30.35 -2.78
N LEU B 283 -10.33 30.58 -1.53
CA LEU B 283 -9.91 31.91 -1.09
C LEU B 283 -8.41 32.02 -1.33
N GLN B 284 -8.04 32.71 -2.41
CA GLN B 284 -6.62 32.83 -2.74
C GLN B 284 -5.93 33.94 -1.96
N GLY B 285 -6.68 34.82 -1.33
CA GLY B 285 -6.10 35.94 -0.64
C GLY B 285 -7.13 37.01 -0.43
N SER B 286 -6.68 38.08 0.22
CA SER B 286 -7.52 39.17 0.71
C SER B 286 -6.69 40.44 0.71
N ILE B 287 -7.35 41.57 0.45
CA ILE B 287 -6.65 42.84 0.37
C ILE B 287 -7.39 43.93 1.13
N GLU B 288 -6.62 44.78 1.81
CA GLU B 288 -7.08 45.98 2.48
C GLU B 288 -6.20 47.13 2.02
N CYS B 289 -6.76 48.32 2.04
CA CYS B 289 -5.97 49.53 1.82
C CYS B 289 -6.35 50.51 2.93
N ASP B 290 -5.35 51.02 3.64
CA ASP B 290 -5.59 52.01 4.67
C ASP B 290 -5.63 53.41 4.05
N ASN B 291 -5.99 54.40 4.87
CA ASN B 291 -6.21 55.75 4.36
C ASN B 291 -4.92 56.48 3.99
N GLU B 292 -3.75 55.99 4.42
CA GLU B 292 -2.48 56.47 3.84
C GLU B 292 -2.15 55.82 2.51
N GLY B 293 -2.82 54.72 2.17
CA GLY B 293 -2.73 54.15 0.84
C GLY B 293 -1.70 53.06 0.63
N VAL B 294 -1.23 52.41 1.67
CA VAL B 294 -0.48 51.18 1.49
C VAL B 294 -1.47 50.03 1.43
N LEU B 295 -1.23 49.11 0.49
CA LEU B 295 -2.01 47.89 0.35
C LEU B 295 -1.48 46.80 1.30
N ARG B 296 -2.40 46.01 1.85
CA ARG B 296 -1.99 44.89 2.71
C ARG B 296 -2.60 43.61 2.16
N PHE B 297 -1.75 42.60 1.95
CA PHE B 297 -2.10 41.38 1.21
C PHE B 297 -2.02 40.17 2.13
N TYR B 298 -3.16 39.54 2.40
CA TYR B 298 -3.20 38.26 3.10
C TYR B 298 -3.38 37.11 2.11
N ALA B 299 -2.77 35.97 2.42
CA ALA B 299 -2.95 34.79 1.58
C ALA B 299 -4.16 34.00 2.04
N GLY B 300 -4.37 32.87 1.37
CA GLY B 300 -5.45 31.97 1.75
C GLY B 300 -5.21 31.27 3.09
N ASN B 301 -6.20 30.49 3.47
CA ASN B 301 -6.24 29.84 4.76
C ASN B 301 -5.45 28.53 4.82
N GLY B 302 -4.81 28.14 3.72
CA GLY B 302 -4.05 26.92 3.68
C GLY B 302 -4.85 25.69 3.34
N ILE B 303 -6.01 25.86 2.71
CA ILE B 303 -6.90 24.75 2.43
C ILE B 303 -6.59 24.17 1.05
N SER B 304 -6.30 22.86 1.02
CA SER B 304 -6.07 22.06 -0.16
C SER B 304 -7.00 20.87 -0.09
N GLN B 305 -7.31 20.29 -1.24
CA GLN B 305 -8.43 19.36 -1.21
C GLN B 305 -8.65 18.73 -2.57
N ALA B 306 -9.05 17.47 -2.59
CA ALA B 306 -9.25 16.74 -3.81
C ALA B 306 -10.72 16.80 -4.22
N LEU B 307 -10.98 16.63 -5.52
CA LEU B 307 -12.37 16.66 -5.96
C LEU B 307 -13.10 15.42 -5.50
N SER B 308 -12.36 14.38 -5.13
CA SER B 308 -12.91 13.16 -4.63
C SER B 308 -12.13 12.80 -3.37
N PRO B 309 -12.83 12.43 -2.28
CA PRO B 309 -12.12 12.15 -1.03
C PRO B 309 -11.15 11.00 -1.13
N SER B 310 -11.41 10.05 -2.01
CA SER B 310 -10.54 8.89 -2.11
C SER B 310 -9.29 9.12 -2.96
N SER B 311 -9.10 10.32 -3.55
CA SER B 311 -7.86 10.68 -4.25
C SER B 311 -6.86 11.19 -3.23
N LEU B 312 -5.89 10.36 -2.87
CA LEU B 312 -4.88 10.74 -1.91
C LEU B 312 -3.66 11.34 -2.61
N ASN B 313 -3.05 12.34 -1.96
CA ASN B 313 -1.86 13.04 -2.46
C ASN B 313 -0.58 12.27 -2.11
N THR B 314 -0.49 11.04 -2.59
CA THR B 314 0.64 10.16 -2.29
C THR B 314 1.75 10.35 -3.31
N ASP B 315 2.33 11.54 -3.30
CA ASP B 315 3.43 11.91 -4.19
C ASP B 315 3.83 13.35 -3.90
N PHE B 316 5.14 13.62 -3.87
CA PHE B 316 5.62 14.90 -3.35
C PHE B 316 5.13 16.08 -4.18
N ALA B 317 4.96 15.90 -5.49
CA ALA B 317 4.82 17.09 -6.34
C ALA B 317 3.60 17.10 -7.23
N ASP B 318 3.09 15.91 -7.61
CA ASP B 318 2.17 15.77 -8.76
C ASP B 318 0.98 14.89 -8.39
N ASN B 319 -0.10 15.52 -7.94
CA ASN B 319 -1.31 14.82 -7.55
C ASN B 319 -2.47 15.36 -8.37
N SER B 320 -3.04 14.51 -9.20
CA SER B 320 -4.21 14.88 -9.95
C SER B 320 -5.41 14.92 -9.02
N ASN B 321 -6.38 15.73 -9.41
CA ASN B 321 -7.63 15.87 -8.69
C ASN B 321 -7.50 16.77 -7.46
N TRP B 322 -6.35 17.41 -7.27
CA TRP B 322 -6.10 18.31 -6.14
C TRP B 322 -6.02 19.76 -6.59
N PHE B 323 -6.55 20.66 -5.78
CA PHE B 323 -6.20 22.07 -5.84
C PHE B 323 -5.60 22.46 -4.49
N ASP B 324 -4.88 23.57 -4.48
CA ASP B 324 -4.56 24.25 -3.23
C ASP B 324 -4.78 25.73 -3.45
N ASP B 325 -4.76 26.48 -2.36
CA ASP B 325 -5.10 27.88 -2.44
C ASP B 325 -3.87 28.78 -2.56
N ILE B 326 -2.73 28.21 -2.91
CA ILE B 326 -1.57 29.02 -3.28
C ILE B 326 -1.88 29.76 -4.58
N CYS B 327 -1.31 30.97 -4.71
CA CYS B 327 -1.53 31.78 -5.91
C CYS B 327 -0.43 32.81 -6.05
N ASP B 328 -0.43 33.49 -7.20
CA ASP B 328 0.50 34.58 -7.47
C ASP B 328 -0.06 35.41 -8.61
N GLY B 329 0.34 36.67 -8.66
CA GLY B 329 -0.12 37.53 -9.74
C GLY B 329 0.38 38.95 -9.62
N ARG B 330 -0.39 39.86 -10.21
CA ARG B 330 0.09 41.14 -10.69
C ARG B 330 -0.51 42.26 -9.85
N VAL B 331 0.33 43.15 -9.35
CA VAL B 331 -0.11 44.22 -8.47
C VAL B 331 0.14 45.51 -9.21
N THR B 332 -0.94 46.18 -9.58
CA THR B 332 -0.93 47.49 -10.22
C THR B 332 -1.61 48.52 -9.33
N ALA B 333 -1.53 49.77 -9.72
CA ALA B 333 -2.16 50.85 -8.96
C ALA B 333 -2.33 52.04 -9.88
N VAL B 334 -3.24 52.93 -9.48
CA VAL B 334 -3.42 54.20 -10.17
C VAL B 334 -3.54 55.30 -9.11
N VAL B 335 -2.80 56.39 -9.30
CA VAL B 335 -2.65 57.46 -8.31
C VAL B 335 -3.38 58.67 -8.85
N GLU B 336 -4.46 59.09 -8.17
CA GLU B 336 -5.29 60.20 -8.58
C GLU B 336 -5.17 61.33 -7.56
N LEU B 337 -4.75 62.49 -8.00
CA LEU B 337 -4.50 63.60 -7.09
C LEU B 337 -5.74 64.48 -6.94
N LYS B 338 -5.64 65.45 -6.03
CA LYS B 338 -6.71 66.39 -5.79
C LYS B 338 -7.10 67.12 -7.06
N ASN B 339 -6.09 67.58 -7.80
CA ASN B 339 -6.27 68.53 -8.89
C ASN B 339 -6.64 67.89 -10.22
N GLY B 340 -6.90 66.58 -10.25
CA GLY B 340 -7.29 65.88 -11.44
C GLY B 340 -6.20 65.02 -12.04
N ASP B 341 -4.93 65.36 -11.82
CA ASP B 341 -3.84 64.63 -12.45
C ASP B 341 -3.87 63.15 -12.05
N THR B 342 -3.64 62.28 -13.02
CA THR B 342 -3.82 60.83 -12.85
C THR B 342 -2.59 60.08 -13.35
N PHE B 343 -2.06 59.19 -12.52
CA PHE B 343 -0.83 58.46 -12.79
C PHE B 343 -1.08 56.96 -12.76
N GLU B 344 -0.77 56.27 -13.87
CA GLU B 344 -0.87 54.82 -13.94
C GLU B 344 0.44 54.16 -13.51
N ILE B 345 0.32 53.10 -12.72
CA ILE B 345 1.44 52.21 -12.42
C ILE B 345 1.07 50.86 -13.02
N GLN B 346 1.41 50.67 -14.29
CA GLN B 346 1.15 49.44 -15.03
C GLN B 346 2.37 48.88 -15.74
N ASP B 347 3.39 49.68 -16.03
CA ASP B 347 4.54 49.16 -16.74
C ASP B 347 5.35 48.25 -15.82
N GLU B 348 6.15 47.38 -16.43
CA GLU B 348 6.79 46.35 -15.65
C GLU B 348 7.96 46.90 -14.85
N GLN B 349 8.53 48.06 -15.24
CA GLN B 349 9.52 48.74 -14.41
C GLN B 349 8.91 49.37 -13.16
N SER B 350 7.60 49.35 -13.01
CA SER B 350 6.93 50.17 -12.01
C SER B 350 5.92 49.39 -11.18
N SER B 351 5.26 48.42 -11.80
CA SER B 351 4.31 47.53 -11.15
C SER B 351 5.07 46.47 -10.36
N ALA B 352 4.33 45.67 -9.61
CA ALA B 352 4.89 44.69 -8.71
C ALA B 352 4.15 43.37 -8.88
N TRP B 353 4.61 42.35 -8.16
CA TRP B 353 4.11 40.99 -8.22
C TRP B 353 3.90 40.48 -6.80
N VAL B 354 2.97 39.53 -6.62
CA VAL B 354 2.73 38.95 -5.31
C VAL B 354 2.65 37.44 -5.43
N ALA B 355 3.37 36.73 -4.59
CA ALA B 355 3.33 35.28 -4.58
C ALA B 355 3.00 34.79 -3.17
N THR B 356 2.10 33.82 -3.05
CA THR B 356 1.85 33.23 -1.74
C THR B 356 2.53 31.86 -1.64
N THR B 357 2.88 31.48 -0.42
CA THR B 357 3.81 30.39 -0.18
C THR B 357 3.37 29.66 1.08
N PRO B 358 3.94 28.49 1.33
CA PRO B 358 3.68 27.79 2.60
C PRO B 358 4.19 28.61 3.77
N PRO B 359 3.82 28.27 5.01
CA PRO B 359 4.26 29.09 6.15
C PRO B 359 5.75 28.94 6.37
N ASP B 360 6.29 29.83 7.18
CA ASP B 360 7.68 29.81 7.62
C ASP B 360 7.65 29.32 9.06
N TYR B 361 8.02 28.06 9.29
CA TYR B 361 7.89 27.53 10.64
C TYR B 361 9.06 27.88 11.55
N ALA B 362 10.02 28.68 11.06
CA ALA B 362 11.09 29.24 11.90
C ALA B 362 11.50 30.60 11.35
N PRO B 363 10.62 31.61 11.47
CA PRO B 363 10.87 32.89 10.78
C PRO B 363 12.17 33.60 11.15
N GLN B 364 12.78 33.28 12.29
CA GLN B 364 14.06 33.87 12.69
C GLN B 364 15.28 33.06 12.20
N ILE B 365 15.09 32.01 11.43
CA ILE B 365 16.20 31.20 10.93
C ILE B 365 16.27 31.37 9.40
N GLU B 366 17.35 31.97 8.94
CA GLU B 366 17.45 32.34 7.53
C GLU B 366 18.02 31.21 6.67
N PRO B 367 17.45 30.92 5.50
CA PRO B 367 18.12 29.98 4.59
C PRO B 367 19.55 30.45 4.32
N ILE B 368 20.47 29.48 4.29
CA ILE B 368 21.87 29.80 4.04
C ILE B 368 22.00 30.60 2.75
N VAL B 369 21.26 30.21 1.71
CA VAL B 369 21.16 30.94 0.45
C VAL B 369 19.68 31.27 0.23
N THR B 370 19.39 32.53 -0.04
CA THR B 370 18.01 32.99 -0.07
C THR B 370 17.59 33.35 -1.50
N MET B 371 16.29 33.55 -1.66
CA MET B 371 15.78 33.99 -2.95
C MET B 371 16.34 35.37 -3.32
N TYR B 372 16.70 36.19 -2.33
CA TYR B 372 17.39 37.44 -2.62
C TYR B 372 18.75 37.17 -3.25
N ASP B 373 19.54 36.26 -2.67
CA ASP B 373 20.80 35.88 -3.28
C ASP B 373 20.61 35.41 -4.73
N MET B 374 19.56 34.65 -4.99
CA MET B 374 19.26 34.28 -6.37
C MET B 374 19.12 35.53 -7.24
N VAL B 375 18.44 36.56 -6.73
CA VAL B 375 18.32 37.78 -7.49
C VAL B 375 19.70 38.39 -7.76
N SER B 376 20.55 38.43 -6.72
CA SER B 376 21.85 39.09 -6.90
C SER B 376 22.74 38.27 -7.83
N GLY B 377 22.66 36.95 -7.75
CA GLY B 377 23.45 36.10 -8.61
C GLY B 377 22.99 36.07 -10.04
N ALA B 378 21.72 36.43 -10.28
CA ALA B 378 21.15 36.31 -11.62
C ALA B 378 21.85 37.23 -12.60
N ALA B 379 22.36 38.37 -12.15
CA ALA B 379 22.92 39.32 -13.10
C ALA B 379 24.43 39.15 -13.31
N LEU B 380 25.09 38.26 -12.58
CA LEU B 380 26.52 38.07 -12.74
C LEU B 380 26.83 36.97 -13.75
N LYS B 381 27.98 37.09 -14.42
CA LYS B 381 28.46 36.11 -15.36
C LYS B 381 29.54 35.26 -14.68
N GLU B 382 29.48 33.94 -14.85
CA GLU B 382 30.47 33.08 -14.22
C GLU B 382 31.89 33.56 -14.53
N GLN B 383 32.14 33.88 -15.80
CA GLN B 383 33.51 34.19 -16.22
C GLN B 383 34.01 35.49 -15.61
N ASP B 384 33.11 36.43 -15.30
CA ASP B 384 33.48 37.70 -14.70
C ASP B 384 33.54 37.66 -13.17
N LEU B 385 33.27 36.53 -12.53
CA LEU B 385 33.32 36.50 -11.07
C LEU B 385 34.68 36.93 -10.52
N ASP B 386 35.78 36.77 -11.27
CA ASP B 386 37.05 37.20 -10.71
C ASP B 386 37.17 38.73 -10.62
N ASN B 387 36.18 39.46 -11.10
CA ASN B 387 36.11 40.90 -10.95
C ASN B 387 35.28 41.32 -9.77
N LEU B 388 34.81 40.35 -8.99
CA LEU B 388 34.00 40.61 -7.81
C LEU B 388 34.90 41.05 -6.66
N THR B 389 34.49 42.10 -5.97
CA THR B 389 35.21 42.60 -4.81
C THR B 389 34.45 42.24 -3.55
N THR B 390 35.18 41.88 -2.51
CA THR B 390 34.60 41.26 -1.34
C THR B 390 34.87 42.10 -0.09
N GLN B 391 33.84 42.33 0.70
CA GLN B 391 33.99 42.76 2.09
C GLN B 391 33.73 41.57 2.99
N PHE B 392 34.30 41.59 4.20
CA PHE B 392 33.96 40.52 5.12
C PHE B 392 32.44 40.39 5.26
N SER B 393 31.73 41.51 5.20
CA SER B 393 30.28 41.54 5.38
C SER B 393 29.54 40.84 4.25
N ASP B 394 30.26 40.33 3.25
CA ASP B 394 29.66 39.52 2.21
C ASP B 394 29.76 38.03 2.52
N VAL B 395 30.69 37.66 3.37
CA VAL B 395 31.00 36.28 3.71
C VAL B 395 30.26 35.92 5.00
N PHE B 396 29.95 36.92 5.80
CA PHE B 396 29.45 36.69 7.14
C PHE B 396 28.06 36.08 7.14
N PRO B 397 27.14 36.50 6.25
CA PRO B 397 25.83 35.83 6.25
C PRO B 397 25.95 34.32 6.06
N ILE B 398 26.88 33.87 5.20
CA ILE B 398 27.05 32.42 5.00
C ILE B 398 27.36 31.74 6.33
N LEU B 399 28.40 32.21 7.04
CA LEU B 399 28.78 31.52 8.29
C LEU B 399 27.76 31.71 9.39
N TYR B 400 27.13 32.89 9.43
CA TYR B 400 26.08 33.21 10.39
C TYR B 400 24.85 32.33 10.18
N ARG B 401 24.35 32.23 8.95
CA ARG B 401 23.16 31.42 8.70
C ARG B 401 23.43 29.95 9.00
N LEU B 402 24.60 29.45 8.56
CA LEU B 402 25.00 28.08 8.87
C LEU B 402 25.10 27.87 10.36
N TYR B 403 25.67 28.83 11.10
CA TYR B 403 25.75 28.74 12.55
C TYR B 403 24.36 28.54 13.15
N ARG B 404 23.36 29.25 12.65
CA ARG B 404 22.06 29.22 13.29
C ARG B 404 21.18 28.06 12.82
N MET B 405 21.66 27.25 11.88
CA MET B 405 20.92 26.06 11.47
C MET B 405 20.94 24.99 12.55
N GLN B 406 21.79 25.13 13.57
CA GLN B 406 21.74 24.23 14.72
C GLN B 406 20.34 24.16 15.35
N TRP B 407 19.57 25.24 15.31
CA TRP B 407 18.25 25.25 15.91
C TRP B 407 17.20 24.44 15.12
N VAL B 408 17.49 24.02 13.89
CA VAL B 408 16.48 23.36 13.09
C VAL B 408 16.98 22.09 12.42
N ASN B 409 18.26 21.73 12.55
CA ASN B 409 18.84 20.60 11.84
C ASN B 409 19.98 20.00 12.66
N GLN B 410 19.88 18.71 12.99
CA GLN B 410 20.82 18.12 13.94
C GLN B 410 22.25 18.19 13.44
N ALA B 411 22.44 17.98 12.14
CA ALA B 411 23.79 17.99 11.57
C ALA B 411 24.50 19.30 11.91
N ASP B 412 23.74 20.38 12.02
CA ASP B 412 24.35 21.69 12.22
C ASP B 412 24.48 22.06 13.69
N PHE B 413 24.11 21.13 14.58
CA PHE B 413 24.27 21.21 16.02
C PHE B 413 25.40 20.33 16.52
N THR B 414 25.51 19.09 16.04
CA THR B 414 26.48 18.16 16.58
C THR B 414 27.38 17.54 15.52
N ASP B 415 27.25 17.89 14.27
CA ASP B 415 27.96 17.19 13.21
C ASP B 415 28.61 18.13 12.20
N ASN B 416 28.92 19.36 12.60
CA ASN B 416 29.41 20.36 11.65
C ASN B 416 30.67 21.04 12.20
N ALA B 417 31.82 20.68 11.65
CA ALA B 417 33.10 21.12 12.23
C ALA B 417 33.27 22.62 12.14
N VAL B 418 32.63 23.26 11.17
CA VAL B 418 32.76 24.71 11.04
C VAL B 418 32.02 25.40 12.18
N ASN B 419 30.75 25.04 12.39
CA ASN B 419 30.01 25.55 13.55
C ASN B 419 30.76 25.26 14.85
N THR B 420 31.29 24.05 15.01
CA THR B 420 32.02 23.73 16.25
C THR B 420 33.26 24.63 16.43
N GLN B 421 33.90 25.02 15.32
CA GLN B 421 35.06 25.89 15.41
C GLN B 421 34.66 27.34 15.69
N ILE B 422 33.53 27.78 15.14
CA ILE B 422 32.96 29.06 15.54
C ILE B 422 32.71 29.07 17.05
N ARG B 423 32.12 27.99 17.59
CA ARG B 423 31.93 27.91 19.04
C ARG B 423 33.26 28.07 19.77
N GLU B 424 34.31 27.38 19.30
CA GLU B 424 35.61 27.49 19.94
C GLU B 424 36.08 28.95 19.99
N LEU B 425 35.99 29.66 18.86
CA LEU B 425 36.37 31.08 18.83
C LEU B 425 35.50 31.92 19.79
N ASN B 426 34.17 31.75 19.74
CA ASN B 426 33.30 32.52 20.63
C ASN B 426 33.70 32.31 22.08
N SER B 427 34.19 31.12 22.40
CA SER B 427 34.40 30.76 23.78
C SER B 427 35.64 31.45 24.32
N GLU B 428 36.55 31.85 23.43
CA GLU B 428 37.72 32.65 23.77
C GLU B 428 37.59 34.09 23.28
N LEU B 429 36.38 34.56 23.03
CA LEU B 429 36.17 35.90 22.47
C LEU B 429 37.07 36.15 21.26
N GLY B 430 37.26 35.12 20.45
CA GLY B 430 38.26 35.16 19.40
C GLY B 430 37.70 35.16 17.99
N PHE B 431 36.42 35.52 17.82
CA PHE B 431 35.81 35.46 16.49
C PHE B 431 36.45 36.48 15.53
N ALA B 432 36.88 37.64 16.04
CA ALA B 432 37.42 38.68 15.16
C ALA B 432 38.65 38.20 14.37
N GLN B 433 39.34 37.16 14.82
CA GLN B 433 40.43 36.62 14.03
C GLN B 433 40.02 36.34 12.60
N LEU B 434 38.73 36.06 12.35
CA LEU B 434 38.24 35.79 11.01
C LEU B 434 38.11 37.05 10.17
N LEU B 435 38.08 38.23 10.82
CA LEU B 435 38.08 39.50 10.09
C LEU B 435 39.50 39.96 9.71
N ASP B 436 40.54 39.23 10.15
CA ASP B 436 41.93 39.56 9.85
C ASP B 436 42.31 39.06 8.47
N ASN B 437 42.56 39.96 7.52
CA ASN B 437 42.94 39.49 6.19
C ASN B 437 44.44 39.24 6.02
N SER B 438 45.24 39.36 7.08
CA SER B 438 46.68 39.25 6.92
C SER B 438 47.14 37.80 6.88
N ALA B 439 48.40 37.61 6.49
CA ALA B 439 48.94 36.27 6.30
C ALA B 439 48.91 35.45 7.58
N SER B 440 49.06 36.08 8.74
CA SER B 440 49.08 35.32 9.98
C SER B 440 47.76 34.61 10.24
N ALA B 441 46.67 35.07 9.62
CA ALA B 441 45.36 34.47 9.81
C ALA B 441 44.92 33.64 8.61
N LYS B 442 45.78 33.45 7.62
CA LYS B 442 45.34 32.81 6.38
C LYS B 442 44.96 31.35 6.60
N SER B 443 45.77 30.60 7.34
CA SER B 443 45.49 29.18 7.52
C SER B 443 44.19 28.97 8.30
N LEU B 444 43.86 29.89 9.19
CA LEU B 444 42.54 29.86 9.83
C LEU B 444 41.44 30.00 8.79
N ARG B 445 41.56 30.97 7.88
CA ARG B 445 40.49 31.17 6.91
C ARG B 445 40.43 30.00 5.94
N GLU B 446 41.56 29.64 5.34
CA GLU B 446 41.60 28.49 4.44
C GLU B 446 40.97 27.26 5.10
N GLY B 447 41.34 26.97 6.34
CA GLY B 447 40.80 25.81 7.02
C GLY B 447 39.29 25.72 6.95
N ILE B 448 38.63 26.87 7.10
CA ILE B 448 37.16 26.94 7.02
C ILE B 448 36.69 26.94 5.56
N PHE B 449 37.30 27.78 4.73
CA PHE B 449 36.90 27.82 3.32
C PHE B 449 36.91 26.42 2.70
N ASN B 450 37.99 25.67 2.93
CA ASN B 450 38.17 24.38 2.29
C ASN B 450 37.09 23.37 2.61
N GLN B 451 36.27 23.61 3.62
CA GLN B 451 35.24 22.65 3.99
C GLN B 451 33.99 22.79 3.15
N PHE B 452 33.80 23.91 2.47
CA PHE B 452 32.58 24.16 1.70
C PHE B 452 32.63 23.57 0.30
N ARG B 453 31.46 23.17 -0.18
CA ARG B 453 31.37 22.59 -1.51
C ARG B 453 31.46 23.69 -2.56
N ASN B 454 32.19 23.40 -3.64
CA ASN B 454 32.48 24.35 -4.69
C ASN B 454 31.46 24.22 -5.83
N PRO B 455 30.69 25.26 -6.15
CA PRO B 455 29.60 25.11 -7.13
C PRO B 455 30.04 24.88 -8.59
N LEU B 456 31.36 24.81 -8.81
CA LEU B 456 31.86 24.25 -10.06
C LEU B 456 31.63 22.75 -10.13
N PHE B 457 31.41 22.12 -8.99
CA PHE B 457 31.12 20.69 -8.93
C PHE B 457 32.21 19.87 -9.62
N ASP B 458 33.46 20.33 -9.59
CA ASP B 458 34.55 19.60 -10.19
C ASP B 458 35.54 19.06 -9.15
N GLN B 459 35.22 19.13 -7.87
CA GLN B 459 36.09 18.59 -6.84
C GLN B 459 35.48 17.30 -6.29
N ASP B 460 36.34 16.41 -5.78
CA ASP B 460 35.89 15.14 -5.19
C ASP B 460 35.20 14.26 -6.22
N ILE B 461 35.69 14.33 -7.47
CA ILE B 461 35.18 13.53 -8.57
C ILE B 461 36.32 12.84 -9.28
N ASP B 462 36.00 11.73 -9.92
CA ASP B 462 36.82 11.13 -10.94
C ASP B 462 36.06 11.17 -12.25
N VAL B 463 36.78 11.25 -13.35
CA VAL B 463 36.14 11.18 -14.67
C VAL B 463 36.07 9.71 -15.04
N ASP B 464 34.85 9.20 -15.15
CA ASP B 464 34.63 7.86 -15.62
C ASP B 464 34.61 7.89 -17.14
N ASP B 465 35.32 6.96 -17.76
CA ASP B 465 35.21 6.74 -19.20
C ASP B 465 35.39 8.04 -20.00
N PRO B 466 36.54 8.70 -19.90
CA PRO B 466 36.74 9.95 -20.63
C PRO B 466 36.71 9.73 -22.14
N GLY B 467 35.98 10.61 -22.83
CA GLY B 467 35.91 10.59 -24.28
C GLY B 467 34.86 9.67 -24.85
N GLN B 468 34.28 8.80 -24.03
CA GLN B 468 33.22 7.90 -24.42
C GLN B 468 31.85 8.55 -24.27
N SER B 469 30.87 7.85 -24.82
CA SER B 469 29.45 8.17 -24.63
C SER B 469 29.09 8.27 -23.15
N SER B 470 29.70 7.41 -22.32
CA SER B 470 29.41 7.27 -20.91
C SER B 470 30.26 8.17 -20.02
N ASN B 471 31.02 9.09 -20.62
CA ASN B 471 31.75 10.11 -19.89
C ASN B 471 30.92 10.67 -18.73
N GLU B 472 31.45 10.55 -17.51
CA GLU B 472 30.70 10.95 -16.33
C GLU B 472 31.65 11.50 -15.27
N TRP B 473 31.22 12.55 -14.56
CA TRP B 473 31.90 13.00 -13.34
C TRP B 473 31.32 12.25 -12.15
N VAL B 474 32.03 11.24 -11.62
CA VAL B 474 31.51 10.41 -10.52
C VAL B 474 32.11 10.83 -9.18
N SER B 475 31.30 11.47 -8.35
CA SER B 475 31.67 11.80 -6.99
C SER B 475 32.38 10.64 -6.29
N ASN B 476 33.53 10.93 -5.71
CA ASN B 476 34.21 10.00 -4.82
C ASN B 476 33.97 10.38 -3.37
N SER B 477 32.92 11.18 -3.11
CA SER B 477 32.46 11.42 -1.76
C SER B 477 31.19 10.57 -1.51
N ARG B 478 30.50 10.87 -0.41
CA ARG B 478 29.35 10.08 -0.02
C ARG B 478 28.14 10.41 -0.90
N ILE B 479 27.49 9.38 -1.44
CA ILE B 479 26.39 9.59 -2.34
C ILE B 479 25.07 9.48 -1.59
N ILE B 480 24.00 9.85 -2.25
CA ILE B 480 22.66 9.73 -1.70
C ILE B 480 21.91 8.74 -2.57
N PRO B 481 21.77 7.49 -2.12
CA PRO B 481 21.22 6.45 -2.99
C PRO B 481 19.74 6.66 -3.26
N SER B 482 19.32 6.08 -4.38
CA SER B 482 17.91 5.82 -4.62
C SER B 482 17.34 4.91 -3.54
N LYS B 483 16.04 5.05 -3.28
CA LYS B 483 15.32 4.04 -2.50
C LYS B 483 15.35 2.67 -3.19
N ASP B 484 15.51 2.66 -4.52
CA ASP B 484 15.62 1.46 -5.34
C ASP B 484 16.96 0.77 -5.14
N GLU B 485 17.05 -0.08 -4.13
CA GLU B 485 18.34 -0.61 -3.74
C GLU B 485 18.83 -1.70 -4.70
N THR B 486 20.10 -2.06 -4.51
CA THR B 486 20.75 -3.13 -5.25
C THR B 486 21.76 -3.75 -4.33
N ASN B 487 21.72 -5.07 -4.15
CA ASN B 487 22.62 -5.71 -3.19
C ASN B 487 24.00 -5.97 -3.82
N ILE B 488 24.74 -4.87 -3.96
CA ILE B 488 26.07 -4.83 -4.55
C ILE B 488 26.88 -3.79 -3.78
N ALA B 489 28.02 -4.19 -3.22
CA ALA B 489 28.79 -3.31 -2.33
C ALA B 489 28.87 -1.90 -2.90
N ALA B 490 28.53 -0.93 -2.07
CA ALA B 490 28.83 0.46 -2.41
C ALA B 490 30.35 0.64 -2.55
N LYS B 491 30.75 1.30 -3.63
CA LYS B 491 32.07 1.90 -3.82
C LYS B 491 32.42 2.82 -2.64
N PRO B 492 33.56 2.63 -1.96
CA PRO B 492 33.85 3.43 -0.76
C PRO B 492 34.23 4.87 -1.07
N ALA B 493 33.66 5.80 -0.32
CA ALA B 493 34.04 7.20 -0.46
C ALA B 493 35.49 7.37 -0.04
N THR B 494 36.27 8.04 -0.88
CA THR B 494 37.63 8.38 -0.53
C THR B 494 37.76 9.82 -0.02
N SER B 495 36.92 10.71 -0.49
CA SER B 495 37.03 12.12 -0.16
C SER B 495 35.93 12.52 0.82
N SER B 496 36.25 13.48 1.66
CA SER B 496 35.32 13.89 2.71
C SER B 496 34.18 14.70 2.13
N LEU B 497 33.05 14.70 2.85
CA LEU B 497 31.84 15.33 2.35
C LEU B 497 31.80 16.81 2.75
N LYS B 498 31.60 17.69 1.77
CA LYS B 498 31.73 19.11 1.99
C LYS B 498 30.38 19.74 2.35
N LEU B 499 30.43 21.00 2.77
CA LEU B 499 29.29 21.66 3.38
C LEU B 499 28.57 22.58 2.40
N PRO B 500 27.28 22.85 2.64
CA PRO B 500 26.48 22.25 3.71
C PRO B 500 25.91 20.86 3.36
N PHE B 501 25.40 20.15 4.37
CA PHE B 501 24.97 18.76 4.23
C PHE B 501 23.52 18.68 3.76
N TYR B 502 23.21 19.31 2.63
CA TYR B 502 21.83 19.33 2.17
C TYR B 502 21.72 18.77 0.75
N PRO B 503 20.64 18.05 0.42
CA PRO B 503 20.44 17.61 -0.96
C PRO B 503 20.35 18.81 -1.89
N ASN B 504 20.34 18.53 -3.19
CA ASN B 504 20.33 19.58 -4.20
C ASN B 504 19.57 19.09 -5.42
N ASP B 505 19.63 19.89 -6.52
CA ASP B 505 18.82 19.66 -7.72
C ASP B 505 19.09 18.32 -8.36
N GLY B 506 20.31 17.82 -8.30
CA GLY B 506 20.63 16.57 -8.94
C GLY B 506 20.52 15.37 -8.01
N ILE B 507 19.68 15.46 -6.98
CA ILE B 507 19.53 14.37 -6.03
C ILE B 507 19.08 13.08 -6.72
N ASP B 508 18.35 13.18 -7.82
CA ASP B 508 17.85 12.02 -8.52
C ASP B 508 18.95 11.08 -9.00
N TYR B 509 20.22 11.52 -8.98
CA TYR B 509 21.31 10.86 -9.70
C TYR B 509 22.42 10.37 -8.78
N PRO B 510 22.30 9.20 -8.21
CA PRO B 510 23.37 8.71 -7.34
C PRO B 510 24.72 8.82 -8.05
N GLY B 511 25.67 9.53 -7.43
CA GLY B 511 26.98 9.71 -7.98
C GLY B 511 27.23 11.10 -8.55
N SER B 512 26.17 11.85 -8.84
CA SER B 512 26.36 13.20 -9.37
C SER B 512 26.83 14.11 -8.24
N PRO B 513 27.86 14.93 -8.47
CA PRO B 513 28.25 15.92 -7.45
C PRO B 513 27.15 16.94 -7.20
N VAL B 514 26.09 16.96 -8.00
CA VAL B 514 25.01 17.90 -7.80
C VAL B 514 23.90 17.33 -6.91
N GLN B 515 24.07 16.10 -6.39
CA GLN B 515 23.15 15.59 -5.37
C GLN B 515 23.20 16.43 -4.10
N TRP B 516 24.29 17.16 -3.90
CA TRP B 516 24.54 17.92 -2.68
C TRP B 516 24.53 19.41 -2.98
N PHE B 517 24.14 20.20 -1.98
CA PHE B 517 23.97 21.63 -2.19
C PHE B 517 25.28 22.38 -2.01
N ALA B 518 25.59 23.23 -2.96
CA ALA B 518 26.74 24.13 -2.85
C ALA B 518 26.27 25.57 -3.00
N ILE B 519 26.75 26.44 -2.11
CA ILE B 519 26.48 27.87 -2.28
C ILE B 519 26.84 28.33 -3.69
N PRO B 520 26.08 29.24 -4.29
CA PRO B 520 26.23 29.54 -5.73
C PRO B 520 27.55 30.22 -6.05
N PRO B 521 28.01 30.10 -7.30
CA PRO B 521 29.33 30.62 -7.71
C PRO B 521 29.73 31.97 -7.13
N PHE B 522 28.84 32.95 -7.18
CA PHE B 522 29.22 34.28 -6.73
C PHE B 522 29.46 34.30 -5.21
N MET B 523 28.66 33.56 -4.44
CA MET B 523 28.91 33.54 -3.01
C MET B 523 30.16 32.74 -2.66
N TYR B 524 30.38 31.60 -3.32
CA TYR B 524 31.64 30.90 -3.14
C TYR B 524 32.81 31.81 -3.52
N GLN B 525 32.65 32.60 -4.60
CA GLN B 525 33.69 33.53 -5.00
C GLN B 525 34.06 34.46 -3.84
N HIS B 526 33.05 35.03 -3.18
CA HIS B 526 33.31 35.81 -1.97
C HIS B 526 34.10 34.99 -0.96
N LEU B 527 33.73 33.72 -0.79
CA LEU B 527 34.37 32.90 0.24
C LEU B 527 35.80 32.54 -0.15
N GLN B 528 36.09 32.47 -1.45
CA GLN B 528 37.45 32.23 -1.91
C GLN B 528 38.32 33.48 -1.78
N ASN B 529 37.76 34.65 -2.06
CA ASN B 529 38.43 35.90 -1.77
C ASN B 529 38.76 36.00 -0.30
N TRP B 530 37.76 35.77 0.57
CA TRP B 530 37.98 35.79 2.01
C TRP B 530 39.14 34.88 2.39
N ALA B 531 39.12 33.63 1.90
CA ALA B 531 40.21 32.71 2.20
C ALA B 531 41.56 33.31 1.84
N ALA B 532 41.66 33.90 0.65
CA ALA B 532 42.93 34.43 0.12
C ALA B 532 43.36 35.77 0.74
N GLY B 533 42.66 36.30 1.75
CA GLY B 533 42.97 37.63 2.24
C GLY B 533 42.51 38.79 1.36
N ASP B 534 41.88 38.53 0.22
CA ASP B 534 41.52 39.63 -0.69
C ASP B 534 40.10 40.12 -0.39
N PHE B 535 39.95 40.68 0.80
CA PHE B 535 38.70 41.26 1.24
C PHE B 535 39.05 42.44 2.14
N SER B 536 38.08 43.31 2.36
CA SER B 536 38.27 44.41 3.29
C SER B 536 37.23 44.33 4.39
N VAL B 537 37.49 45.09 5.45
CA VAL B 537 36.61 45.16 6.59
C VAL B 537 36.98 46.43 7.33
N THR B 538 35.98 47.14 7.83
CA THR B 538 36.26 48.35 8.58
C THR B 538 36.67 48.00 10.01
N GLN B 539 37.34 48.94 10.65
CA GLN B 539 37.81 48.71 12.00
C GLN B 539 36.65 48.62 12.99
N VAL B 540 35.53 49.26 12.67
CA VAL B 540 34.38 49.21 13.57
C VAL B 540 33.74 47.83 13.56
N GLU B 541 33.75 47.14 12.41
CA GLU B 541 33.31 45.74 12.37
C GLU B 541 34.22 44.87 13.23
N LYS B 542 35.54 45.06 13.10
CA LYS B 542 36.47 44.33 13.96
C LYS B 542 36.16 44.56 15.44
N GLU B 543 35.77 45.77 15.82
CA GLU B 543 35.55 46.04 17.24
C GLU B 543 34.20 45.58 17.74
N SER B 544 33.37 44.94 16.90
CA SER B 544 32.12 44.35 17.35
C SER B 544 32.03 42.89 16.96
N ALA B 545 33.13 42.15 17.09
CA ALA B 545 33.21 40.81 16.52
C ALA B 545 34.01 39.87 17.41
N ASN B 546 33.81 40.00 18.73
CA ASN B 546 34.42 39.04 19.66
C ASN B 546 33.76 37.68 19.57
N THR B 547 32.45 37.66 19.34
CA THR B 547 31.68 36.46 19.07
C THR B 547 30.92 36.65 17.76
N ILE B 548 30.23 35.59 17.30
CA ILE B 548 29.44 35.74 16.08
C ILE B 548 28.12 36.48 16.36
N GLU B 549 27.54 36.27 17.54
CA GLU B 549 26.30 36.99 17.85
C GLU B 549 26.55 38.47 17.94
N GLU B 550 27.65 38.88 18.58
CA GLU B 550 27.94 40.31 18.69
C GLU B 550 27.99 40.96 17.31
N LEU B 551 28.76 40.37 16.38
CA LEU B 551 28.80 40.90 15.02
C LEU B 551 27.44 40.81 14.35
N GLY B 552 26.71 39.72 14.62
CA GLY B 552 25.35 39.61 14.09
C GLY B 552 24.47 40.78 14.49
N LEU B 553 24.50 41.16 15.77
CA LEU B 553 23.79 42.36 16.20
C LEU B 553 24.29 43.61 15.47
N PHE B 554 25.60 43.75 15.33
CA PHE B 554 26.11 44.98 14.74
C PHE B 554 25.63 45.15 13.29
N TYR B 555 25.66 44.07 12.51
CA TYR B 555 25.17 44.14 11.14
C TYR B 555 23.67 44.38 11.11
N SER B 556 22.92 43.77 12.05
CA SER B 556 21.49 43.97 12.14
C SER B 556 21.12 45.45 12.24
N GLU B 557 21.85 46.21 13.08
CA GLU B 557 21.51 47.62 13.22
C GLU B 557 21.95 48.43 12.03
N GLN B 558 22.93 47.93 11.26
CA GLN B 558 23.26 48.56 9.99
C GLN B 558 22.10 48.48 9.03
N PHE B 559 21.33 47.40 9.08
CA PHE B 559 20.13 47.31 8.25
C PHE B 559 19.07 48.28 8.73
N LYS B 560 18.88 48.36 10.06
CA LYS B 560 17.87 49.25 10.62
C LYS B 560 18.15 50.71 10.26
N ASN B 561 19.41 51.13 10.32
CA ASN B 561 19.76 52.53 10.07
C ASN B 561 19.94 52.86 8.59
N SER B 562 19.82 51.88 7.71
CA SER B 562 20.00 52.15 6.28
C SER B 562 18.83 52.97 5.74
N PRO B 563 19.10 54.05 4.99
CA PRO B 563 18.03 54.99 4.65
C PRO B 563 17.12 54.55 3.52
N ASN B 564 17.52 53.62 2.66
CA ASN B 564 16.70 53.29 1.49
C ASN B 564 15.68 52.24 1.89
N SER B 565 14.59 52.71 2.51
CA SER B 565 13.58 51.79 3.01
C SER B 565 12.88 51.06 1.88
N ALA B 566 12.87 51.63 0.67
CA ALA B 566 12.19 50.97 -0.44
C ALA B 566 12.97 49.77 -0.93
N LEU B 567 14.30 49.85 -0.92
CA LEU B 567 15.16 48.77 -1.39
C LEU B 567 15.43 47.74 -0.31
N LEU B 568 15.57 48.18 0.94
CA LEU B 568 15.55 47.25 2.05
C LEU B 568 14.27 46.42 2.01
N CYS B 569 13.16 47.10 1.77
CA CYS B 569 11.86 46.45 1.66
C CYS B 569 11.85 45.40 0.55
N ALA B 570 12.40 45.74 -0.62
CA ALA B 570 12.45 44.75 -1.71
C ALA B 570 13.22 43.52 -1.28
N ARG B 571 14.37 43.70 -0.63
CA ARG B 571 15.18 42.58 -0.21
C ARG B 571 14.50 41.81 0.92
N GLY B 572 13.91 42.53 1.88
CA GLY B 572 13.24 41.87 2.99
C GLY B 572 12.22 40.84 2.57
N ALA B 573 11.54 41.08 1.44
CA ALA B 573 10.52 40.15 1.02
C ALA B 573 11.10 38.81 0.58
N LEU B 574 12.42 38.75 0.33
CA LEU B 574 13.01 37.61 -0.36
C LEU B 574 14.20 37.00 0.35
N ASP B 575 14.83 37.72 1.28
CA ASP B 575 15.96 37.23 2.07
C ASP B 575 15.54 36.12 3.02
N ALA B 576 14.25 35.88 3.17
CA ALA B 576 13.72 34.83 4.00
C ALA B 576 13.16 33.66 3.18
N LEU B 577 13.12 33.78 1.86
CA LEU B 577 12.73 32.68 0.99
C LEU B 577 13.94 31.83 0.61
N TYR B 578 13.70 30.56 0.38
CA TYR B 578 14.79 29.64 0.08
C TYR B 578 15.33 29.88 -1.33
N GLY B 579 16.64 29.72 -1.47
CA GLY B 579 17.29 29.94 -2.73
C GLY B 579 18.04 28.70 -3.20
N GLY B 580 17.44 27.53 -3.03
CA GLY B 580 18.10 26.28 -3.36
C GLY B 580 18.22 25.35 -2.15
N GLY B 581 18.24 24.05 -2.38
CA GLY B 581 18.13 23.45 -3.70
C GLY B 581 16.70 23.54 -4.19
N PHE B 582 16.51 23.31 -5.49
CA PHE B 582 15.20 23.45 -6.14
C PHE B 582 14.76 22.10 -6.64
N HIS B 583 13.88 21.46 -5.91
CA HIS B 583 13.43 20.15 -6.33
C HIS B 583 12.02 19.83 -5.85
N PRO B 584 11.05 20.77 -5.99
CA PRO B 584 11.19 22.07 -6.64
C PRO B 584 11.57 23.19 -5.70
N GLY B 585 11.50 22.97 -4.40
CA GLY B 585 11.77 24.02 -3.45
C GLY B 585 10.56 24.22 -2.56
N VAL B 586 10.57 25.32 -1.81
CA VAL B 586 9.52 25.60 -0.84
C VAL B 586 8.51 26.61 -1.36
N GLU B 587 8.99 27.82 -1.66
CA GLU B 587 8.14 28.91 -2.12
C GLU B 587 8.18 29.07 -3.65
N LEU B 588 9.36 29.30 -4.20
CA LEU B 588 9.57 29.54 -5.62
C LEU B 588 10.65 28.61 -6.13
N THR B 589 10.76 28.50 -7.45
CA THR B 589 11.71 27.54 -8.01
C THR B 589 12.55 28.16 -9.13
N TRP B 590 13.10 27.29 -9.97
CA TRP B 590 14.35 27.58 -10.65
C TRP B 590 14.29 28.73 -11.64
N PRO B 591 13.17 29.04 -12.30
CA PRO B 591 13.17 30.21 -13.20
C PRO B 591 13.62 31.50 -12.49
N MET B 592 13.55 31.56 -11.15
CA MET B 592 13.99 32.76 -10.44
C MET B 592 15.50 32.99 -10.49
N ARG B 593 16.27 31.93 -10.70
CA ARG B 593 17.70 31.89 -10.87
C ARG B 593 18.24 32.53 -12.14
N HIS B 594 17.38 32.96 -13.03
CA HIS B 594 17.81 33.38 -14.36
C HIS B 594 17.46 34.85 -14.58
N ASN B 595 18.40 35.57 -15.19
CA ASN B 595 18.18 36.99 -15.44
C ASN B 595 17.01 37.20 -16.38
N LEU B 596 16.73 36.21 -17.25
CA LEU B 596 15.67 36.35 -18.24
C LEU B 596 14.29 36.59 -17.62
N ILE B 597 14.08 36.25 -16.35
CA ILE B 597 12.79 36.55 -15.77
C ILE B 597 12.66 38.02 -15.37
N TYR B 598 13.76 38.75 -15.21
CA TYR B 598 13.72 40.12 -14.71
C TYR B 598 13.87 41.07 -15.87
N SER B 599 12.86 41.95 -16.05
CA SER B 599 13.01 43.07 -16.95
C SER B 599 14.07 44.06 -16.48
N GLN B 600 14.48 44.00 -15.22
CA GLN B 600 15.53 44.88 -14.71
C GLN B 600 16.11 44.27 -13.45
N ASN B 601 17.42 44.44 -13.26
CA ASN B 601 18.07 43.76 -12.14
C ASN B 601 19.45 44.39 -11.99
N ASP B 602 19.54 45.43 -11.15
CA ASP B 602 20.68 46.33 -11.12
C ASP B 602 21.17 46.57 -9.70
N TYR B 603 22.48 46.48 -9.50
CA TYR B 603 23.05 46.90 -8.26
C TYR B 603 22.89 48.42 -8.11
N VAL B 604 22.58 48.87 -6.90
CA VAL B 604 22.57 50.31 -6.65
C VAL B 604 23.67 50.68 -5.66
N SER B 605 23.67 50.09 -4.47
CA SER B 605 24.50 50.63 -3.40
C SER B 605 24.81 49.57 -2.36
N SER B 606 25.84 49.83 -1.57
CA SER B 606 26.04 49.17 -0.28
C SER B 606 24.83 49.39 0.61
N VAL B 607 24.70 48.52 1.62
CA VAL B 607 23.69 48.76 2.65
C VAL B 607 24.05 50.02 3.41
N THR B 608 25.31 50.21 3.66
CA THR B 608 25.90 51.35 4.35
C THR B 608 27.00 51.87 3.46
N PRO B 609 27.39 53.14 3.60
CA PRO B 609 28.54 53.62 2.81
C PRO B 609 29.73 52.69 2.94
N GLU B 610 30.12 52.32 4.16
CA GLU B 610 31.31 51.52 4.38
C GLU B 610 31.06 50.03 4.29
N ILE B 611 29.80 49.58 4.31
CA ILE B 611 29.48 48.19 4.58
C ILE B 611 28.49 47.65 3.56
N ASN B 612 28.92 46.71 2.74
CA ASN B 612 28.06 46.19 1.67
C ASN B 612 26.94 45.30 2.21
N LEU B 613 27.31 44.19 2.88
CA LEU B 613 26.35 43.16 3.29
C LEU B 613 25.55 42.60 2.10
N LEU B 614 26.24 42.31 1.00
CA LEU B 614 25.66 41.75 -0.21
C LEU B 614 24.84 42.75 -1.03
N GLY B 615 24.64 43.97 -0.54
CA GLY B 615 24.11 45.03 -1.37
C GLY B 615 22.60 45.09 -1.40
N LEU B 616 22.12 46.15 -2.03
CA LEU B 616 20.72 46.39 -2.33
C LEU B 616 20.58 46.60 -3.84
N ARG B 617 19.52 46.05 -4.42
CA ARG B 617 19.35 46.09 -5.86
C ARG B 617 17.94 46.54 -6.20
N GLU B 618 17.81 47.10 -7.41
CA GLU B 618 16.53 47.44 -8.00
C GLU B 618 16.20 46.39 -9.06
N PHE B 619 15.15 45.61 -8.84
CA PHE B 619 14.85 44.51 -9.73
C PHE B 619 13.35 44.40 -9.93
N ARG B 620 12.97 43.97 -11.13
CA ARG B 620 11.56 43.84 -11.50
C ARG B 620 11.40 42.63 -12.41
N LEU B 621 10.29 41.93 -12.22
CA LEU B 621 9.98 40.78 -13.05
C LEU B 621 9.44 41.22 -14.40
N LYS B 622 9.68 40.41 -15.42
CA LYS B 622 8.97 40.58 -16.67
C LYS B 622 7.49 40.34 -16.44
N GLN B 623 6.64 41.18 -17.03
CA GLN B 623 5.19 41.03 -16.82
C GLN B 623 4.46 41.14 -18.15
N ASP B 624 3.52 40.24 -18.35
CA ASP B 624 2.52 40.39 -19.41
C ASP B 624 1.53 41.46 -18.99
N LEU B 625 1.46 42.58 -19.72
CA LEU B 625 0.65 43.69 -19.26
C LEU B 625 -0.85 43.44 -19.39
N GLN B 626 -1.28 42.33 -20.00
CA GLN B 626 -2.70 41.98 -20.05
C GLN B 626 -3.14 41.06 -18.93
N GLY B 627 -2.23 40.69 -18.03
CA GLY B 627 -2.57 39.84 -16.91
C GLY B 627 -3.50 38.70 -17.26
N LEU B 628 -4.63 38.61 -16.56
CA LEU B 628 -5.56 37.50 -16.74
C LEU B 628 -6.08 37.39 -18.17
N ASN B 629 -5.96 38.45 -18.96
CA ASN B 629 -6.44 38.42 -20.33
C ASN B 629 -5.31 38.25 -21.33
N SER B 630 -4.10 37.96 -20.86
CA SER B 630 -3.02 37.65 -21.78
C SER B 630 -3.47 36.56 -22.75
N PRO B 631 -3.17 36.68 -24.05
CA PRO B 631 -3.35 35.54 -24.95
C PRO B 631 -2.43 34.36 -24.64
N ASN B 632 -1.48 34.53 -23.72
CA ASN B 632 -0.61 33.44 -23.27
C ASN B 632 -0.94 32.97 -21.86
N MET B 633 -2.05 33.46 -21.30
CA MET B 633 -2.45 33.06 -19.95
C MET B 633 -2.44 31.53 -19.81
N TYR B 634 -2.91 30.84 -20.84
CA TYR B 634 -3.12 29.40 -20.78
C TYR B 634 -2.17 28.63 -21.67
N GLN B 635 -1.03 29.22 -22.04
CA GLN B 635 -0.11 28.54 -22.94
C GLN B 635 0.52 27.34 -22.26
N ASP B 636 0.96 26.41 -23.09
CA ASP B 636 1.81 25.30 -22.67
C ASP B 636 2.55 24.78 -23.89
N PHE B 637 3.11 23.56 -23.79
CA PHE B 637 3.99 22.99 -24.81
C PHE B 637 3.51 21.63 -25.29
N GLY B 638 2.21 21.38 -25.24
CA GLY B 638 1.70 20.08 -25.64
C GLY B 638 1.89 19.02 -24.56
N HIS B 639 2.11 17.77 -25.02
CA HIS B 639 2.06 16.60 -24.13
C HIS B 639 3.18 16.60 -23.08
N VAL B 640 4.34 17.20 -23.38
CA VAL B 640 5.41 17.24 -22.40
C VAL B 640 6.09 18.61 -22.47
N ILE B 641 6.83 18.93 -21.41
CA ILE B 641 7.75 20.05 -21.39
C ILE B 641 9.15 19.48 -21.20
N ALA B 642 10.12 20.07 -21.90
CA ALA B 642 11.48 19.61 -21.85
C ALA B 642 12.39 20.82 -21.89
N VAL B 643 13.68 20.57 -21.69
CA VAL B 643 14.63 21.67 -21.72
C VAL B 643 14.57 22.37 -23.07
N ASP B 644 14.41 21.58 -24.15
CA ASP B 644 14.33 22.16 -25.48
C ASP B 644 13.35 23.32 -25.49
N ASN B 645 12.23 23.18 -24.78
CA ASN B 645 11.28 24.29 -24.75
C ASN B 645 11.92 25.51 -24.11
N VAL B 646 12.67 25.29 -23.03
CA VAL B 646 13.33 26.42 -22.38
C VAL B 646 14.45 26.97 -23.24
N THR B 647 15.12 26.12 -24.02
CA THR B 647 16.13 26.60 -24.94
C THR B 647 15.52 27.49 -26.04
N ALA B 648 14.35 27.12 -26.56
CA ALA B 648 13.66 27.98 -27.52
C ALA B 648 13.20 29.29 -26.88
N SER B 649 12.84 29.25 -25.60
CA SER B 649 12.29 30.42 -24.91
C SER B 649 13.32 31.51 -24.63
N ILE B 650 14.62 31.22 -24.82
CA ILE B 650 15.67 32.22 -24.62
C ILE B 650 15.60 33.31 -25.68
N ASP B 651 15.17 32.96 -26.90
CA ASP B 651 15.06 33.94 -27.98
C ASP B 651 13.76 34.70 -27.85
N PRO B 652 13.80 36.03 -27.64
CA PRO B 652 12.57 36.76 -27.29
C PRO B 652 11.55 36.83 -28.41
N ASN B 653 11.89 36.39 -29.62
CA ASN B 653 10.94 36.34 -30.74
C ASN B 653 10.34 34.96 -30.92
N SER B 654 10.76 33.99 -30.11
CA SER B 654 10.25 32.64 -30.14
C SER B 654 8.80 32.59 -29.67
N ASP B 655 8.08 31.55 -30.07
CA ASP B 655 6.77 31.33 -29.46
C ASP B 655 6.87 30.51 -28.17
N ALA B 656 8.07 30.37 -27.63
CA ALA B 656 8.28 29.86 -26.29
C ALA B 656 8.70 30.96 -25.31
N ALA B 657 8.93 32.18 -25.80
CA ALA B 657 9.39 33.28 -24.96
C ALA B 657 8.40 33.67 -23.87
N TRP B 658 7.11 33.31 -24.04
CA TRP B 658 6.10 33.67 -23.05
C TRP B 658 6.40 33.07 -21.69
N LEU B 659 7.16 31.97 -21.66
CA LEU B 659 7.60 31.35 -20.42
C LEU B 659 8.28 32.34 -19.46
N TRP B 660 8.92 33.39 -19.98
CA TRP B 660 9.63 34.32 -19.12
C TRP B 660 8.84 35.60 -18.82
N ARG B 661 7.65 35.75 -19.39
CA ARG B 661 6.87 36.98 -19.28
C ARG B 661 5.63 36.64 -18.47
N SER B 662 5.71 36.87 -17.17
CA SER B 662 4.80 36.19 -16.26
C SER B 662 3.39 36.76 -16.35
N THR B 663 2.43 35.86 -16.45
CA THR B 663 1.02 36.09 -16.21
C THR B 663 0.64 35.55 -14.84
N PRO B 664 -0.54 35.90 -14.32
CA PRO B 664 -0.92 35.41 -13.00
C PRO B 664 -0.87 33.89 -12.96
N GLY B 665 -0.28 33.35 -11.89
CA GLY B 665 -0.12 31.92 -11.72
C GLY B 665 1.21 31.35 -12.17
N ASP B 666 2.04 32.14 -12.88
CA ASP B 666 3.21 31.58 -13.52
C ASP B 666 4.37 31.31 -12.58
N LEU B 667 4.46 31.98 -11.42
CA LEU B 667 5.61 31.70 -10.55
C LEU B 667 5.38 30.44 -9.71
N THR B 668 4.15 30.22 -9.24
CA THR B 668 3.88 29.09 -8.37
C THR B 668 3.42 27.83 -9.08
N LYS B 669 3.08 27.91 -10.39
CA LYS B 669 2.58 26.71 -11.09
C LYS B 669 3.59 25.57 -11.06
N TRP B 670 4.88 25.90 -10.95
CA TRP B 670 5.91 24.86 -10.90
C TRP B 670 5.83 23.99 -9.65
N MET B 671 5.44 24.54 -8.50
CA MET B 671 5.63 23.85 -7.23
C MET B 671 4.69 22.64 -7.11
N GLY B 672 4.74 22.00 -5.94
CA GLY B 672 4.01 20.78 -5.72
C GLY B 672 2.54 21.05 -5.45
N ILE B 673 1.70 20.20 -6.02
CA ILE B 673 0.25 20.27 -5.86
C ILE B 673 -0.19 19.01 -5.09
N PRO B 674 -0.71 19.13 -3.85
CA PRO B 674 -0.87 20.38 -3.11
C PRO B 674 0.46 20.74 -2.41
N TRP B 675 0.59 21.97 -1.88
CA TRP B 675 1.88 22.30 -1.28
C TRP B 675 2.17 21.46 -0.02
N GLN B 676 1.15 20.93 0.66
CA GLN B 676 1.44 20.15 1.86
C GLN B 676 2.21 18.87 1.54
N SER B 677 2.03 18.31 0.35
CA SER B 677 2.83 17.15 -0.04
C SER B 677 4.29 17.52 -0.17
N ASN B 678 4.54 18.70 -0.63
CA ASN B 678 5.85 19.10 -0.83
C ASN B 678 6.51 19.48 0.47
N ALA B 679 5.78 20.11 1.34
CA ALA B 679 6.25 20.35 2.69
C ALA B 679 6.65 19.05 3.39
N ALA B 680 5.86 18.03 3.29
CA ALA B 680 6.17 16.84 3.97
C ALA B 680 7.36 16.07 3.39
N SER B 681 7.58 16.22 2.12
CA SER B 681 8.69 15.68 1.42
C SER B 681 9.97 16.45 1.67
N CYS B 682 9.88 17.67 2.16
CA CYS B 682 11.00 18.58 2.32
C CYS B 682 11.49 18.45 3.77
N GLN B 683 12.26 17.38 4.01
CA GLN B 683 12.70 16.92 5.33
C GLN B 683 14.06 16.24 5.21
N ALA B 684 14.25 15.13 5.92
CA ALA B 684 15.53 14.41 5.89
C ALA B 684 15.59 13.41 4.73
N VAL B 685 16.76 13.33 4.10
CA VAL B 685 17.07 12.23 3.19
C VAL B 685 18.17 11.42 3.87
N TYR B 686 17.86 10.19 4.27
CA TYR B 686 18.85 9.39 4.99
C TYR B 686 19.76 8.64 4.04
N THR B 687 21.04 8.59 4.37
CA THR B 687 22.05 7.79 3.73
C THR B 687 22.29 6.53 4.52
N PRO B 688 22.99 5.56 3.94
CA PRO B 688 23.38 4.37 4.73
C PRO B 688 24.19 4.74 5.96
N GLU B 689 24.97 5.82 5.89
CA GLU B 689 25.65 6.37 7.07
C GLU B 689 24.68 7.24 7.87
N ASP B 690 24.61 6.96 9.18
CA ASP B 690 23.70 7.67 10.10
C ASP B 690 23.92 9.18 10.12
N PHE B 691 25.17 9.63 10.10
CA PHE B 691 25.48 11.04 10.32
C PHE B 691 26.52 11.53 9.34
N PRO B 692 26.42 12.81 8.92
CA PRO B 692 25.35 13.74 9.26
C PRO B 692 24.06 13.41 8.52
N ILE B 693 22.89 13.71 9.10
CA ILE B 693 21.62 13.48 8.42
C ILE B 693 21.39 14.62 7.43
N PRO B 694 21.17 14.34 6.14
CA PRO B 694 20.90 15.44 5.20
C PRO B 694 19.46 15.92 5.31
N SER B 695 19.26 17.22 5.17
CA SER B 695 17.93 17.81 5.21
C SER B 695 17.80 18.83 4.11
N TRP B 696 16.60 18.97 3.56
CA TRP B 696 16.38 19.79 2.36
C TRP B 696 16.41 21.27 2.65
N TRQ B 697 15.48 21.72 3.48
CA TRQ B 697 15.16 23.13 3.64
C TRQ B 697 14.83 23.51 5.12
O TRQ B 697 13.75 24.11 5.37
CB TRQ B 697 13.98 23.50 2.74
CG TRQ B 697 14.12 23.22 1.29
CD1 TRQ B 697 15.09 23.82 0.45
NE1 TRQ B 697 14.96 23.36 -0.84
CE2 TRQ B 697 13.89 22.47 -0.91
CZ2 TRQ B 697 13.37 21.75 -2.06
CH2 TRQ B 697 12.18 20.85 -1.76
CZ3 TRQ B 697 11.67 20.77 -0.40
CE3 TRQ B 697 12.21 21.49 0.57
CD2 TRQ B 697 13.34 22.35 0.41
O6 TRQ B 697 11.64 20.18 -2.67
O7 TRQ B 697 13.85 21.86 -3.17
N ALA B 698 15.73 23.15 6.02
CA ALA B 698 15.44 23.16 7.45
C ALA B 698 15.11 24.53 8.01
N ALA B 699 15.62 25.60 7.39
CA ALA B 699 15.35 26.92 7.94
C ALA B 699 13.87 27.29 7.89
N ASN B 700 13.07 26.58 7.10
CA ASN B 700 11.69 27.01 6.87
C ASN B 700 10.73 25.87 7.18
N LEU B 701 11.19 24.66 6.89
CA LEU B 701 10.52 23.41 7.22
C LEU B 701 11.51 22.66 8.08
N PRO B 702 11.53 22.89 9.39
CA PRO B 702 12.59 22.35 10.24
C PRO B 702 12.57 20.84 10.20
N VAL B 703 13.71 20.26 10.56
CA VAL B 703 13.88 18.81 10.61
C VAL B 703 14.04 18.31 12.05
N HIS B 704 14.91 18.95 12.83
CA HIS B 704 15.11 18.60 14.23
C HIS B 704 15.03 19.89 15.04
N VAL B 705 14.15 19.89 16.06
CA VAL B 705 13.83 21.13 16.77
C VAL B 705 13.89 20.91 18.28
N LEU B 706 14.00 22.03 19.00
CA LEU B 706 13.96 22.01 20.46
C LEU B 706 12.53 22.27 20.89
N PRO B 707 11.83 21.28 21.43
CA PRO B 707 10.41 21.48 21.71
C PRO B 707 10.20 22.26 23.00
N LEU B 708 9.04 22.88 23.07
CA LEU B 708 8.57 23.47 24.31
C LEU B 708 8.84 22.57 25.52
N ALA B 709 8.56 21.26 25.41
CA ALA B 709 8.68 20.39 26.57
C ALA B 709 10.09 20.41 27.15
N ARG B 710 11.11 20.48 26.29
CA ARG B 710 12.48 20.58 26.81
C ARG B 710 12.75 21.98 27.36
N TYR B 711 12.20 23.01 26.72
CA TYR B 711 12.46 24.36 27.18
C TYR B 711 12.02 24.52 28.62
N ASN B 712 10.90 23.90 28.98
CA ASN B 712 10.38 23.92 30.35
C ASN B 712 11.19 23.03 31.30
N LYS B 713 12.22 22.36 30.80
CA LYS B 713 13.14 21.57 31.61
C LYS B 713 14.59 22.07 31.56
N PHE B 714 14.87 23.22 30.93
CA PHE B 714 16.15 23.86 31.20
C PHE B 714 16.05 25.35 31.52
N LYS B 715 14.90 25.99 31.27
CA LYS B 715 14.86 27.44 31.39
C LYS B 715 15.08 27.93 32.81
N ASP B 716 14.67 27.16 33.83
CA ASP B 716 14.71 27.64 35.21
C ASP B 716 16.10 27.45 35.81
N SER B 717 16.46 28.36 36.71
CA SER B 717 17.67 28.16 37.50
C SER B 717 17.31 27.49 38.84
N GLN B 718 18.35 27.00 39.53
CA GLN B 718 18.14 26.23 40.76
C GLN B 718 17.57 27.10 41.88
N SER B 719 17.94 28.37 41.92
CA SER B 719 17.42 29.33 42.89
C SER B 719 15.98 29.75 42.63
N ALA B 720 15.38 29.29 41.53
CA ALA B 720 13.99 29.64 41.26
C ALA B 720 13.11 29.18 42.40
N ASP B 721 12.11 29.98 42.70
CA ASP B 721 11.17 29.66 43.78
C ASP B 721 9.82 29.34 43.13
N LEU B 722 9.62 28.06 42.83
CA LEU B 722 8.36 27.52 42.36
C LEU B 722 8.22 26.13 42.96
N PRO B 723 7.02 25.55 42.91
CA PRO B 723 6.87 24.17 43.41
C PRO B 723 7.62 23.17 42.55
N GLU B 724 7.73 23.45 41.25
CA GLU B 724 8.39 22.59 40.28
C GLU B 724 9.40 23.43 39.50
N ILE B 725 10.65 22.95 39.41
CA ILE B 725 11.73 23.67 38.76
C ILE B 725 12.31 22.78 37.66
N ASN B 726 12.28 23.27 36.42
CA ASN B 726 12.82 22.48 35.31
C ASN B 726 12.21 21.07 35.28
N GLY B 727 10.92 20.97 35.58
CA GLY B 727 10.27 19.69 35.61
C GLY B 727 10.47 18.85 36.87
N MET B 728 11.23 19.33 37.85
CA MET B 728 11.40 18.60 39.10
C MET B 728 10.66 19.33 40.21
N THR B 729 10.35 18.59 41.27
CA THR B 729 9.82 19.21 42.48
C THR B 729 10.88 20.07 43.14
N HIS B 730 10.43 21.20 43.70
CA HIS B 730 11.33 22.10 44.42
C HIS B 730 12.39 21.34 45.24
N SER B 731 11.94 20.36 46.01
CA SER B 731 12.85 19.64 46.90
C SER B 731 13.98 18.98 46.11
N ILE B 732 13.63 18.24 45.05
CA ILE B 732 14.64 17.53 44.27
C ILE B 732 15.60 18.51 43.60
N ALA B 733 15.05 19.56 42.99
CA ALA B 733 15.88 20.55 42.30
C ALA B 733 16.93 21.13 43.23
N GLN B 734 16.52 21.54 44.43
CA GLN B 734 17.41 22.22 45.35
C GLN B 734 18.38 21.27 46.02
N GLY B 735 18.09 19.97 46.01
CA GLY B 735 18.89 19.00 46.73
C GLY B 735 20.12 18.50 46.01
N MET B 736 20.15 18.64 44.69
CA MET B 736 21.29 18.20 43.90
C MET B 736 22.38 19.26 43.87
N SER B 737 23.58 18.83 43.49
CA SER B 737 24.69 19.75 43.32
C SER B 737 24.44 20.70 42.16
N GLU B 738 25.03 21.90 42.28
CA GLU B 738 25.02 22.88 41.20
C GLU B 738 25.48 22.27 39.88
N GLU B 739 26.59 21.52 39.90
CA GLU B 739 27.09 20.91 38.68
C GLU B 739 26.04 19.97 38.09
N THR B 740 25.45 19.13 38.94
CA THR B 740 24.47 18.17 38.44
C THR B 740 23.25 18.89 37.90
N PHE B 741 22.74 19.86 38.65
CA PHE B 741 21.58 20.61 38.19
C PHE B 741 21.83 21.18 36.80
N GLU B 742 23.03 21.73 36.57
CA GLU B 742 23.30 22.36 35.27
C GLU B 742 23.41 21.32 34.17
N HIS B 743 24.14 20.24 34.41
CA HIS B 743 24.18 19.14 33.44
C HIS B 743 22.79 18.71 33.01
N LEU B 744 21.90 18.44 33.97
CA LEU B 744 20.53 18.09 33.61
C LEU B 744 19.93 19.14 32.69
N ARG B 745 20.29 20.41 32.87
CA ARG B 745 19.78 21.45 32.00
C ARG B 745 20.25 21.23 30.55
N LEU B 746 21.55 20.95 30.38
CA LEU B 746 22.12 20.84 29.05
C LEU B 746 21.73 19.54 28.36
N GLU B 747 21.56 18.45 29.12
CA GLU B 747 20.95 17.24 28.55
C GLU B 747 19.60 17.58 27.94
N GLN B 748 18.72 18.22 28.73
CA GLN B 748 17.41 18.63 28.22
C GLN B 748 17.54 19.49 26.95
N PHE B 749 18.41 20.50 27.01
CA PHE B 749 18.67 21.37 25.86
C PHE B 749 19.10 20.58 24.63
N SER B 750 19.82 19.48 24.83
CA SER B 750 20.41 18.70 23.76
C SER B 750 19.42 17.75 23.07
N GLN B 751 18.19 17.65 23.57
CA GLN B 751 17.24 16.68 23.05
C GLN B 751 16.49 17.32 21.90
N ARG B 752 16.79 16.89 20.68
CA ARG B 752 16.07 17.41 19.53
C ARG B 752 15.08 16.37 19.02
N LEU B 753 13.96 16.86 18.52
CA LEU B 753 12.81 16.05 18.15
C LEU B 753 12.56 16.21 16.65
N ASP B 754 12.32 15.09 15.98
CA ASP B 754 11.92 15.15 14.58
C ASP B 754 10.77 16.10 14.39
N TRP B 755 10.89 17.05 13.46
CA TRP B 755 9.84 18.01 13.24
C TRP B 755 8.58 17.37 12.81
N LEU B 756 8.68 16.22 12.23
CA LEU B 756 7.57 15.49 11.75
C LEU B 756 6.79 14.86 12.84
N HIS B 757 7.44 14.67 13.94
CA HIS B 757 6.81 14.13 15.15
C HIS B 757 6.17 15.18 16.04
N THR B 758 6.17 16.47 15.66
CA THR B 758 5.48 17.48 16.45
C THR B 758 3.99 17.53 16.18
N ALA B 759 3.45 16.60 15.39
CA ALA B 759 2.01 16.45 15.22
C ALA B 759 1.74 15.04 14.70
N ASP B 760 0.47 14.67 14.61
CA ASP B 760 0.12 13.31 14.21
C ASP B 760 0.22 13.19 12.67
N LEU B 761 1.34 12.65 12.19
CA LEU B 761 1.49 12.45 10.76
C LEU B 761 1.28 10.99 10.36
N GLY B 762 0.54 10.23 11.16
CA GLY B 762 0.22 8.87 10.78
C GLY B 762 1.10 7.82 11.42
N PHE B 763 1.83 8.17 12.48
CA PHE B 763 2.74 7.30 13.22
C PHE B 763 2.30 7.12 14.67
N VAL B 764 1.13 7.67 15.01
CA VAL B 764 0.61 7.64 16.38
C VAL B 764 -0.31 6.43 16.55
N GLY B 765 -0.10 5.67 17.61
CA GLY B 765 -1.07 4.64 17.99
C GLY B 765 -0.52 3.25 17.78
N TYR B 766 -1.10 2.29 18.50
CA TYR B 766 -0.65 0.90 18.37
C TYR B 766 -0.68 0.50 16.89
N HIS B 767 0.44 -0.03 16.40
CA HIS B 767 0.64 -0.51 15.01
C HIS B 767 0.38 0.56 13.96
N ALA B 768 0.56 1.83 14.29
CA ALA B 768 0.46 2.88 13.28
C ALA B 768 1.58 2.71 12.25
N GLU B 769 1.21 2.82 10.98
CA GLU B 769 2.17 2.55 9.92
C GLU B 769 3.28 3.60 9.84
N GLY B 770 2.95 4.88 10.04
CA GLY B 770 4.01 5.85 9.87
C GLY B 770 4.44 5.97 8.41
N GLY B 771 5.70 6.35 8.23
CA GLY B 771 6.32 6.35 6.92
C GLY B 771 6.10 7.64 6.14
N TYR B 772 6.72 7.67 4.97
CA TYR B 772 6.78 8.87 4.16
C TYR B 772 5.40 9.23 3.60
N THR B 773 4.74 8.25 2.97
CA THR B 773 3.49 8.55 2.30
C THR B 773 2.41 9.02 3.27
N ASN B 774 2.28 8.38 4.43
CA ASN B 774 1.29 8.86 5.40
C ASN B 774 1.60 10.29 5.85
N GLY B 775 2.88 10.63 5.97
CA GLY B 775 3.24 12.04 6.19
C GLY B 775 2.63 12.95 5.15
N LEU B 776 2.81 12.63 3.86
CA LEU B 776 2.22 13.48 2.84
C LEU B 776 0.72 13.58 3.03
N ILE B 777 0.04 12.44 3.26
CA ILE B 777 -1.42 12.46 3.33
C ILE B 777 -1.88 13.29 4.51
N GLN B 778 -1.27 13.10 5.69
CA GLN B 778 -1.75 13.81 6.88
C GLN B 778 -1.30 15.27 6.91
N MET B 779 -0.20 15.61 6.23
CA MET B 779 0.24 17.00 6.20
C MET B 779 -0.81 17.96 5.66
N VAL B 780 -1.77 17.46 4.88
CA VAL B 780 -2.80 18.32 4.31
C VAL B 780 -3.71 18.87 5.41
N SER B 781 -4.02 18.04 6.41
CA SER B 781 -4.75 18.54 7.57
C SER B 781 -3.84 19.03 8.69
N GLN B 782 -2.69 18.37 8.91
CA GLN B 782 -1.83 18.60 10.07
C GLN B 782 -0.87 19.77 9.93
N TRP B 783 -0.70 20.33 8.73
CA TRP B 783 0.29 21.38 8.55
C TRP B 783 0.09 22.48 9.59
N LYS B 784 -1.16 22.74 9.95
CA LYS B 784 -1.48 23.81 10.87
C LYS B 784 -1.15 23.47 12.32
N ASN B 785 -0.77 22.23 12.62
CA ASN B 785 -0.41 21.86 13.98
C ASN B 785 1.09 21.59 14.12
N MET B 786 1.89 21.91 13.12
CA MET B 786 3.31 21.63 13.22
C MET B 786 4.01 22.68 14.07
N ALA B 787 5.07 22.26 14.77
CA ALA B 787 5.75 23.14 15.70
C ALA B 787 6.22 24.40 14.98
N MET B 788 5.99 25.53 15.62
CA MET B 788 6.46 26.83 15.14
C MET B 788 7.65 27.25 16.00
N VAL B 789 8.77 27.56 15.37
CA VAL B 789 9.99 27.87 16.11
C VAL B 789 10.03 29.36 16.43
N MET B 790 10.19 29.68 17.72
CA MET B 790 10.20 31.06 18.21
C MET B 790 11.29 31.25 19.24
N ALA B 791 12.07 32.33 19.09
CA ALA B 791 13.09 32.68 20.07
C ALA B 791 12.50 32.86 21.47
N ARG B 792 13.17 32.29 22.47
CA ARG B 792 12.72 32.39 23.87
C ARG B 792 13.89 32.66 24.78
N PRO B 793 13.67 33.32 25.92
CA PRO B 793 14.78 33.72 26.80
C PRO B 793 15.13 32.63 27.81
N VAL B 794 16.40 32.57 28.16
CA VAL B 794 16.86 31.83 29.32
C VAL B 794 17.44 32.86 30.28
N GLU B 795 16.68 33.24 31.30
CA GLU B 795 17.04 34.45 32.05
C GLU B 795 18.38 34.28 32.75
N ASN B 796 18.66 33.10 33.28
CA ASN B 796 19.86 32.88 34.07
C ASN B 796 20.47 31.54 33.72
N PRO B 797 21.16 31.44 32.57
CA PRO B 797 21.78 30.17 32.17
C PRO B 797 22.94 29.75 33.05
N GLY B 798 23.40 30.64 33.95
CA GLY B 798 24.60 30.38 34.73
C GLY B 798 25.70 29.65 33.98
N SER B 799 26.11 28.50 34.49
CA SER B 799 27.28 27.81 33.97
C SER B 799 26.92 26.69 32.99
N SER B 800 25.64 26.55 32.65
CA SER B 800 25.21 25.34 31.94
C SER B 800 25.59 25.28 30.46
N GLY B 801 26.02 26.39 29.86
CA GLY B 801 26.32 26.42 28.45
C GLY B 801 25.15 26.67 27.53
N ILE B 802 23.95 26.86 28.05
CA ILE B 802 22.82 27.22 27.20
C ILE B 802 22.86 28.72 26.95
N PRO B 803 22.64 29.18 25.72
CA PRO B 803 22.64 30.63 25.46
C PRO B 803 21.44 31.32 26.09
N ASN B 804 21.60 32.64 26.26
CA ASN B 804 20.52 33.47 26.78
C ASN B 804 19.29 33.45 25.88
N VAL B 805 19.49 33.30 24.57
CA VAL B 805 18.41 33.16 23.61
C VAL B 805 18.43 31.74 23.05
N VAL B 806 17.28 31.07 23.08
CA VAL B 806 17.12 29.77 22.45
C VAL B 806 15.93 29.85 21.50
N TYR B 807 15.89 28.96 20.51
CA TYR B 807 14.77 28.94 19.56
C TYR B 807 13.95 27.68 19.80
N VAL B 808 12.72 27.86 20.29
CA VAL B 808 11.88 26.76 20.77
C VAL B 808 10.75 26.49 19.78
N ALA B 809 10.51 25.22 19.50
CA ALA B 809 9.42 24.79 18.63
C ALA B 809 8.17 24.57 19.47
N TYR B 810 7.06 25.19 19.08
CA TYR B 810 5.81 25.10 19.80
C TYR B 810 4.80 24.32 19.00
N SER B 811 4.19 23.34 19.64
CA SER B 811 3.04 22.63 19.10
C SER B 811 2.40 21.90 20.28
N GLN B 812 1.20 21.35 20.05
CA GLN B 812 0.42 20.74 21.13
C GLN B 812 1.00 19.41 21.57
N ALA B 813 1.54 18.61 20.63
CA ALA B 813 2.19 17.36 20.99
C ALA B 813 3.52 17.61 21.68
N ASP B 814 4.25 18.64 21.21
CA ASP B 814 5.45 19.24 21.77
C ASP B 814 5.53 19.40 23.27
N LYS B 815 4.41 19.79 23.87
CA LYS B 815 4.46 20.69 25.01
C LYS B 815 4.65 19.99 26.34
N ASP B 816 4.42 18.68 26.40
CA ASP B 816 4.34 17.94 27.66
C ASP B 816 3.04 18.28 28.40
N CYS C 4 31.28 -14.38 -50.54
CA CYS C 4 30.20 -15.06 -49.82
C CYS C 4 30.03 -16.52 -50.27
N GLN C 5 30.15 -17.43 -49.30
CA GLN C 5 30.34 -18.84 -49.53
C GLN C 5 29.24 -19.65 -48.84
N TYR C 6 29.22 -19.54 -47.52
CA TYR C 6 28.25 -20.13 -46.62
C TYR C 6 27.66 -19.02 -45.75
N LYS C 7 26.36 -19.09 -45.50
CA LYS C 7 25.71 -18.17 -44.57
C LYS C 7 24.90 -18.98 -43.57
N ILE C 8 24.71 -18.42 -42.39
CA ILE C 8 23.90 -19.00 -41.34
C ILE C 8 22.45 -18.54 -41.52
N TYR C 9 21.52 -19.45 -41.30
CA TYR C 9 20.11 -19.09 -41.30
C TYR C 9 19.41 -19.69 -40.10
N PRO C 10 18.40 -19.01 -39.54
CA PRO C 10 17.94 -17.65 -39.83
C PRO C 10 18.94 -16.58 -39.38
N PRO C 11 18.83 -15.36 -39.92
CA PRO C 11 19.72 -14.28 -39.48
C PRO C 11 19.46 -13.84 -38.04
N LEU C 12 18.18 -13.85 -37.61
CA LEU C 12 17.80 -13.59 -36.22
C LEU C 12 17.04 -14.81 -35.72
N GLY C 13 17.73 -15.70 -35.01
CA GLY C 13 17.07 -16.82 -34.37
C GLY C 13 16.26 -16.39 -33.15
N ILE C 14 15.24 -17.18 -32.82
CA ILE C 14 14.41 -16.87 -31.68
C ILE C 14 14.22 -18.12 -30.86
N ALA C 15 14.51 -18.03 -29.56
CA ALA C 15 14.29 -19.12 -28.64
C ALA C 15 13.47 -18.61 -27.45
N ARG C 16 12.53 -19.42 -26.99
CA ARG C 16 11.60 -19.01 -25.95
C ARG C 16 11.79 -19.88 -24.71
N VAL C 17 11.71 -19.24 -23.54
CA VAL C 17 11.97 -19.92 -22.28
C VAL C 17 10.84 -20.91 -21.97
N GLY C 18 11.21 -22.06 -21.44
CA GLY C 18 10.22 -22.95 -20.86
C GLY C 18 10.82 -23.73 -19.72
N ASN C 19 9.98 -24.09 -18.77
CA ASN C 19 10.39 -25.03 -17.72
C ASN C 19 10.34 -26.50 -18.20
N GLY C 20 10.08 -26.75 -19.47
CA GLY C 20 10.27 -28.06 -20.01
C GLY C 20 11.75 -28.35 -20.17
N PRO C 21 12.09 -29.62 -20.32
CA PRO C 21 13.49 -30.00 -20.50
C PRO C 21 14.04 -29.57 -21.87
N ALA C 22 15.37 -29.50 -21.94
CA ALA C 22 16.05 -29.15 -23.19
C ALA C 22 16.51 -30.43 -23.90
N ILE C 23 15.51 -31.15 -24.44
CA ILE C 23 15.72 -32.34 -25.24
C ILE C 23 14.67 -32.30 -26.35
N LYS C 24 15.00 -32.95 -27.48
CA LYS C 24 14.20 -32.81 -28.70
C LYS C 24 12.77 -33.32 -28.56
N PRO C 25 12.53 -34.53 -28.08
CA PRO C 25 11.15 -35.06 -28.02
C PRO C 25 10.22 -34.23 -27.15
N LEU C 26 10.74 -33.42 -26.23
CA LEU C 26 9.90 -32.68 -25.31
C LEU C 26 9.87 -31.19 -25.58
N SER C 27 10.54 -30.74 -26.63
CA SER C 27 10.56 -29.33 -26.93
C SER C 27 9.88 -29.08 -28.27
N LEU C 28 9.74 -27.80 -28.57
CA LEU C 28 9.24 -27.36 -29.86
C LEU C 28 10.35 -26.63 -30.60
N SER C 29 10.15 -26.50 -31.91
CA SER C 29 11.08 -25.73 -32.73
C SER C 29 10.43 -24.43 -33.17
N THR C 30 11.20 -23.38 -33.16
CA THR C 30 10.75 -22.14 -33.75
C THR C 30 10.34 -22.37 -35.20
N PRO C 31 9.21 -21.81 -35.63
CA PRO C 31 8.70 -22.08 -36.98
C PRO C 31 9.71 -21.72 -38.05
N GLU C 32 9.85 -22.61 -39.03
CA GLU C 32 10.70 -22.40 -40.20
C GLU C 32 9.89 -22.18 -41.46
N VAL C 33 8.57 -22.32 -41.40
CA VAL C 33 7.70 -22.09 -42.54
C VAL C 33 6.46 -21.39 -42.00
N PRO C 34 6.21 -20.12 -42.34
CA PRO C 34 5.00 -19.46 -41.84
C PRO C 34 3.73 -20.28 -42.10
N TRP C 35 2.81 -20.24 -41.15
CA TRP C 35 1.46 -20.81 -41.21
C TRP C 35 1.45 -22.33 -41.26
N ALA C 36 2.56 -22.98 -40.93
CA ALA C 36 2.65 -24.42 -41.14
C ALA C 36 1.54 -25.19 -40.43
N HIS C 37 1.04 -24.67 -39.31
CA HIS C 37 0.27 -25.55 -38.44
C HIS C 37 -0.89 -24.84 -37.77
N LEU C 38 -1.55 -23.92 -38.47
CA LEU C 38 -2.58 -23.11 -37.84
C LEU C 38 -3.78 -23.95 -37.38
N TYR C 39 -4.05 -25.06 -38.07
CA TYR C 39 -5.22 -25.87 -37.78
C TYR C 39 -4.87 -27.25 -37.25
N ASP C 40 -3.61 -27.47 -36.89
CA ASP C 40 -3.17 -28.77 -36.38
C ASP C 40 -3.78 -29.02 -34.99
N THR C 41 -4.70 -29.98 -34.90
CA THR C 41 -5.40 -30.27 -33.66
C THR C 41 -4.67 -31.29 -32.81
N ASN C 42 -3.46 -31.68 -33.19
CA ASN C 42 -2.63 -32.58 -32.40
C ASN C 42 -1.50 -31.86 -31.66
N VAL C 43 -1.36 -30.54 -31.83
CA VAL C 43 -0.22 -29.85 -31.23
C VAL C 43 -0.24 -30.04 -29.71
N GLN C 44 0.96 -30.21 -29.15
CA GLN C 44 1.15 -30.34 -27.70
C GLN C 44 2.25 -29.35 -27.32
N TYR C 45 1.83 -28.20 -26.79
CA TYR C 45 2.73 -27.18 -26.30
C TYR C 45 3.10 -27.40 -24.83
N LEU C 46 2.44 -28.31 -24.14
CA LEU C 46 2.71 -28.61 -22.74
C LEU C 46 3.14 -30.06 -22.60
N VAL C 47 4.16 -30.30 -21.79
CA VAL C 47 4.69 -31.65 -21.64
C VAL C 47 3.58 -32.57 -21.15
N THR C 48 3.28 -33.61 -21.93
CA THR C 48 2.19 -34.54 -21.64
C THR C 48 2.70 -35.80 -20.95
N GLN C 49 1.78 -36.46 -20.26
CA GLN C 49 2.06 -37.78 -19.70
C GLN C 49 2.57 -38.73 -20.78
N GLN C 50 1.93 -38.75 -21.94
CA GLN C 50 2.36 -39.71 -22.95
C GLN C 50 3.79 -39.42 -23.40
N GLU C 51 4.20 -38.15 -23.46
CA GLU C 51 5.55 -37.85 -23.92
C GLU C 51 6.59 -38.33 -22.92
N LEU C 52 6.35 -38.10 -21.62
CA LEU C 52 7.23 -38.67 -20.61
C LEU C 52 7.16 -40.19 -20.61
N GLU C 53 5.96 -40.76 -20.73
CA GLU C 53 5.85 -42.20 -20.90
C GLU C 53 6.74 -42.68 -22.03
N GLN C 54 6.71 -41.97 -23.17
CA GLN C 54 7.50 -42.34 -24.34
C GLN C 54 8.99 -42.07 -24.12
N LEU C 55 9.32 -40.95 -23.47
CA LEU C 55 10.72 -40.68 -23.17
C LEU C 55 11.32 -41.83 -22.37
N LEU C 56 10.64 -42.25 -21.30
CA LEU C 56 11.17 -43.33 -20.48
C LEU C 56 11.36 -44.60 -21.31
N GLU C 57 10.38 -44.96 -22.14
CA GLU C 57 10.45 -46.20 -22.90
C GLU C 57 11.67 -46.24 -23.82
N GLU C 58 12.17 -45.08 -24.25
CA GLU C 58 13.36 -45.05 -25.09
C GLU C 58 14.62 -45.33 -24.29
N ALA C 59 14.72 -44.75 -23.09
CA ALA C 59 15.94 -44.90 -22.27
C ALA C 59 16.12 -46.33 -21.77
N PHE C 60 15.04 -47.11 -21.69
CA PHE C 60 15.10 -48.50 -21.28
C PHE C 60 15.25 -49.46 -22.46
N GLY C 61 15.60 -48.95 -23.64
CA GLY C 61 15.78 -49.80 -24.81
C GLY C 61 17.00 -50.70 -24.72
N GLU C 86 27.13 -48.54 -5.03
CA GLU C 86 27.00 -49.69 -5.92
C GLU C 86 25.54 -49.99 -6.24
N GLU C 87 24.85 -50.65 -5.29
CA GLU C 87 23.41 -50.90 -5.38
C GLU C 87 22.67 -49.73 -6.01
N ILE C 88 23.13 -48.52 -5.67
CA ILE C 88 22.51 -47.25 -6.03
C ILE C 88 22.54 -47.00 -7.53
N GLU C 89 23.68 -46.49 -8.00
CA GLU C 89 23.84 -45.96 -9.35
C GLU C 89 24.23 -47.01 -10.38
N THR C 90 23.99 -48.29 -10.08
CA THR C 90 24.10 -49.31 -11.11
C THR C 90 22.95 -49.23 -12.11
N ILE C 91 21.93 -48.41 -11.83
CA ILE C 91 20.78 -48.22 -12.72
C ILE C 91 20.61 -46.77 -13.18
N THR C 92 21.08 -45.80 -12.40
CA THR C 92 21.20 -44.45 -12.94
C THR C 92 22.55 -44.31 -13.66
N GLY C 93 22.56 -43.53 -14.75
CA GLY C 93 23.74 -43.50 -15.60
C GLY C 93 23.76 -44.77 -16.42
N LEU C 94 22.99 -44.77 -17.51
CA LEU C 94 22.25 -45.92 -17.98
C LEU C 94 21.09 -45.36 -18.80
N LEU C 95 20.01 -45.16 -18.05
CA LEU C 95 19.10 -44.05 -18.29
C LEU C 95 19.70 -42.78 -17.70
N GLY C 96 20.88 -42.36 -18.16
CA GLY C 96 21.44 -41.13 -17.59
C GLY C 96 20.41 -40.01 -17.49
N LEU C 97 19.43 -40.16 -16.59
CA LEU C 97 18.35 -39.19 -16.39
C LEU C 97 18.74 -38.08 -15.42
N SER C 98 20.03 -37.94 -15.12
CA SER C 98 20.47 -36.94 -14.18
C SER C 98 20.72 -35.58 -14.83
N HIS C 99 20.90 -35.54 -16.16
CA HIS C 99 20.85 -34.25 -16.82
C HIS C 99 19.49 -33.58 -16.59
N LEU C 100 18.43 -34.39 -16.42
CA LEU C 100 17.07 -33.89 -16.34
C LEU C 100 16.59 -33.68 -14.91
N VAL C 101 16.55 -34.74 -14.12
CA VAL C 101 16.05 -34.65 -12.76
C VAL C 101 17.19 -34.95 -11.79
N PRO C 102 17.23 -34.28 -10.64
CA PRO C 102 18.33 -34.49 -9.69
C PRO C 102 18.55 -35.96 -9.36
N GLN C 103 19.76 -36.47 -9.60
CA GLN C 103 20.11 -37.81 -9.15
C GLN C 103 19.87 -37.96 -7.66
N GLN C 104 19.88 -36.84 -6.93
CA GLN C 104 19.55 -36.74 -5.50
C GLN C 104 18.13 -37.20 -5.21
N GLN C 105 17.49 -37.83 -6.19
CA GLN C 105 16.04 -37.83 -6.32
C GLN C 105 15.54 -39.08 -7.03
N LEU C 106 16.25 -39.50 -8.07
CA LEU C 106 15.92 -40.73 -8.79
C LEU C 106 16.08 -41.95 -7.90
N SER C 107 17.29 -42.13 -7.34
CA SER C 107 17.50 -43.22 -6.41
C SER C 107 16.85 -42.94 -5.06
N ARG C 108 16.85 -41.68 -4.63
CA ARG C 108 15.99 -41.25 -3.54
C ARG C 108 14.52 -41.51 -3.88
N SER C 109 14.27 -42.50 -4.74
CA SER C 109 12.96 -42.83 -5.30
C SER C 109 12.67 -44.33 -5.31
N LEU C 110 13.71 -45.16 -5.44
CA LEU C 110 13.57 -46.63 -5.38
C LEU C 110 14.13 -47.27 -4.12
N ASP C 111 15.34 -46.90 -3.66
CA ASP C 111 15.78 -47.37 -2.33
C ASP C 111 14.82 -46.92 -1.24
N ASN C 112 13.89 -46.02 -1.54
CA ASN C 112 12.72 -45.73 -0.72
C ASN C 112 11.53 -46.53 -1.22
N LEU C 113 11.76 -47.71 -1.81
CA LEU C 113 10.65 -48.55 -2.29
C LEU C 113 10.32 -49.69 -1.32
N ILE C 124 9.19 -57.47 -15.59
CA ILE C 124 9.32 -56.70 -14.36
C ILE C 124 10.44 -55.66 -14.48
N VAL C 125 10.47 -55.00 -15.64
CA VAL C 125 11.13 -53.70 -15.79
C VAL C 125 10.12 -52.66 -15.36
N GLN C 126 8.99 -52.61 -16.07
CA GLN C 126 7.94 -51.62 -15.92
C GLN C 126 7.51 -51.35 -14.48
N GLN C 127 7.99 -52.15 -13.52
CA GLN C 127 7.93 -51.70 -12.12
C GLN C 127 8.92 -50.57 -11.89
N ILE C 128 10.16 -50.73 -12.35
CA ILE C 128 11.20 -49.70 -12.30
C ILE C 128 10.73 -48.45 -13.02
N LYS C 129 10.66 -48.51 -14.35
CA LYS C 129 10.10 -47.42 -15.14
C LYS C 129 8.63 -47.21 -14.76
N GLY C 130 8.34 -46.10 -14.09
CA GLY C 130 7.06 -45.97 -13.42
C GLY C 130 7.27 -45.38 -12.04
N ALA C 131 8.28 -45.88 -11.33
CA ALA C 131 8.85 -45.11 -10.23
C ALA C 131 9.65 -43.94 -10.78
N LEU C 132 10.42 -44.18 -11.84
CA LEU C 132 11.10 -43.10 -12.53
C LEU C 132 10.12 -42.17 -13.22
N LEU C 133 9.12 -42.74 -13.89
CA LEU C 133 8.12 -41.90 -14.53
C LEU C 133 7.52 -40.90 -13.56
N LYS C 134 7.41 -41.28 -12.28
CA LYS C 134 6.75 -40.41 -11.31
C LYS C 134 7.61 -39.19 -10.96
N VAL C 135 8.93 -39.34 -10.92
CA VAL C 135 9.77 -38.18 -10.59
C VAL C 135 9.89 -37.24 -11.79
N LEU C 136 9.97 -37.80 -13.00
CA LEU C 136 9.92 -36.93 -14.17
C LEU C 136 8.60 -36.20 -14.24
N SER C 137 7.49 -36.90 -13.97
CA SER C 137 6.18 -36.29 -14.13
C SER C 137 6.01 -35.13 -13.18
N ASP C 138 6.52 -35.29 -11.96
CA ASP C 138 6.41 -34.23 -10.98
C ASP C 138 7.23 -33.03 -11.41
N HIS C 139 8.37 -33.27 -12.05
CA HIS C 139 9.21 -32.18 -12.53
C HIS C 139 8.74 -31.58 -13.85
N TYR C 140 8.02 -32.32 -14.70
CA TYR C 140 7.75 -31.78 -16.04
C TYR C 140 6.32 -31.92 -16.55
N LEU C 141 5.47 -32.73 -15.92
CA LEU C 141 4.10 -32.80 -16.37
C LEU C 141 3.51 -31.40 -16.44
N HIS C 142 2.99 -31.05 -17.62
CA HIS C 142 2.31 -29.78 -17.87
C HIS C 142 3.27 -28.60 -18.00
N ALA C 143 4.56 -28.86 -18.15
CA ALA C 143 5.53 -27.78 -18.25
C ALA C 143 5.43 -27.06 -19.60
N VAL C 144 5.71 -25.76 -19.57
CA VAL C 144 5.72 -24.98 -20.80
C VAL C 144 6.90 -25.46 -21.63
N LYS C 145 6.63 -26.14 -22.74
CA LYS C 145 7.74 -26.63 -23.57
C LYS C 145 8.62 -25.48 -24.02
N LYS C 146 9.93 -25.72 -23.99
CA LYS C 146 10.89 -24.81 -24.61
C LYS C 146 10.70 -24.76 -26.13
N GLN C 147 10.70 -23.56 -26.69
CA GLN C 147 10.84 -23.38 -28.13
C GLN C 147 12.32 -23.18 -28.46
N ALA C 148 12.94 -24.21 -29.01
CA ALA C 148 14.34 -24.12 -29.38
C ALA C 148 14.44 -23.68 -30.83
N GLN C 149 15.54 -23.01 -31.17
CA GLN C 149 15.79 -22.55 -32.52
C GLN C 149 16.90 -23.38 -33.15
N ASN C 150 16.62 -23.91 -34.33
CA ASN C 150 17.65 -24.55 -35.13
C ASN C 150 18.30 -23.48 -36.01
N PHE C 151 19.61 -23.54 -36.11
CA PHE C 151 20.36 -22.71 -37.04
C PHE C 151 21.03 -23.64 -38.04
N TYR C 152 21.19 -23.16 -39.28
CA TYR C 152 21.58 -23.96 -40.42
C TYR C 152 22.66 -23.26 -41.21
N ILE C 153 23.66 -24.01 -41.65
CA ILE C 153 24.63 -23.53 -42.62
C ILE C 153 24.09 -23.76 -44.03
N TYR C 154 24.00 -22.70 -44.83
CA TYR C 154 23.64 -22.84 -46.24
C TYR C 154 24.83 -22.50 -47.13
N LYS C 155 24.96 -23.24 -48.23
CA LYS C 155 25.91 -22.91 -49.29
C LYS C 155 25.28 -21.89 -50.24
N CYS C 156 26.10 -20.96 -50.74
CA CYS C 156 25.56 -19.86 -51.53
C CYS C 156 26.14 -19.81 -52.94
N ASP C 157 26.18 -18.62 -53.54
CA ASP C 157 26.78 -18.41 -54.86
C ASP C 157 27.04 -16.93 -55.12
N ASN C 161 23.84 -15.81 -51.86
CA ASN C 161 22.55 -16.26 -52.39
C ASN C 161 22.29 -17.76 -52.14
N PRO C 162 21.37 -18.07 -51.21
CA PRO C 162 21.33 -19.40 -50.60
C PRO C 162 20.64 -20.44 -51.48
N VAL C 163 21.28 -21.60 -51.59
CA VAL C 163 20.90 -22.69 -52.49
C VAL C 163 21.43 -23.98 -51.88
N GLU C 164 20.60 -24.72 -51.12
CA GLU C 164 21.06 -25.98 -50.51
C GLU C 164 21.60 -25.79 -49.10
N LYS C 165 21.11 -26.57 -48.13
CA LYS C 165 21.76 -26.70 -46.83
C LYS C 165 23.09 -27.42 -46.97
N LEU C 166 24.03 -27.10 -46.07
CA LEU C 166 25.33 -27.73 -46.12
C LEU C 166 25.22 -29.17 -45.70
N LYS C 167 25.77 -30.04 -46.51
CA LYS C 167 25.78 -31.44 -46.22
C LYS C 167 27.18 -31.90 -45.92
N LEU C 168 27.34 -32.64 -44.84
CA LEU C 168 28.67 -32.98 -44.32
C LEU C 168 29.01 -34.42 -44.62
N THR C 169 29.97 -34.60 -45.53
CA THR C 169 30.54 -35.92 -45.74
C THR C 169 31.61 -36.19 -44.69
N ASP C 170 32.02 -37.46 -44.62
CA ASP C 170 32.85 -38.00 -43.55
C ASP C 170 33.74 -36.97 -42.87
N GLY C 171 34.78 -36.52 -43.55
CA GLY C 171 35.76 -35.75 -42.82
C GLY C 171 35.52 -34.26 -42.69
N ASP C 172 34.32 -33.77 -42.96
CA ASP C 172 34.03 -32.37 -42.69
C ASP C 172 33.58 -32.19 -41.24
N LYS C 173 33.47 -30.94 -40.83
CA LYS C 173 32.81 -30.67 -39.56
C LYS C 173 32.60 -29.17 -39.46
N VAL C 174 31.52 -28.80 -38.78
CA VAL C 174 31.20 -27.42 -38.48
C VAL C 174 31.32 -27.22 -36.98
N THR C 175 31.97 -26.15 -36.57
CA THR C 175 32.05 -25.74 -35.18
C THR C 175 31.26 -24.45 -35.04
N TRP C 176 30.32 -24.44 -34.10
CA TRP C 176 29.51 -23.25 -33.82
C TRP C 176 30.03 -22.55 -32.58
N ARG C 177 29.87 -21.24 -32.57
CA ARG C 177 30.22 -20.40 -31.44
C ARG C 177 29.07 -19.44 -31.15
N VAL C 178 28.62 -19.43 -29.90
CA VAL C 178 27.58 -18.54 -29.42
C VAL C 178 28.13 -17.77 -28.24
N GLU C 179 27.96 -16.43 -28.27
CA GLU C 179 28.23 -15.59 -27.10
C GLU C 179 27.02 -14.71 -26.86
N VAL C 180 26.46 -14.78 -25.64
CA VAL C 180 25.23 -14.07 -25.31
C VAL C 180 25.40 -13.29 -24.00
N ALA C 181 24.46 -12.37 -23.77
CA ALA C 181 24.52 -11.50 -22.62
C ALA C 181 23.13 -10.97 -22.36
N ASN C 182 22.85 -10.72 -21.07
CA ASN C 182 21.68 -9.98 -20.61
C ASN C 182 22.19 -8.67 -20.05
N LYS C 183 21.54 -7.57 -20.39
CA LYS C 183 21.97 -6.24 -19.98
C LYS C 183 20.80 -5.45 -19.41
N LYS C 184 19.67 -6.11 -19.20
CA LYS C 184 18.47 -5.43 -18.74
C LYS C 184 18.75 -4.60 -17.49
N SER C 185 19.36 -5.22 -16.47
CA SER C 185 19.68 -4.52 -15.24
C SER C 185 20.71 -3.41 -15.42
N PHE C 186 21.45 -3.43 -16.52
CA PHE C 186 22.50 -2.44 -16.72
C PHE C 186 21.99 -1.24 -17.46
N TRP C 187 20.88 -1.37 -18.19
CA TRP C 187 20.35 -0.38 -19.12
C TRP C 187 19.43 0.62 -18.42
N TYR C 188 18.63 1.35 -19.18
CA TYR C 188 17.81 2.47 -18.71
C TYR C 188 16.34 2.05 -18.60
N ASP C 189 15.60 2.79 -17.78
CA ASP C 189 14.17 2.56 -17.68
C ASP C 189 13.53 2.58 -19.07
N TYR C 190 12.49 1.76 -19.25
CA TYR C 190 11.63 1.91 -20.41
C TYR C 190 10.43 2.74 -19.98
N ASN C 191 10.32 3.92 -20.56
CA ASN C 191 9.14 4.77 -20.39
C ASN C 191 8.31 4.83 -21.66
N ASN C 192 8.92 5.17 -22.79
CA ASN C 192 8.28 4.94 -24.08
C ASN C 192 9.39 4.84 -25.13
N ALA C 193 8.97 4.58 -26.36
CA ALA C 193 9.90 4.41 -27.46
C ALA C 193 10.59 5.74 -27.78
N LEU C 194 11.92 5.75 -27.78
CA LEU C 194 12.64 7.02 -27.98
C LEU C 194 12.49 7.56 -29.39
N ASP C 195 12.15 6.70 -30.35
CA ASP C 195 12.00 7.12 -31.74
C ASP C 195 10.66 7.80 -32.00
N LEU C 196 9.81 7.88 -30.98
CA LEU C 196 8.58 8.65 -31.07
C LEU C 196 8.85 10.15 -31.29
N SER C 197 10.06 10.62 -30.96
CA SER C 197 10.42 12.02 -31.18
C SER C 197 11.57 12.19 -32.17
N LEU C 198 11.94 11.12 -32.87
CA LEU C 198 13.07 11.13 -33.79
C LEU C 198 12.66 11.73 -35.13
N HIS C 199 13.42 12.71 -35.62
CA HIS C 199 13.11 13.25 -36.94
C HIS C 199 13.31 12.17 -38.00
N THR C 200 12.40 12.14 -38.97
CA THR C 200 12.46 11.12 -40.02
C THR C 200 11.63 11.59 -41.20
N GLN C 201 11.98 11.10 -42.39
CA GLN C 201 11.10 11.30 -43.54
C GLN C 201 9.94 10.31 -43.54
N GLY C 202 9.90 9.41 -42.56
CA GLY C 202 8.83 8.44 -42.45
C GLY C 202 9.23 7.14 -43.12
N SER C 203 8.90 6.01 -42.51
CA SER C 203 9.21 4.68 -43.04
C SER C 203 7.90 3.94 -43.27
N GLY C 204 8.00 2.70 -43.74
CA GLY C 204 6.81 1.87 -43.81
C GLY C 204 6.29 1.47 -42.45
N ASN C 205 7.01 1.78 -41.38
CA ASN C 205 6.67 1.32 -40.04
C ASN C 205 6.11 2.43 -39.17
N LEU C 206 6.64 3.64 -39.29
CA LEU C 206 6.29 4.77 -38.45
C LEU C 206 6.24 6.02 -39.34
N SER C 207 5.06 6.60 -39.42
CA SER C 207 4.86 7.82 -40.20
C SER C 207 5.64 8.98 -39.58
N LYS C 208 6.04 9.94 -40.43
CA LYS C 208 6.72 11.10 -39.89
C LYS C 208 5.77 12.01 -39.12
N ASN C 209 4.46 11.75 -39.18
CA ASN C 209 3.50 12.60 -38.49
C ASN C 209 3.67 12.51 -36.97
N VAL C 210 4.13 11.37 -36.46
CA VAL C 210 4.16 11.19 -35.02
C VAL C 210 5.15 12.16 -34.38
N SER C 211 6.39 12.16 -34.87
CA SER C 211 7.40 13.10 -34.35
C SER C 211 7.12 14.53 -34.81
N LYS C 212 6.76 14.70 -36.08
CA LYS C 212 6.60 16.04 -36.63
C LYS C 212 5.61 16.86 -35.81
N HIS C 213 4.49 16.27 -35.41
CA HIS C 213 3.43 16.99 -34.73
C HIS C 213 3.36 16.65 -33.25
N ARG C 214 4.38 15.94 -32.75
CA ARG C 214 4.59 15.72 -31.32
C ARG C 214 3.47 14.88 -30.72
N LEU C 215 3.07 13.83 -31.44
CA LEU C 215 1.90 13.06 -31.04
C LEU C 215 2.15 12.25 -29.79
N ALA C 216 3.39 11.91 -29.51
CA ALA C 216 3.73 11.10 -28.35
C ALA C 216 5.20 11.30 -28.01
N PRO C 217 5.52 12.43 -27.40
CA PRO C 217 6.94 12.78 -27.20
C PRO C 217 7.71 11.72 -26.44
N ALA C 218 8.94 11.47 -26.89
CA ALA C 218 9.79 10.52 -26.17
C ALA C 218 10.18 11.08 -24.80
N MET C 219 10.15 10.23 -23.77
CA MET C 219 10.57 10.66 -22.44
C MET C 219 12.04 10.34 -22.18
N THR C 220 12.66 11.11 -21.31
CA THR C 220 13.97 10.74 -20.82
C THR C 220 13.85 9.52 -19.92
N ALA C 221 14.92 8.75 -19.82
CA ALA C 221 14.93 7.53 -19.03
C ALA C 221 16.17 7.52 -18.13
N LYS C 222 15.94 7.39 -16.83
CA LYS C 222 17.01 7.24 -15.85
C LYS C 222 17.55 5.82 -15.91
N ARG C 223 18.59 5.56 -15.12
CA ARG C 223 19.24 4.26 -15.07
C ARG C 223 18.48 3.29 -14.14
N ARG C 224 18.44 2.02 -14.51
CA ARG C 224 18.02 0.98 -13.57
C ARG C 224 19.16 0.72 -12.62
N ASN C 225 18.85 0.22 -11.42
CA ASN C 225 19.82 0.07 -10.35
C ASN C 225 20.76 1.28 -10.23
N PRO C 226 20.22 2.50 -10.14
CA PRO C 226 21.10 3.68 -10.11
C PRO C 226 22.15 3.73 -9.00
N ASN C 227 22.08 2.90 -7.98
CA ASN C 227 23.06 3.11 -6.92
C ASN C 227 24.39 2.46 -7.22
N VAL C 228 24.49 1.69 -8.31
CA VAL C 228 25.79 1.17 -8.76
C VAL C 228 26.42 2.21 -9.69
N ILE C 229 27.49 2.86 -9.22
CA ILE C 229 28.13 3.95 -9.96
C ILE C 229 29.50 3.50 -10.47
N THR C 230 30.00 4.27 -11.43
CA THR C 230 31.15 3.97 -12.27
C THR C 230 30.85 2.78 -13.18
N ASN C 231 31.26 2.97 -14.43
CA ASN C 231 31.08 1.98 -15.47
C ASN C 231 31.73 0.65 -15.13
N SER C 232 32.86 0.69 -14.43
CA SER C 232 33.57 -0.53 -14.05
C SER C 232 32.75 -1.38 -13.08
N LEU C 233 32.05 -0.76 -12.13
CA LEU C 233 31.22 -1.58 -11.24
C LEU C 233 29.93 -2.00 -11.95
N ARG C 234 29.38 -1.12 -12.80
CA ARG C 234 28.14 -1.46 -13.49
C ARG C 234 28.32 -2.64 -14.43
N LYS C 235 29.57 -2.99 -14.74
CA LYS C 235 29.81 -4.22 -15.48
C LYS C 235 29.21 -5.42 -14.77
N GLN C 236 29.17 -5.38 -13.43
CA GLN C 236 28.65 -6.52 -12.66
C GLN C 236 27.17 -6.73 -12.88
N LEU C 237 26.47 -5.72 -13.39
CA LEU C 237 25.04 -5.81 -13.62
C LEU C 237 24.71 -6.57 -14.91
N VAL C 238 25.71 -7.13 -15.58
CA VAL C 238 25.57 -7.71 -16.90
C VAL C 238 25.89 -9.20 -16.80
N ILE C 239 24.99 -10.06 -17.32
CA ILE C 239 25.19 -11.50 -17.35
C ILE C 239 25.57 -11.94 -18.77
N SER C 240 26.67 -12.68 -18.89
CA SER C 240 27.06 -13.19 -20.20
C SER C 240 27.68 -14.57 -20.07
N SER C 241 27.76 -15.25 -21.21
CA SER C 241 28.28 -16.61 -21.32
C SER C 241 28.56 -16.91 -22.78
N GLN C 242 29.20 -18.06 -23.00
CA GLN C 242 29.49 -18.47 -24.36
C GLN C 242 29.80 -19.96 -24.36
N GLY C 243 29.76 -20.54 -25.56
CA GLY C 243 30.09 -21.94 -25.72
C GLY C 243 30.32 -22.27 -27.18
N SER C 244 30.89 -23.44 -27.41
CA SER C 244 31.10 -23.95 -28.75
C SER C 244 30.61 -25.39 -28.82
N VAL C 245 30.06 -25.77 -29.96
CA VAL C 245 29.65 -27.14 -30.21
C VAL C 245 29.96 -27.46 -31.66
N SER C 246 30.32 -28.72 -31.90
CA SER C 246 30.79 -29.13 -33.21
C SER C 246 30.06 -30.39 -33.64
N SER C 247 30.05 -30.64 -34.94
CA SER C 247 29.31 -31.79 -35.46
C SER C 247 29.89 -33.13 -35.03
N ASP C 248 31.07 -33.13 -34.42
CA ASP C 248 31.67 -34.39 -34.00
C ASP C 248 31.17 -34.87 -32.65
N ASN C 249 30.40 -34.05 -31.92
CA ASN C 249 30.00 -34.48 -30.59
C ASN C 249 28.50 -34.66 -30.45
N ASN C 250 27.77 -33.56 -30.26
CA ASN C 250 26.31 -33.51 -30.02
C ASN C 250 25.99 -33.52 -28.52
N THR C 251 27.00 -33.57 -27.66
CA THR C 251 26.75 -33.29 -26.24
C THR C 251 26.27 -31.85 -26.08
N GLN C 252 25.31 -31.67 -25.18
CA GLN C 252 24.77 -30.34 -24.97
C GLN C 252 25.64 -29.54 -24.01
N VAL C 253 25.75 -28.24 -24.28
CA VAL C 253 26.68 -27.35 -23.58
C VAL C 253 25.85 -26.23 -22.96
N PRO C 254 25.87 -26.07 -21.64
CA PRO C 254 25.13 -24.95 -21.02
C PRO C 254 25.81 -23.62 -21.26
N LEU C 255 25.00 -22.57 -21.32
CA LEU C 255 25.46 -21.18 -21.41
C LEU C 255 25.09 -20.54 -20.07
N ARG C 256 26.04 -20.55 -19.14
CA ARG C 256 25.77 -20.27 -17.74
C ARG C 256 26.56 -19.04 -17.30
N GLY C 257 25.83 -18.00 -16.89
CA GLY C 257 26.41 -16.81 -16.32
C GLY C 257 26.16 -16.68 -14.83
N LYS C 258 26.55 -15.52 -14.30
CA LYS C 258 26.44 -15.21 -12.89
C LYS C 258 25.92 -13.79 -12.73
N PHE C 259 25.11 -13.58 -11.69
CA PHE C 259 24.63 -12.25 -11.30
C PHE C 259 24.83 -12.11 -9.79
N PRO C 260 25.54 -11.08 -9.30
CA PRO C 260 26.32 -10.12 -10.11
C PRO C 260 27.49 -10.79 -10.83
N ALA C 261 27.99 -10.14 -11.89
CA ALA C 261 29.06 -10.71 -12.68
C ALA C 261 30.38 -10.73 -11.90
N ASN C 262 31.35 -11.43 -12.50
CA ASN C 262 32.46 -12.03 -11.76
C ASN C 262 33.72 -11.15 -11.68
N GLU C 278 25.22 -14.37 -2.13
CA GLU C 278 25.59 -13.51 -3.26
C GLU C 278 25.99 -14.46 -4.35
N ARG C 279 25.91 -14.02 -5.60
CA ARG C 279 26.40 -14.86 -6.68
C ARG C 279 25.41 -15.94 -7.09
N HIS C 280 24.48 -15.64 -8.00
CA HIS C 280 23.53 -16.59 -8.51
C HIS C 280 23.99 -17.06 -9.86
N ASN C 281 23.79 -18.34 -10.15
CA ASN C 281 24.05 -18.87 -11.47
C ASN C 281 22.83 -18.67 -12.33
N VAL C 282 23.06 -18.39 -13.61
CA VAL C 282 22.00 -18.08 -14.52
C VAL C 282 22.23 -18.95 -15.75
N LEU C 283 21.26 -19.79 -16.09
CA LEU C 283 21.28 -20.55 -17.33
C LEU C 283 20.67 -19.66 -18.41
N GLN C 284 21.52 -19.08 -19.26
CA GLN C 284 21.02 -18.25 -20.33
C GLN C 284 20.53 -19.07 -21.51
N GLY C 285 21.15 -20.23 -21.75
CA GLY C 285 20.65 -21.12 -22.77
C GLY C 285 21.45 -22.39 -22.82
N SER C 286 21.19 -23.19 -23.86
CA SER C 286 21.88 -24.46 -24.08
C SER C 286 21.99 -24.65 -25.59
N ILE C 287 23.07 -25.29 -26.02
CA ILE C 287 23.28 -25.50 -27.45
C ILE C 287 23.67 -26.94 -27.70
N GLU C 288 23.26 -27.43 -28.87
CA GLU C 288 23.48 -28.77 -29.38
C GLU C 288 23.86 -28.65 -30.84
N CYS C 289 24.64 -29.62 -31.30
CA CYS C 289 24.89 -29.75 -32.74
C CYS C 289 24.78 -31.22 -33.13
N ASP C 290 23.94 -31.51 -34.12
CA ASP C 290 23.85 -32.89 -34.57
C ASP C 290 24.95 -33.15 -35.60
N ASN C 291 25.05 -34.41 -36.05
CA ASN C 291 26.20 -34.78 -36.85
C ASN C 291 26.13 -34.23 -38.27
N GLU C 292 25.02 -33.59 -38.67
CA GLU C 292 24.96 -32.86 -39.93
C GLU C 292 25.23 -31.36 -39.75
N GLY C 293 25.70 -30.93 -38.58
CA GLY C 293 26.13 -29.56 -38.42
C GLY C 293 25.06 -28.53 -38.18
N VAL C 294 23.85 -28.93 -37.84
CA VAL C 294 22.81 -27.95 -37.51
C VAL C 294 22.85 -27.73 -35.99
N LEU C 295 22.84 -26.48 -35.57
CA LEU C 295 22.90 -26.10 -34.18
C LEU C 295 21.50 -25.92 -33.63
N ARG C 296 21.24 -26.46 -32.45
CA ARG C 296 19.99 -26.27 -31.75
C ARG C 296 20.25 -25.40 -30.50
N PHE C 297 19.54 -24.28 -30.39
CA PHE C 297 19.67 -23.32 -29.31
C PHE C 297 18.42 -23.35 -28.44
N TYR C 298 18.59 -23.71 -27.17
CA TYR C 298 17.52 -23.66 -26.19
C TYR C 298 17.70 -22.42 -25.31
N ALA C 299 16.60 -21.70 -25.08
CA ALA C 299 16.61 -20.62 -24.09
C ALA C 299 16.68 -21.21 -22.69
N GLY C 300 16.61 -20.33 -21.70
CA GLY C 300 16.71 -20.73 -20.30
C GLY C 300 15.40 -21.29 -19.77
N ASN C 301 15.36 -21.44 -18.44
CA ASN C 301 14.21 -22.06 -17.78
C ASN C 301 13.16 -21.07 -17.33
N GLY C 302 13.36 -19.78 -17.59
CA GLY C 302 12.41 -18.77 -17.18
C GLY C 302 12.50 -18.42 -15.71
N ILE C 303 13.70 -18.50 -15.13
CA ILE C 303 13.89 -18.15 -13.73
C ILE C 303 14.22 -16.67 -13.63
N SER C 304 13.41 -15.94 -12.87
CA SER C 304 13.71 -14.56 -12.49
C SER C 304 13.78 -14.47 -10.97
N GLN C 305 14.63 -13.60 -10.47
CA GLN C 305 14.90 -13.56 -9.06
C GLN C 305 15.48 -12.21 -8.73
N ALA C 306 15.18 -11.74 -7.52
CA ALA C 306 15.80 -10.55 -6.98
C ALA C 306 16.96 -10.98 -6.08
N LEU C 307 17.93 -10.07 -5.90
CA LEU C 307 19.05 -10.36 -5.00
C LEU C 307 18.61 -10.39 -3.54
N SER C 308 17.48 -9.77 -3.22
CA SER C 308 16.88 -9.86 -1.90
C SER C 308 15.42 -10.27 -2.08
N PRO C 309 14.91 -11.23 -1.30
CA PRO C 309 13.51 -11.65 -1.46
C PRO C 309 12.51 -10.52 -1.27
N SER C 310 12.86 -9.47 -0.54
CA SER C 310 11.91 -8.40 -0.27
C SER C 310 11.85 -7.36 -1.38
N SER C 311 12.76 -7.45 -2.36
CA SER C 311 12.69 -6.63 -3.57
C SER C 311 11.62 -7.20 -4.48
N LEU C 312 10.42 -6.64 -4.42
CA LEU C 312 9.32 -7.09 -5.25
C LEU C 312 9.23 -6.27 -6.53
N ASN C 313 8.84 -6.93 -7.62
CA ASN C 313 8.84 -6.35 -8.96
C ASN C 313 7.48 -5.72 -9.24
N THR C 314 7.22 -4.59 -8.59
CA THR C 314 5.93 -3.93 -8.69
C THR C 314 5.80 -3.02 -9.91
N ASP C 315 6.85 -2.82 -10.69
CA ASP C 315 6.80 -1.97 -11.87
C ASP C 315 6.73 -2.86 -13.11
N PHE C 316 6.00 -2.39 -14.12
CA PHE C 316 5.86 -3.19 -15.35
C PHE C 316 7.19 -3.42 -16.06
N ALA C 317 8.16 -2.50 -15.94
CA ALA C 317 9.40 -2.65 -16.72
C ALA C 317 10.69 -2.47 -15.93
N ASP C 318 10.68 -1.65 -14.86
CA ASP C 318 11.93 -1.11 -14.26
C ASP C 318 12.03 -1.48 -12.79
N ASN C 319 12.53 -2.69 -12.52
CA ASN C 319 12.72 -3.15 -11.15
C ASN C 319 14.20 -3.36 -10.89
N SER C 320 14.72 -2.68 -9.87
CA SER C 320 16.12 -2.84 -9.52
C SER C 320 16.28 -4.04 -8.61
N ASN C 321 17.46 -4.63 -8.61
CA ASN C 321 17.83 -5.77 -7.77
C ASN C 321 17.38 -7.10 -8.36
N TRP C 322 16.77 -7.11 -9.56
CA TRP C 322 16.36 -8.32 -10.27
C TRP C 322 17.32 -8.65 -11.41
N PHE C 323 17.42 -9.94 -11.69
CA PHE C 323 17.93 -10.46 -12.95
C PHE C 323 16.94 -11.47 -13.52
N ASP C 324 17.02 -11.70 -14.83
CA ASP C 324 16.30 -12.83 -15.41
C ASP C 324 17.19 -13.49 -16.44
N ASP C 325 16.72 -14.61 -17.01
CA ASP C 325 17.55 -15.46 -17.84
C ASP C 325 17.32 -15.23 -19.33
N ILE C 326 16.68 -14.12 -19.70
CA ILE C 326 16.62 -13.70 -21.09
C ILE C 326 18.01 -13.31 -21.56
N CYS C 327 18.34 -13.62 -22.82
CA CYS C 327 19.60 -13.17 -23.35
C CYS C 327 19.47 -12.94 -24.87
N ASP C 328 20.55 -12.50 -25.49
CA ASP C 328 20.66 -12.32 -26.93
C ASP C 328 22.11 -12.07 -27.27
N GLY C 329 22.53 -12.63 -28.41
CA GLY C 329 23.94 -12.61 -28.72
C GLY C 329 24.22 -13.09 -30.13
N ARG C 330 25.50 -13.37 -30.36
CA ARG C 330 26.10 -13.43 -31.68
C ARG C 330 26.40 -14.88 -32.03
N VAL C 331 25.92 -15.31 -33.20
CA VAL C 331 26.04 -16.70 -33.63
C VAL C 331 26.99 -16.77 -34.82
N THR C 332 28.01 -17.62 -34.73
CA THR C 332 29.03 -17.74 -35.77
C THR C 332 29.51 -19.18 -35.87
N ALA C 333 30.24 -19.46 -36.95
CA ALA C 333 30.63 -20.82 -37.23
C ALA C 333 31.86 -20.82 -38.09
N VAL C 334 32.52 -21.97 -38.15
CA VAL C 334 33.63 -22.19 -39.06
C VAL C 334 33.45 -23.59 -39.63
N VAL C 335 33.21 -23.68 -40.93
CA VAL C 335 33.10 -24.95 -41.65
C VAL C 335 34.50 -25.39 -42.04
N GLU C 336 34.86 -26.61 -41.66
CA GLU C 336 36.15 -27.19 -42.03
C GLU C 336 35.92 -28.43 -42.91
N LEU C 337 36.35 -28.36 -44.16
CA LEU C 337 36.21 -29.47 -45.10
C LEU C 337 37.40 -30.43 -45.02
N LYS C 338 37.17 -31.66 -45.50
CA LYS C 338 38.15 -32.74 -45.39
C LYS C 338 39.43 -32.43 -46.16
N ASN C 339 39.35 -31.68 -47.26
CA ASN C 339 40.54 -31.38 -48.04
C ASN C 339 41.41 -30.33 -47.37
N GLY C 340 40.84 -29.51 -46.50
CA GLY C 340 41.63 -28.57 -45.72
C GLY C 340 41.09 -27.15 -45.75
N ASP C 341 40.22 -26.87 -46.71
CA ASP C 341 39.69 -25.52 -46.86
C ASP C 341 38.86 -25.15 -45.64
N THR C 342 39.12 -23.96 -45.10
CA THR C 342 38.47 -23.49 -43.89
C THR C 342 37.70 -22.21 -44.17
N PHE C 343 36.42 -22.20 -43.80
CA PHE C 343 35.54 -21.07 -44.04
C PHE C 343 35.01 -20.56 -42.73
N GLU C 344 35.16 -19.26 -42.49
CA GLU C 344 34.71 -18.61 -41.27
C GLU C 344 33.42 -17.86 -41.56
N ILE C 345 32.34 -18.21 -40.85
CA ILE C 345 31.11 -17.43 -40.95
C ILE C 345 31.11 -16.45 -39.79
N GLN C 346 31.90 -15.38 -39.92
CA GLN C 346 32.12 -14.41 -38.86
C GLN C 346 31.58 -13.03 -39.19
N ASP C 347 31.63 -12.62 -40.47
CA ASP C 347 31.26 -11.27 -40.86
C ASP C 347 29.75 -11.08 -40.72
N GLU C 348 29.31 -9.83 -40.88
CA GLU C 348 27.93 -9.54 -40.49
C GLU C 348 26.91 -9.95 -41.53
N GLN C 349 27.30 -10.11 -42.79
CA GLN C 349 26.40 -10.60 -43.84
C GLN C 349 26.27 -12.12 -43.84
N SER C 350 27.08 -12.82 -43.05
CA SER C 350 27.10 -14.26 -42.98
C SER C 350 26.72 -14.80 -41.60
N SER C 351 27.03 -14.07 -40.54
CA SER C 351 26.74 -14.47 -39.17
C SER C 351 25.26 -14.29 -38.86
N ALA C 352 24.84 -14.84 -37.72
CA ALA C 352 23.48 -14.70 -37.23
C ALA C 352 23.48 -14.13 -35.83
N TRP C 353 22.27 -13.75 -35.40
CA TRP C 353 21.94 -13.36 -34.04
C TRP C 353 20.88 -14.28 -33.47
N VAL C 354 20.78 -14.29 -32.15
CA VAL C 354 19.79 -15.12 -31.47
C VAL C 354 19.26 -14.36 -30.26
N ALA C 355 17.94 -14.25 -30.14
CA ALA C 355 17.32 -13.63 -28.98
C ALA C 355 16.41 -14.64 -28.27
N THR C 356 16.43 -14.64 -26.93
CA THR C 356 15.46 -15.42 -26.18
C THR C 356 14.38 -14.51 -25.60
N THR C 357 13.18 -15.07 -25.42
CA THR C 357 11.99 -14.27 -25.21
C THR C 357 11.02 -15.00 -24.29
N PRO C 358 9.97 -14.32 -23.84
CA PRO C 358 8.86 -14.99 -23.11
C PRO C 358 8.17 -16.02 -23.97
N PRO C 359 7.42 -16.94 -23.36
CA PRO C 359 6.74 -17.98 -24.14
C PRO C 359 5.64 -17.41 -25.01
N ASP C 360 5.31 -18.19 -26.04
CA ASP C 360 4.17 -17.94 -26.88
C ASP C 360 3.02 -18.78 -26.33
N TYR C 361 2.01 -18.13 -25.77
CA TYR C 361 0.93 -18.85 -25.12
C TYR C 361 -0.22 -19.18 -26.08
N ALA C 362 -0.14 -18.67 -27.32
CA ALA C 362 -1.07 -19.04 -28.41
C ALA C 362 -0.26 -19.18 -29.69
N PRO C 363 0.54 -20.23 -29.80
CA PRO C 363 1.49 -20.31 -30.92
C PRO C 363 0.84 -20.29 -32.29
N GLN C 364 -0.44 -20.62 -32.41
CA GLN C 364 -1.11 -20.65 -33.69
C GLN C 364 -1.89 -19.38 -33.97
N ILE C 365 -1.97 -18.49 -33.00
CA ILE C 365 -2.63 -17.20 -33.16
C ILE C 365 -1.54 -16.17 -33.43
N GLU C 366 -1.48 -15.68 -34.65
CA GLU C 366 -0.42 -14.83 -35.11
C GLU C 366 -0.73 -13.37 -34.80
N PRO C 367 0.24 -12.60 -34.34
CA PRO C 367 0.01 -11.16 -34.16
C PRO C 367 -0.44 -10.49 -35.46
N ILE C 368 -1.22 -9.42 -35.30
CA ILE C 368 -1.80 -8.76 -36.48
C ILE C 368 -0.70 -8.12 -37.33
N VAL C 369 0.24 -7.45 -36.69
CA VAL C 369 1.50 -7.03 -37.30
C VAL C 369 2.62 -7.79 -36.59
N THR C 370 3.57 -8.33 -37.35
CA THR C 370 4.64 -9.13 -36.78
C THR C 370 5.98 -8.39 -36.89
N MET C 371 6.98 -8.98 -36.22
CA MET C 371 8.32 -8.43 -36.32
C MET C 371 8.83 -8.52 -37.75
N TYR C 372 8.40 -9.55 -38.47
CA TYR C 372 8.76 -9.62 -39.89
C TYR C 372 8.15 -8.49 -40.67
N ASP C 373 6.94 -8.06 -40.31
CA ASP C 373 6.37 -6.88 -40.95
C ASP C 373 7.23 -5.63 -40.68
N MET C 374 7.84 -5.56 -39.50
CA MET C 374 8.73 -4.44 -39.19
C MET C 374 9.97 -4.47 -40.08
N VAL C 375 10.60 -5.63 -40.25
CA VAL C 375 11.77 -5.75 -41.13
C VAL C 375 11.41 -5.25 -42.53
N SER C 376 10.21 -5.58 -42.99
CA SER C 376 9.76 -5.24 -44.33
C SER C 376 9.48 -3.75 -44.41
N GLY C 377 8.81 -3.21 -43.41
CA GLY C 377 8.51 -1.78 -43.40
C GLY C 377 9.75 -0.95 -43.24
N ALA C 378 10.78 -1.51 -42.58
CA ALA C 378 11.96 -0.70 -42.23
C ALA C 378 12.63 -0.12 -43.47
N ALA C 379 12.61 -0.85 -44.57
CA ALA C 379 13.33 -0.47 -45.77
C ALA C 379 12.51 0.39 -46.72
N LEU C 380 11.32 0.84 -46.32
CA LEU C 380 10.44 1.62 -47.19
C LEU C 380 10.35 3.05 -46.69
N LYS C 381 10.39 4.00 -47.61
CA LYS C 381 10.22 5.39 -47.25
C LYS C 381 8.78 5.81 -47.46
N GLU C 382 8.25 6.59 -46.51
CA GLU C 382 6.82 6.88 -46.50
C GLU C 382 6.38 7.56 -47.80
N GLN C 383 7.18 8.51 -48.30
CA GLN C 383 6.77 9.25 -49.50
C GLN C 383 6.52 8.31 -50.68
N ASP C 384 7.28 7.23 -50.79
CA ASP C 384 7.25 6.34 -51.93
C ASP C 384 6.25 5.18 -51.79
N LEU C 385 5.43 5.15 -50.74
CA LEU C 385 4.47 4.06 -50.56
C LEU C 385 3.38 4.04 -51.62
N ASP C 386 3.10 5.19 -52.25
CA ASP C 386 2.10 5.21 -53.32
C ASP C 386 2.60 4.53 -54.59
N ASN C 387 3.92 4.31 -54.71
CA ASN C 387 4.48 3.48 -55.76
C ASN C 387 4.24 2.01 -55.51
N LEU C 388 3.95 1.63 -54.27
CA LEU C 388 3.82 0.24 -53.88
C LEU C 388 2.74 -0.46 -54.71
N THR C 389 2.98 -1.73 -55.03
CA THR C 389 1.95 -2.51 -55.72
C THR C 389 1.46 -3.62 -54.80
N THR C 390 0.15 -3.89 -54.90
CA THR C 390 -0.55 -4.74 -53.95
C THR C 390 -1.22 -5.90 -54.66
N GLN C 391 -0.91 -7.11 -54.22
CA GLN C 391 -1.74 -8.28 -54.45
C GLN C 391 -2.79 -8.38 -53.34
N PHE C 392 -3.78 -9.27 -53.54
CA PHE C 392 -4.71 -9.56 -52.45
C PHE C 392 -4.01 -10.26 -51.30
N SER C 393 -2.97 -11.05 -51.59
CA SER C 393 -2.27 -11.82 -50.56
C SER C 393 -1.45 -10.94 -49.65
N ASP C 394 -1.36 -9.65 -49.94
CA ASP C 394 -0.71 -8.69 -49.06
C ASP C 394 -1.69 -8.10 -48.06
N VAL C 395 -2.98 -8.15 -48.38
CA VAL C 395 -4.05 -7.65 -47.53
C VAL C 395 -4.61 -8.78 -46.67
N PHE C 396 -4.57 -10.00 -47.19
CA PHE C 396 -5.27 -11.09 -46.53
C PHE C 396 -4.76 -11.38 -45.12
N PRO C 397 -3.47 -11.27 -44.81
CA PRO C 397 -3.04 -11.59 -43.44
C PRO C 397 -3.71 -10.72 -42.39
N ILE C 398 -3.81 -9.41 -42.64
CA ILE C 398 -4.47 -8.50 -41.72
C ILE C 398 -5.86 -9.01 -41.36
N LEU C 399 -6.71 -9.24 -42.35
CA LEU C 399 -8.06 -9.73 -42.06
C LEU C 399 -8.02 -11.09 -41.37
N TYR C 400 -7.10 -11.95 -41.78
CA TYR C 400 -7.00 -13.29 -41.26
C TYR C 400 -6.48 -13.28 -39.83
N ARG C 401 -5.39 -12.56 -39.59
CA ARG C 401 -4.91 -12.39 -38.22
C ARG C 401 -5.99 -11.78 -37.35
N LEU C 402 -6.65 -10.73 -37.86
CA LEU C 402 -7.62 -10.01 -37.05
C LEU C 402 -8.81 -10.89 -36.69
N TYR C 403 -9.31 -11.67 -37.65
CA TYR C 403 -10.42 -12.58 -37.42
C TYR C 403 -10.06 -13.65 -36.37
N ARG C 404 -8.86 -14.21 -36.45
CA ARG C 404 -8.44 -15.25 -35.52
C ARG C 404 -8.12 -14.71 -34.15
N MET C 405 -8.23 -13.40 -33.93
CA MET C 405 -8.02 -12.86 -32.59
C MET C 405 -9.20 -13.14 -31.69
N GLN C 406 -10.32 -13.61 -32.26
CA GLN C 406 -11.48 -13.96 -31.46
C GLN C 406 -11.16 -14.98 -30.39
N TRP C 407 -10.15 -15.83 -30.60
CA TRP C 407 -9.80 -16.91 -29.67
C TRP C 407 -8.98 -16.46 -28.48
N VAL C 408 -8.43 -15.24 -28.51
CA VAL C 408 -7.52 -14.74 -27.47
C VAL C 408 -7.92 -13.36 -26.97
N ASN C 409 -9.02 -12.79 -27.48
CA ASN C 409 -9.45 -11.44 -27.12
C ASN C 409 -10.95 -11.34 -27.29
N GLN C 410 -11.67 -11.06 -26.21
CA GLN C 410 -13.13 -11.00 -26.31
C GLN C 410 -13.58 -9.98 -27.34
N ALA C 411 -12.91 -8.84 -27.40
CA ALA C 411 -13.39 -7.75 -28.23
C ALA C 411 -13.39 -8.15 -29.71
N ASP C 412 -12.41 -8.93 -30.14
CA ASP C 412 -12.43 -9.42 -31.52
C ASP C 412 -13.34 -10.64 -31.69
N PHE C 413 -13.87 -11.20 -30.60
CA PHE C 413 -14.86 -12.27 -30.69
C PHE C 413 -16.30 -11.75 -30.68
N THR C 414 -16.58 -10.63 -30.00
CA THR C 414 -17.97 -10.19 -29.85
C THR C 414 -18.23 -8.72 -30.12
N ASP C 415 -17.19 -7.89 -30.40
CA ASP C 415 -17.37 -6.44 -30.52
C ASP C 415 -16.68 -5.85 -31.77
N ASN C 416 -16.29 -6.70 -32.73
CA ASN C 416 -15.50 -6.30 -33.89
C ASN C 416 -16.40 -6.43 -35.11
N ALA C 417 -16.82 -5.29 -35.67
CA ALA C 417 -17.77 -5.30 -36.79
C ALA C 417 -17.18 -5.96 -38.02
N VAL C 418 -15.85 -5.94 -38.18
CA VAL C 418 -15.25 -6.53 -39.37
C VAL C 418 -15.26 -8.05 -39.28
N ASN C 419 -14.93 -8.59 -38.11
CA ASN C 419 -15.00 -10.04 -37.94
C ASN C 419 -16.43 -10.54 -38.10
N THR C 420 -17.41 -9.73 -37.68
CA THR C 420 -18.79 -10.14 -37.88
C THR C 420 -19.15 -10.13 -39.35
N GLN C 421 -18.65 -9.16 -40.12
CA GLN C 421 -18.97 -9.15 -41.54
C GLN C 421 -18.26 -10.28 -42.28
N ILE C 422 -17.06 -10.66 -41.82
CA ILE C 422 -16.39 -11.83 -42.35
C ILE C 422 -17.23 -13.07 -42.09
N ARG C 423 -17.76 -13.19 -40.86
CA ARG C 423 -18.63 -14.31 -40.53
C ARG C 423 -19.82 -14.36 -41.49
N GLU C 424 -20.50 -13.23 -41.65
CA GLU C 424 -21.56 -13.12 -42.65
C GLU C 424 -21.12 -13.73 -43.98
N LEU C 425 -20.06 -13.17 -44.56
CA LEU C 425 -19.56 -13.64 -45.85
C LEU C 425 -19.34 -15.16 -45.86
N ASN C 426 -18.83 -15.71 -44.77
CA ASN C 426 -18.58 -17.14 -44.75
C ASN C 426 -19.87 -17.94 -44.67
N SER C 427 -20.93 -17.37 -44.09
CA SER C 427 -22.15 -18.13 -43.93
C SER C 427 -22.89 -18.27 -45.25
N GLU C 428 -22.46 -17.54 -46.27
CA GLU C 428 -23.06 -17.57 -47.59
C GLU C 428 -22.01 -17.86 -48.67
N LEU C 429 -20.91 -18.50 -48.30
CA LEU C 429 -19.78 -18.84 -49.17
C LEU C 429 -19.39 -17.67 -50.08
N GLY C 430 -19.44 -16.46 -49.52
CA GLY C 430 -19.25 -15.28 -50.33
C GLY C 430 -17.98 -14.52 -50.06
N PHE C 431 -17.01 -15.15 -49.39
CA PHE C 431 -15.78 -14.45 -49.07
C PHE C 431 -15.03 -14.02 -50.33
N ALA C 432 -15.12 -14.82 -51.39
CA ALA C 432 -14.41 -14.45 -52.60
C ALA C 432 -14.83 -13.09 -53.12
N GLN C 433 -15.91 -12.51 -52.60
CA GLN C 433 -16.29 -11.18 -53.08
C GLN C 433 -15.24 -10.13 -52.75
N LEU C 434 -14.53 -10.29 -51.62
CA LEU C 434 -13.44 -9.39 -51.29
C LEU C 434 -12.24 -9.53 -52.21
N LEU C 435 -12.13 -10.61 -53.00
CA LEU C 435 -11.05 -10.70 -53.96
C LEU C 435 -11.39 -10.00 -55.29
N ASP C 436 -12.50 -9.27 -55.33
CA ASP C 436 -13.06 -8.70 -56.55
C ASP C 436 -12.60 -7.24 -56.66
N ASN C 437 -11.69 -6.96 -57.61
CA ASN C 437 -11.18 -5.58 -57.73
C ASN C 437 -12.08 -4.70 -58.58
N SER C 438 -13.18 -5.22 -59.10
CA SER C 438 -14.08 -4.44 -59.93
C SER C 438 -14.84 -3.42 -59.10
N ALA C 439 -15.48 -2.47 -59.80
CA ALA C 439 -16.25 -1.42 -59.13
C ALA C 439 -17.49 -1.96 -58.42
N SER C 440 -18.03 -3.09 -58.89
CA SER C 440 -19.25 -3.61 -58.26
C SER C 440 -19.02 -4.07 -56.84
N ALA C 441 -17.78 -4.41 -56.48
CA ALA C 441 -17.41 -4.83 -55.14
C ALA C 441 -16.77 -3.69 -54.35
N LYS C 442 -16.82 -2.48 -54.88
CA LYS C 442 -16.01 -1.42 -54.29
C LYS C 442 -16.57 -0.97 -52.95
N SER C 443 -17.89 -0.77 -52.87
CA SER C 443 -18.43 -0.33 -51.61
C SER C 443 -18.20 -1.38 -50.52
N LEU C 444 -18.23 -2.66 -50.88
CA LEU C 444 -17.91 -3.71 -49.91
C LEU C 444 -16.49 -3.53 -49.37
N ARG C 445 -15.50 -3.40 -50.27
CA ARG C 445 -14.12 -3.25 -49.81
C ARG C 445 -13.95 -2.01 -48.94
N GLU C 446 -14.47 -0.87 -49.41
CA GLU C 446 -14.29 0.40 -48.68
C GLU C 446 -14.98 0.38 -47.32
N GLY C 447 -16.15 -0.26 -47.23
CA GLY C 447 -16.83 -0.35 -45.95
C GLY C 447 -15.95 -0.97 -44.89
N ILE C 448 -15.18 -1.98 -45.25
CA ILE C 448 -14.23 -2.60 -44.33
C ILE C 448 -13.03 -1.70 -44.12
N PHE C 449 -12.43 -1.24 -45.23
CA PHE C 449 -11.21 -0.46 -45.14
C PHE C 449 -11.37 0.76 -44.24
N ASN C 450 -12.54 1.42 -44.32
CA ASN C 450 -12.74 2.66 -43.58
C ASN C 450 -12.83 2.45 -42.06
N GLN C 451 -12.97 1.19 -41.60
CA GLN C 451 -12.99 0.94 -40.17
C GLN C 451 -11.61 0.85 -39.56
N PHE C 452 -10.55 0.85 -40.38
CA PHE C 452 -9.21 0.71 -39.85
C PHE C 452 -8.58 2.08 -39.53
N ARG C 453 -7.70 2.06 -38.54
CA ARG C 453 -6.99 3.27 -38.13
C ARG C 453 -5.90 3.57 -39.14
N ASN C 454 -5.83 4.84 -39.56
CA ASN C 454 -4.77 5.26 -40.45
C ASN C 454 -3.50 5.58 -39.64
N PRO C 455 -2.36 4.95 -39.94
CA PRO C 455 -1.12 5.24 -39.21
C PRO C 455 -0.48 6.59 -39.55
N LEU C 456 -1.14 7.41 -40.37
CA LEU C 456 -0.85 8.84 -40.40
C LEU C 456 -1.37 9.55 -39.16
N PHE C 457 -2.24 8.90 -38.39
CA PHE C 457 -2.74 9.43 -37.13
C PHE C 457 -3.32 10.85 -37.28
N ASP C 458 -3.85 11.14 -38.47
CA ASP C 458 -4.41 12.45 -38.77
C ASP C 458 -5.93 12.44 -38.92
N GLN C 459 -6.57 11.28 -38.82
CA GLN C 459 -8.02 11.20 -38.85
C GLN C 459 -8.57 11.30 -37.42
N ASP C 460 -9.81 11.79 -37.30
CA ASP C 460 -10.49 11.78 -36.01
C ASP C 460 -9.74 12.62 -34.99
N ILE C 461 -9.24 13.77 -35.43
CA ILE C 461 -8.56 14.74 -34.58
C ILE C 461 -9.16 16.11 -34.83
N ASP C 462 -9.12 16.94 -33.81
CA ASP C 462 -9.20 18.37 -34.00
C ASP C 462 -7.84 18.94 -33.65
N VAL C 463 -7.43 19.97 -34.38
CA VAL C 463 -6.14 20.61 -34.13
C VAL C 463 -6.37 21.72 -33.11
N ASP C 464 -5.84 21.55 -31.91
CA ASP C 464 -6.05 22.48 -30.81
C ASP C 464 -4.99 23.58 -30.85
N ASP C 465 -5.43 24.82 -30.64
CA ASP C 465 -4.54 25.97 -30.51
C ASP C 465 -3.56 26.04 -31.67
N PRO C 466 -4.04 26.11 -32.91
CA PRO C 466 -3.15 26.11 -34.06
C PRO C 466 -2.30 27.37 -34.11
N GLY C 467 -1.03 27.20 -34.47
CA GLY C 467 -0.07 28.28 -34.56
C GLY C 467 0.71 28.58 -33.30
N GLN C 468 0.32 28.00 -32.17
CA GLN C 468 0.87 28.33 -30.86
C GLN C 468 1.80 27.24 -30.38
N SER C 469 2.44 27.51 -29.24
CA SER C 469 3.29 26.49 -28.62
C SER C 469 2.47 25.32 -28.11
N SER C 470 1.20 25.55 -27.77
CA SER C 470 0.32 24.48 -27.34
C SER C 470 -0.30 23.72 -28.51
N ASN C 471 0.14 23.99 -29.73
CA ASN C 471 -0.34 23.26 -30.90
C ASN C 471 -0.43 21.78 -30.59
N GLU C 472 -1.60 21.19 -30.83
CA GLU C 472 -1.81 19.79 -30.52
C GLU C 472 -2.89 19.18 -31.40
N TRP C 473 -2.67 17.93 -31.81
CA TRP C 473 -3.67 17.09 -32.47
C TRP C 473 -4.43 16.31 -31.41
N VAL C 474 -5.66 16.71 -31.08
CA VAL C 474 -6.45 16.04 -30.05
C VAL C 474 -7.47 15.14 -30.71
N SER C 475 -7.45 13.86 -30.35
CA SER C 475 -8.44 12.92 -30.86
C SER C 475 -9.85 13.35 -30.46
N ASN C 476 -10.79 13.23 -31.39
CA ASN C 476 -12.21 13.30 -31.05
C ASN C 476 -12.86 11.91 -30.99
N SER C 477 -12.05 10.86 -30.97
CA SER C 477 -12.54 9.51 -30.72
C SER C 477 -12.38 9.18 -29.24
N ARG C 478 -12.47 7.90 -28.88
CA ARG C 478 -12.43 7.48 -27.47
C ARG C 478 -10.99 7.45 -26.97
N ILE C 479 -10.71 8.18 -25.88
CA ILE C 479 -9.35 8.19 -25.33
C ILE C 479 -9.18 7.07 -24.30
N ILE C 480 -7.94 6.80 -23.91
CA ILE C 480 -7.64 5.84 -22.86
C ILE C 480 -7.17 6.64 -21.63
N PRO C 481 -7.98 6.77 -20.58
CA PRO C 481 -7.57 7.62 -19.46
C PRO C 481 -6.38 7.02 -18.73
N SER C 482 -5.60 7.90 -18.10
CA SER C 482 -4.66 7.53 -17.07
C SER C 482 -5.37 7.17 -15.77
N LYS C 483 -4.71 6.34 -14.95
CA LYS C 483 -5.26 6.01 -13.64
C LYS C 483 -5.42 7.25 -12.76
N ASP C 484 -4.54 8.25 -12.94
CA ASP C 484 -4.61 9.54 -12.23
C ASP C 484 -5.83 10.34 -12.71
N GLU C 485 -6.95 10.20 -11.98
CA GLU C 485 -8.25 10.69 -12.42
C GLU C 485 -8.51 12.13 -11.98
N THR C 486 -9.22 12.87 -12.80
CA THR C 486 -9.74 14.19 -12.48
C THR C 486 -11.24 14.13 -12.63
N ASN C 487 -11.97 14.38 -11.54
CA ASN C 487 -13.42 14.44 -11.60
C ASN C 487 -13.88 15.67 -12.36
N ILE C 488 -13.58 15.70 -13.66
CA ILE C 488 -14.09 16.70 -14.58
C ILE C 488 -14.67 15.93 -15.77
N ALA C 489 -15.75 16.46 -16.36
CA ALA C 489 -16.45 15.77 -17.45
C ALA C 489 -15.53 15.53 -18.64
N ALA C 490 -15.65 14.34 -19.21
CA ALA C 490 -14.91 14.01 -20.41
C ALA C 490 -15.57 14.63 -21.63
N LYS C 491 -14.73 15.08 -22.58
CA LYS C 491 -15.16 15.51 -23.90
C LYS C 491 -15.90 14.38 -24.59
N PRO C 492 -17.21 14.49 -24.81
CA PRO C 492 -17.91 13.48 -25.61
C PRO C 492 -17.17 13.22 -26.91
N ALA C 493 -16.81 11.96 -27.16
CA ALA C 493 -16.17 11.64 -28.43
C ALA C 493 -17.20 11.73 -29.54
N THR C 494 -16.83 12.38 -30.65
CA THR C 494 -17.74 12.60 -31.77
C THR C 494 -17.49 11.64 -32.92
N SER C 495 -16.49 10.77 -32.81
CA SER C 495 -15.99 9.99 -33.92
C SER C 495 -15.85 8.54 -33.49
N SER C 496 -16.19 7.61 -34.38
CA SER C 496 -16.15 6.20 -34.04
C SER C 496 -14.71 5.74 -33.84
N LEU C 497 -14.55 4.70 -33.01
CA LEU C 497 -13.24 4.15 -32.67
C LEU C 497 -12.77 3.18 -33.75
N LYS C 498 -11.56 3.37 -34.24
CA LYS C 498 -11.09 2.62 -35.39
C LYS C 498 -10.38 1.35 -34.97
N LEU C 499 -10.35 0.39 -35.87
CA LEU C 499 -9.74 -0.90 -35.59
C LEU C 499 -8.23 -0.88 -35.90
N PRO C 500 -7.44 -1.71 -35.18
CA PRO C 500 -7.89 -2.59 -34.11
C PRO C 500 -7.99 -1.89 -32.76
N PHE C 501 -8.67 -2.53 -31.81
CA PHE C 501 -8.87 -1.97 -30.47
C PHE C 501 -7.72 -2.39 -29.55
N TYR C 502 -6.51 -1.97 -29.90
CA TYR C 502 -5.37 -2.26 -29.05
C TYR C 502 -4.67 -0.97 -28.66
N PRO C 503 -4.04 -0.92 -27.49
CA PRO C 503 -3.19 0.23 -27.16
C PRO C 503 -1.92 0.24 -27.99
N ASN C 504 -1.26 1.41 -27.99
CA ASN C 504 -0.10 1.67 -28.84
C ASN C 504 0.99 2.39 -28.03
N ASP C 505 2.09 2.71 -28.73
CA ASP C 505 3.26 3.35 -28.10
C ASP C 505 2.92 4.68 -27.46
N GLY C 506 1.88 5.35 -27.93
CA GLY C 506 1.56 6.65 -27.35
C GLY C 506 0.61 6.64 -26.16
N ILE C 507 0.40 5.45 -25.56
CA ILE C 507 -0.66 5.29 -24.56
C ILE C 507 -0.57 6.31 -23.43
N ASP C 508 0.64 6.69 -23.01
CA ASP C 508 0.85 7.60 -21.90
C ASP C 508 0.24 8.98 -22.06
N TYR C 509 -0.35 9.31 -23.20
CA TYR C 509 -0.87 10.66 -23.44
C TYR C 509 -2.34 10.59 -23.81
N PRO C 510 -3.24 10.70 -22.83
CA PRO C 510 -4.67 10.78 -23.13
C PRO C 510 -4.89 11.83 -24.22
N GLY C 511 -5.66 11.45 -25.23
CA GLY C 511 -6.03 12.35 -26.31
C GLY C 511 -5.11 12.32 -27.50
N SER C 512 -3.93 11.75 -27.36
CA SER C 512 -3.06 11.56 -28.50
C SER C 512 -3.63 10.46 -29.39
N PRO C 513 -3.73 10.69 -30.69
CA PRO C 513 -4.21 9.63 -31.60
C PRO C 513 -3.37 8.36 -31.55
N VAL C 514 -2.13 8.44 -31.06
CA VAL C 514 -1.22 7.31 -31.03
C VAL C 514 -1.40 6.48 -29.76
N GLN C 515 -2.48 6.75 -29.02
CA GLN C 515 -2.81 5.84 -27.92
C GLN C 515 -3.24 4.49 -28.47
N TRP C 516 -3.84 4.49 -29.66
CA TRP C 516 -4.41 3.29 -30.25
C TRP C 516 -3.49 2.75 -31.33
N PHE C 517 -3.58 1.44 -31.56
CA PHE C 517 -2.69 0.78 -32.51
C PHE C 517 -3.23 0.92 -33.92
N ALA C 518 -2.40 1.38 -34.82
CA ALA C 518 -2.70 1.37 -36.24
C ALA C 518 -1.72 0.44 -36.95
N ILE C 519 -2.20 -0.29 -37.94
CA ILE C 519 -1.30 -1.11 -38.76
C ILE C 519 -0.36 -0.13 -39.47
N PRO C 520 0.87 -0.52 -39.79
CA PRO C 520 1.90 0.45 -40.20
C PRO C 520 1.61 1.06 -41.57
N PRO C 521 2.30 2.16 -41.90
CA PRO C 521 2.03 2.85 -43.17
C PRO C 521 1.96 1.95 -44.40
N PHE C 522 2.92 1.06 -44.57
CA PHE C 522 2.97 0.28 -45.78
C PHE C 522 1.87 -0.77 -45.82
N MET C 523 1.56 -1.38 -44.67
CA MET C 523 0.44 -2.31 -44.61
C MET C 523 -0.88 -1.59 -44.79
N TYR C 524 -1.05 -0.42 -44.18
CA TYR C 524 -2.26 0.34 -44.43
C TYR C 524 -2.36 0.78 -45.89
N GLN C 525 -1.21 0.93 -46.56
CA GLN C 525 -1.20 1.28 -47.98
C GLN C 525 -1.74 0.13 -48.83
N HIS C 526 -1.24 -1.09 -48.56
CA HIS C 526 -1.82 -2.28 -49.19
C HIS C 526 -3.33 -2.30 -49.05
N LEU C 527 -3.85 -1.96 -47.86
CA LEU C 527 -5.29 -1.98 -47.65
C LEU C 527 -6.00 -0.88 -48.44
N GLN C 528 -5.43 0.33 -48.46
CA GLN C 528 -6.03 1.42 -49.23
C GLN C 528 -6.02 1.13 -50.72
N ASN C 529 -4.94 0.53 -51.23
CA ASN C 529 -4.94 0.03 -52.61
C ASN C 529 -6.09 -0.95 -52.81
N TRP C 530 -6.24 -1.92 -51.90
CA TRP C 530 -7.29 -2.91 -52.02
C TRP C 530 -8.66 -2.24 -52.05
N ALA C 531 -8.89 -1.31 -51.12
CA ALA C 531 -10.17 -0.59 -51.15
C ALA C 531 -10.38 0.09 -52.48
N ALA C 532 -9.33 0.65 -53.08
CA ALA C 532 -9.47 1.44 -54.30
C ALA C 532 -9.79 0.57 -55.50
N GLY C 533 -9.43 -0.70 -55.46
CA GLY C 533 -9.50 -1.57 -56.61
C GLY C 533 -8.15 -1.84 -57.23
N ASP C 534 -7.09 -1.21 -56.73
CA ASP C 534 -5.76 -1.32 -57.31
C ASP C 534 -5.03 -2.53 -56.72
N PHE C 535 -5.51 -3.71 -57.09
CA PHE C 535 -4.77 -4.89 -56.68
C PHE C 535 -5.00 -5.97 -57.72
N SER C 536 -4.05 -6.89 -57.82
CA SER C 536 -4.19 -8.11 -58.58
C SER C 536 -4.52 -9.32 -57.70
N VAL C 537 -5.05 -10.36 -58.33
CA VAL C 537 -5.21 -11.67 -57.70
C VAL C 537 -5.42 -12.70 -58.80
N THR C 538 -4.86 -13.90 -58.60
CA THR C 538 -5.01 -14.96 -59.59
C THR C 538 -6.39 -15.62 -59.45
N GLN C 539 -6.84 -16.27 -60.53
CA GLN C 539 -8.13 -16.95 -60.47
C GLN C 539 -8.05 -18.26 -59.69
N VAL C 540 -6.89 -18.86 -59.53
CA VAL C 540 -6.81 -20.02 -58.64
C VAL C 540 -7.10 -19.59 -57.21
N GLU C 541 -6.58 -18.44 -56.78
CA GLU C 541 -6.93 -17.91 -55.47
C GLU C 541 -8.43 -17.72 -55.33
N LYS C 542 -9.06 -17.03 -56.30
CA LYS C 542 -10.50 -16.80 -56.23
C LYS C 542 -11.27 -18.11 -56.10
N GLU C 543 -10.77 -19.19 -56.70
CA GLU C 543 -11.45 -20.46 -56.62
C GLU C 543 -11.30 -21.15 -55.27
N SER C 544 -10.42 -20.65 -54.40
CA SER C 544 -10.18 -21.24 -53.09
C SER C 544 -10.60 -20.30 -51.97
N ALA C 545 -11.59 -19.44 -52.23
CA ALA C 545 -11.84 -18.31 -51.34
C ALA C 545 -13.32 -18.17 -51.01
N ASN C 546 -14.04 -19.29 -50.94
CA ASN C 546 -15.45 -19.18 -50.59
C ASN C 546 -15.64 -18.90 -49.11
N THR C 547 -14.75 -19.41 -48.25
CA THR C 547 -14.59 -18.94 -46.87
C THR C 547 -13.14 -18.56 -46.60
N ILE C 548 -12.94 -17.73 -45.56
CA ILE C 548 -11.60 -17.25 -45.20
C ILE C 548 -10.71 -18.43 -44.79
N GLU C 549 -11.29 -19.43 -44.15
CA GLU C 549 -10.50 -20.58 -43.74
C GLU C 549 -10.05 -21.41 -44.95
N GLU C 550 -10.93 -21.60 -45.93
CA GLU C 550 -10.48 -22.16 -47.20
C GLU C 550 -9.28 -21.40 -47.72
N LEU C 551 -9.42 -20.07 -47.84
CA LEU C 551 -8.34 -19.26 -48.39
C LEU C 551 -7.07 -19.41 -47.57
N GLY C 552 -7.19 -19.29 -46.25
CA GLY C 552 -6.03 -19.42 -45.39
C GLY C 552 -5.31 -20.74 -45.58
N LEU C 553 -6.08 -21.82 -45.79
CA LEU C 553 -5.45 -23.13 -45.98
C LEU C 553 -4.72 -23.20 -47.32
N PHE C 554 -5.29 -22.57 -48.36
CA PHE C 554 -4.60 -22.44 -49.65
C PHE C 554 -3.24 -21.75 -49.46
N TYR C 555 -3.25 -20.54 -48.87
CA TYR C 555 -2.01 -19.82 -48.65
C TYR C 555 -1.02 -20.64 -47.83
N SER C 556 -1.50 -21.35 -46.82
CA SER C 556 -0.63 -22.22 -46.04
C SER C 556 0.09 -23.25 -46.92
N GLU C 557 -0.60 -23.80 -47.92
CA GLU C 557 0.04 -24.75 -48.83
C GLU C 557 1.09 -24.05 -49.71
N GLN C 558 0.83 -22.80 -50.09
CA GLN C 558 1.85 -22.04 -50.81
C GLN C 558 3.15 -21.96 -49.99
N PHE C 559 3.02 -21.67 -48.69
CA PHE C 559 4.20 -21.61 -47.83
C PHE C 559 4.88 -22.97 -47.71
N LYS C 560 4.10 -24.05 -47.56
CA LYS C 560 4.74 -25.33 -47.32
C LYS C 560 5.55 -25.76 -48.53
N ASN C 561 5.10 -25.43 -49.74
CA ASN C 561 5.74 -25.92 -50.95
C ASN C 561 6.83 -25.01 -51.47
N SER C 562 6.92 -23.77 -51.01
CA SER C 562 7.89 -22.85 -51.60
C SER C 562 9.30 -23.43 -51.48
N PRO C 563 10.15 -23.24 -52.48
CA PRO C 563 11.48 -23.86 -52.42
C PRO C 563 12.51 -23.03 -51.67
N ASN C 564 12.27 -21.73 -51.44
CA ASN C 564 13.34 -20.98 -50.79
C ASN C 564 13.22 -21.18 -49.30
N SER C 565 13.93 -22.18 -48.82
CA SER C 565 13.77 -22.66 -47.47
C SER C 565 14.65 -21.93 -46.45
N ALA C 566 15.77 -21.32 -46.89
CA ALA C 566 16.51 -20.44 -45.99
C ALA C 566 15.77 -19.12 -45.79
N LEU C 567 15.24 -18.55 -46.86
CA LEU C 567 14.44 -17.34 -46.66
C LEU C 567 13.17 -17.63 -45.86
N LEU C 568 12.54 -18.80 -46.04
CA LEU C 568 11.30 -19.09 -45.32
C LEU C 568 11.56 -19.24 -43.83
N CYS C 569 12.69 -19.83 -43.49
CA CYS C 569 13.18 -20.00 -42.14
C CYS C 569 13.53 -18.67 -41.46
N ALA C 570 14.16 -17.75 -42.20
CA ALA C 570 14.37 -16.40 -41.71
C ALA C 570 13.06 -15.73 -41.31
N ARG C 571 12.03 -15.84 -42.16
CA ARG C 571 10.76 -15.20 -41.87
C ARG C 571 9.97 -15.94 -40.78
N GLY C 572 10.02 -17.28 -40.80
CA GLY C 572 9.39 -18.04 -39.73
C GLY C 572 9.81 -17.56 -38.35
N ALA C 573 11.12 -17.36 -38.16
CA ALA C 573 11.61 -16.92 -36.87
C ALA C 573 10.87 -15.69 -36.37
N LEU C 574 10.53 -14.77 -37.27
CA LEU C 574 9.98 -13.49 -36.83
C LEU C 574 8.49 -13.35 -37.06
N ASP C 575 7.86 -14.22 -37.85
CA ASP C 575 6.43 -14.02 -38.10
C ASP C 575 5.55 -14.35 -36.89
N ALA C 576 6.10 -14.91 -35.81
CA ALA C 576 5.32 -15.13 -34.58
C ALA C 576 5.64 -14.12 -33.50
N LEU C 577 6.51 -13.15 -33.78
CA LEU C 577 6.89 -12.13 -32.83
C LEU C 577 6.06 -10.87 -33.06
N TYR C 578 5.64 -10.23 -31.98
CA TYR C 578 4.81 -9.05 -32.12
C TYR C 578 5.58 -7.91 -32.78
N GLY C 579 4.88 -7.13 -33.59
CA GLY C 579 5.49 -5.97 -34.20
C GLY C 579 4.75 -4.71 -33.86
N GLY C 580 4.44 -4.53 -32.57
CA GLY C 580 3.74 -3.34 -32.08
C GLY C 580 2.46 -3.66 -31.34
N GLY C 581 2.00 -2.79 -30.45
CA GLY C 581 2.74 -1.60 -30.06
C GLY C 581 3.99 -1.98 -29.31
N PHE C 582 4.81 -0.98 -29.02
CA PHE C 582 6.09 -1.16 -28.34
C PHE C 582 6.05 -0.33 -27.06
N HIS C 583 5.71 -0.96 -25.94
CA HIS C 583 5.65 -0.21 -24.70
C HIS C 583 6.00 -1.08 -23.49
N PRO C 584 7.08 -1.86 -23.56
CA PRO C 584 8.04 -1.92 -24.68
C PRO C 584 7.73 -2.96 -25.77
N GLY C 585 6.86 -3.93 -25.47
CA GLY C 585 6.64 -5.06 -26.33
C GLY C 585 6.78 -6.35 -25.57
N VAL C 586 6.71 -7.46 -26.32
CA VAL C 586 6.76 -8.80 -25.76
C VAL C 586 8.17 -9.39 -25.90
N GLU C 587 8.65 -9.48 -27.14
CA GLU C 587 9.91 -10.15 -27.44
C GLU C 587 11.03 -9.15 -27.66
N LEU C 588 10.86 -8.24 -28.61
CA LEU C 588 11.81 -7.19 -28.93
C LEU C 588 11.03 -5.89 -29.00
N THR C 589 11.74 -4.77 -29.09
CA THR C 589 11.06 -3.49 -29.12
C THR C 589 11.49 -2.61 -30.26
N TRP C 590 11.30 -1.31 -30.09
CA TRP C 590 11.27 -0.36 -31.21
C TRP C 590 12.57 -0.25 -32.02
N PRO C 591 13.77 -0.53 -31.51
CA PRO C 591 14.94 -0.42 -32.39
C PRO C 591 14.80 -1.25 -33.66
N MET C 592 14.06 -2.37 -33.62
CA MET C 592 13.93 -3.23 -34.79
C MET C 592 13.14 -2.60 -35.93
N ARG C 593 12.39 -1.52 -35.70
CA ARG C 593 11.57 -0.93 -36.77
C ARG C 593 12.34 0.12 -37.58
N HIS C 594 13.68 0.10 -37.47
CA HIS C 594 14.56 1.04 -38.15
C HIS C 594 15.60 0.28 -38.95
N ASN C 595 15.88 0.81 -40.14
CA ASN C 595 16.80 0.16 -41.06
C ASN C 595 18.24 0.25 -40.58
N LEU C 596 18.53 1.28 -39.78
CA LEU C 596 19.86 1.49 -39.22
C LEU C 596 20.38 0.30 -38.43
N ILE C 597 19.51 -0.62 -38.03
CA ILE C 597 19.96 -1.73 -37.22
C ILE C 597 20.31 -2.95 -38.05
N TYR C 598 20.01 -2.95 -39.34
CA TYR C 598 20.34 -4.06 -40.23
C TYR C 598 21.60 -3.72 -41.00
N SER C 599 22.47 -4.70 -41.17
CA SER C 599 23.56 -4.48 -42.10
C SER C 599 23.09 -4.65 -43.54
N GLN C 600 22.01 -5.41 -43.74
CA GLN C 600 21.47 -5.70 -45.05
C GLN C 600 19.97 -5.89 -44.91
N ASN C 601 19.18 -5.36 -45.83
CA ASN C 601 17.74 -5.55 -45.75
C ASN C 601 17.06 -5.44 -47.12
N ASP C 602 17.03 -6.53 -47.89
CA ASP C 602 16.64 -6.52 -49.30
C ASP C 602 15.51 -7.50 -49.59
N TYR C 603 14.47 -7.00 -50.26
CA TYR C 603 13.56 -7.87 -50.98
C TYR C 603 14.33 -8.81 -51.89
N VAL C 604 13.90 -10.07 -51.97
CA VAL C 604 14.38 -10.96 -53.00
C VAL C 604 13.24 -11.50 -53.86
N SER C 605 12.10 -11.85 -53.27
CA SER C 605 11.11 -12.47 -54.15
C SER C 605 9.71 -12.48 -53.52
N SER C 606 8.76 -12.99 -54.30
CA SER C 606 7.46 -13.41 -53.82
C SER C 606 7.59 -14.78 -53.17
N VAL C 607 6.62 -15.12 -52.31
CA VAL C 607 6.60 -16.46 -51.74
C VAL C 607 6.41 -17.50 -52.84
N THR C 608 5.80 -17.09 -53.95
CA THR C 608 5.51 -17.92 -55.10
C THR C 608 5.59 -17.01 -56.29
N PRO C 609 5.98 -17.53 -57.45
CA PRO C 609 6.01 -16.69 -58.66
C PRO C 609 4.77 -15.83 -58.81
N GLU C 610 3.59 -16.38 -58.55
CA GLU C 610 2.36 -15.63 -58.77
C GLU C 610 1.79 -14.99 -57.51
N ILE C 611 2.29 -15.33 -56.32
CA ILE C 611 1.63 -14.97 -55.08
C ILE C 611 2.65 -14.32 -54.13
N ASN C 612 2.47 -13.03 -53.84
CA ASN C 612 3.46 -12.34 -53.02
C ASN C 612 3.42 -12.81 -51.57
N LEU C 613 2.27 -12.65 -50.90
CA LEU C 613 2.09 -13.00 -49.48
C LEU C 613 3.07 -12.22 -48.59
N LEU C 614 3.32 -10.96 -48.95
CA LEU C 614 4.16 -9.98 -48.26
C LEU C 614 5.65 -10.20 -48.51
N GLY C 615 6.05 -11.31 -49.11
CA GLY C 615 7.38 -11.41 -49.70
C GLY C 615 8.36 -12.19 -48.85
N LEU C 616 9.56 -12.29 -49.40
CA LEU C 616 10.71 -12.88 -48.75
C LEU C 616 11.87 -11.90 -48.85
N ARG C 617 12.61 -11.76 -47.75
CA ARG C 617 13.66 -10.76 -47.61
C ARG C 617 14.94 -11.42 -47.15
N GLU C 618 16.08 -10.87 -47.57
CA GLU C 618 17.38 -11.22 -47.02
C GLU C 618 17.84 -10.07 -46.14
N PHE C 619 17.87 -10.30 -44.83
CA PHE C 619 18.19 -9.25 -43.88
C PHE C 619 19.22 -9.76 -42.89
N ARG C 620 19.95 -8.83 -42.29
CA ARG C 620 20.99 -9.20 -41.35
C ARG C 620 21.24 -8.01 -40.46
N LEU C 621 21.58 -8.30 -39.21
CA LEU C 621 21.79 -7.25 -38.23
C LEU C 621 23.16 -6.61 -38.44
N LYS C 622 23.22 -5.29 -38.24
CA LYS C 622 24.50 -4.70 -37.89
C LYS C 622 24.99 -5.39 -36.62
N GLN C 623 26.24 -5.83 -36.64
CA GLN C 623 26.82 -6.58 -35.54
C GLN C 623 28.18 -6.00 -35.24
N ASP C 624 28.49 -5.87 -33.96
CA ASP C 624 29.84 -5.53 -33.57
C ASP C 624 30.65 -6.81 -33.59
N LEU C 625 31.62 -6.90 -34.51
CA LEU C 625 32.27 -8.16 -34.77
C LEU C 625 33.20 -8.60 -33.65
N GLN C 626 33.42 -7.78 -32.64
CA GLN C 626 34.19 -8.21 -31.50
C GLN C 626 33.34 -8.82 -30.39
N GLY C 627 32.01 -8.76 -30.50
CA GLY C 627 31.17 -9.53 -29.58
C GLY C 627 31.35 -9.08 -28.16
N LEU C 628 31.48 -10.04 -27.24
CA LEU C 628 31.62 -9.68 -25.83
C LEU C 628 32.84 -8.84 -25.56
N ASN C 629 33.83 -8.86 -26.47
CA ASN C 629 35.05 -8.08 -26.31
C ASN C 629 34.94 -6.69 -26.90
N SER C 630 33.78 -6.31 -27.38
CA SER C 630 33.66 -4.98 -27.92
C SER C 630 34.14 -3.96 -26.89
N PRO C 631 34.80 -2.88 -27.30
CA PRO C 631 34.97 -1.74 -26.40
C PRO C 631 33.66 -1.00 -26.14
N ASN C 632 32.57 -1.41 -26.78
CA ASN C 632 31.28 -0.80 -26.54
C ASN C 632 30.32 -1.75 -25.85
N MET C 633 30.80 -2.93 -25.48
CA MET C 633 29.99 -3.89 -24.75
C MET C 633 29.23 -3.22 -23.58
N TYR C 634 29.91 -2.33 -22.84
CA TYR C 634 29.35 -1.69 -21.64
C TYR C 634 29.17 -0.19 -21.82
N GLN C 635 28.71 0.26 -22.98
CA GLN C 635 28.50 1.67 -23.22
C GLN C 635 27.15 2.14 -22.71
N ASP C 636 27.10 3.39 -22.27
CA ASP C 636 25.80 4.06 -22.14
C ASP C 636 26.00 5.53 -22.49
N PHE C 637 25.06 6.38 -22.04
CA PHE C 637 25.05 7.82 -22.29
C PHE C 637 25.07 8.62 -21.00
N GLY C 638 25.52 8.03 -19.90
CA GLY C 638 25.50 8.74 -18.63
C GLY C 638 24.22 8.56 -17.84
N HIS C 639 23.85 9.59 -17.06
CA HIS C 639 22.75 9.46 -16.11
C HIS C 639 21.41 9.25 -16.79
N VAL C 640 21.26 9.66 -18.05
CA VAL C 640 19.99 9.36 -18.72
C VAL C 640 20.25 8.98 -20.17
N ILE C 641 19.26 8.36 -20.78
CA ILE C 641 19.19 8.23 -22.22
C ILE C 641 17.97 9.02 -22.67
N ALA C 642 18.09 9.64 -23.84
CA ALA C 642 17.07 10.55 -24.34
C ALA C 642 17.07 10.43 -25.86
N VAL C 643 16.07 11.03 -26.49
CA VAL C 643 16.01 10.94 -27.95
C VAL C 643 17.23 11.61 -28.60
N ASP C 644 17.78 12.65 -27.95
CA ASP C 644 19.02 13.27 -28.43
C ASP C 644 20.12 12.25 -28.71
N ASN C 645 20.30 11.28 -27.83
CA ASN C 645 21.29 10.23 -28.09
C ASN C 645 20.96 9.46 -29.36
N VAL C 646 19.66 9.28 -29.66
CA VAL C 646 19.29 8.51 -30.84
C VAL C 646 19.51 9.35 -32.09
N THR C 647 19.19 10.64 -32.01
CA THR C 647 19.48 11.54 -33.12
C THR C 647 20.98 11.55 -33.44
N ALA C 648 21.80 11.53 -32.41
CA ALA C 648 23.24 11.55 -32.60
C ALA C 648 23.76 10.28 -33.22
N SER C 649 23.06 9.16 -33.00
CA SER C 649 23.58 7.89 -33.48
C SER C 649 23.34 7.70 -34.96
N ILE C 650 22.46 8.51 -35.57
CA ILE C 650 22.31 8.43 -37.02
C ILE C 650 23.65 8.66 -37.71
N ASP C 651 24.52 9.49 -37.12
CA ASP C 651 25.88 9.71 -37.64
C ASP C 651 26.80 8.55 -37.28
N PRO C 652 27.27 7.77 -38.25
CA PRO C 652 28.04 6.56 -37.90
C PRO C 652 29.40 6.83 -37.28
N ASN C 653 29.89 8.06 -37.31
CA ASN C 653 31.17 8.35 -36.67
C ASN C 653 31.02 9.00 -35.31
N SER C 654 29.80 9.38 -34.96
CA SER C 654 29.44 9.85 -33.63
C SER C 654 29.85 8.87 -32.55
N ASP C 655 29.98 9.38 -31.33
CA ASP C 655 30.19 8.53 -30.16
C ASP C 655 28.92 7.84 -29.66
N ALA C 656 27.80 7.99 -30.38
CA ALA C 656 26.57 7.25 -30.13
C ALA C 656 26.30 6.17 -31.17
N ALA C 657 27.10 6.10 -32.24
CA ALA C 657 26.80 5.17 -33.32
C ALA C 657 26.72 3.72 -32.83
N TRP C 658 27.33 3.39 -31.70
CA TRP C 658 27.36 2.01 -31.22
C TRP C 658 25.97 1.48 -30.92
N LEU C 659 25.00 2.39 -30.79
CA LEU C 659 23.65 2.03 -30.40
C LEU C 659 23.00 1.09 -31.39
N TRP C 660 23.43 1.16 -32.65
CA TRP C 660 22.90 0.31 -33.71
C TRP C 660 23.84 -0.83 -34.08
N ARG C 661 25.00 -0.95 -33.44
CA ARG C 661 26.01 -1.92 -33.86
C ARG C 661 26.10 -2.96 -32.75
N SER C 662 25.20 -3.94 -32.81
CA SER C 662 24.80 -4.71 -31.64
C SER C 662 25.92 -5.58 -31.09
N THR C 663 26.14 -5.46 -29.80
CA THR C 663 26.88 -6.42 -29.01
C THR C 663 25.91 -7.35 -28.27
N PRO C 664 26.39 -8.51 -27.84
CA PRO C 664 25.54 -9.43 -27.08
C PRO C 664 24.76 -8.69 -26.00
N GLY C 665 23.46 -8.98 -25.94
CA GLY C 665 22.58 -8.38 -24.97
C GLY C 665 21.90 -7.09 -25.40
N ASP C 666 22.22 -6.55 -26.57
CA ASP C 666 21.70 -5.24 -26.95
C ASP C 666 20.25 -5.28 -27.44
N LEU C 667 19.80 -6.42 -27.96
CA LEU C 667 18.40 -6.52 -28.40
C LEU C 667 17.44 -6.61 -27.21
N THR C 668 17.78 -7.34 -26.15
CA THR C 668 16.80 -7.57 -25.09
C THR C 668 16.99 -6.67 -23.88
N LYS C 669 18.02 -5.82 -23.85
CA LYS C 669 18.18 -4.95 -22.69
C LYS C 669 17.05 -3.92 -22.58
N TRP C 670 16.36 -3.60 -23.68
CA TRP C 670 15.29 -2.60 -23.61
C TRP C 670 14.11 -3.07 -22.78
N MET C 671 13.85 -4.38 -22.77
CA MET C 671 12.59 -4.96 -22.29
C MET C 671 12.48 -4.92 -20.76
N GLY C 672 11.28 -5.23 -20.28
CA GLY C 672 11.03 -5.21 -18.85
C GLY C 672 11.89 -6.22 -18.12
N ILE C 673 12.41 -5.80 -16.98
CA ILE C 673 13.19 -6.66 -16.10
C ILE C 673 12.37 -6.81 -14.82
N PRO C 674 11.95 -8.03 -14.42
CA PRO C 674 12.07 -9.26 -15.20
C PRO C 674 10.98 -9.29 -16.24
N TRP C 675 11.05 -10.18 -17.23
CA TRP C 675 10.04 -10.15 -18.28
C TRP C 675 8.64 -10.51 -17.76
N GLN C 676 8.53 -11.12 -16.57
CA GLN C 676 7.21 -11.48 -16.06
C GLN C 676 6.40 -10.25 -15.66
N SER C 677 7.02 -9.18 -15.28
CA SER C 677 6.29 -8.02 -14.93
C SER C 677 5.68 -7.42 -16.10
N ASN C 678 6.38 -7.53 -17.20
CA ASN C 678 5.95 -7.02 -18.44
C ASN C 678 4.87 -7.87 -19.02
N ALA C 679 4.97 -9.15 -18.81
CA ALA C 679 3.95 -10.06 -19.15
C ALA C 679 2.68 -9.92 -18.37
N ALA C 680 2.74 -9.69 -17.09
CA ALA C 680 1.50 -9.50 -16.36
C ALA C 680 0.86 -8.17 -16.71
N SER C 681 1.68 -7.23 -17.18
CA SER C 681 1.18 -5.90 -17.53
C SER C 681 0.71 -5.83 -18.98
N CYS C 682 0.99 -6.85 -19.78
CA CYS C 682 0.57 -6.96 -21.18
C CYS C 682 -0.82 -7.60 -21.25
N GLN C 683 -1.83 -6.84 -20.86
CA GLN C 683 -3.18 -7.42 -20.84
C GLN C 683 -4.23 -6.41 -21.27
N ALA C 684 -5.29 -6.26 -20.50
CA ALA C 684 -6.30 -5.27 -20.83
C ALA C 684 -5.93 -3.89 -20.25
N VAL C 685 -6.48 -2.86 -20.89
CA VAL C 685 -6.45 -1.50 -20.38
C VAL C 685 -7.90 -1.04 -20.47
N TYR C 686 -8.57 -1.02 -19.33
CA TYR C 686 -10.00 -0.74 -19.29
C TYR C 686 -10.28 0.74 -19.52
N THR C 687 -11.30 1.03 -20.30
CA THR C 687 -11.80 2.39 -20.48
C THR C 687 -13.09 2.59 -19.71
N PRO C 688 -13.51 3.85 -19.50
CA PRO C 688 -14.79 4.07 -18.83
C PRO C 688 -15.93 3.34 -19.47
N GLU C 689 -15.91 3.24 -20.80
CA GLU C 689 -16.87 2.39 -21.51
C GLU C 689 -16.45 0.92 -21.37
N ASP C 690 -17.38 0.07 -20.94
CA ASP C 690 -17.09 -1.36 -20.79
C ASP C 690 -16.51 -1.97 -22.06
N PHE C 691 -17.11 -1.67 -23.21
CA PHE C 691 -16.80 -2.37 -24.44
C PHE C 691 -16.50 -1.42 -25.59
N PRO C 692 -15.55 -1.77 -26.47
CA PRO C 692 -14.83 -3.04 -26.40
C PRO C 692 -13.66 -2.90 -25.44
N ILE C 693 -13.13 -4.03 -24.96
CA ILE C 693 -12.06 -4.03 -23.96
C ILE C 693 -10.74 -3.96 -24.71
N PRO C 694 -9.93 -2.92 -24.51
CA PRO C 694 -8.63 -2.85 -25.18
C PRO C 694 -7.63 -3.81 -24.58
N SER C 695 -6.87 -4.48 -25.44
CA SER C 695 -5.82 -5.36 -24.96
C SER C 695 -4.56 -5.14 -25.78
N TRP C 696 -3.41 -5.40 -25.16
CA TRP C 696 -2.10 -5.06 -25.73
C TRP C 696 -1.63 -5.97 -26.86
N TRQ C 697 -1.41 -7.24 -26.53
CA TRQ C 697 -0.64 -8.19 -27.32
C TRQ C 697 -1.23 -9.64 -27.24
O TRQ C 697 -0.48 -10.64 -27.04
CB TRQ C 697 0.82 -8.24 -26.86
CG TRQ C 697 1.52 -6.94 -26.86
CD1 TRQ C 697 1.67 -6.15 -28.02
NE1 TRQ C 697 2.38 -5.03 -27.71
CE2 TRQ C 697 2.72 -5.06 -26.37
CZ2 TRQ C 697 3.48 -4.06 -25.67
CH2 TRQ C 697 3.69 -4.38 -24.19
CZ3 TRQ C 697 3.13 -5.61 -23.67
CE3 TRQ C 697 2.46 -6.50 -24.42
CD2 TRQ C 697 2.20 -6.25 -25.81
O6 TRQ C 697 4.33 -3.57 -23.51
O7 TRQ C 697 3.92 -3.02 -26.19
N ALA C 698 -2.54 -9.76 -27.39
CA ALA C 698 -3.24 -10.98 -27.02
C ALA C 698 -2.86 -12.18 -27.87
N ALA C 699 -2.20 -11.99 -29.03
CA ALA C 699 -1.90 -13.18 -29.82
C ALA C 699 -0.77 -13.99 -29.21
N ASN C 700 0.00 -13.41 -28.31
CA ASN C 700 1.06 -14.14 -27.65
C ASN C 700 0.89 -14.18 -26.13
N LEU C 701 0.14 -13.23 -25.58
CA LEU C 701 -0.20 -13.13 -24.17
C LEU C 701 -1.70 -12.88 -24.14
N PRO C 702 -2.51 -13.95 -24.22
CA PRO C 702 -3.95 -13.79 -24.44
C PRO C 702 -4.61 -13.03 -23.30
N VAL C 703 -5.77 -12.44 -23.59
CA VAL C 703 -6.53 -11.69 -22.59
C VAL C 703 -7.86 -12.37 -22.24
N HIS C 704 -8.56 -12.90 -23.24
CA HIS C 704 -9.74 -13.72 -23.00
C HIS C 704 -9.61 -15.02 -23.79
N VAL C 705 -9.67 -16.15 -23.07
CA VAL C 705 -9.41 -17.45 -23.69
C VAL C 705 -10.63 -18.33 -23.55
N LEU C 706 -10.59 -19.50 -24.18
CA LEU C 706 -11.63 -20.49 -24.07
C LEU C 706 -11.03 -21.66 -23.33
N PRO C 707 -11.37 -21.86 -22.06
CA PRO C 707 -10.64 -22.84 -21.25
C PRO C 707 -11.11 -24.25 -21.52
N LEU C 708 -10.22 -25.19 -21.22
CA LEU C 708 -10.54 -26.60 -21.36
C LEU C 708 -11.93 -26.92 -20.82
N ALA C 709 -12.29 -26.36 -19.66
CA ALA C 709 -13.54 -26.74 -19.02
C ALA C 709 -14.73 -26.50 -19.94
N ARG C 710 -14.67 -25.45 -20.75
CA ARG C 710 -15.75 -25.23 -21.71
C ARG C 710 -15.65 -26.19 -22.89
N TYR C 711 -14.44 -26.42 -23.39
CA TYR C 711 -14.24 -27.41 -24.43
C TYR C 711 -14.96 -28.71 -24.08
N ASN C 712 -14.77 -29.18 -22.85
CA ASN C 712 -15.38 -30.43 -22.41
C ASN C 712 -16.88 -30.32 -22.17
N LYS C 713 -17.46 -29.12 -22.19
CA LYS C 713 -18.90 -28.96 -22.22
C LYS C 713 -19.48 -28.63 -23.61
N PHE C 714 -18.68 -28.61 -24.67
CA PHE C 714 -19.30 -28.54 -25.99
C PHE C 714 -18.72 -29.46 -27.06
N LYS C 715 -17.65 -30.20 -26.79
CA LYS C 715 -16.99 -31.00 -27.84
C LYS C 715 -17.82 -32.20 -28.29
N ASP C 716 -18.74 -32.68 -27.46
CA ASP C 716 -19.45 -33.92 -27.71
C ASP C 716 -20.78 -33.67 -28.41
N SER C 717 -21.13 -34.55 -29.35
CA SER C 717 -22.45 -34.49 -29.96
C SER C 717 -23.47 -35.28 -29.14
N GLN C 718 -24.75 -34.95 -29.34
CA GLN C 718 -25.79 -35.62 -28.57
C GLN C 718 -25.77 -37.13 -28.74
N SER C 719 -25.14 -37.63 -29.79
CA SER C 719 -25.19 -39.06 -30.11
C SER C 719 -23.97 -39.85 -29.63
N ALA C 720 -23.01 -39.21 -28.99
CA ALA C 720 -21.76 -39.89 -28.63
C ALA C 720 -21.98 -40.91 -27.52
N ASP C 721 -21.22 -42.00 -27.59
CA ASP C 721 -21.32 -43.10 -26.61
C ASP C 721 -20.25 -42.87 -25.54
N LEU C 722 -20.61 -42.07 -24.54
CA LEU C 722 -19.81 -41.91 -23.33
C LEU C 722 -20.78 -41.83 -22.17
N PRO C 723 -20.33 -42.15 -20.97
CA PRO C 723 -21.21 -41.95 -19.81
C PRO C 723 -21.70 -40.53 -19.71
N GLU C 724 -20.80 -39.56 -19.87
CA GLU C 724 -21.10 -38.14 -19.73
C GLU C 724 -20.93 -37.47 -21.07
N ILE C 725 -21.78 -36.47 -21.34
CA ILE C 725 -21.88 -35.84 -22.64
C ILE C 725 -21.91 -34.33 -22.44
N ASN C 726 -20.79 -33.68 -22.76
CA ASN C 726 -20.70 -32.23 -22.56
C ASN C 726 -20.99 -31.87 -21.11
N GLY C 727 -20.50 -32.69 -20.19
CA GLY C 727 -20.66 -32.39 -18.78
C GLY C 727 -21.99 -32.74 -18.16
N MET C 728 -22.91 -33.34 -18.91
CA MET C 728 -24.16 -33.82 -18.37
C MET C 728 -24.19 -35.34 -18.38
N THR C 729 -25.01 -35.90 -17.51
CA THR C 729 -25.30 -37.32 -17.57
C THR C 729 -25.83 -37.68 -18.95
N HIS C 730 -25.59 -38.92 -19.37
CA HIS C 730 -26.11 -39.36 -20.66
C HIS C 730 -27.62 -39.15 -20.72
N SER C 731 -28.33 -39.64 -19.69
CA SER C 731 -29.79 -39.52 -19.67
C SER C 731 -30.23 -38.07 -19.91
N ILE C 732 -29.54 -37.11 -19.30
CA ILE C 732 -29.96 -35.72 -19.41
C ILE C 732 -29.65 -35.19 -20.81
N ALA C 733 -28.47 -35.52 -21.35
CA ALA C 733 -28.12 -34.99 -22.66
C ALA C 733 -29.09 -35.49 -23.71
N GLN C 734 -29.39 -36.79 -23.69
CA GLN C 734 -30.25 -37.41 -24.69
C GLN C 734 -31.72 -37.05 -24.48
N GLY C 735 -32.09 -36.68 -23.27
CA GLY C 735 -33.47 -36.36 -22.96
C GLY C 735 -33.91 -34.98 -23.39
N MET C 736 -33.00 -34.11 -23.78
CA MET C 736 -33.40 -32.78 -24.20
C MET C 736 -33.43 -32.71 -25.72
N SER C 737 -34.15 -31.71 -26.22
CA SER C 737 -34.30 -31.58 -27.67
C SER C 737 -32.98 -31.26 -28.33
N GLU C 738 -32.74 -31.92 -29.47
CA GLU C 738 -31.77 -31.54 -30.47
C GLU C 738 -31.40 -30.06 -30.42
N GLU C 739 -32.43 -29.19 -30.45
CA GLU C 739 -32.20 -27.75 -30.49
C GLU C 739 -31.66 -27.24 -29.17
N THR C 740 -32.31 -27.61 -28.05
CA THR C 740 -31.88 -27.13 -26.75
C THR C 740 -30.47 -27.63 -26.43
N PHE C 741 -30.14 -28.82 -26.91
CA PHE C 741 -28.79 -29.36 -26.73
C PHE C 741 -27.77 -28.49 -27.46
N GLU C 742 -28.03 -28.19 -28.74
CA GLU C 742 -27.08 -27.39 -29.51
C GLU C 742 -26.92 -26.00 -28.90
N HIS C 743 -28.00 -25.44 -28.36
CA HIS C 743 -27.87 -24.13 -27.72
C HIS C 743 -26.93 -24.20 -26.54
N LEU C 744 -27.07 -25.23 -25.69
CA LEU C 744 -26.17 -25.39 -24.55
C LEU C 744 -24.73 -25.40 -25.01
N ARG C 745 -24.43 -26.12 -26.10
CA ARG C 745 -23.07 -26.14 -26.63
C ARG C 745 -22.56 -24.73 -26.84
N LEU C 746 -23.35 -23.90 -27.49
CA LEU C 746 -22.79 -22.62 -27.93
C LEU C 746 -22.77 -21.59 -26.80
N GLU C 747 -23.68 -21.73 -25.83
CA GLU C 747 -23.54 -21.01 -24.58
C GLU C 747 -22.18 -21.29 -23.96
N GLN C 748 -21.77 -22.55 -23.96
CA GLN C 748 -20.48 -22.90 -23.38
C GLN C 748 -19.32 -22.38 -24.23
N PHE C 749 -19.38 -22.60 -25.55
CA PHE C 749 -18.37 -22.11 -26.47
C PHE C 749 -18.13 -20.62 -26.28
N SER C 750 -19.17 -19.91 -25.82
CA SER C 750 -19.22 -18.46 -25.71
C SER C 750 -18.67 -17.94 -24.39
N GLN C 751 -18.35 -18.81 -23.43
CA GLN C 751 -17.88 -18.38 -22.11
C GLN C 751 -16.36 -18.24 -22.15
N ARG C 752 -15.90 -17.00 -22.30
CA ARG C 752 -14.46 -16.71 -22.27
C ARG C 752 -14.00 -16.33 -20.87
N LEU C 753 -12.81 -16.82 -20.52
CA LEU C 753 -12.18 -16.65 -19.22
C LEU C 753 -10.99 -15.68 -19.33
N ASP C 754 -10.90 -14.75 -18.37
CA ASP C 754 -9.72 -13.89 -18.32
C ASP C 754 -8.46 -14.74 -18.17
N TRP C 755 -7.48 -14.51 -19.06
CA TRP C 755 -6.24 -15.28 -19.00
C TRP C 755 -5.55 -15.16 -17.66
N LEU C 756 -5.58 -13.96 -17.06
CA LEU C 756 -4.94 -13.76 -15.77
C LEU C 756 -5.53 -14.70 -14.71
N HIS C 757 -6.78 -15.11 -14.90
CA HIS C 757 -7.44 -16.00 -13.97
C HIS C 757 -7.18 -17.48 -14.24
N THR C 758 -6.36 -17.83 -15.21
CA THR C 758 -6.09 -19.24 -15.48
C THR C 758 -5.00 -19.81 -14.59
N ALA C 759 -4.57 -19.03 -13.61
CA ALA C 759 -3.62 -19.46 -12.58
C ALA C 759 -3.74 -18.43 -11.47
N ASP C 760 -3.07 -18.68 -10.35
CA ASP C 760 -3.30 -17.90 -9.13
C ASP C 760 -2.39 -16.68 -9.15
N LEU C 761 -2.92 -15.55 -9.61
CA LEU C 761 -2.18 -14.30 -9.69
C LEU C 761 -2.60 -13.31 -8.59
N GLY C 762 -2.93 -13.84 -7.41
CA GLY C 762 -3.12 -13.02 -6.23
C GLY C 762 -4.56 -12.64 -5.94
N PHE C 763 -5.51 -13.25 -6.65
CA PHE C 763 -6.93 -13.00 -6.46
C PHE C 763 -7.66 -14.18 -5.82
N VAL C 764 -6.95 -15.23 -5.46
CA VAL C 764 -7.56 -16.47 -4.97
C VAL C 764 -7.67 -16.44 -3.44
N GLY C 765 -8.81 -16.91 -2.93
CA GLY C 765 -9.03 -17.07 -1.50
C GLY C 765 -9.88 -15.97 -0.89
N TYR C 766 -10.36 -16.22 0.32
CA TYR C 766 -11.17 -15.22 1.00
C TYR C 766 -10.38 -13.93 1.25
N HIS C 767 -10.87 -12.83 0.69
CA HIS C 767 -10.32 -11.48 0.89
C HIS C 767 -8.99 -11.27 0.18
N ALA C 768 -8.69 -12.05 -0.85
CA ALA C 768 -7.46 -11.84 -1.61
C ALA C 768 -7.50 -10.46 -2.26
N GLU C 769 -6.36 -9.78 -2.27
CA GLU C 769 -6.35 -8.44 -2.84
C GLU C 769 -6.53 -8.47 -4.37
N GLY C 770 -5.91 -9.42 -5.04
CA GLY C 770 -6.00 -9.28 -6.48
C GLY C 770 -5.27 -8.03 -6.96
N GLY C 771 -5.67 -7.57 -8.14
CA GLY C 771 -5.22 -6.29 -8.64
C GLY C 771 -4.01 -6.40 -9.55
N TYR C 772 -3.70 -5.26 -10.16
CA TYR C 772 -2.58 -5.14 -11.10
C TYR C 772 -1.26 -5.60 -10.48
N THR C 773 -0.94 -5.09 -9.29
CA THR C 773 0.41 -5.24 -8.75
C THR C 773 0.69 -6.68 -8.32
N ASN C 774 -0.31 -7.34 -7.71
CA ASN C 774 -0.12 -8.74 -7.32
C ASN C 774 0.11 -9.62 -8.55
N GLY C 775 -0.61 -9.33 -9.64
CA GLY C 775 -0.36 -10.02 -10.89
C GLY C 775 1.10 -10.00 -11.30
N LEU C 776 1.72 -8.81 -11.26
CA LEU C 776 3.14 -8.76 -11.62
C LEU C 776 3.95 -9.59 -10.63
N ILE C 777 3.67 -9.47 -9.33
CA ILE C 777 4.53 -10.15 -8.38
C ILE C 777 4.40 -11.66 -8.52
N GLN C 778 3.17 -12.14 -8.72
CA GLN C 778 2.92 -13.58 -8.81
C GLN C 778 3.30 -14.17 -10.16
N MET C 779 3.37 -13.37 -11.21
CA MET C 779 3.73 -13.93 -12.52
C MET C 779 5.15 -14.51 -12.50
N VAL C 780 6.02 -13.98 -11.62
CA VAL C 780 7.38 -14.51 -11.57
C VAL C 780 7.36 -16.01 -11.29
N SER C 781 6.41 -16.47 -10.47
CA SER C 781 6.27 -17.88 -10.17
C SER C 781 5.15 -18.57 -10.97
N GLN C 782 4.15 -17.85 -11.44
CA GLN C 782 3.01 -18.45 -12.11
C GLN C 782 3.07 -18.45 -13.65
N TRP C 783 4.12 -17.88 -14.27
CA TRP C 783 4.12 -17.80 -15.74
C TRP C 783 4.04 -19.19 -16.36
N LYS C 784 4.58 -20.21 -15.67
CA LYS C 784 4.59 -21.58 -16.19
C LYS C 784 3.29 -22.34 -15.92
N ASN C 785 2.34 -21.74 -15.20
CA ASN C 785 1.03 -22.32 -14.98
C ASN C 785 -0.07 -21.62 -15.77
N MET C 786 0.26 -20.53 -16.47
CA MET C 786 -0.71 -19.85 -17.31
C MET C 786 -1.20 -20.81 -18.38
N ALA C 787 -2.41 -20.55 -18.87
CA ALA C 787 -3.03 -21.41 -19.85
C ALA C 787 -2.33 -21.28 -21.19
N MET C 788 -2.14 -22.42 -21.86
CA MET C 788 -1.55 -22.52 -23.19
C MET C 788 -2.67 -22.80 -24.19
N VAL C 789 -2.69 -22.05 -25.29
CA VAL C 789 -3.77 -22.13 -26.27
C VAL C 789 -3.39 -23.09 -27.38
N MET C 790 -4.23 -24.12 -27.60
CA MET C 790 -3.99 -25.16 -28.61
C MET C 790 -5.25 -25.45 -29.42
N ALA C 791 -5.07 -25.68 -30.72
CA ALA C 791 -6.16 -26.14 -31.56
C ALA C 791 -6.66 -27.50 -31.09
N ARG C 792 -7.96 -27.68 -31.17
CA ARG C 792 -8.58 -28.93 -30.76
C ARG C 792 -9.81 -29.15 -31.62
N PRO C 793 -10.12 -30.39 -31.94
CA PRO C 793 -11.21 -30.66 -32.88
C PRO C 793 -12.58 -30.63 -32.23
N VAL C 794 -13.58 -30.26 -33.03
CA VAL C 794 -14.96 -30.52 -32.70
C VAL C 794 -15.49 -31.43 -33.82
N GLU C 795 -15.62 -32.72 -33.51
CA GLU C 795 -15.82 -33.74 -34.54
C GLU C 795 -17.22 -33.72 -35.12
N ASN C 796 -18.15 -33.09 -34.45
CA ASN C 796 -19.51 -33.12 -34.95
C ASN C 796 -20.26 -31.92 -34.43
N PRO C 797 -19.88 -30.71 -34.87
CA PRO C 797 -20.54 -29.49 -34.39
C PRO C 797 -22.00 -29.39 -34.77
N GLY C 798 -22.51 -30.30 -35.61
CA GLY C 798 -23.90 -30.24 -36.06
C GLY C 798 -24.24 -28.86 -36.55
N SER C 799 -25.41 -28.36 -36.12
CA SER C 799 -25.87 -27.00 -36.41
C SER C 799 -25.68 -26.05 -35.21
N SER C 800 -24.70 -26.33 -34.34
CA SER C 800 -24.50 -25.50 -33.15
C SER C 800 -23.91 -24.13 -33.48
N GLY C 801 -23.21 -24.01 -34.62
CA GLY C 801 -22.48 -22.81 -34.95
C GLY C 801 -21.04 -22.83 -34.49
N ILE C 802 -20.60 -23.91 -33.85
CA ILE C 802 -19.23 -24.01 -33.36
C ILE C 802 -18.38 -24.60 -34.48
N PRO C 803 -17.23 -24.02 -34.79
CA PRO C 803 -16.39 -24.53 -35.90
C PRO C 803 -15.77 -25.88 -35.58
N ASN C 804 -15.20 -26.50 -36.61
CA ASN C 804 -14.56 -27.80 -36.47
C ASN C 804 -13.22 -27.73 -35.75
N VAL C 805 -12.50 -26.62 -35.89
CA VAL C 805 -11.26 -26.38 -35.16
C VAL C 805 -11.48 -25.20 -34.22
N VAL C 806 -11.18 -25.41 -32.93
CA VAL C 806 -11.30 -24.41 -31.87
C VAL C 806 -9.94 -24.31 -31.19
N TYR C 807 -9.75 -23.22 -30.45
CA TYR C 807 -8.47 -22.98 -29.80
C TYR C 807 -8.72 -22.92 -28.31
N VAL C 808 -8.15 -23.89 -27.59
CA VAL C 808 -8.55 -24.25 -26.22
C VAL C 808 -7.39 -23.94 -25.28
N ALA C 809 -7.63 -23.06 -24.31
CA ALA C 809 -6.59 -22.68 -23.36
C ALA C 809 -6.48 -23.75 -22.28
N TYR C 810 -5.30 -24.34 -22.12
CA TYR C 810 -5.12 -25.39 -21.15
C TYR C 810 -4.33 -24.86 -19.97
N SER C 811 -4.86 -25.08 -18.77
CA SER C 811 -4.16 -24.87 -17.51
C SER C 811 -4.83 -25.75 -16.47
N GLN C 812 -4.09 -25.99 -15.38
CA GLN C 812 -4.62 -26.83 -14.31
C GLN C 812 -5.83 -26.20 -13.66
N ALA C 813 -5.84 -24.88 -13.53
CA ALA C 813 -7.03 -24.20 -13.06
C ALA C 813 -8.13 -24.21 -14.12
N ASP C 814 -7.73 -24.22 -15.39
CA ASP C 814 -8.66 -24.27 -16.52
C ASP C 814 -9.58 -25.47 -16.45
N LYS C 815 -9.01 -26.63 -16.11
CA LYS C 815 -9.71 -27.89 -15.83
C LYS C 815 -8.70 -29.03 -15.97
N CYS D 4 -56.70 -5.41 21.66
CA CYS D 4 -56.41 -6.34 20.58
C CYS D 4 -57.12 -5.90 19.29
N GLN D 5 -57.16 -4.59 19.07
CA GLN D 5 -58.10 -3.98 18.14
C GLN D 5 -57.48 -3.51 16.83
N TYR D 6 -56.28 -2.96 16.87
CA TYR D 6 -55.63 -2.33 15.71
C TYR D 6 -54.15 -2.72 15.66
N LYS D 7 -53.69 -3.15 14.50
CA LYS D 7 -52.32 -3.62 14.31
C LYS D 7 -51.71 -2.95 13.11
N ILE D 8 -50.43 -2.58 13.24
CA ILE D 8 -49.65 -2.09 12.10
C ILE D 8 -49.16 -3.28 11.28
N TYR D 9 -49.17 -3.16 9.96
CA TYR D 9 -48.55 -4.15 9.09
C TYR D 9 -47.72 -3.45 8.03
N PRO D 10 -46.58 -4.03 7.62
CA PRO D 10 -46.01 -5.28 8.13
C PRO D 10 -45.36 -5.08 9.47
N PRO D 11 -45.03 -6.18 10.12
CA PRO D 11 -44.34 -6.06 11.40
C PRO D 11 -42.90 -5.58 11.25
N LEU D 12 -42.20 -6.01 10.19
CA LEU D 12 -40.84 -5.58 9.88
C LEU D 12 -40.82 -4.87 8.53
N GLY D 13 -40.68 -3.56 8.53
CA GLY D 13 -40.61 -2.82 7.29
C GLY D 13 -39.20 -2.70 6.74
N ILE D 14 -39.09 -2.54 5.43
CA ILE D 14 -37.82 -2.35 4.76
C ILE D 14 -37.94 -1.19 3.79
N ALA D 15 -37.11 -0.18 3.97
CA ALA D 15 -36.86 0.82 2.93
C ALA D 15 -35.41 0.68 2.49
N ARG D 16 -35.14 0.87 1.22
CA ARG D 16 -33.77 0.77 0.70
C ARG D 16 -33.27 2.13 0.27
N VAL D 17 -31.96 2.35 0.42
CA VAL D 17 -31.39 3.65 0.09
C VAL D 17 -31.39 3.85 -1.43
N GLY D 18 -31.49 5.12 -1.84
CA GLY D 18 -31.37 5.48 -3.25
C GLY D 18 -31.08 6.95 -3.40
N ASN D 19 -30.41 7.31 -4.49
CA ASN D 19 -30.17 8.73 -4.75
C ASN D 19 -31.28 9.34 -5.59
N GLY D 20 -32.27 8.56 -6.00
CA GLY D 20 -33.46 9.12 -6.57
C GLY D 20 -34.28 9.79 -5.50
N PRO D 21 -35.16 10.70 -5.90
CA PRO D 21 -35.87 11.53 -4.93
C PRO D 21 -36.95 10.74 -4.20
N ALA D 22 -37.50 11.38 -3.16
CA ALA D 22 -38.53 10.78 -2.33
C ALA D 22 -39.89 11.40 -2.67
N ILE D 23 -40.31 11.12 -3.90
CA ILE D 23 -41.66 11.41 -4.35
C ILE D 23 -42.27 10.10 -4.85
N LYS D 24 -43.60 10.03 -4.81
CA LYS D 24 -44.27 8.77 -5.11
C LYS D 24 -44.08 8.32 -6.55
N PRO D 25 -44.11 9.22 -7.53
CA PRO D 25 -43.94 8.74 -8.92
C PRO D 25 -42.54 8.24 -9.22
N LEU D 26 -41.49 8.87 -8.70
CA LEU D 26 -40.14 8.45 -8.99
C LEU D 26 -39.56 7.50 -7.94
N SER D 27 -40.41 6.76 -7.22
CA SER D 27 -39.91 5.77 -6.27
C SER D 27 -40.61 4.44 -6.49
N LEU D 28 -40.18 3.45 -5.72
CA LEU D 28 -40.68 2.09 -5.78
C LEU D 28 -41.19 1.69 -4.41
N SER D 29 -41.90 0.58 -4.36
CA SER D 29 -42.56 0.14 -3.16
C SER D 29 -42.01 -1.20 -2.75
N THR D 30 -41.73 -1.35 -1.46
CA THR D 30 -41.45 -2.68 -0.97
C THR D 30 -42.60 -3.59 -1.37
N PRO D 31 -42.32 -4.80 -1.84
CA PRO D 31 -43.41 -5.70 -2.26
C PRO D 31 -44.40 -5.97 -1.12
N GLU D 32 -45.68 -6.01 -1.49
CA GLU D 32 -46.75 -6.40 -0.59
C GLU D 32 -47.36 -7.73 -0.98
N VAL D 33 -47.06 -8.23 -2.17
CA VAL D 33 -47.50 -9.54 -2.61
C VAL D 33 -46.30 -10.27 -3.18
N PRO D 34 -45.89 -11.39 -2.60
CA PRO D 34 -44.79 -12.17 -3.16
C PRO D 34 -44.98 -12.50 -4.64
N TRP D 35 -43.93 -12.22 -5.42
CA TRP D 35 -43.80 -12.62 -6.82
C TRP D 35 -44.66 -11.79 -7.76
N ALA D 36 -45.10 -10.62 -7.31
CA ALA D 36 -46.06 -9.84 -8.09
C ALA D 36 -45.60 -9.55 -9.51
N HIS D 37 -44.29 -9.34 -9.73
CA HIS D 37 -43.82 -8.75 -10.98
C HIS D 37 -42.55 -9.40 -11.47
N LEU D 38 -42.43 -10.72 -11.31
CA LEU D 38 -41.19 -11.40 -11.68
C LEU D 38 -40.88 -11.27 -13.16
N TYR D 39 -41.90 -11.20 -14.03
CA TYR D 39 -41.67 -11.12 -15.48
C TYR D 39 -42.06 -9.77 -16.08
N ASP D 40 -42.41 -8.78 -15.25
CA ASP D 40 -42.90 -7.50 -15.75
C ASP D 40 -41.77 -6.78 -16.48
N THR D 41 -41.86 -6.70 -17.82
CA THR D 41 -40.78 -6.13 -18.62
C THR D 41 -40.92 -4.64 -18.84
N ASN D 42 -41.69 -3.95 -18.01
CA ASN D 42 -41.73 -2.49 -18.05
C ASN D 42 -41.18 -1.85 -16.79
N VAL D 43 -40.82 -2.65 -15.78
CA VAL D 43 -40.23 -2.11 -14.57
C VAL D 43 -39.11 -1.14 -14.90
N GLN D 44 -39.09 0.00 -14.21
CA GLN D 44 -38.00 0.97 -14.32
C GLN D 44 -37.46 1.25 -12.93
N TYR D 45 -36.28 0.71 -12.64
CA TYR D 45 -35.71 0.78 -11.30
C TYR D 45 -34.74 1.95 -11.16
N LEU D 46 -34.27 2.51 -12.28
CA LEU D 46 -33.53 3.74 -12.30
C LEU D 46 -34.43 4.85 -12.83
N VAL D 47 -34.15 6.09 -12.42
CA VAL D 47 -34.97 7.21 -12.87
C VAL D 47 -34.73 7.45 -14.35
N THR D 48 -35.82 7.59 -15.10
CA THR D 48 -35.78 7.70 -16.55
C THR D 48 -36.01 9.13 -16.99
N GLN D 49 -35.56 9.44 -18.22
CA GLN D 49 -35.82 10.76 -18.78
C GLN D 49 -37.32 11.00 -18.90
N GLN D 50 -38.07 9.98 -19.33
CA GLN D 50 -39.52 10.10 -19.48
C GLN D 50 -40.14 10.59 -18.18
N GLU D 51 -39.67 10.04 -17.06
CA GLU D 51 -40.29 10.34 -15.77
C GLU D 51 -40.00 11.76 -15.30
N LEU D 52 -38.89 12.36 -15.72
CA LEU D 52 -38.58 13.71 -15.27
C LEU D 52 -39.31 14.78 -16.07
N GLU D 53 -39.47 14.59 -17.38
CA GLU D 53 -40.33 15.47 -18.18
C GLU D 53 -41.76 15.46 -17.66
N GLN D 54 -42.34 14.26 -17.55
CA GLN D 54 -43.62 14.07 -16.89
C GLN D 54 -43.69 14.85 -15.58
N LEU D 55 -42.71 14.66 -14.70
CA LEU D 55 -42.71 15.35 -13.42
C LEU D 55 -42.64 16.86 -13.60
N LEU D 56 -41.97 17.33 -14.66
CA LEU D 56 -41.83 18.77 -14.87
C LEU D 56 -43.13 19.39 -15.39
N GLU D 57 -43.75 18.79 -16.42
CA GLU D 57 -45.00 19.31 -16.94
C GLU D 57 -46.09 19.29 -15.88
N GLU D 58 -46.09 18.26 -15.02
CA GLU D 58 -47.00 18.19 -13.88
C GLU D 58 -46.79 19.33 -12.88
N ALA D 59 -45.66 20.04 -12.94
CA ALA D 59 -45.45 21.17 -12.05
C ALA D 59 -45.93 22.48 -12.64
N PHE D 60 -46.15 22.53 -13.95
CA PHE D 60 -46.62 23.72 -14.66
C PHE D 60 -48.15 23.76 -14.77
N GLY D 61 -48.74 22.69 -15.28
CA GLY D 61 -50.16 22.68 -15.60
C GLY D 61 -51.07 22.89 -14.41
N GLY D 62 -51.67 24.07 -14.31
CA GLY D 62 -51.53 25.09 -15.34
C GLY D 62 -51.84 26.52 -14.90
N ASN D 63 -51.58 26.83 -13.64
CA ASN D 63 -51.76 28.19 -13.14
C ASN D 63 -50.56 29.05 -13.51
N VAL D 64 -49.43 28.81 -12.84
CA VAL D 64 -48.09 29.24 -13.22
C VAL D 64 -48.08 29.83 -14.64
N ILE D 65 -48.26 28.95 -15.61
CA ILE D 65 -48.61 29.28 -16.99
C ILE D 65 -48.87 30.77 -17.25
N ASN D 66 -49.86 31.32 -16.54
CA ASN D 66 -50.14 32.74 -16.75
C ASN D 66 -49.28 33.61 -15.84
N GLU D 67 -48.84 33.08 -14.68
CA GLU D 67 -47.73 33.60 -13.88
C GLU D 67 -46.59 34.02 -14.78
N ILE D 68 -46.42 33.26 -15.86
CA ILE D 68 -45.36 33.52 -16.82
C ILE D 68 -45.86 34.44 -17.91
N SER D 69 -47.04 34.16 -18.46
CA SER D 69 -47.82 35.12 -19.24
C SER D 69 -47.86 36.45 -18.49
N GLN D 70 -47.83 36.33 -17.18
CA GLN D 70 -47.92 37.40 -16.20
C GLN D 70 -46.70 38.31 -16.14
N ILE D 71 -45.51 37.75 -16.34
CA ILE D 71 -44.27 38.40 -16.01
C ILE D 71 -43.58 38.98 -17.25
N LYS D 72 -43.68 38.31 -18.39
CA LYS D 72 -43.16 38.92 -19.60
C LYS D 72 -44.05 40.02 -20.13
N THR D 73 -45.21 40.26 -19.50
CA THR D 73 -45.93 41.49 -19.79
C THR D 73 -45.06 42.66 -19.34
N LYS D 74 -44.83 42.78 -18.04
CA LYS D 74 -43.89 43.82 -17.58
C LYS D 74 -42.47 43.30 -17.47
N LEU D 75 -41.99 42.68 -18.54
CA LEU D 75 -40.56 42.68 -18.82
C LEU D 75 -40.22 43.29 -20.15
N ASP D 76 -41.19 43.46 -21.05
CA ASP D 76 -40.96 44.28 -22.24
C ASP D 76 -41.28 45.74 -22.00
N GLU D 77 -41.81 46.07 -20.80
CA GLU D 77 -41.80 47.47 -20.37
C GLU D 77 -40.40 47.94 -20.08
N ARG D 78 -39.47 47.02 -19.80
CA ARG D 78 -38.05 47.34 -19.69
C ARG D 78 -37.22 46.61 -20.74
N LYS D 79 -37.83 45.72 -21.53
CA LYS D 79 -37.22 45.15 -22.73
C LYS D 79 -35.96 44.34 -22.36
N ALA D 80 -36.19 43.30 -21.56
CA ALA D 80 -35.15 42.51 -20.90
C ALA D 80 -34.81 41.29 -21.78
N GLU D 81 -33.56 40.82 -21.79
CA GLU D 81 -32.42 41.09 -20.88
C GLU D 81 -32.11 39.77 -20.16
N LYS D 82 -32.97 39.61 -19.15
CA LYS D 82 -32.88 38.68 -18.04
C LYS D 82 -33.94 39.15 -17.05
N PHE D 83 -34.14 38.42 -15.96
CA PHE D 83 -35.17 38.76 -14.99
C PHE D 83 -34.51 39.19 -13.69
N LYS D 84 -35.30 39.24 -12.62
CA LYS D 84 -34.87 39.80 -11.36
C LYS D 84 -34.96 38.74 -10.26
N GLN D 85 -34.15 38.92 -9.21
CA GLN D 85 -34.27 38.05 -8.05
C GLN D 85 -35.71 37.99 -7.56
N GLU D 86 -36.43 39.11 -7.63
CA GLU D 86 -37.81 39.14 -7.17
C GLU D 86 -38.70 38.23 -8.00
N GLU D 87 -38.44 38.14 -9.31
CA GLU D 87 -39.36 37.41 -10.18
C GLU D 87 -39.06 35.93 -10.21
N ILE D 88 -37.79 35.53 -10.06
CA ILE D 88 -37.52 34.10 -9.92
C ILE D 88 -37.87 33.62 -8.52
N GLU D 89 -37.60 34.43 -7.49
CA GLU D 89 -38.09 34.09 -6.17
C GLU D 89 -39.61 33.95 -6.17
N THR D 90 -40.28 34.47 -7.20
CA THR D 90 -41.68 34.18 -7.43
C THR D 90 -41.90 33.01 -8.39
N ILE D 91 -40.98 32.79 -9.34
CA ILE D 91 -41.10 31.64 -10.24
C ILE D 91 -41.02 30.33 -9.45
N THR D 92 -39.90 30.09 -8.79
CA THR D 92 -39.81 28.96 -7.89
C THR D 92 -40.85 29.12 -6.78
N GLY D 93 -41.32 27.99 -6.25
CA GLY D 93 -42.44 28.04 -5.34
C GLY D 93 -43.69 28.45 -6.10
N LEU D 94 -44.41 27.48 -6.65
CA LEU D 94 -45.29 27.66 -7.80
C LEU D 94 -45.15 26.38 -8.60
N LEU D 95 -44.09 26.40 -9.38
CA LEU D 95 -43.14 25.28 -9.44
C LEU D 95 -42.65 25.02 -8.03
N GLY D 96 -43.02 23.87 -7.45
CA GLY D 96 -42.57 23.56 -6.10
C GLY D 96 -41.43 22.56 -6.08
N LEU D 97 -40.24 22.98 -6.49
CA LEU D 97 -39.12 22.06 -6.64
C LEU D 97 -37.93 22.41 -5.74
N SER D 98 -38.18 23.09 -4.63
CA SER D 98 -37.14 23.34 -3.65
C SER D 98 -36.88 22.13 -2.75
N HIS D 99 -37.79 21.15 -2.75
CA HIS D 99 -37.59 19.93 -1.98
C HIS D 99 -37.06 18.79 -2.84
N LEU D 100 -36.78 19.05 -4.12
CA LEU D 100 -36.03 18.14 -4.97
C LEU D 100 -34.65 18.65 -5.35
N VAL D 101 -34.43 19.96 -5.31
CA VAL D 101 -33.21 20.56 -5.83
C VAL D 101 -32.87 21.82 -5.04
N PRO D 102 -31.62 21.98 -4.60
CA PRO D 102 -31.23 23.20 -3.89
C PRO D 102 -31.73 24.46 -4.60
N GLN D 103 -32.26 25.40 -3.80
CA GLN D 103 -32.94 26.57 -4.35
C GLN D 103 -31.98 27.41 -5.18
N GLN D 104 -30.78 27.65 -4.66
CA GLN D 104 -29.83 28.49 -5.39
C GLN D 104 -29.55 27.93 -6.76
N GLN D 105 -29.61 26.60 -6.92
CA GLN D 105 -29.35 26.03 -8.24
C GLN D 105 -30.49 26.33 -9.21
N LEU D 106 -31.73 26.32 -8.72
CA LEU D 106 -32.86 26.75 -9.53
C LEU D 106 -32.76 28.23 -9.88
N SER D 107 -32.17 29.04 -8.98
CA SER D 107 -32.04 30.47 -9.25
C SER D 107 -31.17 30.69 -10.48
N ARG D 108 -30.00 30.05 -10.50
CA ARG D 108 -29.02 30.28 -11.55
C ARG D 108 -29.28 29.45 -12.81
N SER D 109 -29.94 28.29 -12.66
CA SER D 109 -30.66 27.62 -13.73
C SER D 109 -31.16 28.66 -14.75
N LEU D 110 -31.74 29.74 -14.23
CA LEU D 110 -32.46 30.74 -15.02
C LEU D 110 -31.64 32.01 -15.24
N ASP D 111 -30.82 32.41 -14.27
CA ASP D 111 -30.06 33.66 -14.32
C ASP D 111 -29.07 33.67 -15.47
N ASN D 112 -29.08 32.63 -16.30
CA ASN D 112 -28.23 32.58 -17.48
C ASN D 112 -29.03 32.63 -18.78
N LEU D 113 -30.33 32.93 -18.71
CA LEU D 113 -31.22 32.81 -19.88
C LEU D 113 -31.07 33.96 -20.87
N SER D 121 -44.14 35.32 -27.39
CA SER D 121 -44.21 34.56 -26.15
C SER D 121 -44.49 33.07 -26.42
N ASP D 122 -45.17 32.38 -25.50
CA ASP D 122 -45.22 30.93 -25.55
C ASP D 122 -43.84 30.43 -25.15
N ASP D 123 -43.18 29.76 -26.09
CA ASP D 123 -41.72 29.70 -26.24
C ASP D 123 -40.87 30.10 -25.01
N ILE D 124 -41.17 31.25 -24.38
CA ILE D 124 -40.38 31.68 -23.23
C ILE D 124 -40.41 30.62 -22.12
N VAL D 125 -41.60 30.06 -21.87
CA VAL D 125 -41.74 28.96 -20.93
C VAL D 125 -40.85 27.80 -21.33
N GLN D 126 -40.89 27.42 -22.62
CA GLN D 126 -40.06 26.34 -23.11
C GLN D 126 -38.59 26.47 -22.65
N GLN D 127 -38.05 27.69 -22.61
CA GLN D 127 -36.67 27.86 -22.20
C GLN D 127 -36.46 27.42 -20.74
N ILE D 128 -37.13 28.09 -19.82
CA ILE D 128 -37.21 27.67 -18.42
C ILE D 128 -37.47 26.17 -18.35
N LYS D 129 -38.65 25.74 -18.80
CA LYS D 129 -39.01 24.34 -18.90
C LYS D 129 -38.03 23.61 -19.83
N GLY D 130 -36.80 23.41 -19.37
CA GLY D 130 -35.75 22.90 -20.21
C GLY D 130 -34.42 23.38 -19.66
N ALA D 131 -34.41 24.64 -19.20
CA ALA D 131 -33.39 25.05 -18.26
C ALA D 131 -33.51 24.26 -16.95
N LEU D 132 -34.74 24.00 -16.51
CA LEU D 132 -34.93 23.26 -15.28
C LEU D 132 -34.80 21.75 -15.48
N LEU D 133 -35.17 21.24 -16.64
CA LEU D 133 -34.90 19.84 -16.96
C LEU D 133 -33.41 19.54 -16.88
N LYS D 134 -32.56 20.46 -17.36
CA LYS D 134 -31.14 20.54 -17.02
C LYS D 134 -30.83 20.01 -15.60
N VAL D 135 -31.23 20.77 -14.59
CA VAL D 135 -30.78 20.51 -13.22
C VAL D 135 -31.40 19.24 -12.66
N LEU D 136 -32.63 18.91 -13.03
CA LEU D 136 -33.23 17.67 -12.57
C LEU D 136 -32.51 16.46 -13.14
N SER D 137 -32.10 16.53 -14.41
CA SER D 137 -31.32 15.46 -15.02
C SER D 137 -29.93 15.37 -14.39
N ASP D 138 -29.32 16.52 -14.10
CA ASP D 138 -28.03 16.54 -13.43
C ASP D 138 -28.06 15.75 -12.13
N HIS D 139 -29.11 15.93 -11.35
CA HIS D 139 -29.25 15.28 -10.05
C HIS D 139 -29.83 13.88 -10.16
N TYR D 140 -30.84 13.66 -11.01
CA TYR D 140 -31.63 12.45 -10.87
C TYR D 140 -31.64 11.53 -12.07
N LEU D 141 -31.32 11.99 -13.28
CA LEU D 141 -31.35 11.08 -14.42
C LEU D 141 -30.47 9.87 -14.15
N HIS D 142 -31.08 8.69 -14.27
CA HIS D 142 -30.45 7.38 -14.07
C HIS D 142 -30.14 7.08 -12.61
N ALA D 143 -30.73 7.84 -11.68
CA ALA D 143 -30.55 7.59 -10.26
C ALA D 143 -31.18 6.26 -9.85
N VAL D 144 -30.62 5.68 -8.79
CA VAL D 144 -31.19 4.49 -8.16
C VAL D 144 -32.40 4.94 -7.35
N LYS D 145 -33.60 4.53 -7.78
CA LYS D 145 -34.81 4.95 -7.09
C LYS D 145 -34.86 4.38 -5.67
N LYS D 146 -35.38 5.18 -4.74
CA LYS D 146 -35.63 4.63 -3.42
C LYS D 146 -36.74 3.59 -3.49
N GLN D 147 -36.63 2.57 -2.64
CA GLN D 147 -37.69 1.57 -2.45
C GLN D 147 -38.31 1.83 -1.09
N ALA D 148 -39.50 2.42 -1.12
CA ALA D 148 -40.12 2.90 0.10
C ALA D 148 -41.12 1.87 0.60
N GLN D 149 -41.31 1.84 1.92
CA GLN D 149 -42.18 0.89 2.59
C GLN D 149 -43.48 1.60 2.98
N ASN D 150 -44.60 0.98 2.61
CA ASN D 150 -45.91 1.42 3.05
C ASN D 150 -46.29 0.66 4.30
N PHE D 151 -46.76 1.39 5.32
CA PHE D 151 -47.30 0.79 6.54
C PHE D 151 -48.79 1.06 6.62
N TYR D 152 -49.57 0.01 6.85
CA TYR D 152 -51.02 0.12 6.97
C TYR D 152 -51.46 -0.18 8.40
N ILE D 153 -52.63 0.32 8.78
CA ILE D 153 -53.29 -0.14 10.00
C ILE D 153 -54.43 -1.08 9.60
N TYR D 154 -54.56 -2.19 10.33
CA TYR D 154 -55.62 -3.17 10.12
C TYR D 154 -56.47 -3.31 11.38
N LYS D 155 -57.76 -3.57 11.20
CA LYS D 155 -58.65 -3.82 12.33
C LYS D 155 -58.76 -5.33 12.59
N CYS D 156 -59.02 -5.70 13.85
CA CYS D 156 -58.75 -7.06 14.29
C CYS D 156 -59.91 -7.61 15.10
N ASP D 157 -59.72 -8.85 15.59
CA ASP D 157 -60.56 -9.50 16.59
C ASP D 157 -59.66 -10.12 17.66
N ASN D 161 -55.80 -10.52 15.39
CA ASN D 161 -56.13 -11.24 14.16
C ASN D 161 -56.80 -10.33 13.12
N PRO D 162 -56.10 -10.05 12.02
CA PRO D 162 -56.46 -8.91 11.17
C PRO D 162 -57.49 -9.20 10.09
N VAL D 163 -58.44 -8.28 9.97
CA VAL D 163 -59.38 -8.21 8.86
C VAL D 163 -59.39 -6.76 8.37
N GLU D 164 -59.30 -6.56 7.06
CA GLU D 164 -59.62 -5.26 6.47
C GLU D 164 -58.74 -4.11 6.95
N LYS D 165 -58.25 -3.31 6.00
CA LYS D 165 -57.57 -2.08 6.34
C LYS D 165 -58.50 -1.15 7.11
N LEU D 166 -57.93 -0.44 8.09
CA LEU D 166 -58.58 0.74 8.65
C LEU D 166 -58.93 1.72 7.54
N LYS D 167 -60.22 2.05 7.43
CA LYS D 167 -60.69 3.09 6.51
C LYS D 167 -61.18 4.27 7.34
N LEU D 168 -60.75 5.47 6.96
CA LEU D 168 -60.96 6.64 7.80
C LEU D 168 -62.18 7.43 7.35
N THR D 169 -63.12 7.64 8.27
CA THR D 169 -64.36 8.35 8.01
C THR D 169 -64.05 9.82 7.71
N ASP D 170 -64.53 10.77 8.54
CA ASP D 170 -64.11 12.16 8.38
C ASP D 170 -63.50 12.74 9.65
N GLY D 171 -64.23 12.71 10.76
CA GLY D 171 -63.64 13.17 12.01
C GLY D 171 -62.52 12.26 12.51
N ASP D 172 -61.88 11.53 11.60
CA ASP D 172 -60.99 10.43 11.93
C ASP D 172 -59.57 10.70 11.43
N LYS D 173 -58.60 10.61 12.33
CA LYS D 173 -57.20 10.72 11.96
C LYS D 173 -56.43 9.55 12.55
N VAL D 174 -55.31 9.24 11.91
CA VAL D 174 -54.31 8.32 12.46
C VAL D 174 -52.99 9.09 12.46
N THR D 175 -52.28 9.05 13.58
CA THR D 175 -50.99 9.71 13.69
C THR D 175 -49.90 8.66 13.91
N TRP D 176 -48.84 8.76 13.10
CA TRP D 176 -47.75 7.80 13.12
C TRP D 176 -46.56 8.38 13.84
N ARG D 177 -45.83 7.53 14.58
CA ARG D 177 -44.61 7.93 15.25
C ARG D 177 -43.46 6.99 14.91
N VAL D 178 -42.31 7.55 14.53
CA VAL D 178 -41.16 6.79 14.08
C VAL D 178 -39.92 7.33 14.78
N GLU D 179 -39.18 6.46 15.47
CA GLU D 179 -37.91 6.83 16.09
C GLU D 179 -36.84 5.85 15.61
N VAL D 180 -35.81 6.39 14.95
CA VAL D 180 -34.81 5.55 14.28
C VAL D 180 -33.41 5.88 14.80
N ALA D 181 -32.50 4.94 14.59
CA ALA D 181 -31.11 5.14 14.99
C ALA D 181 -30.19 4.24 14.17
N ASN D 182 -28.93 4.64 14.12
CA ASN D 182 -27.86 3.83 13.58
C ASN D 182 -26.81 3.73 14.67
N LYS D 183 -26.48 2.50 15.06
CA LYS D 183 -25.48 2.25 16.10
C LYS D 183 -24.23 1.58 15.55
N LYS D 184 -24.13 1.44 14.23
CA LYS D 184 -22.99 0.76 13.60
C LYS D 184 -21.66 1.27 14.16
N SER D 185 -21.45 2.60 14.15
CA SER D 185 -20.18 3.13 14.63
C SER D 185 -19.97 2.92 16.11
N PHE D 186 -21.04 2.65 16.86
CA PHE D 186 -20.96 2.46 18.31
C PHE D 186 -20.58 1.02 18.67
N TRP D 187 -20.90 0.07 17.79
CA TRP D 187 -21.02 -1.35 18.09
C TRP D 187 -19.69 -2.06 17.84
N TYR D 188 -19.72 -3.38 17.84
CA TYR D 188 -18.52 -4.20 17.75
C TYR D 188 -18.17 -4.56 16.31
N ASP D 189 -16.89 -4.88 16.10
CA ASP D 189 -16.44 -5.45 14.85
C ASP D 189 -17.29 -6.67 14.53
N TYR D 190 -17.49 -6.92 13.24
CA TYR D 190 -18.12 -8.14 12.79
C TYR D 190 -17.00 -9.04 12.25
N ASN D 191 -16.75 -10.14 12.96
CA ASN D 191 -15.77 -11.13 12.52
C ASN D 191 -16.44 -12.37 11.95
N ASN D 192 -17.40 -12.93 12.68
CA ASN D 192 -18.34 -13.92 12.17
C ASN D 192 -19.58 -13.87 13.04
N ALA D 193 -20.54 -14.71 12.70
CA ALA D 193 -21.79 -14.77 13.45
C ALA D 193 -21.56 -15.41 14.83
N LEU D 194 -21.85 -14.64 15.90
CA LEU D 194 -21.62 -15.11 17.28
C LEU D 194 -22.37 -16.41 17.58
N ASP D 195 -23.55 -16.62 17.01
CA ASP D 195 -24.30 -17.84 17.33
C ASP D 195 -23.73 -19.12 16.71
N LEU D 196 -22.59 -19.07 16.00
CA LEU D 196 -21.96 -20.28 15.48
C LEU D 196 -21.39 -21.17 16.58
N SER D 197 -21.20 -20.63 17.79
CA SER D 197 -20.71 -21.42 18.92
C SER D 197 -21.74 -21.46 20.05
N LEU D 198 -22.95 -20.97 19.80
CA LEU D 198 -24.01 -20.99 20.80
C LEU D 198 -24.57 -22.40 20.94
N HIS D 199 -24.55 -22.93 22.16
CA HIS D 199 -25.18 -24.20 22.48
C HIS D 199 -26.68 -24.08 22.32
N THR D 200 -27.29 -25.10 21.72
CA THR D 200 -28.65 -25.04 21.23
C THR D 200 -29.08 -26.49 21.01
N GLN D 201 -30.38 -26.73 20.96
CA GLN D 201 -30.72 -28.06 20.47
C GLN D 201 -31.16 -28.05 19.00
N GLY D 202 -31.05 -26.91 18.34
CA GLY D 202 -31.22 -26.85 16.91
C GLY D 202 -32.55 -26.24 16.54
N SER D 203 -32.57 -25.56 15.40
CA SER D 203 -33.81 -24.93 14.96
C SER D 203 -34.04 -25.25 13.51
N GLY D 204 -35.00 -24.56 12.89
CA GLY D 204 -35.22 -24.72 11.46
C GLY D 204 -34.14 -24.08 10.62
N ASN D 205 -33.40 -23.13 11.18
CA ASN D 205 -32.44 -22.35 10.42
C ASN D 205 -31.00 -22.81 10.62
N LEU D 206 -30.68 -23.41 11.76
CA LEU D 206 -29.29 -23.71 12.09
C LEU D 206 -29.24 -25.01 12.87
N SER D 207 -28.48 -25.97 12.36
CA SER D 207 -28.38 -27.29 12.98
C SER D 207 -27.41 -27.24 14.15
N LYS D 208 -27.71 -27.99 15.23
CA LYS D 208 -26.85 -27.93 16.40
C LYS D 208 -25.46 -28.52 16.15
N ASN D 209 -25.23 -29.22 15.03
CA ASN D 209 -23.90 -29.73 14.76
C ASN D 209 -22.85 -28.63 14.63
N VAL D 210 -23.24 -27.41 14.25
CA VAL D 210 -22.24 -26.36 14.11
C VAL D 210 -21.59 -26.06 15.45
N SER D 211 -22.40 -25.66 16.44
CA SER D 211 -21.92 -25.50 17.81
C SER D 211 -21.27 -26.78 18.32
N LYS D 212 -22.02 -27.89 18.24
CA LYS D 212 -21.62 -29.09 18.98
C LYS D 212 -20.27 -29.62 18.50
N HIS D 213 -19.98 -29.51 17.22
CA HIS D 213 -18.73 -30.02 16.68
C HIS D 213 -17.75 -28.91 16.29
N ARG D 214 -18.03 -27.67 16.68
CA ARG D 214 -17.06 -26.58 16.59
C ARG D 214 -16.65 -26.29 15.14
N LEU D 215 -17.64 -26.40 14.25
CA LEU D 215 -17.39 -26.35 12.82
C LEU D 215 -16.93 -24.97 12.37
N ALA D 216 -17.37 -23.91 13.05
CA ALA D 216 -17.02 -22.54 12.70
C ALA D 216 -17.06 -21.64 13.94
N PRO D 217 -16.08 -21.77 14.83
CA PRO D 217 -16.15 -21.07 16.13
C PRO D 217 -16.42 -19.58 16.01
N ALA D 218 -17.30 -19.09 16.87
CA ALA D 218 -17.46 -17.64 17.02
C ALA D 218 -16.15 -17.03 17.48
N MET D 219 -15.73 -15.95 16.81
CA MET D 219 -14.58 -15.18 17.24
C MET D 219 -15.06 -14.04 18.14
N THR D 220 -14.27 -13.74 19.17
CA THR D 220 -14.44 -12.49 19.92
C THR D 220 -14.30 -11.28 18.98
N ALA D 221 -14.99 -10.21 19.31
CA ALA D 221 -14.91 -9.00 18.48
C ALA D 221 -14.65 -7.81 19.37
N LYS D 222 -13.75 -6.93 18.92
CA LYS D 222 -13.44 -5.71 19.64
C LYS D 222 -14.33 -4.56 19.18
N ARG D 223 -14.26 -3.46 19.92
CA ARG D 223 -15.09 -2.31 19.63
C ARG D 223 -14.66 -1.65 18.31
N ARG D 224 -15.65 -1.15 17.57
CA ARG D 224 -15.36 -0.15 16.55
C ARG D 224 -15.11 1.19 17.20
N ASN D 225 -14.35 2.03 16.50
CA ASN D 225 -13.95 3.34 17.00
C ASN D 225 -13.44 3.25 18.44
N PRO D 226 -12.48 2.37 18.71
CA PRO D 226 -12.12 2.06 20.10
C PRO D 226 -11.51 3.21 20.88
N ASN D 227 -11.01 4.26 20.23
CA ASN D 227 -10.37 5.38 20.93
C ASN D 227 -11.37 6.28 21.63
N VAL D 228 -12.66 6.07 21.40
CA VAL D 228 -13.71 6.76 22.15
C VAL D 228 -14.01 5.90 23.39
N ILE D 229 -13.66 6.41 24.56
CA ILE D 229 -13.73 5.66 25.80
C ILE D 229 -14.82 6.25 26.69
N THR D 230 -15.43 5.36 27.51
CA THR D 230 -16.57 5.59 28.40
C THR D 230 -17.89 5.64 27.64
N ASN D 231 -18.95 5.13 28.28
CA ASN D 231 -20.25 5.04 27.63
C ASN D 231 -20.81 6.42 27.30
N SER D 232 -20.52 7.41 28.14
CA SER D 232 -21.06 8.75 27.88
C SER D 232 -20.52 9.32 26.57
N LEU D 233 -19.20 9.21 26.36
CA LEU D 233 -18.60 9.74 25.15
C LEU D 233 -18.98 8.91 23.92
N ARG D 234 -19.21 7.60 24.10
CA ARG D 234 -19.53 6.76 22.96
C ARG D 234 -20.94 6.99 22.45
N LYS D 235 -21.83 7.57 23.27
CA LYS D 235 -23.14 8.00 22.79
C LYS D 235 -23.03 8.96 21.61
N GLN D 236 -21.89 9.66 21.47
CA GLN D 236 -21.68 10.52 20.33
C GLN D 236 -21.62 9.75 19.00
N LEU D 237 -21.40 8.44 19.06
CA LEU D 237 -21.24 7.63 17.86
C LEU D 237 -22.58 7.20 17.27
N VAL D 238 -23.68 7.39 18.00
CA VAL D 238 -25.01 6.94 17.60
C VAL D 238 -25.74 8.08 16.91
N ILE D 239 -26.22 7.82 15.68
CA ILE D 239 -27.07 8.74 14.90
C ILE D 239 -28.53 8.34 15.07
N SER D 240 -29.38 9.28 15.50
CA SER D 240 -30.78 8.98 15.76
C SER D 240 -31.65 10.20 15.47
N SER D 241 -32.91 9.91 15.13
CA SER D 241 -33.88 10.96 14.82
C SER D 241 -35.26 10.35 14.95
N GLN D 242 -36.28 11.19 14.85
CA GLN D 242 -37.64 10.76 15.12
C GLN D 242 -38.58 11.79 14.54
N GLY D 243 -39.83 11.39 14.36
CA GLY D 243 -40.80 12.30 13.76
C GLY D 243 -42.17 11.69 13.74
N SER D 244 -43.14 12.53 13.40
CA SER D 244 -44.55 12.15 13.37
C SER D 244 -45.22 12.76 12.16
N VAL D 245 -46.04 11.97 11.50
CA VAL D 245 -46.94 12.44 10.46
C VAL D 245 -48.33 11.90 10.75
N SER D 246 -49.35 12.61 10.26
CA SER D 246 -50.74 12.21 10.48
C SER D 246 -51.54 12.49 9.22
N SER D 247 -52.74 11.89 9.16
CA SER D 247 -53.52 11.87 7.93
C SER D 247 -54.01 13.25 7.51
N ASP D 248 -54.13 14.21 8.44
CA ASP D 248 -54.56 15.56 8.10
C ASP D 248 -53.55 16.33 7.28
N ASN D 249 -52.26 15.99 7.34
CA ASN D 249 -51.33 16.82 6.59
C ASN D 249 -50.91 16.17 5.29
N ASN D 250 -49.92 15.29 5.33
CA ASN D 250 -49.28 14.62 4.20
C ASN D 250 -48.04 15.39 3.74
N THR D 251 -47.70 16.50 4.39
CA THR D 251 -46.38 17.07 4.19
C THR D 251 -45.33 16.13 4.79
N GLN D 252 -44.19 16.03 4.11
CA GLN D 252 -43.18 15.03 4.38
C GLN D 252 -42.19 15.52 5.43
N VAL D 253 -41.90 14.69 6.43
CA VAL D 253 -41.02 15.05 7.55
C VAL D 253 -39.70 14.30 7.40
N PRO D 254 -38.57 14.99 7.37
CA PRO D 254 -37.28 14.27 7.32
C PRO D 254 -36.86 13.79 8.71
N LEU D 255 -36.30 12.58 8.75
CA LEU D 255 -35.67 12.04 9.95
C LEU D 255 -34.18 12.35 9.85
N ARG D 256 -33.75 13.46 10.47
CA ARG D 256 -32.44 14.03 10.22
C ARG D 256 -31.67 14.11 11.53
N GLY D 257 -30.60 13.31 11.63
CA GLY D 257 -29.73 13.29 12.79
C GLY D 257 -28.34 13.86 12.50
N LYS D 258 -27.48 13.74 13.51
CA LYS D 258 -26.16 14.36 13.55
C LYS D 258 -25.08 13.30 13.79
N PHE D 259 -23.87 13.56 13.27
CA PHE D 259 -22.72 12.70 13.56
C PHE D 259 -21.42 13.49 13.48
N PRO D 260 -20.66 13.55 14.57
CA PRO D 260 -21.02 12.96 15.87
C PRO D 260 -22.30 13.57 16.48
N ALA D 261 -22.95 12.87 17.40
CA ALA D 261 -24.26 13.32 17.84
C ALA D 261 -24.14 14.57 18.71
N ASN D 262 -25.20 15.37 18.71
CA ASN D 262 -25.24 16.71 19.32
C ASN D 262 -24.53 16.81 20.69
N GLU D 278 -17.13 20.16 11.41
CA GLU D 278 -17.47 19.07 12.31
C GLU D 278 -18.99 18.92 12.48
N ARG D 279 -19.42 17.73 12.88
CA ARG D 279 -20.84 17.39 12.98
C ARG D 279 -21.53 17.49 11.63
N HIS D 280 -21.77 16.33 11.00
CA HIS D 280 -22.47 16.24 9.74
C HIS D 280 -23.95 15.94 9.94
N ASN D 281 -24.80 16.56 9.13
CA ASN D 281 -26.20 16.20 9.09
C ASN D 281 -26.37 14.93 8.28
N VAL D 282 -27.21 14.03 8.79
CA VAL D 282 -27.38 12.69 8.24
C VAL D 282 -28.86 12.43 8.06
N LEU D 283 -29.29 12.24 6.82
CA LEU D 283 -30.71 12.03 6.57
C LEU D 283 -30.98 10.53 6.63
N GLN D 284 -31.52 10.07 7.76
CA GLN D 284 -31.74 8.65 7.91
C GLN D 284 -32.96 8.19 7.13
N GLY D 285 -33.88 9.12 6.85
CA GLY D 285 -35.09 8.75 6.14
C GLY D 285 -36.11 9.86 6.22
N SER D 286 -37.26 9.58 5.61
CA SER D 286 -38.33 10.53 5.41
C SER D 286 -39.65 9.80 5.57
N ILE D 287 -40.67 10.52 6.05
CA ILE D 287 -41.97 9.89 6.29
C ILE D 287 -43.10 10.77 5.78
N GLU D 288 -44.24 10.11 5.54
CA GLU D 288 -45.39 10.67 4.85
C GLU D 288 -46.64 9.95 5.32
N CYS D 289 -47.72 10.68 5.55
CA CYS D 289 -49.05 10.09 5.67
C CYS D 289 -49.94 10.63 4.58
N ASP D 290 -50.73 9.75 3.96
CA ASP D 290 -51.74 10.25 3.07
C ASP D 290 -53.09 10.28 3.78
N ASN D 291 -54.09 10.81 3.07
CA ASN D 291 -55.40 11.06 3.69
C ASN D 291 -56.08 9.76 4.11
N GLU D 292 -55.85 8.66 3.39
CA GLU D 292 -56.33 7.35 3.82
C GLU D 292 -55.56 6.78 5.01
N GLY D 293 -54.53 7.47 5.50
CA GLY D 293 -53.85 7.04 6.72
C GLY D 293 -52.87 5.91 6.60
N VAL D 294 -52.13 5.83 5.49
CA VAL D 294 -51.01 4.90 5.35
C VAL D 294 -49.70 5.68 5.42
N LEU D 295 -48.79 5.21 6.27
CA LEU D 295 -47.43 5.74 6.35
C LEU D 295 -46.60 5.22 5.19
N ARG D 296 -45.91 6.12 4.51
CA ARG D 296 -44.91 5.75 3.53
C ARG D 296 -43.56 6.16 4.10
N PHE D 297 -42.60 5.24 4.07
CA PHE D 297 -41.31 5.46 4.68
C PHE D 297 -40.21 5.35 3.62
N TYR D 298 -39.47 6.45 3.41
CA TYR D 298 -38.33 6.49 2.49
C TYR D 298 -37.02 6.41 3.26
N ALA D 299 -36.05 5.69 2.70
CA ALA D 299 -34.72 5.62 3.31
C ALA D 299 -33.85 6.78 2.84
N GLY D 300 -32.65 6.87 3.41
CA GLY D 300 -31.75 7.97 3.10
C GLY D 300 -31.22 7.94 1.68
N ASN D 301 -30.32 8.87 1.41
CA ASN D 301 -29.77 9.08 0.07
C ASN D 301 -28.59 8.16 -0.25
N GLY D 302 -28.14 7.35 0.68
CA GLY D 302 -27.04 6.47 0.36
C GLY D 302 -25.73 7.15 0.55
N ILE D 303 -25.64 8.03 1.53
CA ILE D 303 -24.46 8.85 1.74
C ILE D 303 -23.68 8.27 2.92
N SER D 304 -22.45 7.83 2.64
CA SER D 304 -21.50 7.40 3.63
C SER D 304 -20.28 8.30 3.53
N GLN D 305 -19.64 8.56 4.67
CA GLN D 305 -18.61 9.58 4.73
C GLN D 305 -17.80 9.33 5.97
N ALA D 306 -16.51 9.64 5.91
CA ALA D 306 -15.66 9.66 7.10
C ALA D 306 -15.48 11.10 7.58
N LEU D 307 -15.25 11.25 8.89
CA LEU D 307 -15.01 12.57 9.46
C LEU D 307 -13.75 13.23 8.87
N SER D 308 -12.83 12.44 8.34
CA SER D 308 -11.66 12.99 7.65
C SER D 308 -11.51 12.30 6.30
N PRO D 309 -11.25 13.08 5.24
CA PRO D 309 -11.18 12.50 3.89
C PRO D 309 -10.06 11.48 3.72
N SER D 310 -8.98 11.58 4.49
CA SER D 310 -7.86 10.64 4.47
C SER D 310 -8.18 9.30 5.16
N SER D 311 -9.36 9.15 5.75
CA SER D 311 -9.75 7.89 6.38
C SER D 311 -10.45 7.03 5.34
N LEU D 312 -9.78 5.97 4.88
CA LEU D 312 -10.29 5.13 3.81
C LEU D 312 -10.94 3.87 4.37
N ASN D 313 -12.00 3.42 3.70
CA ASN D 313 -12.84 2.30 4.19
C ASN D 313 -12.29 0.97 3.68
N THR D 314 -11.18 0.55 4.22
CA THR D 314 -10.48 -0.60 3.76
C THR D 314 -10.89 -2.02 4.21
N ASP D 315 -11.58 -2.18 5.30
CA ASP D 315 -12.08 -3.44 5.76
C ASP D 315 -13.48 -3.66 5.23
N PHE D 316 -13.91 -4.91 5.05
CA PHE D 316 -15.25 -5.16 4.51
C PHE D 316 -16.34 -4.62 5.43
N ALA D 317 -16.12 -4.67 6.75
CA ALA D 317 -17.17 -4.49 7.75
C ALA D 317 -16.88 -3.40 8.79
N ASP D 318 -15.62 -3.28 9.26
CA ASP D 318 -15.29 -2.45 10.43
C ASP D 318 -14.29 -1.34 10.09
N ASN D 319 -14.79 -0.14 9.79
CA ASN D 319 -13.95 1.02 9.53
C ASN D 319 -14.25 2.12 10.51
N SER D 320 -13.24 2.55 11.26
CA SER D 320 -13.42 3.66 12.18
C SER D 320 -13.55 4.96 11.41
N ASN D 321 -14.06 5.98 12.10
CA ASN D 321 -14.16 7.33 11.56
C ASN D 321 -15.21 7.46 10.47
N TRP D 322 -16.06 6.47 10.31
CA TRP D 322 -17.06 6.43 9.25
C TRP D 322 -18.48 6.43 9.81
N PHE D 323 -19.37 7.03 9.04
CA PHE D 323 -20.80 6.91 9.28
C PHE D 323 -21.51 6.63 7.97
N ASP D 324 -22.63 5.91 8.05
CA ASP D 324 -23.54 5.85 6.92
C ASP D 324 -24.94 6.20 7.41
N ASP D 325 -25.84 6.40 6.44
CA ASP D 325 -27.20 6.81 6.73
C ASP D 325 -28.17 5.63 6.77
N ILE D 326 -27.67 4.41 7.02
CA ILE D 326 -28.59 3.32 7.36
C ILE D 326 -29.23 3.61 8.72
N CYS D 327 -30.37 2.96 8.97
CA CYS D 327 -31.04 3.06 10.25
C CYS D 327 -32.12 1.97 10.35
N ASP D 328 -32.56 1.76 11.57
CA ASP D 328 -33.72 0.93 11.85
C ASP D 328 -34.33 1.45 13.15
N GLY D 329 -35.59 1.13 13.37
CA GLY D 329 -36.26 1.67 14.55
C GLY D 329 -37.71 1.25 14.69
N ARG D 330 -38.41 2.01 15.51
CA ARG D 330 -39.71 1.65 16.06
C ARG D 330 -40.83 2.45 15.39
N VAL D 331 -41.88 1.75 14.96
CA VAL D 331 -43.05 2.34 14.29
C VAL D 331 -44.30 2.13 15.16
N THR D 332 -44.91 3.24 15.58
CA THR D 332 -46.12 3.25 16.40
C THR D 332 -47.13 4.23 15.81
N ALA D 333 -48.37 4.13 16.26
CA ALA D 333 -49.40 5.01 15.74
C ALA D 333 -50.56 5.08 16.73
N VAL D 334 -51.32 6.17 16.63
CA VAL D 334 -52.54 6.37 17.41
C VAL D 334 -53.69 6.62 16.43
N VAL D 335 -54.79 5.89 16.62
CA VAL D 335 -56.01 6.08 15.85
C VAL D 335 -56.99 6.83 16.73
N GLU D 336 -57.42 8.00 16.28
CA GLU D 336 -58.27 8.88 17.07
C GLU D 336 -59.57 9.08 16.30
N LEU D 337 -60.62 8.39 16.74
CA LEU D 337 -61.89 8.32 16.01
C LEU D 337 -62.79 9.53 16.29
N LYS D 338 -63.72 9.77 15.35
CA LYS D 338 -64.59 10.94 15.41
C LYS D 338 -65.27 11.12 16.77
N ASN D 339 -65.68 10.02 17.40
CA ASN D 339 -66.44 10.10 18.65
C ASN D 339 -65.54 10.48 19.83
N GLY D 340 -64.33 9.94 19.88
CA GLY D 340 -63.42 10.25 20.97
C GLY D 340 -62.47 9.11 21.20
N ASP D 341 -63.01 7.88 21.18
CA ASP D 341 -62.25 6.64 21.34
C ASP D 341 -60.85 6.72 20.75
N THR D 342 -59.84 6.88 21.60
CA THR D 342 -58.45 6.90 21.15
C THR D 342 -57.86 5.50 21.30
N PHE D 343 -57.18 5.06 20.26
CA PHE D 343 -56.61 3.71 20.19
C PHE D 343 -55.09 3.83 20.03
N GLU D 344 -54.35 3.24 20.98
CA GLU D 344 -52.90 3.35 21.03
C GLU D 344 -52.26 2.05 20.54
N ILE D 345 -51.50 2.13 19.45
CA ILE D 345 -50.69 1.02 18.96
C ILE D 345 -49.27 1.25 19.44
N GLN D 346 -48.90 0.64 20.57
CA GLN D 346 -47.57 0.82 21.13
C GLN D 346 -46.92 -0.45 21.62
N ASP D 347 -47.66 -1.52 21.86
CA ASP D 347 -47.08 -2.76 22.36
C ASP D 347 -46.38 -3.53 21.23
N GLU D 348 -45.51 -4.46 21.63
CA GLU D 348 -44.76 -5.23 20.65
C GLU D 348 -45.67 -6.13 19.82
N GLN D 349 -46.84 -6.49 20.34
CA GLN D 349 -47.72 -7.35 19.59
C GLN D 349 -48.47 -6.61 18.49
N SER D 350 -48.53 -5.29 18.57
CA SER D 350 -49.28 -4.46 17.65
C SER D 350 -48.44 -3.48 16.84
N SER D 351 -47.34 -2.98 17.40
CA SER D 351 -46.41 -2.09 16.72
C SER D 351 -45.56 -2.81 15.69
N ALA D 352 -44.77 -2.05 14.96
CA ALA D 352 -43.92 -2.56 13.91
C ALA D 352 -42.51 -1.97 14.04
N TRP D 353 -41.64 -2.41 13.13
CA TRP D 353 -40.25 -2.00 13.07
C TRP D 353 -39.92 -1.63 11.63
N VAL D 354 -39.00 -0.69 11.44
CA VAL D 354 -38.50 -0.38 10.11
C VAL D 354 -36.99 -0.52 10.10
N ALA D 355 -36.48 -0.96 8.95
CA ALA D 355 -35.05 -1.12 8.76
C ALA D 355 -34.73 -0.70 7.35
N THR D 356 -33.77 0.21 7.19
CA THR D 356 -33.29 0.55 5.86
C THR D 356 -32.05 -0.30 5.53
N THR D 357 -31.81 -0.46 4.22
CA THR D 357 -30.80 -1.40 3.77
C THR D 357 -30.24 -0.92 2.44
N PRO D 358 -29.17 -1.57 1.96
CA PRO D 358 -28.62 -1.27 0.62
C PRO D 358 -29.65 -1.49 -0.48
N PRO D 359 -29.40 -0.95 -1.68
CA PRO D 359 -30.35 -1.12 -2.78
C PRO D 359 -30.38 -2.55 -3.27
N ASP D 360 -31.48 -2.91 -3.89
CA ASP D 360 -31.65 -4.22 -4.52
C ASP D 360 -31.38 -4.01 -6.00
N TYR D 361 -30.25 -4.55 -6.49
CA TYR D 361 -29.84 -4.31 -7.87
C TYR D 361 -30.42 -5.31 -8.85
N ALA D 362 -31.21 -6.28 -8.36
CA ALA D 362 -31.93 -7.24 -9.19
C ALA D 362 -33.28 -7.57 -8.56
N PRO D 363 -34.14 -6.55 -8.38
CA PRO D 363 -35.35 -6.76 -7.54
C PRO D 363 -36.22 -7.94 -7.96
N GLN D 364 -36.25 -8.28 -9.25
CA GLN D 364 -37.01 -9.42 -9.72
C GLN D 364 -36.31 -10.76 -9.47
N ILE D 365 -35.09 -10.76 -8.93
CA ILE D 365 -34.32 -11.97 -8.67
C ILE D 365 -34.24 -12.17 -7.16
N GLU D 366 -34.87 -13.24 -6.67
CA GLU D 366 -35.08 -13.55 -5.27
C GLU D 366 -33.94 -14.42 -4.74
N PRO D 367 -33.49 -14.17 -3.50
CA PRO D 367 -32.49 -15.05 -2.89
C PRO D 367 -33.04 -16.46 -2.69
N ILE D 368 -32.14 -17.44 -2.74
CA ILE D 368 -32.57 -18.83 -2.61
C ILE D 368 -33.20 -19.06 -1.24
N VAL D 369 -32.68 -18.40 -0.21
CA VAL D 369 -33.22 -18.43 1.14
C VAL D 369 -33.43 -16.98 1.55
N THR D 370 -34.63 -16.66 2.03
CA THR D 370 -34.99 -15.29 2.36
C THR D 370 -35.07 -15.07 3.87
N MET D 371 -35.04 -13.80 4.25
CA MET D 371 -35.30 -13.46 5.64
C MET D 371 -36.62 -14.05 6.10
N TYR D 372 -37.64 -14.02 5.23
CA TYR D 372 -38.91 -14.62 5.58
C TYR D 372 -38.77 -16.11 5.82
N ASP D 373 -37.95 -16.78 5.02
CA ASP D 373 -37.67 -18.19 5.31
C ASP D 373 -37.04 -18.33 6.69
N MET D 374 -36.17 -17.40 7.06
CA MET D 374 -35.55 -17.34 8.39
C MET D 374 -36.59 -17.18 9.49
N VAL D 375 -37.54 -16.25 9.32
CA VAL D 375 -38.67 -16.13 10.24
C VAL D 375 -39.46 -17.42 10.30
N SER D 376 -39.71 -18.03 9.14
CA SER D 376 -40.39 -19.33 9.09
C SER D 376 -39.61 -20.38 9.87
N GLY D 377 -38.29 -20.42 9.67
CA GLY D 377 -37.49 -21.47 10.26
C GLY D 377 -37.28 -21.31 11.74
N ALA D 378 -37.44 -20.09 12.26
CA ALA D 378 -36.98 -19.78 13.61
C ALA D 378 -37.84 -20.48 14.66
N ALA D 379 -39.14 -20.59 14.39
CA ALA D 379 -40.08 -21.19 15.32
C ALA D 379 -39.97 -22.71 15.38
N LEU D 380 -39.23 -23.34 14.48
CA LEU D 380 -39.18 -24.80 14.43
C LEU D 380 -37.98 -25.35 15.19
N LYS D 381 -38.05 -26.62 15.54
CA LYS D 381 -37.03 -27.30 16.32
C LYS D 381 -36.44 -28.42 15.49
N GLU D 382 -35.11 -28.48 15.43
CA GLU D 382 -34.44 -29.48 14.59
C GLU D 382 -35.02 -30.87 14.84
N GLN D 383 -35.26 -31.22 16.11
CA GLN D 383 -35.72 -32.57 16.42
C GLN D 383 -37.13 -32.83 15.89
N ASP D 384 -37.99 -31.79 15.90
CA ASP D 384 -39.37 -31.84 15.40
C ASP D 384 -39.51 -31.68 13.88
N LEU D 385 -38.45 -31.84 13.08
CA LEU D 385 -38.63 -31.68 11.64
C LEU D 385 -39.10 -32.97 10.98
N ASP D 386 -39.08 -34.09 11.72
CA ASP D 386 -39.62 -35.33 11.20
C ASP D 386 -41.13 -35.23 11.00
N ASN D 387 -41.80 -34.34 11.73
CA ASN D 387 -43.25 -34.19 11.69
C ASN D 387 -43.69 -33.05 10.75
N LEU D 388 -42.79 -32.55 9.92
CA LEU D 388 -43.12 -31.53 8.94
C LEU D 388 -43.78 -32.18 7.73
N THR D 389 -44.85 -31.57 7.24
CA THR D 389 -45.52 -32.10 6.06
C THR D 389 -45.29 -31.18 4.89
N THR D 390 -45.16 -31.76 3.70
CA THR D 390 -44.60 -31.05 2.55
C THR D 390 -45.52 -31.15 1.33
N GLN D 391 -45.90 -30.00 0.79
CA GLN D 391 -46.47 -29.90 -0.54
C GLN D 391 -45.40 -29.49 -1.54
N PHE D 392 -45.52 -29.99 -2.77
CA PHE D 392 -44.54 -29.61 -3.79
C PHE D 392 -44.29 -28.10 -3.81
N SER D 393 -45.35 -27.30 -3.63
CA SER D 393 -45.18 -25.84 -3.57
C SER D 393 -44.28 -25.36 -2.43
N ASP D 394 -43.88 -26.25 -1.50
CA ASP D 394 -42.84 -25.87 -0.55
C ASP D 394 -41.45 -26.02 -1.16
N VAL D 395 -41.27 -27.01 -2.02
CA VAL D 395 -39.97 -27.26 -2.63
C VAL D 395 -39.75 -26.37 -3.84
N PHE D 396 -40.82 -25.93 -4.49
CA PHE D 396 -40.66 -25.22 -5.74
C PHE D 396 -39.92 -23.88 -5.60
N PRO D 397 -39.97 -23.19 -4.46
CA PRO D 397 -39.17 -21.96 -4.34
C PRO D 397 -37.68 -22.22 -4.47
N ILE D 398 -37.16 -23.26 -3.83
CA ILE D 398 -35.73 -23.58 -3.91
C ILE D 398 -35.30 -23.75 -5.37
N LEU D 399 -36.00 -24.63 -6.10
CA LEU D 399 -35.62 -24.88 -7.49
C LEU D 399 -35.85 -23.64 -8.36
N TYR D 400 -36.99 -22.98 -8.17
CA TYR D 400 -37.30 -21.80 -8.98
C TYR D 400 -36.27 -20.69 -8.76
N ARG D 401 -35.97 -20.37 -7.50
CA ARG D 401 -35.01 -19.30 -7.22
C ARG D 401 -33.62 -19.68 -7.72
N LEU D 402 -33.24 -20.96 -7.58
CA LEU D 402 -31.93 -21.38 -8.07
C LEU D 402 -31.85 -21.34 -9.59
N TYR D 403 -32.95 -21.65 -10.26
CA TYR D 403 -32.98 -21.53 -11.72
C TYR D 403 -32.81 -20.07 -12.16
N ARG D 404 -33.40 -19.14 -11.42
CA ARG D 404 -33.33 -17.72 -11.81
C ARG D 404 -32.03 -17.06 -11.40
N MET D 405 -31.20 -17.70 -10.58
CA MET D 405 -29.90 -17.11 -10.27
C MET D 405 -29.02 -16.96 -11.51
N GLN D 406 -29.43 -17.57 -12.64
CA GLN D 406 -28.61 -17.54 -13.86
C GLN D 406 -28.43 -16.13 -14.39
N TRP D 407 -29.31 -15.19 -14.07
CA TRP D 407 -29.23 -13.82 -14.55
C TRP D 407 -28.24 -12.98 -13.77
N VAL D 408 -27.68 -13.51 -12.68
CA VAL D 408 -26.84 -12.73 -11.81
C VAL D 408 -25.55 -13.44 -11.44
N ASN D 409 -25.37 -14.68 -11.87
CA ASN D 409 -24.22 -15.43 -11.39
C ASN D 409 -23.84 -16.51 -12.40
N GLN D 410 -22.58 -16.50 -12.84
CA GLN D 410 -22.18 -17.38 -13.95
C GLN D 410 -22.24 -18.85 -13.57
N ALA D 411 -22.03 -19.17 -12.29
CA ALA D 411 -22.09 -20.57 -11.88
C ALA D 411 -23.47 -21.15 -12.10
N ASP D 412 -24.52 -20.34 -11.96
CA ASP D 412 -25.86 -20.88 -12.02
C ASP D 412 -26.43 -20.83 -13.42
N PHE D 413 -25.65 -20.34 -14.38
CA PHE D 413 -25.98 -20.30 -15.79
C PHE D 413 -25.22 -21.36 -16.58
N THR D 414 -23.95 -21.61 -16.27
CA THR D 414 -23.14 -22.51 -17.08
C THR D 414 -22.45 -23.61 -16.29
N ASP D 415 -22.59 -23.66 -14.97
CA ASP D 415 -21.90 -24.69 -14.19
C ASP D 415 -22.79 -25.36 -13.15
N ASN D 416 -24.11 -25.23 -13.28
CA ASN D 416 -25.08 -25.75 -12.32
C ASN D 416 -25.85 -26.91 -12.95
N ALA D 417 -25.57 -28.14 -12.51
CA ALA D 417 -26.13 -29.31 -13.19
C ALA D 417 -27.63 -29.43 -12.96
N VAL D 418 -28.15 -28.86 -11.89
CA VAL D 418 -29.58 -28.92 -11.66
C VAL D 418 -30.30 -27.95 -12.57
N ASN D 419 -29.76 -26.74 -12.74
CA ASN D 419 -30.39 -25.78 -13.63
C ASN D 419 -30.34 -26.24 -15.06
N THR D 420 -29.31 -27.02 -15.42
CA THR D 420 -29.24 -27.55 -16.77
C THR D 420 -30.25 -28.67 -16.97
N GLN D 421 -30.47 -29.48 -15.93
CA GLN D 421 -31.52 -30.50 -16.00
C GLN D 421 -32.92 -29.89 -15.95
N ILE D 422 -33.10 -28.78 -15.26
CA ILE D 422 -34.41 -28.14 -15.34
C ILE D 422 -34.69 -27.72 -16.77
N ARG D 423 -33.66 -27.21 -17.45
CA ARG D 423 -33.80 -26.78 -18.84
C ARG D 423 -34.00 -27.95 -19.77
N GLU D 424 -33.47 -29.14 -19.43
CA GLU D 424 -33.79 -30.34 -20.19
C GLU D 424 -35.30 -30.60 -20.15
N LEU D 425 -35.87 -30.63 -18.94
CA LEU D 425 -37.29 -30.90 -18.78
C LEU D 425 -38.16 -29.87 -19.49
N ASN D 426 -37.86 -28.57 -19.31
CA ASN D 426 -38.58 -27.53 -20.04
C ASN D 426 -38.49 -27.75 -21.55
N SER D 427 -37.41 -28.35 -22.02
CA SER D 427 -37.27 -28.46 -23.48
C SER D 427 -38.20 -29.53 -24.03
N GLU D 428 -38.53 -30.56 -23.24
CA GLU D 428 -39.52 -31.55 -23.64
C GLU D 428 -40.89 -31.34 -22.96
N LEU D 429 -41.18 -30.12 -22.51
CA LEU D 429 -42.40 -29.82 -21.77
C LEU D 429 -42.65 -30.82 -20.64
N GLY D 430 -41.59 -31.48 -20.19
CA GLY D 430 -41.71 -32.50 -19.17
C GLY D 430 -41.36 -32.07 -17.76
N PHE D 431 -41.66 -30.85 -17.34
CA PHE D 431 -41.23 -30.50 -16.00
C PHE D 431 -42.13 -31.11 -14.95
N ALA D 432 -43.35 -31.51 -15.33
CA ALA D 432 -44.31 -32.00 -14.34
C ALA D 432 -43.97 -33.36 -13.76
N GLN D 433 -42.96 -34.08 -14.25
CA GLN D 433 -42.61 -35.28 -13.49
C GLN D 433 -42.15 -34.93 -12.11
N LEU D 434 -41.50 -33.77 -11.96
CA LEU D 434 -41.02 -33.36 -10.66
C LEU D 434 -42.17 -33.28 -9.67
N LEU D 435 -43.41 -33.15 -10.15
CA LEU D 435 -44.59 -33.12 -9.29
C LEU D 435 -45.18 -34.50 -9.01
N ASP D 436 -44.62 -35.57 -9.60
CA ASP D 436 -45.06 -36.94 -9.34
C ASP D 436 -44.44 -37.46 -8.05
N ASN D 437 -45.26 -37.83 -7.08
CA ASN D 437 -44.75 -38.47 -5.87
C ASN D 437 -44.65 -39.99 -6.00
N SER D 438 -44.98 -40.56 -7.16
CA SER D 438 -44.99 -42.00 -7.30
C SER D 438 -43.55 -42.53 -7.34
N ALA D 439 -43.40 -43.82 -7.05
CA ALA D 439 -42.08 -44.44 -7.14
C ALA D 439 -41.44 -44.23 -8.51
N SER D 440 -42.21 -44.36 -9.60
CA SER D 440 -41.63 -44.25 -10.93
C SER D 440 -40.77 -42.99 -11.09
N ALA D 441 -41.02 -41.96 -10.29
CA ALA D 441 -40.31 -40.69 -10.40
C ALA D 441 -39.27 -40.51 -9.28
N LYS D 442 -39.06 -41.52 -8.43
CA LYS D 442 -38.23 -41.34 -7.25
C LYS D 442 -36.76 -41.15 -7.61
N SER D 443 -36.22 -42.00 -8.49
CA SER D 443 -34.85 -41.81 -8.97
C SER D 443 -34.66 -40.42 -9.59
N LEU D 444 -35.72 -39.80 -10.08
CA LEU D 444 -35.57 -38.49 -10.71
C LEU D 444 -35.48 -37.42 -9.65
N ARG D 445 -36.32 -37.51 -8.61
CA ARG D 445 -36.27 -36.53 -7.55
C ARG D 445 -35.01 -36.70 -6.71
N GLU D 446 -34.66 -37.94 -6.37
CA GLU D 446 -33.49 -38.19 -5.54
C GLU D 446 -32.21 -37.71 -6.21
N GLY D 447 -32.16 -37.77 -7.54
CA GLY D 447 -30.97 -37.33 -8.25
C GLY D 447 -30.72 -35.85 -8.13
N ILE D 448 -31.79 -35.07 -7.93
CA ILE D 448 -31.67 -33.62 -7.76
C ILE D 448 -31.41 -33.27 -6.30
N PHE D 449 -32.22 -33.87 -5.43
CA PHE D 449 -32.01 -33.78 -3.99
C PHE D 449 -30.58 -34.09 -3.60
N ASN D 450 -29.97 -35.10 -4.24
CA ASN D 450 -28.63 -35.53 -3.88
C ASN D 450 -27.56 -34.50 -4.21
N GLN D 451 -27.85 -33.55 -5.09
CA GLN D 451 -26.87 -32.54 -5.38
C GLN D 451 -26.86 -31.39 -4.37
N PHE D 452 -27.79 -31.35 -3.42
CA PHE D 452 -27.84 -30.25 -2.47
C PHE D 452 -27.07 -30.56 -1.18
N ARG D 453 -26.55 -29.49 -0.57
CA ARG D 453 -25.72 -29.61 0.61
C ARG D 453 -26.61 -29.75 1.85
N ASN D 454 -26.22 -30.66 2.73
CA ASN D 454 -27.04 -31.02 3.89
C ASN D 454 -26.68 -30.15 5.09
N PRO D 455 -27.61 -29.34 5.61
CA PRO D 455 -27.26 -28.41 6.70
C PRO D 455 -26.93 -29.07 8.04
N LEU D 456 -27.07 -30.39 8.17
CA LEU D 456 -26.34 -31.07 9.23
C LEU D 456 -24.83 -30.89 9.10
N PHE D 457 -24.36 -30.38 7.95
CA PHE D 457 -22.94 -30.25 7.66
C PHE D 457 -22.14 -31.49 8.06
N ASP D 458 -22.79 -32.67 8.08
CA ASP D 458 -22.12 -33.93 8.38
C ASP D 458 -21.93 -34.83 7.16
N GLN D 459 -22.08 -34.31 5.95
CA GLN D 459 -21.76 -35.09 4.76
C GLN D 459 -20.46 -34.58 4.16
N ASP D 460 -19.81 -35.44 3.36
CA ASP D 460 -18.51 -35.15 2.74
C ASP D 460 -17.50 -34.65 3.78
N ILE D 461 -17.33 -35.43 4.85
CA ILE D 461 -16.34 -35.09 5.88
C ILE D 461 -15.60 -36.34 6.30
N ASP D 462 -14.39 -36.14 6.78
CA ASP D 462 -13.69 -37.11 7.60
C ASP D 462 -13.54 -36.50 8.98
N VAL D 463 -13.78 -37.32 10.01
CA VAL D 463 -13.43 -36.94 11.37
C VAL D 463 -11.92 -37.09 11.51
N ASP D 464 -11.26 -35.96 11.77
CA ASP D 464 -9.84 -35.90 12.04
C ASP D 464 -9.62 -36.07 13.54
N ASP D 465 -8.66 -36.94 13.91
CA ASP D 465 -8.24 -37.20 15.29
C ASP D 465 -9.45 -37.34 16.22
N PRO D 466 -10.19 -38.43 16.11
CA PRO D 466 -11.45 -38.53 16.87
C PRO D 466 -11.30 -38.34 18.36
N GLY D 467 -10.39 -39.06 19.01
CA GLY D 467 -10.47 -39.04 20.45
C GLY D 467 -9.88 -37.84 21.18
N GLN D 468 -9.55 -36.74 20.50
CA GLN D 468 -8.72 -35.74 21.15
C GLN D 468 -9.17 -34.30 21.02
N SER D 469 -8.33 -33.38 21.50
CA SER D 469 -8.65 -31.96 21.39
C SER D 469 -8.61 -31.47 19.94
N SER D 470 -7.75 -32.07 19.09
CA SER D 470 -7.71 -31.78 17.65
C SER D 470 -8.86 -32.41 16.86
N ASN D 471 -9.84 -33.00 17.54
CA ASN D 471 -11.08 -33.49 16.92
C ASN D 471 -11.66 -32.47 15.95
N GLU D 472 -11.93 -32.90 14.73
CA GLU D 472 -12.37 -31.93 13.74
C GLU D 472 -13.12 -32.61 12.60
N TRP D 473 -14.13 -31.93 12.09
CA TRP D 473 -14.87 -32.39 10.91
C TRP D 473 -14.24 -31.75 9.66
N VAL D 474 -13.41 -32.49 8.96
CA VAL D 474 -12.67 -31.93 7.84
C VAL D 474 -13.36 -32.28 6.52
N SER D 475 -13.85 -31.26 5.82
CA SER D 475 -14.44 -31.52 4.51
C SER D 475 -13.45 -32.21 3.58
N ASN D 476 -13.93 -33.21 2.84
CA ASN D 476 -13.22 -33.86 1.75
C ASN D 476 -13.70 -33.38 0.40
N SER D 477 -14.40 -32.28 0.40
CA SER D 477 -14.82 -31.58 -0.80
C SER D 477 -13.82 -30.43 -1.08
N ARG D 478 -14.19 -29.53 -2.00
CA ARG D 478 -13.34 -28.41 -2.36
C ARG D 478 -13.43 -27.30 -1.30
N ILE D 479 -12.29 -26.90 -0.76
CA ILE D 479 -12.30 -25.88 0.28
C ILE D 479 -12.12 -24.51 -0.36
N ILE D 480 -12.44 -23.48 0.42
CA ILE D 480 -12.20 -22.10 0.03
C ILE D 480 -10.98 -21.63 0.81
N PRO D 481 -9.81 -21.53 0.20
CA PRO D 481 -8.60 -21.25 0.99
C PRO D 481 -8.57 -19.81 1.50
N SER D 482 -7.89 -19.63 2.62
CA SER D 482 -7.51 -18.29 3.05
C SER D 482 -6.57 -17.64 2.02
N LYS D 483 -6.60 -16.31 1.96
CA LYS D 483 -5.62 -15.59 1.15
C LYS D 483 -4.20 -15.77 1.66
N ASP D 484 -4.03 -16.07 2.96
CA ASP D 484 -2.73 -16.38 3.56
C ASP D 484 -2.23 -17.73 3.05
N GLU D 485 -1.41 -17.73 2.00
CA GLU D 485 -1.09 -18.98 1.34
C GLU D 485 0.09 -19.70 2.00
N THR D 486 0.21 -20.99 1.67
CA THR D 486 1.28 -21.85 2.13
C THR D 486 1.68 -22.73 0.95
N ASN D 487 2.96 -22.76 0.62
CA ASN D 487 3.41 -23.51 -0.56
C ASN D 487 3.66 -24.97 -0.14
N ILE D 488 2.54 -25.59 0.20
CA ILE D 488 2.42 -27.02 0.51
C ILE D 488 1.18 -27.49 -0.21
N ALA D 489 1.32 -28.53 -1.04
CA ALA D 489 0.22 -29.07 -1.83
C ALA D 489 -1.06 -29.30 -1.01
N ALA D 490 -2.18 -28.85 -1.59
CA ALA D 490 -3.50 -29.07 -1.01
C ALA D 490 -3.89 -30.54 -1.05
N LYS D 491 -4.62 -30.97 -0.03
CA LYS D 491 -5.20 -32.33 -0.03
C LYS D 491 -6.24 -32.45 -1.15
N PRO D 492 -6.17 -33.50 -1.97
CA PRO D 492 -7.12 -33.64 -3.09
C PRO D 492 -8.53 -33.95 -2.62
N ALA D 493 -9.48 -33.11 -3.02
CA ALA D 493 -10.90 -33.35 -2.73
C ALA D 493 -11.35 -34.70 -3.27
N THR D 494 -12.06 -35.47 -2.45
CA THR D 494 -12.49 -36.79 -2.90
C THR D 494 -13.98 -36.89 -3.19
N SER D 495 -14.76 -35.87 -2.87
CA SER D 495 -16.16 -35.90 -3.19
C SER D 495 -16.58 -34.54 -3.71
N SER D 496 -17.74 -34.52 -4.35
CA SER D 496 -18.15 -33.43 -5.23
C SER D 496 -18.71 -32.24 -4.46
N LEU D 497 -18.65 -31.07 -5.09
CA LEU D 497 -19.11 -29.84 -4.46
C LEU D 497 -20.64 -29.75 -4.51
N LYS D 498 -21.28 -29.76 -3.34
CA LYS D 498 -22.72 -29.74 -3.32
C LYS D 498 -23.27 -28.32 -3.52
N LEU D 499 -24.56 -28.24 -3.81
CA LEU D 499 -25.20 -26.97 -4.12
C LEU D 499 -25.89 -26.37 -2.90
N PRO D 500 -26.02 -25.03 -2.86
CA PRO D 500 -25.46 -24.16 -3.91
C PRO D 500 -23.98 -23.81 -3.74
N PHE D 501 -23.41 -23.21 -4.76
CA PHE D 501 -21.98 -22.87 -4.76
C PHE D 501 -21.74 -21.51 -4.11
N TYR D 502 -22.25 -21.29 -2.90
CA TYR D 502 -22.09 -19.98 -2.32
C TYR D 502 -21.32 -20.08 -1.02
N PRO D 503 -20.55 -19.06 -0.64
CA PRO D 503 -19.91 -19.05 0.67
C PRO D 503 -20.93 -18.89 1.79
N ASN D 504 -20.47 -19.12 3.02
CA ASN D 504 -21.37 -19.22 4.17
C ASN D 504 -20.69 -18.61 5.39
N ASP D 505 -21.32 -18.80 6.57
CA ASP D 505 -20.91 -18.14 7.83
C ASP D 505 -19.55 -18.59 8.31
N GLY D 506 -19.10 -19.78 7.94
CA GLY D 506 -17.83 -20.29 8.42
C GLY D 506 -16.74 -20.19 7.37
N ILE D 507 -16.81 -19.17 6.50
CA ILE D 507 -15.83 -19.05 5.44
C ILE D 507 -14.41 -18.86 5.98
N ASP D 508 -14.27 -18.31 7.18
CA ASP D 508 -12.96 -18.06 7.77
C ASP D 508 -12.13 -19.32 8.00
N TYR D 509 -12.74 -20.51 7.99
CA TYR D 509 -12.02 -21.72 8.41
C TYR D 509 -11.89 -22.70 7.26
N PRO D 510 -10.79 -22.64 6.51
CA PRO D 510 -10.58 -23.60 5.41
C PRO D 510 -10.76 -25.02 5.94
N GLY D 511 -11.46 -25.85 5.15
CA GLY D 511 -11.75 -27.22 5.51
C GLY D 511 -13.01 -27.43 6.34
N SER D 512 -13.60 -26.38 6.89
CA SER D 512 -14.85 -26.53 7.64
C SER D 512 -16.00 -26.72 6.67
N PRO D 513 -16.84 -27.74 6.82
CA PRO D 513 -18.02 -27.86 5.95
C PRO D 513 -18.90 -26.60 5.95
N VAL D 514 -18.67 -25.62 6.84
CA VAL D 514 -19.56 -24.47 6.92
C VAL D 514 -19.06 -23.32 6.08
N GLN D 515 -17.90 -23.46 5.42
CA GLN D 515 -17.49 -22.44 4.45
C GLN D 515 -18.54 -22.25 3.35
N TRP D 516 -19.31 -23.30 3.06
CA TRP D 516 -20.25 -23.36 1.94
C TRP D 516 -21.68 -23.24 2.46
N PHE D 517 -22.53 -22.59 1.65
CA PHE D 517 -23.93 -22.41 2.03
C PHE D 517 -24.75 -23.67 1.81
N ALA D 518 -25.62 -23.96 2.78
CA ALA D 518 -26.62 -25.02 2.73
C ALA D 518 -27.97 -24.40 3.02
N ILE D 519 -29.01 -24.86 2.32
CA ILE D 519 -30.38 -24.42 2.61
C ILE D 519 -30.67 -24.91 4.02
N PRO D 520 -31.50 -24.20 4.79
CA PRO D 520 -31.57 -24.44 6.24
C PRO D 520 -32.29 -25.76 6.57
N PRO D 521 -32.03 -26.32 7.77
CA PRO D 521 -32.60 -27.64 8.12
C PRO D 521 -34.03 -27.88 7.69
N PHE D 522 -34.89 -26.87 7.77
CA PHE D 522 -36.30 -27.13 7.47
C PHE D 522 -36.55 -27.18 5.96
N MET D 523 -36.04 -26.21 5.20
CA MET D 523 -36.22 -26.28 3.75
C MET D 523 -35.50 -27.47 3.14
N TYR D 524 -34.43 -27.94 3.78
CA TYR D 524 -33.81 -29.19 3.36
C TYR D 524 -34.72 -30.37 3.66
N GLN D 525 -35.36 -30.36 4.83
CA GLN D 525 -36.38 -31.36 5.17
C GLN D 525 -37.45 -31.46 4.09
N HIS D 526 -38.09 -30.33 3.74
CA HIS D 526 -39.02 -30.29 2.62
C HIS D 526 -38.42 -30.97 1.39
N LEU D 527 -37.17 -30.66 1.07
CA LEU D 527 -36.58 -31.25 -0.12
C LEU D 527 -36.28 -32.74 0.08
N GLN D 528 -36.12 -33.18 1.32
CA GLN D 528 -35.90 -34.60 1.55
C GLN D 528 -37.21 -35.40 1.51
N ASN D 529 -38.30 -34.80 2.01
CA ASN D 529 -39.63 -35.39 1.86
C ASN D 529 -39.96 -35.51 0.39
N TRP D 530 -39.71 -34.44 -0.37
CA TRP D 530 -40.04 -34.45 -1.79
C TRP D 530 -39.30 -35.57 -2.50
N ALA D 531 -37.99 -35.68 -2.25
CA ALA D 531 -37.21 -36.79 -2.79
C ALA D 531 -37.86 -38.13 -2.46
N ALA D 532 -38.29 -38.34 -1.21
CA ALA D 532 -38.84 -39.62 -0.78
C ALA D 532 -40.22 -39.92 -1.35
N GLY D 533 -40.88 -38.95 -1.98
CA GLY D 533 -42.25 -39.13 -2.40
C GLY D 533 -43.26 -38.73 -1.34
N ASP D 534 -42.80 -38.25 -0.20
CA ASP D 534 -43.66 -37.97 0.94
C ASP D 534 -44.17 -36.54 0.91
N PHE D 535 -44.87 -36.22 -0.18
CA PHE D 535 -45.44 -34.90 -0.39
C PHE D 535 -46.68 -34.98 -1.28
N SER D 536 -47.50 -33.94 -1.21
CA SER D 536 -48.74 -33.84 -1.96
C SER D 536 -48.72 -32.63 -2.90
N VAL D 537 -49.46 -32.74 -4.00
CA VAL D 537 -49.68 -31.63 -4.93
C VAL D 537 -51.02 -31.83 -5.60
N THR D 538 -51.69 -30.74 -5.93
CA THR D 538 -53.01 -30.82 -6.53
C THR D 538 -52.92 -30.95 -8.05
N GLN D 539 -53.93 -31.61 -8.63
CA GLN D 539 -54.01 -31.77 -10.07
C GLN D 539 -53.91 -30.44 -10.79
N VAL D 540 -54.53 -29.40 -10.21
CA VAL D 540 -54.52 -28.10 -10.84
C VAL D 540 -53.09 -27.60 -11.01
N GLU D 541 -52.22 -27.90 -10.05
CA GLU D 541 -50.80 -27.58 -10.19
C GLU D 541 -50.16 -28.39 -11.32
N LYS D 542 -50.28 -29.71 -11.28
CA LYS D 542 -49.67 -30.56 -12.32
C LYS D 542 -49.94 -30.02 -13.72
N GLU D 543 -51.19 -29.62 -13.96
CA GLU D 543 -51.57 -29.16 -15.30
C GLU D 543 -50.99 -27.81 -15.66
N SER D 544 -50.40 -27.10 -14.70
CA SER D 544 -49.66 -25.87 -14.97
C SER D 544 -48.16 -26.07 -14.84
N ALA D 545 -47.67 -27.28 -15.10
CA ALA D 545 -46.30 -27.62 -14.75
C ALA D 545 -45.52 -28.19 -15.93
N ASN D 546 -45.81 -27.74 -17.15
CA ASN D 546 -45.04 -28.26 -18.27
C ASN D 546 -43.64 -27.66 -18.32
N THR D 547 -43.53 -26.34 -18.15
CA THR D 547 -42.24 -25.71 -17.93
C THR D 547 -42.21 -25.07 -16.54
N ILE D 548 -40.99 -24.87 -16.03
CA ILE D 548 -40.85 -24.23 -14.72
C ILE D 548 -41.45 -22.83 -14.75
N GLU D 549 -41.49 -22.21 -15.93
CA GLU D 549 -42.01 -20.85 -16.01
C GLU D 549 -43.53 -20.84 -15.89
N GLU D 550 -44.19 -21.78 -16.55
CA GLU D 550 -45.63 -21.95 -16.41
C GLU D 550 -46.02 -22.07 -14.95
N LEU D 551 -45.40 -22.99 -14.22
CA LEU D 551 -45.74 -23.17 -12.81
C LEU D 551 -45.41 -21.93 -12.00
N GLY D 552 -44.34 -21.23 -12.37
CA GLY D 552 -44.04 -19.98 -11.69
C GLY D 552 -45.17 -18.97 -11.81
N LEU D 553 -45.62 -18.72 -13.04
CA LEU D 553 -46.75 -17.82 -13.24
C LEU D 553 -47.95 -18.25 -12.43
N PHE D 554 -48.18 -19.56 -12.34
CA PHE D 554 -49.34 -20.07 -11.62
C PHE D 554 -49.26 -19.72 -10.15
N TYR D 555 -48.17 -20.15 -9.49
CA TYR D 555 -47.96 -19.80 -8.10
C TYR D 555 -48.00 -18.30 -7.91
N SER D 556 -47.60 -17.54 -8.92
CA SER D 556 -47.68 -16.08 -8.82
C SER D 556 -49.13 -15.60 -8.76
N GLU D 557 -50.02 -16.25 -9.52
CA GLU D 557 -51.42 -15.87 -9.50
C GLU D 557 -52.05 -16.19 -8.16
N GLN D 558 -51.61 -17.27 -7.52
CA GLN D 558 -52.15 -17.68 -6.23
C GLN D 558 -51.83 -16.68 -5.13
N PHE D 559 -50.64 -16.05 -5.20
CA PHE D 559 -50.33 -14.95 -4.29
C PHE D 559 -51.23 -13.75 -4.57
N LYS D 560 -51.38 -13.39 -5.84
CA LYS D 560 -52.30 -12.31 -6.19
C LYS D 560 -53.70 -12.58 -5.64
N ASN D 561 -54.16 -13.84 -5.69
CA ASN D 561 -55.50 -14.23 -5.25
C ASN D 561 -55.55 -14.71 -3.80
N SER D 562 -54.57 -14.40 -3.01
CA SER D 562 -54.74 -14.80 -1.63
C SER D 562 -55.49 -13.70 -0.87
N PRO D 563 -56.52 -14.05 -0.10
CA PRO D 563 -57.32 -12.98 0.54
C PRO D 563 -56.59 -12.21 1.64
N ASN D 564 -55.58 -12.78 2.30
CA ASN D 564 -54.99 -12.07 3.44
C ASN D 564 -53.88 -11.15 2.98
N SER D 565 -54.25 -9.92 2.63
CA SER D 565 -53.24 -8.95 2.21
C SER D 565 -52.31 -8.56 3.35
N ALA D 566 -52.80 -8.59 4.60
CA ALA D 566 -51.95 -8.16 5.72
C ALA D 566 -50.78 -9.11 5.94
N LEU D 567 -51.02 -10.41 5.86
CA LEU D 567 -49.94 -11.35 6.06
C LEU D 567 -49.11 -11.52 4.80
N LEU D 568 -49.71 -11.35 3.62
CA LEU D 568 -48.94 -11.31 2.38
C LEU D 568 -48.01 -10.11 2.37
N CYS D 569 -48.45 -9.01 2.96
CA CYS D 569 -47.62 -7.82 3.03
C CYS D 569 -46.49 -7.99 4.05
N ALA D 570 -46.75 -8.70 5.14
CA ALA D 570 -45.67 -9.00 6.07
C ALA D 570 -44.60 -9.85 5.40
N ARG D 571 -45.00 -10.78 4.54
CA ARG D 571 -44.06 -11.69 3.91
C ARG D 571 -43.38 -11.03 2.72
N GLY D 572 -44.12 -10.19 1.99
CA GLY D 572 -43.52 -9.48 0.88
C GLY D 572 -42.33 -8.65 1.30
N ALA D 573 -42.42 -8.02 2.47
CA ALA D 573 -41.40 -7.09 2.94
C ALA D 573 -40.09 -7.79 3.27
N LEU D 574 -40.09 -9.11 3.28
CA LEU D 574 -38.97 -9.89 3.76
C LEU D 574 -38.56 -10.96 2.78
N ASP D 575 -39.38 -11.26 1.78
CA ASP D 575 -39.03 -12.28 0.79
C ASP D 575 -38.02 -11.76 -0.22
N ALA D 576 -37.74 -10.46 -0.23
CA ALA D 576 -36.68 -9.96 -1.08
C ALA D 576 -35.35 -9.85 -0.36
N LEU D 577 -35.35 -9.91 0.98
CA LEU D 577 -34.12 -9.87 1.77
C LEU D 577 -33.42 -11.22 1.84
N TYR D 578 -32.11 -11.17 1.98
CA TYR D 578 -31.29 -12.38 2.00
C TYR D 578 -31.42 -13.12 3.33
N GLY D 579 -31.29 -14.44 3.27
CA GLY D 579 -31.42 -15.21 4.48
C GLY D 579 -30.20 -16.07 4.74
N GLY D 580 -29.02 -15.55 4.41
CA GLY D 580 -27.80 -16.31 4.55
C GLY D 580 -27.05 -16.44 3.24
N GLY D 581 -25.74 -16.65 3.28
CA GLY D 581 -24.97 -16.64 4.51
C GLY D 581 -24.99 -15.28 5.21
N PHE D 582 -24.45 -15.27 6.43
CA PHE D 582 -24.41 -14.10 7.31
C PHE D 582 -22.95 -13.81 7.67
N HIS D 583 -22.26 -12.99 6.87
CA HIS D 583 -20.86 -12.69 7.16
C HIS D 583 -20.51 -11.24 6.85
N PRO D 584 -21.33 -10.27 7.29
CA PRO D 584 -22.55 -10.38 8.09
C PRO D 584 -23.83 -10.53 7.25
N GLY D 585 -23.72 -10.37 5.92
CA GLY D 585 -24.89 -10.37 5.03
C GLY D 585 -25.07 -9.06 4.30
N VAL D 586 -26.27 -8.79 3.81
CA VAL D 586 -26.54 -7.59 3.00
C VAL D 586 -27.38 -6.58 3.77
N GLU D 587 -28.57 -6.99 4.21
CA GLU D 587 -29.51 -6.11 4.91
C GLU D 587 -29.52 -6.34 6.42
N LEU D 588 -29.75 -7.59 6.85
CA LEU D 588 -29.82 -7.97 8.27
C LEU D 588 -28.98 -9.22 8.44
N THR D 589 -28.78 -9.66 9.69
CA THR D 589 -27.78 -10.69 9.97
C THR D 589 -28.34 -11.70 10.99
N TRP D 590 -27.45 -12.45 11.63
CA TRP D 590 -27.84 -13.71 12.28
C TRP D 590 -28.87 -13.59 13.40
N PRO D 591 -28.96 -12.50 14.17
CA PRO D 591 -29.93 -12.52 15.28
C PRO D 591 -31.35 -12.81 14.78
N MET D 592 -31.64 -12.46 13.53
CA MET D 592 -32.95 -12.75 12.94
C MET D 592 -33.25 -14.22 12.81
N ARG D 593 -32.30 -15.11 12.90
CA ARG D 593 -32.64 -16.49 12.69
C ARG D 593 -33.00 -17.19 13.98
N HIS D 594 -33.06 -16.44 15.04
CA HIS D 594 -33.37 -17.02 16.34
C HIS D 594 -34.74 -16.57 16.78
N ASN D 595 -35.57 -17.54 17.19
CA ASN D 595 -36.89 -17.21 17.72
C ASN D 595 -36.79 -16.16 18.81
N LEU D 596 -35.71 -16.21 19.61
CA LEU D 596 -35.58 -15.34 20.76
C LEU D 596 -35.80 -13.86 20.43
N ILE D 597 -35.66 -13.47 19.17
CA ILE D 597 -35.82 -12.06 18.81
C ILE D 597 -37.27 -11.73 18.54
N TYR D 598 -38.15 -12.72 18.57
CA TYR D 598 -39.54 -12.55 18.17
C TYR D 598 -40.42 -12.68 19.40
N SER D 599 -41.18 -11.64 19.71
CA SER D 599 -42.18 -11.80 20.76
C SER D 599 -43.30 -12.71 20.30
N GLN D 600 -43.55 -12.79 19.00
CA GLN D 600 -44.59 -13.63 18.43
C GLN D 600 -44.14 -14.18 17.10
N ASN D 601 -44.34 -15.48 16.89
CA ASN D 601 -43.96 -16.13 15.64
C ASN D 601 -44.82 -17.38 15.49
N ASP D 602 -45.89 -17.28 14.69
CA ASP D 602 -46.90 -18.34 14.55
C ASP D 602 -47.33 -18.56 13.10
N TYR D 603 -47.40 -19.83 12.72
CA TYR D 603 -48.02 -20.21 11.45
C TYR D 603 -49.52 -19.97 11.57
N VAL D 604 -50.10 -19.31 10.58
CA VAL D 604 -51.54 -19.08 10.57
C VAL D 604 -52.22 -19.92 9.48
N SER D 605 -51.64 -20.01 8.29
CA SER D 605 -52.35 -20.68 7.20
C SER D 605 -51.44 -20.86 5.99
N SER D 606 -51.90 -21.70 5.07
CA SER D 606 -51.35 -21.77 3.74
C SER D 606 -51.73 -20.51 2.97
N VAL D 607 -51.11 -20.34 1.79
CA VAL D 607 -51.39 -19.17 0.97
C VAL D 607 -52.77 -19.30 0.34
N THR D 608 -53.05 -20.47 -0.18
CA THR D 608 -54.28 -20.97 -0.74
C THR D 608 -54.73 -22.11 0.14
N PRO D 609 -56.04 -22.33 0.29
CA PRO D 609 -56.46 -23.51 1.08
C PRO D 609 -55.75 -24.78 0.64
N GLU D 610 -55.52 -24.97 -0.67
CA GLU D 610 -54.92 -26.18 -1.21
C GLU D 610 -53.41 -26.09 -1.41
N ILE D 611 -52.83 -24.89 -1.46
CA ILE D 611 -51.44 -24.68 -1.87
C ILE D 611 -50.70 -23.88 -0.80
N ASN D 612 -49.77 -24.54 -0.08
CA ASN D 612 -49.11 -23.88 1.04
C ASN D 612 -48.10 -22.81 0.59
N LEU D 613 -47.18 -23.16 -0.32
CA LEU D 613 -46.12 -22.25 -0.75
C LEU D 613 -45.37 -21.66 0.45
N LEU D 614 -45.09 -22.50 1.45
CA LEU D 614 -44.35 -22.16 2.68
C LEU D 614 -45.12 -21.24 3.63
N GLY D 615 -46.40 -21.00 3.39
CA GLY D 615 -47.28 -20.50 4.44
C GLY D 615 -47.14 -19.02 4.72
N LEU D 616 -48.14 -18.52 5.43
CA LEU D 616 -48.18 -17.16 5.94
C LEU D 616 -48.12 -17.21 7.46
N ARG D 617 -47.33 -16.31 8.04
CA ARG D 617 -47.09 -16.32 9.47
C ARG D 617 -47.40 -14.95 10.03
N GLU D 618 -47.82 -14.92 11.29
CA GLU D 618 -47.92 -13.69 12.06
C GLU D 618 -46.77 -13.68 13.06
N PHE D 619 -45.89 -12.71 12.92
CA PHE D 619 -44.69 -12.61 13.72
C PHE D 619 -44.46 -11.15 14.05
N ARG D 620 -43.75 -10.92 15.17
CA ARG D 620 -43.39 -9.57 15.55
C ARG D 620 -42.18 -9.64 16.43
N LEU D 621 -41.37 -8.58 16.36
CA LEU D 621 -40.14 -8.48 17.12
C LEU D 621 -40.43 -8.12 18.58
N LYS D 622 -39.58 -8.64 19.48
CA LYS D 622 -39.49 -8.06 20.80
C LYS D 622 -39.08 -6.61 20.65
N GLN D 623 -39.72 -5.72 21.42
CA GLN D 623 -39.37 -4.31 21.39
C GLN D 623 -39.17 -3.79 22.80
N ASP D 624 -38.19 -2.90 22.98
CA ASP D 624 -38.18 -2.05 24.16
C ASP D 624 -39.25 -0.99 23.97
N LEU D 625 -40.24 -0.95 24.86
CA LEU D 625 -41.31 0.01 24.70
C LEU D 625 -40.84 1.45 24.84
N GLN D 626 -39.63 1.71 25.33
CA GLN D 626 -39.18 3.08 25.56
C GLN D 626 -38.36 3.65 24.42
N GLY D 627 -37.92 2.82 23.48
CA GLY D 627 -37.38 3.34 22.23
C GLY D 627 -36.07 4.12 22.43
N LEU D 628 -36.01 5.30 21.82
CA LEU D 628 -34.80 6.12 21.96
C LEU D 628 -34.41 6.36 23.40
N ASN D 629 -35.40 6.42 24.30
CA ASN D 629 -35.13 6.76 25.70
C ASN D 629 -35.09 5.54 26.61
N SER D 630 -35.00 4.35 26.03
CA SER D 630 -34.73 3.14 26.81
C SER D 630 -33.40 3.27 27.55
N PRO D 631 -33.29 2.73 28.77
CA PRO D 631 -32.00 2.75 29.45
C PRO D 631 -30.98 1.79 28.85
N ASN D 632 -31.42 0.86 27.99
CA ASN D 632 -30.52 -0.04 27.29
C ASN D 632 -30.25 0.43 25.87
N MET D 633 -30.59 1.68 25.54
CA MET D 633 -30.30 2.22 24.23
C MET D 633 -28.81 2.22 23.93
N TYR D 634 -27.98 2.32 24.96
CA TYR D 634 -26.53 2.42 24.76
C TYR D 634 -25.77 1.26 25.39
N GLN D 635 -26.40 0.11 25.56
CA GLN D 635 -25.76 -0.99 26.26
C GLN D 635 -24.68 -1.62 25.39
N ASP D 636 -23.74 -2.27 26.07
CA ASP D 636 -22.72 -3.09 25.42
C ASP D 636 -22.14 -4.01 26.48
N PHE D 637 -21.03 -4.67 26.16
CA PHE D 637 -20.42 -5.70 27.00
C PHE D 637 -18.99 -5.39 27.36
N GLY D 638 -18.59 -4.12 27.33
CA GLY D 638 -17.20 -3.84 27.58
C GLY D 638 -16.32 -3.97 26.35
N HIS D 639 -15.06 -4.39 26.56
CA HIS D 639 -14.07 -4.25 25.51
C HIS D 639 -14.31 -5.20 24.34
N VAL D 640 -14.97 -6.32 24.58
CA VAL D 640 -15.20 -7.28 23.51
C VAL D 640 -16.58 -7.88 23.68
N ILE D 641 -17.14 -8.36 22.58
CA ILE D 641 -18.33 -9.20 22.62
C ILE D 641 -17.89 -10.60 22.22
N ALA D 642 -18.40 -11.59 22.94
CA ALA D 642 -18.11 -12.98 22.66
C ALA D 642 -19.40 -13.79 22.76
N VAL D 643 -19.34 -15.00 22.22
CA VAL D 643 -20.49 -15.90 22.28
C VAL D 643 -21.02 -16.03 23.70
N ASP D 644 -20.13 -15.95 24.69
CA ASP D 644 -20.60 -16.14 26.07
C ASP D 644 -21.57 -15.04 26.47
N ASN D 645 -21.35 -13.82 26.00
CA ASN D 645 -22.40 -12.81 26.15
C ASN D 645 -23.71 -13.36 25.63
N VAL D 646 -23.69 -13.95 24.41
CA VAL D 646 -24.91 -14.40 23.75
C VAL D 646 -25.56 -15.52 24.55
N THR D 647 -24.75 -16.41 25.13
CA THR D 647 -25.25 -17.45 26.01
C THR D 647 -25.98 -16.84 27.21
N ALA D 648 -25.36 -15.85 27.86
CA ALA D 648 -26.01 -15.19 29.00
C ALA D 648 -27.31 -14.54 28.61
N SER D 649 -27.39 -14.01 27.39
CA SER D 649 -28.56 -13.27 26.93
C SER D 649 -29.79 -14.16 26.81
N ILE D 650 -29.61 -15.48 26.79
CA ILE D 650 -30.73 -16.41 26.58
C ILE D 650 -31.73 -16.29 27.72
N ASP D 651 -31.24 -16.29 28.97
CA ASP D 651 -32.03 -16.13 30.19
C ASP D 651 -32.68 -14.75 30.20
N PRO D 652 -34.01 -14.67 30.11
CA PRO D 652 -34.66 -13.36 29.95
C PRO D 652 -34.54 -12.45 31.17
N ASN D 653 -33.98 -12.94 32.28
CA ASN D 653 -33.76 -12.10 33.46
C ASN D 653 -32.35 -11.54 33.54
N SER D 654 -31.39 -12.16 32.85
CA SER D 654 -30.00 -11.77 32.98
C SER D 654 -29.82 -10.29 32.63
N ASP D 655 -28.60 -9.80 32.83
CA ASP D 655 -28.32 -8.42 32.43
C ASP D 655 -27.86 -8.33 30.97
N ALA D 656 -27.83 -9.45 30.26
CA ALA D 656 -27.52 -9.53 28.85
C ALA D 656 -28.75 -9.64 27.96
N ALA D 657 -29.93 -9.82 28.55
CA ALA D 657 -31.13 -10.12 27.77
C ALA D 657 -31.58 -8.96 26.89
N TRP D 658 -31.18 -7.74 27.20
CA TRP D 658 -31.50 -6.62 26.34
C TRP D 658 -31.06 -6.85 24.87
N LEU D 659 -30.10 -7.75 24.62
CA LEU D 659 -29.66 -8.03 23.26
C LEU D 659 -30.83 -8.36 22.32
N TRP D 660 -31.89 -8.99 22.85
CA TRP D 660 -32.98 -9.40 21.99
C TRP D 660 -34.16 -8.44 22.00
N ARG D 661 -34.17 -7.46 22.90
CA ARG D 661 -35.28 -6.50 23.01
C ARG D 661 -34.86 -5.23 22.28
N SER D 662 -35.26 -5.11 21.02
CA SER D 662 -34.62 -4.13 20.14
C SER D 662 -34.95 -2.70 20.54
N THR D 663 -33.94 -1.93 20.73
CA THR D 663 -34.04 -0.49 20.69
C THR D 663 -33.72 0.00 19.29
N PRO D 664 -34.16 1.20 18.92
CA PRO D 664 -33.82 1.70 17.58
C PRO D 664 -32.33 1.58 17.28
N GLY D 665 -32.02 0.98 16.13
CA GLY D 665 -30.67 0.78 15.70
C GLY D 665 -30.11 -0.59 16.01
N ASP D 666 -30.85 -1.42 16.71
CA ASP D 666 -30.31 -2.72 17.09
C ASP D 666 -30.28 -3.72 15.96
N LEU D 667 -31.06 -3.53 14.89
CA LEU D 667 -31.04 -4.55 13.87
C LEU D 667 -29.94 -4.34 12.83
N THR D 668 -29.56 -3.08 12.56
CA THR D 668 -28.55 -2.76 11.57
C THR D 668 -27.16 -2.52 12.15
N LYS D 669 -27.04 -2.35 13.46
CA LYS D 669 -25.75 -2.01 14.06
C LYS D 669 -24.70 -3.08 13.79
N TRP D 670 -25.13 -4.32 13.55
CA TRP D 670 -24.21 -5.42 13.28
C TRP D 670 -23.47 -5.25 11.96
N MET D 671 -24.12 -4.66 10.95
CA MET D 671 -23.68 -4.75 9.56
C MET D 671 -22.41 -3.91 9.29
N GLY D 672 -21.93 -3.98 8.06
CA GLY D 672 -20.70 -3.30 7.71
C GLY D 672 -20.87 -1.79 7.73
N ILE D 673 -19.95 -1.10 8.40
CA ILE D 673 -19.90 0.36 8.38
C ILE D 673 -18.69 0.75 7.55
N PRO D 674 -18.85 1.46 6.42
CA PRO D 674 -20.14 1.82 5.86
C PRO D 674 -20.66 0.66 5.00
N TRP D 675 -21.95 0.66 4.65
CA TRP D 675 -22.49 -0.50 3.93
C TRP D 675 -21.82 -0.70 2.57
N GLN D 676 -21.35 0.38 1.93
CA GLN D 676 -20.70 0.23 0.63
C GLN D 676 -19.50 -0.71 0.68
N SER D 677 -18.76 -0.71 1.80
CA SER D 677 -17.63 -1.64 1.91
C SER D 677 -18.15 -3.07 1.90
N ASN D 678 -19.18 -3.30 2.63
CA ASN D 678 -19.75 -4.59 2.73
C ASN D 678 -20.32 -5.05 1.41
N ALA D 679 -20.84 -4.16 0.62
CA ALA D 679 -21.39 -4.53 -0.68
C ALA D 679 -20.29 -4.80 -1.68
N ALA D 680 -19.15 -4.13 -1.56
CA ALA D 680 -18.04 -4.44 -2.46
C ALA D 680 -17.36 -5.76 -2.09
N SER D 681 -17.39 -6.16 -0.81
CA SER D 681 -16.93 -7.49 -0.40
C SER D 681 -17.94 -8.59 -0.73
N CYS D 682 -19.18 -8.20 -1.06
CA CYS D 682 -20.25 -9.17 -1.32
C CYS D 682 -20.24 -9.57 -2.79
N GLN D 683 -19.24 -10.36 -3.14
CA GLN D 683 -19.07 -10.71 -4.55
C GLN D 683 -18.55 -12.13 -4.74
N ALA D 684 -17.49 -12.31 -5.54
CA ALA D 684 -16.93 -13.63 -5.77
C ALA D 684 -15.81 -13.96 -4.79
N VAL D 685 -15.66 -15.23 -4.47
CA VAL D 685 -14.52 -15.74 -3.69
C VAL D 685 -13.88 -16.83 -4.54
N TYR D 686 -12.72 -16.56 -5.10
CA TYR D 686 -12.18 -17.49 -6.08
C TYR D 686 -11.45 -18.61 -5.39
N THR D 687 -11.71 -19.81 -5.85
CA THR D 687 -10.94 -20.98 -5.45
C THR D 687 -9.78 -21.15 -6.43
N PRO D 688 -8.77 -21.95 -6.06
CA PRO D 688 -7.72 -22.29 -7.04
C PRO D 688 -8.28 -22.89 -8.33
N GLU D 689 -9.37 -23.64 -8.24
CA GLU D 689 -10.10 -24.10 -9.41
C GLU D 689 -11.02 -23.00 -9.92
N ASP D 690 -11.04 -22.80 -11.25
CA ASP D 690 -11.74 -21.63 -11.78
C ASP D 690 -13.26 -21.76 -11.67
N PHE D 691 -13.80 -22.98 -11.86
CA PHE D 691 -15.24 -23.15 -11.94
C PHE D 691 -15.74 -24.26 -11.01
N PRO D 692 -16.91 -24.08 -10.39
CA PRO D 692 -17.74 -22.89 -10.50
C PRO D 692 -17.22 -21.76 -9.61
N ILE D 693 -17.57 -20.53 -9.94
CA ILE D 693 -17.09 -19.36 -9.21
C ILE D 693 -18.05 -19.12 -8.05
N PRO D 694 -17.58 -19.17 -6.80
CA PRO D 694 -18.47 -18.89 -5.68
C PRO D 694 -18.74 -17.40 -5.57
N SER D 695 -20.00 -17.07 -5.25
CA SER D 695 -20.42 -15.70 -5.02
C SER D 695 -21.35 -15.68 -3.80
N TRP D 696 -21.40 -14.51 -3.14
CA TRP D 696 -22.02 -14.37 -1.82
C TRP D 696 -23.54 -14.23 -1.84
N TRQ D 697 -24.00 -13.14 -2.43
CA TRQ D 697 -25.38 -12.74 -2.36
C TRQ D 697 -25.88 -12.24 -3.77
O TRQ D 697 -26.57 -11.18 -3.90
CB TRQ D 697 -25.55 -11.67 -1.27
CG TRQ D 697 -25.08 -12.12 0.06
CD1 TRQ D 697 -25.55 -13.23 0.80
NE1 TRQ D 697 -24.88 -13.35 2.01
CE2 TRQ D 697 -23.96 -12.32 2.10
CZ2 TRQ D 697 -23.03 -12.04 3.20
CH2 TRQ D 697 -22.17 -10.80 2.95
CZ3 TRQ D 697 -22.32 -10.07 1.70
CE3 TRQ D 697 -23.23 -10.40 0.74
CD2 TRQ D 697 -24.06 -11.54 0.90
O6 TRQ D 697 -21.33 -10.43 3.78
O7 TRQ D 697 -22.91 -12.70 4.26
N ALA D 698 -25.54 -13.02 -4.79
CA ALA D 698 -25.66 -12.60 -6.18
C ALA D 698 -27.07 -12.18 -6.57
N ALA D 699 -28.09 -12.60 -5.81
CA ALA D 699 -29.44 -12.20 -6.17
C ALA D 699 -29.72 -10.74 -5.88
N ASN D 700 -28.97 -10.12 -4.97
CA ASN D 700 -29.22 -8.73 -4.58
C ASN D 700 -28.06 -7.81 -4.86
N LEU D 701 -26.85 -8.36 -4.90
CA LEU D 701 -25.64 -7.72 -5.40
C LEU D 701 -25.11 -8.67 -6.47
N PRO D 702 -25.54 -8.49 -7.74
CA PRO D 702 -25.14 -9.44 -8.79
C PRO D 702 -23.62 -9.53 -8.91
N VAL D 703 -23.15 -10.68 -9.34
CA VAL D 703 -21.75 -10.91 -9.60
C VAL D 703 -21.44 -10.91 -11.11
N HIS D 704 -22.21 -11.67 -11.89
CA HIS D 704 -22.05 -11.74 -13.34
C HIS D 704 -23.38 -11.41 -14.00
N VAL D 705 -23.39 -10.42 -14.89
CA VAL D 705 -24.69 -9.96 -15.40
C VAL D 705 -24.66 -9.80 -16.91
N LEU D 706 -25.87 -9.59 -17.46
CA LEU D 706 -26.08 -9.42 -18.89
C LEU D 706 -26.26 -7.95 -19.15
N PRO D 707 -25.25 -7.26 -19.67
CA PRO D 707 -25.33 -5.81 -19.81
C PRO D 707 -26.28 -5.39 -20.92
N LEU D 708 -26.76 -4.15 -20.79
CA LEU D 708 -27.57 -3.55 -21.84
C LEU D 708 -26.90 -3.68 -23.19
N ALA D 709 -25.58 -3.54 -23.23
CA ALA D 709 -24.90 -3.51 -24.51
C ALA D 709 -25.09 -4.83 -25.25
N ARG D 710 -25.15 -5.95 -24.54
CA ARG D 710 -25.45 -7.22 -25.19
C ARG D 710 -26.92 -7.30 -25.60
N TYR D 711 -27.82 -6.84 -24.73
CA TYR D 711 -29.24 -6.81 -25.06
C TYR D 711 -29.49 -6.14 -26.40
N ASN D 712 -28.77 -5.05 -26.70
CA ASN D 712 -28.94 -4.36 -27.97
C ASN D 712 -28.33 -5.13 -29.14
N LYS D 713 -27.55 -6.17 -28.87
CA LYS D 713 -26.95 -7.01 -29.90
C LYS D 713 -27.61 -8.37 -30.01
N PHE D 714 -28.76 -8.59 -29.32
CA PHE D 714 -29.57 -9.76 -29.60
C PHE D 714 -31.09 -9.56 -29.59
N LYS D 715 -31.60 -8.37 -29.27
CA LYS D 715 -33.05 -8.24 -29.12
C LYS D 715 -33.77 -8.23 -30.47
N ASP D 716 -33.14 -7.71 -31.52
CA ASP D 716 -33.77 -7.62 -32.83
C ASP D 716 -33.80 -8.97 -33.52
N SER D 717 -34.82 -9.18 -34.35
CA SER D 717 -34.83 -10.31 -35.26
C SER D 717 -34.38 -9.86 -36.64
N GLN D 718 -34.06 -10.85 -37.47
CA GLN D 718 -33.40 -10.58 -38.75
C GLN D 718 -34.28 -9.73 -39.66
N SER D 719 -35.58 -9.91 -39.59
CA SER D 719 -36.54 -9.25 -40.48
C SER D 719 -36.89 -7.84 -40.07
N ALA D 720 -36.08 -7.19 -39.23
CA ALA D 720 -36.43 -5.89 -38.67
C ALA D 720 -36.21 -4.79 -39.68
N ASP D 721 -37.14 -3.86 -39.74
CA ASP D 721 -36.99 -2.65 -40.56
C ASP D 721 -36.27 -1.60 -39.74
N LEU D 722 -34.94 -1.67 -39.72
CA LEU D 722 -34.10 -0.67 -39.08
C LEU D 722 -32.79 -0.54 -39.84
N PRO D 723 -32.19 0.65 -39.84
CA PRO D 723 -30.86 0.81 -40.46
C PRO D 723 -29.80 -0.07 -39.84
N GLU D 724 -29.95 -0.40 -38.55
CA GLU D 724 -28.99 -1.22 -37.80
C GLU D 724 -29.75 -2.27 -37.00
N ILE D 725 -29.29 -3.52 -37.08
CA ILE D 725 -29.98 -4.67 -36.53
C ILE D 725 -29.01 -5.42 -35.65
N ASN D 726 -29.27 -5.45 -34.33
CA ASN D 726 -28.43 -6.20 -33.40
C ASN D 726 -26.99 -5.72 -33.46
N GLY D 727 -26.81 -4.43 -33.68
CA GLY D 727 -25.47 -3.88 -33.77
C GLY D 727 -24.77 -4.09 -35.09
N MET D 728 -25.44 -4.61 -36.11
CA MET D 728 -24.91 -4.74 -37.46
C MET D 728 -25.68 -3.83 -38.39
N THR D 729 -25.06 -3.51 -39.51
CA THR D 729 -25.74 -2.83 -40.60
C THR D 729 -26.91 -3.70 -41.09
N HIS D 730 -27.98 -3.03 -41.55
CA HIS D 730 -29.09 -3.74 -42.16
C HIS D 730 -28.60 -4.74 -43.20
N SER D 731 -27.67 -4.28 -44.06
CA SER D 731 -27.18 -5.12 -45.14
C SER D 731 -26.45 -6.35 -44.63
N ILE D 732 -25.61 -6.20 -43.60
CA ILE D 732 -24.88 -7.33 -43.04
C ILE D 732 -25.83 -8.25 -42.27
N ALA D 733 -26.60 -7.69 -41.35
CA ALA D 733 -27.67 -8.40 -40.66
C ALA D 733 -28.45 -9.33 -41.60
N GLN D 734 -29.05 -8.76 -42.65
CA GLN D 734 -29.96 -9.51 -43.50
C GLN D 734 -29.24 -10.35 -44.54
N GLY D 735 -27.92 -10.18 -44.70
CA GLY D 735 -27.20 -10.98 -45.67
C GLY D 735 -26.77 -12.34 -45.17
N MET D 736 -26.57 -12.50 -43.86
CA MET D 736 -26.12 -13.79 -43.33
C MET D 736 -27.28 -14.78 -43.22
N SER D 737 -26.93 -16.06 -43.26
CA SER D 737 -27.95 -17.10 -43.13
C SER D 737 -28.70 -16.93 -41.81
N GLU D 738 -29.94 -17.44 -41.79
CA GLU D 738 -30.72 -17.30 -40.56
C GLU D 738 -30.09 -18.10 -39.42
N GLU D 739 -29.54 -19.28 -39.71
CA GLU D 739 -28.79 -20.03 -38.70
C GLU D 739 -27.68 -19.16 -38.10
N THR D 740 -26.81 -18.64 -38.96
CA THR D 740 -25.72 -17.80 -38.48
C THR D 740 -26.25 -16.64 -37.64
N PHE D 741 -27.31 -15.98 -38.12
CA PHE D 741 -27.91 -14.87 -37.37
C PHE D 741 -28.43 -15.34 -36.01
N GLU D 742 -29.08 -16.50 -35.95
CA GLU D 742 -29.52 -16.99 -34.64
C GLU D 742 -28.32 -17.26 -33.73
N HIS D 743 -27.23 -17.79 -34.29
CA HIS D 743 -26.05 -18.09 -33.48
C HIS D 743 -25.48 -16.81 -32.88
N LEU D 744 -25.24 -15.80 -33.71
CA LEU D 744 -24.64 -14.57 -33.19
C LEU D 744 -25.46 -13.99 -32.05
N ARG D 745 -26.79 -14.14 -32.09
CA ARG D 745 -27.60 -13.61 -31.00
C ARG D 745 -27.29 -14.30 -29.68
N LEU D 746 -27.24 -15.65 -29.68
CA LEU D 746 -27.03 -16.39 -28.44
C LEU D 746 -25.67 -16.07 -27.84
N GLU D 747 -24.65 -15.91 -28.69
CA GLU D 747 -23.32 -15.56 -28.22
C GLU D 747 -23.35 -14.27 -27.41
N GLN D 748 -23.82 -13.19 -28.05
CA GLN D 748 -24.09 -11.96 -27.31
C GLN D 748 -24.81 -12.27 -26.00
N PHE D 749 -25.91 -13.02 -26.08
CA PHE D 749 -26.68 -13.37 -24.88
C PHE D 749 -25.83 -14.08 -23.85
N SER D 750 -24.87 -14.87 -24.29
CA SER D 750 -24.03 -15.63 -23.39
C SER D 750 -22.84 -14.83 -22.82
N GLN D 751 -22.68 -13.54 -23.16
CA GLN D 751 -21.60 -12.72 -22.61
C GLN D 751 -22.07 -12.10 -21.31
N ARG D 752 -21.46 -12.49 -20.21
CA ARG D 752 -21.80 -11.93 -18.91
C ARG D 752 -20.61 -11.14 -18.39
N LEU D 753 -20.90 -10.03 -17.72
CA LEU D 753 -19.91 -9.06 -17.30
C LEU D 753 -19.85 -9.03 -15.78
N ASP D 754 -18.63 -9.04 -15.25
CA ASP D 754 -18.47 -8.83 -13.82
C ASP D 754 -19.25 -7.62 -13.41
N TRP D 755 -20.04 -7.77 -12.35
CA TRP D 755 -20.89 -6.67 -11.95
C TRP D 755 -20.06 -5.49 -11.48
N LEU D 756 -18.88 -5.76 -10.89
CA LEU D 756 -18.02 -4.70 -10.39
C LEU D 756 -17.44 -3.86 -11.52
N HIS D 757 -17.39 -4.40 -12.74
CA HIS D 757 -16.98 -3.66 -13.93
C HIS D 757 -18.10 -2.84 -14.55
N THR D 758 -19.32 -2.86 -14.00
CA THR D 758 -20.38 -2.04 -14.59
C THR D 758 -20.24 -0.56 -14.25
N ALA D 759 -19.37 -0.21 -13.29
CA ALA D 759 -18.99 1.18 -13.06
C ALA D 759 -17.50 1.21 -12.77
N ASP D 760 -16.95 2.40 -12.50
CA ASP D 760 -15.51 2.57 -12.37
C ASP D 760 -15.12 2.38 -10.92
N LEU D 761 -14.63 1.20 -10.60
CA LEU D 761 -14.26 0.84 -9.24
C LEU D 761 -12.76 0.74 -9.06
N GLY D 762 -12.00 1.52 -9.84
CA GLY D 762 -10.55 1.61 -9.65
C GLY D 762 -9.73 0.69 -10.53
N PHE D 763 -10.32 0.11 -11.57
CA PHE D 763 -9.62 -0.72 -12.52
C PHE D 763 -9.54 -0.05 -13.88
N VAL D 764 -10.08 1.15 -14.02
CA VAL D 764 -10.14 1.87 -15.28
C VAL D 764 -8.89 2.72 -15.47
N GLY D 765 -8.26 2.60 -16.63
CA GLY D 765 -7.17 3.48 -16.96
C GLY D 765 -5.83 2.75 -17.07
N TYR D 766 -4.89 3.41 -17.71
CA TYR D 766 -3.56 2.84 -17.89
C TYR D 766 -2.91 2.63 -16.53
N HIS D 767 -2.56 1.38 -16.23
CA HIS D 767 -1.90 1.00 -14.98
C HIS D 767 -2.82 1.17 -13.75
N ALA D 768 -4.12 1.32 -13.94
CA ALA D 768 -5.02 1.33 -12.79
C ALA D 768 -4.82 0.06 -11.95
N GLU D 769 -4.84 0.21 -10.62
CA GLU D 769 -4.46 -0.91 -9.77
C GLU D 769 -5.54 -1.98 -9.71
N GLY D 770 -6.81 -1.57 -9.70
CA GLY D 770 -7.90 -2.50 -9.55
C GLY D 770 -7.92 -3.11 -8.15
N GLY D 771 -8.40 -4.33 -8.07
CA GLY D 771 -8.27 -5.13 -6.87
C GLY D 771 -9.39 -4.88 -5.88
N TYR D 772 -9.34 -5.68 -4.82
CA TYR D 772 -10.41 -5.72 -3.84
C TYR D 772 -10.50 -4.42 -3.05
N THR D 773 -9.39 -3.99 -2.45
CA THR D 773 -9.43 -2.81 -1.59
C THR D 773 -9.92 -1.58 -2.36
N ASN D 774 -9.47 -1.39 -3.62
CA ASN D 774 -9.96 -0.23 -4.38
C ASN D 774 -11.46 -0.32 -4.66
N GLY D 775 -11.98 -1.54 -4.87
CA GLY D 775 -13.41 -1.76 -5.00
C GLY D 775 -14.21 -1.18 -3.85
N LEU D 776 -13.88 -1.53 -2.62
CA LEU D 776 -14.50 -0.95 -1.47
C LEU D 776 -14.40 0.54 -1.38
N ILE D 777 -13.20 1.07 -1.54
CA ILE D 777 -13.04 2.53 -1.48
C ILE D 777 -13.96 3.21 -2.48
N GLN D 778 -13.97 2.73 -3.73
CA GLN D 778 -14.73 3.41 -4.78
C GLN D 778 -16.24 3.15 -4.69
N MET D 779 -16.66 2.01 -4.12
CA MET D 779 -18.10 1.76 -3.97
C MET D 779 -18.79 2.81 -3.13
N VAL D 780 -18.06 3.54 -2.28
CA VAL D 780 -18.70 4.58 -1.48
C VAL D 780 -19.42 5.57 -2.38
N SER D 781 -18.79 5.94 -3.50
CA SER D 781 -19.38 6.90 -4.40
C SER D 781 -19.86 6.31 -5.71
N GLN D 782 -19.55 5.05 -6.00
CA GLN D 782 -19.98 4.42 -7.24
C GLN D 782 -21.19 3.48 -7.07
N TRP D 783 -21.60 3.19 -5.82
CA TRP D 783 -22.76 2.34 -5.60
C TRP D 783 -23.96 2.84 -6.41
N LYS D 784 -24.06 4.14 -6.59
CA LYS D 784 -25.20 4.70 -7.31
C LYS D 784 -25.10 4.49 -8.82
N ASN D 785 -23.92 4.13 -9.33
CA ASN D 785 -23.74 3.87 -10.75
C ASN D 785 -23.58 2.40 -11.08
N MET D 786 -23.80 1.50 -10.10
CA MET D 786 -23.72 0.09 -10.37
C MET D 786 -24.91 -0.34 -11.21
N ALA D 787 -24.70 -1.31 -12.08
CA ALA D 787 -25.77 -1.74 -12.98
C ALA D 787 -26.95 -2.32 -12.22
N MET D 788 -28.14 -1.92 -12.64
CA MET D 788 -29.42 -2.39 -12.11
C MET D 788 -30.06 -3.37 -13.08
N VAL D 789 -30.43 -4.55 -12.57
CA VAL D 789 -30.93 -5.63 -13.42
C VAL D 789 -32.45 -5.53 -13.55
N MET D 790 -32.95 -5.61 -14.78
CA MET D 790 -34.35 -5.36 -15.07
C MET D 790 -34.85 -6.34 -16.13
N ALA D 791 -36.07 -6.84 -15.94
CA ALA D 791 -36.73 -7.67 -16.93
C ALA D 791 -36.97 -6.88 -18.21
N ARG D 792 -36.57 -7.46 -19.34
CA ARG D 792 -36.77 -6.80 -20.62
C ARG D 792 -37.21 -7.80 -21.67
N PRO D 793 -37.97 -7.36 -22.67
CA PRO D 793 -38.59 -8.27 -23.64
C PRO D 793 -37.73 -8.56 -24.87
N VAL D 794 -37.95 -9.74 -25.42
CA VAL D 794 -37.45 -10.07 -26.75
C VAL D 794 -38.65 -10.54 -27.53
N GLU D 795 -39.09 -9.74 -28.51
CA GLU D 795 -40.38 -9.97 -29.15
C GLU D 795 -40.40 -11.26 -29.94
N ASN D 796 -39.38 -11.49 -30.76
CA ASN D 796 -39.31 -12.71 -31.57
C ASN D 796 -37.96 -13.40 -31.45
N PRO D 797 -37.81 -14.29 -30.47
CA PRO D 797 -36.56 -15.04 -30.38
C PRO D 797 -36.32 -15.95 -31.55
N GLY D 798 -37.38 -16.55 -32.09
CA GLY D 798 -37.19 -17.53 -33.14
C GLY D 798 -36.55 -18.80 -32.61
N SER D 799 -35.57 -19.32 -33.35
CA SER D 799 -34.87 -20.55 -33.03
C SER D 799 -33.55 -20.31 -32.28
N SER D 800 -33.40 -19.12 -31.69
CA SER D 800 -32.13 -18.74 -31.09
C SER D 800 -31.89 -19.43 -29.75
N GLY D 801 -32.95 -19.79 -29.02
CA GLY D 801 -32.82 -20.28 -27.65
C GLY D 801 -32.77 -19.21 -26.58
N ILE D 802 -33.02 -17.95 -26.92
CA ILE D 802 -33.05 -16.85 -25.98
C ILE D 802 -34.49 -16.74 -25.49
N PRO D 803 -34.74 -16.72 -24.18
CA PRO D 803 -36.12 -16.69 -23.69
C PRO D 803 -36.80 -15.37 -23.99
N ASN D 804 -38.14 -15.38 -23.86
CA ASN D 804 -38.94 -14.21 -24.18
C ASN D 804 -38.72 -13.08 -23.19
N VAL D 805 -38.36 -13.41 -21.95
CA VAL D 805 -38.04 -12.41 -20.94
C VAL D 805 -36.58 -12.59 -20.58
N VAL D 806 -35.82 -11.50 -20.67
CA VAL D 806 -34.43 -11.50 -20.27
C VAL D 806 -34.28 -10.42 -19.20
N TYR D 807 -33.27 -10.60 -18.36
CA TYR D 807 -33.01 -9.70 -17.24
C TYR D 807 -31.68 -9.02 -17.51
N VAL D 808 -31.74 -7.71 -17.72
CA VAL D 808 -30.68 -6.92 -18.34
C VAL D 808 -30.21 -5.86 -17.36
N ALA D 809 -28.90 -5.83 -17.11
CA ALA D 809 -28.30 -4.91 -16.16
C ALA D 809 -27.97 -3.60 -16.87
N TYR D 810 -28.65 -2.53 -16.49
CA TYR D 810 -28.38 -1.21 -17.01
C TYR D 810 -27.31 -0.53 -16.16
N SER D 811 -26.31 0.04 -16.84
CA SER D 811 -25.39 1.00 -16.27
C SER D 811 -24.90 1.87 -17.42
N GLN D 812 -24.10 2.89 -17.09
CA GLN D 812 -23.62 3.77 -18.14
C GLN D 812 -22.39 3.20 -18.84
N ALA D 813 -21.50 2.54 -18.08
CA ALA D 813 -20.32 1.95 -18.69
C ALA D 813 -20.69 0.84 -19.67
N ASP D 814 -21.56 -0.09 -19.25
CA ASP D 814 -22.14 -1.04 -20.19
C ASP D 814 -23.29 -0.35 -20.88
N LYS D 815 -23.59 -0.75 -22.11
CA LYS D 815 -24.39 0.13 -22.97
C LYS D 815 -24.17 -0.17 -24.44
MG MG E . 19.15 -6.84 28.12
N GLY F . 12.09 17.94 -2.87
CA GLY F . 11.48 16.78 -2.11
C GLY F . 11.81 15.42 -2.63
O GLY F . 12.39 15.22 -3.59
OXT GLY F . 11.50 14.43 -2.04
H1 GLY F . 13.04 17.83 -2.91
H2 GLY F . 11.74 17.95 -3.76
H3 GLY F . 11.87 18.79 -2.45
HA2 GLY F . 11.76 16.83 -1.19
HA3 GLY F . 10.52 16.87 -2.13
MG MG G . 12.92 30.50 8.24
N GLY H . 4.54 -6.53 20.77
CA GLY H . 4.72 -5.73 19.54
C GLY H . 3.39 -5.34 18.89
O GLY H . 3.37 -4.83 17.76
OXT GLY H . 2.32 -5.53 19.49
H1 GLY H . 4.10 -6.05 21.37
H2 GLY H . 4.08 -7.26 20.58
H3 GLY H . 5.34 -6.75 21.09
HA2 GLY H . 5.20 -4.92 19.75
HA3 GLY H . 5.24 -6.24 18.89
MG MG I . 0.82 -16.43 -30.67
N GLY J . 2.96 -3.12 -21.22
CA GLY J . 2.52 -2.86 -19.82
C GLY J . 2.19 -1.40 -19.63
O GLY J . 1.69 -1.09 -18.54
OXT GLY J . 2.40 -0.56 -20.53
H1 GLY J . 2.48 -2.62 -21.77
H2 GLY J . 3.81 -2.94 -21.31
H3 GLY J . 2.82 -3.99 -21.41
HA2 GLY J . 1.74 -3.40 -19.61
HA3 GLY J . 3.24 -3.10 -19.21
MG MG K . -32.79 -9.20 -5.95
N GLY L . -19.24 -11.64 2.95
CA GLY L . -18.31 -10.48 3.03
C GLY L . -16.91 -10.91 3.41
O GLY L . -15.96 -10.54 2.70
OXT GLY L . -16.72 -11.65 4.40
H1 GLY L . -18.94 -12.20 2.33
H2 GLY L . -19.27 -12.05 3.73
H3 GLY L . -20.05 -11.35 2.72
HA2 GLY L . -18.27 -10.02 2.18
HA3 GLY L . -18.63 -9.85 3.71
#